data_8D84
#
_entry.id   8D84
#
_cell.length_a   146.865
_cell.length_b   168.376
_cell.length_c   316.198
_cell.angle_alpha   90.00
_cell.angle_beta   90.00
_cell.angle_gamma   90.00
#
_symmetry.space_group_name_H-M   'P 2 21 21'
#
loop_
_entity.id
_entity.type
_entity.pdbx_description
1 polymer 'UDP-N-acetylglucosamine 1-carboxyvinyltransferase'
2 non-polymer '(2R)-2-{[(2R,3R,4R,5S,6R)-3-(acetylamino)-2-{[(S)-{[(R)-{[(2R,3S,4R,5R)-5-(2,4-dioxo-3,4-dihydropyrimidin-1(2H)-yl)-3,4-dihydroxytetrahydrofuran-2-yl]methoxy}(hydroxy)phosphoryl]oxy}(hydroxy)phosphoryl]oxy}-5-hydroxy-6-(hydroxymethyl)tetrahydro-2H-pyran-4-yl]oxy}propanoic acid'
3 water water
#
_entity_poly.entity_id   1
_entity_poly.type   'polypeptide(L)'
_entity_poly.pdbx_seq_one_letter_code
;MEEIIVRGGNQLNGTVRIEGAKNAVLPILAASLLAEEGITTLDNVPILSDVFTMNQVIRHLNVDVDFDEQKNQVTIDASR
QLEIEAPYEYVSQMRASIVVMGPLLARNGHAKVAMPGG(QPA)AIGKRPIDLHLKGFQALGAKIIQKNGYIEAIADELIG
NTIYLDFPSVGATQNIMMAAVKAKGTTIIENVAREPEIVDLANILNKMGAQVYGAGTETMRIEGVDHLHAVNHSIVQDRI
EAGTFMVAAAMTQGNVLIADAISEHNRPLISKLIEMGAEIIEEEGGVRVIGPKHILPTDVKTMPHPGFPTDMQAQMTAIQ
LVAEGTSVVTETVFENRFQHLEEMRRMNAHVKIDGNVAIMDGNHELQGAEVYATDLRAAAALVLAGLKANGITRVRNLNY
LDRGYYNFHIKLQQLGADVERVDMDQTSAEKTAQTIA
;
_entity_poly.pdbx_strand_id   A,B,C,D,E,F,G,H,I,J,K,L
#
# COMPACT_ATOMS: atom_id res chain seq x y z
N MET A 1 -48.05 28.79 -5.51
CA MET A 1 -46.94 29.78 -5.56
C MET A 1 -46.29 29.84 -4.17
N GLU A 2 -45.63 28.73 -3.80
CA GLU A 2 -44.97 28.57 -2.50
C GLU A 2 -43.44 28.52 -2.61
N GLU A 3 -42.77 28.90 -1.52
CA GLU A 3 -41.31 28.79 -1.40
C GLU A 3 -40.93 28.30 -0.01
N ILE A 4 -39.78 27.65 0.09
CA ILE A 4 -39.14 27.34 1.36
C ILE A 4 -38.04 28.37 1.59
N ILE A 5 -38.08 29.03 2.77
CA ILE A 5 -37.09 30.01 3.17
C ILE A 5 -36.21 29.33 4.21
N VAL A 6 -34.89 29.45 4.02
CA VAL A 6 -33.91 28.77 4.83
C VAL A 6 -32.91 29.83 5.30
N ARG A 7 -32.62 29.83 6.61
CA ARG A 7 -31.44 30.52 7.10
C ARG A 7 -30.47 29.45 7.61
N GLY A 8 -29.17 29.66 7.34
CA GLY A 8 -28.14 28.69 7.72
C GLY A 8 -27.62 28.96 9.14
N GLY A 9 -26.79 28.09 9.66
CA GLY A 9 -26.10 28.37 10.93
C GLY A 9 -26.61 27.55 12.10
N ASN A 10 -27.62 26.69 11.91
CA ASN A 10 -28.09 25.84 12.99
C ASN A 10 -27.71 24.37 12.82
N GLN A 11 -27.39 23.75 13.95
CA GLN A 11 -27.13 22.33 14.04
C GLN A 11 -28.45 21.58 14.20
N LEU A 12 -28.57 20.45 13.50
CA LEU A 12 -29.75 19.62 13.57
C LEU A 12 -29.58 18.63 14.71
N ASN A 13 -30.60 18.53 15.57
CA ASN A 13 -30.61 17.66 16.74
C ASN A 13 -32.00 17.08 16.90
N GLY A 14 -32.09 15.78 17.18
CA GLY A 14 -33.37 15.18 17.53
C GLY A 14 -33.60 13.88 16.78
N THR A 15 -34.85 13.43 16.78
CA THR A 15 -35.31 12.23 16.13
C THR A 15 -36.18 12.62 14.94
N VAL A 16 -36.08 11.88 13.82
CA VAL A 16 -36.93 12.11 12.67
C VAL A 16 -37.56 10.77 12.27
N ARG A 17 -38.89 10.81 12.03
CA ARG A 17 -39.65 9.69 11.49
C ARG A 17 -39.63 9.76 9.96
N ILE A 18 -39.60 8.61 9.31
CA ILE A 18 -39.46 8.50 7.87
C ILE A 18 -40.71 7.82 7.29
N GLU A 19 -41.22 8.32 6.18
CA GLU A 19 -42.36 7.71 5.50
C GLU A 19 -41.94 6.42 4.79
N GLY A 20 -42.94 5.62 4.42
CA GLY A 20 -42.78 4.49 3.52
C GLY A 20 -42.28 4.92 2.15
N ALA A 21 -41.62 3.99 1.45
CA ALA A 21 -40.82 4.29 0.28
C ALA A 21 -41.70 4.58 -0.92
N LYS A 22 -41.49 5.76 -1.52
CA LYS A 22 -42.11 6.11 -2.79
C LYS A 22 -41.81 5.05 -3.85
N ASN A 23 -40.56 4.60 -3.94
CA ASN A 23 -40.16 3.74 -5.06
C ASN A 23 -40.60 2.30 -4.86
N ALA A 24 -41.11 1.95 -3.67
CA ALA A 24 -41.73 0.65 -3.44
C ALA A 24 -43.24 0.74 -3.60
N VAL A 25 -43.84 1.86 -3.18
CA VAL A 25 -45.30 1.92 -3.10
C VAL A 25 -45.91 1.95 -4.51
N LEU A 26 -45.24 2.60 -5.46
CA LEU A 26 -45.80 2.73 -6.80
C LEU A 26 -45.92 1.36 -7.50
N PRO A 27 -44.87 0.53 -7.59
CA PRO A 27 -45.02 -0.83 -8.12
C PRO A 27 -45.92 -1.75 -7.31
N ILE A 28 -45.96 -1.58 -6.00
CA ILE A 28 -46.81 -2.43 -5.15
C ILE A 28 -48.28 -2.08 -5.36
N LEU A 29 -48.60 -0.81 -5.65
CA LEU A 29 -49.95 -0.44 -6.02
C LEU A 29 -50.35 -1.13 -7.33
N ALA A 30 -49.43 -1.15 -8.30
CA ALA A 30 -49.64 -1.86 -9.55
C ALA A 30 -49.82 -3.36 -9.29
N ALA A 31 -49.09 -3.91 -8.32
CA ALA A 31 -49.15 -5.34 -7.98
C ALA A 31 -50.54 -5.72 -7.49
N SER A 32 -51.26 -4.75 -6.91
CA SER A 32 -52.57 -4.99 -6.34
C SER A 32 -53.61 -5.32 -7.42
N LEU A 33 -53.29 -5.01 -8.70
CA LEU A 33 -54.14 -5.39 -9.83
C LEU A 33 -54.18 -6.90 -10.03
N LEU A 34 -53.19 -7.61 -9.49
CA LEU A 34 -53.08 -9.05 -9.70
C LEU A 34 -54.12 -9.81 -8.88
N ALA A 35 -54.65 -9.19 -7.80
CA ALA A 35 -55.60 -9.84 -6.93
C ALA A 35 -57.02 -9.78 -7.52
N GLU A 36 -57.48 -10.93 -8.01
CA GLU A 36 -58.77 -11.03 -8.72
C GLU A 36 -59.93 -10.99 -7.71
N GLU A 37 -59.65 -11.39 -6.47
CA GLU A 37 -60.62 -11.45 -5.39
C GLU A 37 -59.97 -10.91 -4.11
N GLY A 38 -60.77 -10.15 -3.34
CA GLY A 38 -60.35 -9.62 -2.06
C GLY A 38 -60.01 -8.13 -2.15
N ILE A 39 -59.78 -7.55 -0.96
CA ILE A 39 -59.38 -6.16 -0.80
C ILE A 39 -57.92 -6.12 -0.33
N THR A 40 -57.06 -5.48 -1.12
CA THR A 40 -55.68 -5.21 -0.75
C THR A 40 -55.64 -4.00 0.17
N THR A 41 -54.92 -4.11 1.29
CA THR A 41 -54.73 -2.99 2.20
C THR A 41 -53.24 -2.72 2.38
N LEU A 42 -52.80 -1.54 1.94
CA LEU A 42 -51.41 -1.11 2.09
C LEU A 42 -51.31 -0.11 3.24
N ASP A 43 -50.37 -0.35 4.15
CA ASP A 43 -50.05 0.52 5.25
C ASP A 43 -48.71 1.22 5.00
N ASN A 44 -48.47 2.32 5.71
CA ASN A 44 -47.25 3.11 5.63
C ASN A 44 -47.12 3.70 4.22
N VAL A 45 -48.26 4.09 3.63
CA VAL A 45 -48.26 4.75 2.33
C VAL A 45 -47.96 6.23 2.56
N PRO A 46 -46.91 6.80 1.93
CA PRO A 46 -46.60 8.22 2.06
C PRO A 46 -47.57 9.10 1.30
N ILE A 47 -47.84 10.30 1.84
CA ILE A 47 -48.66 11.29 1.18
C ILE A 47 -47.78 12.09 0.21
N LEU A 48 -47.66 11.61 -1.02
CA LEU A 48 -46.88 12.26 -2.07
C LEU A 48 -47.74 12.38 -3.32
N SER A 49 -47.42 13.32 -4.20
CA SER A 49 -48.22 13.52 -5.39
C SER A 49 -48.12 12.32 -6.35
N ASP A 50 -46.98 11.62 -6.38
CA ASP A 50 -46.85 10.44 -7.23
C ASP A 50 -47.82 9.34 -6.80
N VAL A 51 -48.12 9.23 -5.50
CA VAL A 51 -49.09 8.27 -5.00
C VAL A 51 -50.50 8.65 -5.47
N PHE A 52 -50.83 9.94 -5.49
CA PHE A 52 -52.13 10.39 -5.97
C PHE A 52 -52.26 10.08 -7.46
N THR A 53 -51.18 10.32 -8.23
CA THR A 53 -51.19 10.06 -9.67
C THR A 53 -51.36 8.56 -9.94
N MET A 54 -50.62 7.72 -9.21
CA MET A 54 -50.69 6.29 -9.40
C MET A 54 -52.10 5.79 -9.06
N ASN A 55 -52.70 6.34 -7.99
CA ASN A 55 -54.06 5.98 -7.60
C ASN A 55 -55.04 6.32 -8.73
N GLN A 56 -54.84 7.43 -9.44
CA GLN A 56 -55.70 7.80 -10.55
C GLN A 56 -55.53 6.81 -11.70
N VAL A 57 -54.26 6.46 -12.00
CA VAL A 57 -53.94 5.56 -13.10
C VAL A 57 -54.73 4.26 -12.90
N ILE A 58 -54.73 3.77 -11.67
CA ILE A 58 -55.30 2.47 -11.31
C ILE A 58 -56.83 2.53 -11.32
N ARG A 59 -57.42 3.66 -10.88
CA ARG A 59 -58.87 3.83 -10.96
C ARG A 59 -59.35 3.73 -12.41
N HIS A 60 -58.62 4.37 -13.33
CA HIS A 60 -58.97 4.38 -14.74
C HIS A 60 -58.91 2.98 -15.35
N LEU A 61 -58.40 1.99 -14.61
CA LEU A 61 -58.41 0.59 -15.05
C LEU A 61 -59.60 -0.15 -14.43
N ASN A 62 -60.58 0.60 -13.88
CA ASN A 62 -61.81 0.04 -13.35
C ASN A 62 -61.57 -0.63 -12.01
N VAL A 63 -60.97 0.13 -11.08
CA VAL A 63 -60.56 -0.35 -9.78
C VAL A 63 -60.93 0.72 -8.74
N ASP A 64 -61.37 0.30 -7.56
CA ASP A 64 -61.64 1.22 -6.45
C ASP A 64 -60.40 1.37 -5.58
N VAL A 65 -59.96 2.62 -5.42
CA VAL A 65 -58.80 2.93 -4.61
C VAL A 65 -59.19 4.03 -3.63
N ASP A 66 -59.14 3.71 -2.33
CA ASP A 66 -59.40 4.67 -1.27
C ASP A 66 -58.13 4.95 -0.47
N PHE A 67 -57.75 6.23 -0.39
CA PHE A 67 -56.57 6.66 0.34
C PHE A 67 -56.99 7.39 1.61
N ASP A 68 -56.91 6.72 2.76
CA ASP A 68 -57.04 7.35 4.07
C ASP A 68 -55.70 7.98 4.47
N GLU A 69 -55.53 9.29 4.23
CA GLU A 69 -54.25 9.97 4.43
C GLU A 69 -53.87 10.01 5.91
N GLN A 70 -54.88 10.06 6.80
CA GLN A 70 -54.66 10.18 8.23
C GLN A 70 -54.04 8.90 8.76
N LYS A 71 -54.47 7.75 8.21
CA LYS A 71 -53.97 6.44 8.61
C LYS A 71 -52.82 5.99 7.71
N ASN A 72 -52.45 6.79 6.69
CA ASN A 72 -51.42 6.42 5.72
C ASN A 72 -51.73 5.06 5.12
N GLN A 73 -52.96 4.89 4.61
CA GLN A 73 -53.46 3.59 4.24
C GLN A 73 -54.28 3.67 2.95
N VAL A 74 -54.05 2.68 2.05
CA VAL A 74 -54.76 2.60 0.78
C VAL A 74 -55.42 1.23 0.68
N THR A 75 -56.73 1.19 0.40
CA THR A 75 -57.41 -0.06 0.12
C THR A 75 -57.67 -0.12 -1.38
N ILE A 76 -57.46 -1.30 -1.98
CA ILE A 76 -57.69 -1.49 -3.40
C ILE A 76 -58.62 -2.68 -3.61
N ASP A 77 -59.63 -2.49 -4.47
CA ASP A 77 -60.54 -3.54 -4.88
C ASP A 77 -60.45 -3.68 -6.40
N ALA A 78 -59.76 -4.73 -6.86
CA ALA A 78 -59.55 -4.94 -8.28
C ALA A 78 -60.27 -6.21 -8.74
N SER A 79 -61.48 -6.45 -8.22
CA SER A 79 -62.20 -7.69 -8.44
C SER A 79 -63.10 -7.61 -9.66
N ARG A 80 -63.34 -6.39 -10.18
CA ARG A 80 -64.07 -6.25 -11.44
C ARG A 80 -63.12 -6.49 -12.62
N GLN A 81 -63.71 -6.71 -13.80
CA GLN A 81 -63.01 -6.77 -15.07
C GLN A 81 -62.24 -5.46 -15.28
N LEU A 82 -60.93 -5.57 -15.51
CA LEU A 82 -60.05 -4.43 -15.70
C LEU A 82 -60.18 -3.89 -17.13
N GLU A 83 -60.17 -2.56 -17.26
CA GLU A 83 -59.80 -1.89 -18.50
C GLU A 83 -58.27 -1.96 -18.62
N ILE A 84 -57.75 -1.72 -19.82
CA ILE A 84 -56.36 -2.06 -20.14
C ILE A 84 -55.57 -0.84 -20.58
N GLU A 85 -56.14 0.37 -20.49
CA GLU A 85 -55.56 1.53 -21.15
C GLU A 85 -55.08 2.56 -20.12
N ALA A 86 -53.82 2.97 -20.28
CA ALA A 86 -53.17 3.97 -19.43
C ALA A 86 -52.65 5.12 -20.31
N PRO A 87 -53.38 6.26 -20.43
CA PRO A 87 -53.11 7.24 -21.48
C PRO A 87 -51.93 8.18 -21.18
N TYR A 88 -51.53 8.97 -22.19
CA TYR A 88 -50.39 9.87 -22.03
C TYR A 88 -50.69 10.96 -21.00
N GLU A 89 -51.98 11.25 -20.76
CA GLU A 89 -52.35 12.23 -19.75
C GLU A 89 -51.67 11.89 -18.43
N TYR A 90 -51.57 10.59 -18.09
CA TYR A 90 -50.97 10.17 -16.82
C TYR A 90 -49.49 9.82 -16.97
N VAL A 91 -49.12 9.13 -18.05
CA VAL A 91 -47.74 8.70 -18.25
C VAL A 91 -46.82 9.91 -18.44
N SER A 92 -47.33 11.00 -19.04
CA SER A 92 -46.53 12.21 -19.24
C SER A 92 -46.20 12.90 -17.91
N GLN A 93 -47.06 12.72 -16.89
CA GLN A 93 -46.83 13.27 -15.56
C GLN A 93 -45.84 12.42 -14.77
N MET A 94 -45.85 11.11 -15.01
CA MET A 94 -45.13 10.17 -14.17
C MET A 94 -44.96 8.83 -14.92
N ARG A 95 -43.74 8.53 -15.36
CA ARG A 95 -43.53 7.38 -16.25
C ARG A 95 -43.55 6.08 -15.46
N ALA A 96 -43.47 6.13 -14.14
CA ALA A 96 -43.65 4.96 -13.29
C ALA A 96 -45.00 4.27 -13.51
N SER A 97 -45.96 4.99 -14.09
CA SER A 97 -47.29 4.44 -14.29
C SER A 97 -47.29 3.30 -15.32
N ILE A 98 -46.18 3.07 -16.03
CA ILE A 98 -46.12 1.99 -17.00
C ILE A 98 -45.99 0.62 -16.35
N VAL A 99 -45.63 0.56 -15.05
CA VAL A 99 -45.49 -0.74 -14.40
C VAL A 99 -46.84 -1.41 -14.19
N VAL A 100 -47.94 -0.83 -14.70
CA VAL A 100 -49.23 -1.51 -14.73
C VAL A 100 -49.28 -2.48 -15.91
N MET A 101 -48.33 -2.35 -16.85
CA MET A 101 -48.32 -3.16 -18.06
C MET A 101 -48.18 -4.64 -17.73
N GLY A 102 -47.28 -4.94 -16.80
CA GLY A 102 -47.01 -6.31 -16.37
C GLY A 102 -48.23 -7.00 -15.77
N PRO A 103 -48.84 -6.44 -14.70
CA PRO A 103 -50.07 -7.01 -14.13
C PRO A 103 -51.23 -7.14 -15.12
N LEU A 104 -51.37 -6.15 -16.03
CA LEU A 104 -52.40 -6.19 -17.05
C LEU A 104 -52.18 -7.38 -17.99
N LEU A 105 -50.93 -7.67 -18.36
CA LEU A 105 -50.63 -8.84 -19.17
C LEU A 105 -50.97 -10.13 -18.42
N ALA A 106 -50.62 -10.20 -17.13
CA ALA A 106 -50.90 -11.37 -16.32
C ALA A 106 -52.41 -11.61 -16.14
N ARG A 107 -53.21 -10.55 -15.89
CA ARG A 107 -54.62 -10.69 -15.63
C ARG A 107 -55.42 -10.85 -16.92
N ASN A 108 -55.18 -9.96 -17.89
CA ASN A 108 -56.01 -9.80 -19.07
C ASN A 108 -55.34 -10.38 -20.32
N GLY A 109 -54.01 -10.51 -20.33
CA GLY A 109 -53.27 -10.84 -21.54
C GLY A 109 -53.26 -9.71 -22.56
N HIS A 110 -53.50 -8.48 -22.08
CA HIS A 110 -53.64 -7.31 -22.94
C HIS A 110 -53.32 -6.06 -22.12
N ALA A 111 -52.53 -5.16 -22.70
CA ALA A 111 -52.20 -3.88 -22.10
C ALA A 111 -51.96 -2.86 -23.20
N LYS A 112 -52.42 -1.62 -22.97
CA LYS A 112 -52.28 -0.55 -23.93
C LYS A 112 -51.82 0.68 -23.15
N VAL A 113 -50.51 0.95 -23.18
CA VAL A 113 -49.89 1.91 -22.29
C VAL A 113 -49.10 2.92 -23.12
N ALA A 114 -49.27 4.21 -22.78
CA ALA A 114 -48.60 5.29 -23.51
C ALA A 114 -47.10 5.16 -23.34
N MET A 115 -46.40 5.34 -24.46
CA MET A 115 -44.95 5.29 -24.49
C MET A 115 -44.45 6.52 -23.71
N PRO A 116 -43.58 6.38 -22.70
CA PRO A 116 -43.01 7.55 -22.04
C PRO A 116 -42.17 8.39 -23.01
N GLY A 117 -42.19 9.71 -22.80
CA GLY A 117 -41.38 10.62 -23.57
C GLY A 117 -40.13 10.99 -22.80
N GLY A 118 -39.59 12.19 -23.06
CA GLY A 118 -38.40 12.68 -22.39
C GLY A 118 -38.62 12.93 -20.90
N ALA A 120 -36.45 15.13 -17.71
CA ALA A 120 -35.46 16.15 -17.41
C ALA A 120 -34.08 15.53 -17.16
N ILE A 121 -33.99 14.49 -16.33
CA ILE A 121 -32.74 13.97 -15.79
C ILE A 121 -32.11 12.92 -16.72
N GLY A 122 -32.79 12.60 -17.83
CA GLY A 122 -32.19 11.85 -18.92
C GLY A 122 -32.32 10.35 -18.74
N LYS A 123 -33.54 9.83 -18.86
CA LYS A 123 -33.88 8.43 -18.56
C LYS A 123 -33.60 7.54 -19.77
N ARG A 124 -33.69 6.23 -19.56
CA ARG A 124 -33.55 5.23 -20.62
C ARG A 124 -34.89 5.07 -21.33
N PRO A 125 -34.91 4.41 -22.51
CA PRO A 125 -36.16 3.98 -23.13
C PRO A 125 -36.70 2.74 -22.42
N ILE A 126 -37.83 2.22 -22.87
CA ILE A 126 -38.43 1.10 -22.17
C ILE A 126 -38.12 -0.22 -22.87
N ASP A 127 -37.03 -0.24 -23.67
CA ASP A 127 -36.64 -1.37 -24.48
C ASP A 127 -36.56 -2.67 -23.66
N LEU A 128 -36.02 -2.62 -22.44
CA LEU A 128 -35.81 -3.82 -21.64
C LEU A 128 -37.14 -4.38 -21.10
N HIS A 129 -38.14 -3.51 -20.87
CA HIS A 129 -39.48 -3.97 -20.51
C HIS A 129 -40.02 -4.83 -21.63
N LEU A 130 -39.91 -4.32 -22.86
CA LEU A 130 -40.47 -4.98 -24.04
C LEU A 130 -39.73 -6.27 -24.35
N LYS A 131 -38.39 -6.26 -24.18
CA LYS A 131 -37.59 -7.44 -24.35
C LYS A 131 -38.09 -8.56 -23.43
N GLY A 132 -38.34 -8.19 -22.17
CA GLY A 132 -38.86 -9.14 -21.18
C GLY A 132 -40.21 -9.70 -21.60
N PHE A 133 -41.12 -8.81 -22.03
CA PHE A 133 -42.47 -9.25 -22.36
C PHE A 133 -42.47 -10.13 -23.61
N GLN A 134 -41.65 -9.78 -24.62
CA GLN A 134 -41.50 -10.60 -25.82
C GLN A 134 -40.95 -11.98 -25.44
N ALA A 135 -40.01 -12.04 -24.52
CA ALA A 135 -39.42 -13.30 -24.09
C ALA A 135 -40.47 -14.22 -23.46
N LEU A 136 -41.54 -13.65 -22.87
CA LEU A 136 -42.59 -14.42 -22.22
C LEU A 136 -43.73 -14.75 -23.19
N GLY A 137 -43.64 -14.31 -24.43
CA GLY A 137 -44.60 -14.68 -25.46
C GLY A 137 -45.55 -13.57 -25.88
N ALA A 138 -45.23 -12.32 -25.54
CA ALA A 138 -46.08 -11.17 -25.86
C ALA A 138 -45.72 -10.60 -27.22
N LYS A 139 -46.76 -10.23 -27.98
CA LYS A 139 -46.62 -9.51 -29.24
C LYS A 139 -46.74 -8.02 -28.91
N ILE A 140 -45.90 -7.18 -29.55
CA ILE A 140 -45.80 -5.77 -29.21
C ILE A 140 -46.05 -4.93 -30.48
N ILE A 141 -47.09 -4.09 -30.45
CA ILE A 141 -47.33 -3.13 -31.52
C ILE A 141 -47.18 -1.72 -30.93
N GLN A 142 -46.69 -0.78 -31.75
CA GLN A 142 -46.74 0.64 -31.45
C GLN A 142 -47.66 1.35 -32.46
N LYS A 143 -48.58 2.19 -31.97
CA LYS A 143 -49.46 3.00 -32.82
C LYS A 143 -49.95 4.18 -31.98
N ASN A 144 -50.00 5.39 -32.55
CA ASN A 144 -50.53 6.58 -31.89
C ASN A 144 -49.92 6.80 -30.50
N GLY A 145 -48.63 6.55 -30.35
CA GLY A 145 -47.93 6.82 -29.10
C GLY A 145 -48.23 5.81 -27.99
N TYR A 146 -48.85 4.67 -28.32
CA TYR A 146 -49.17 3.63 -27.35
C TYR A 146 -48.32 2.41 -27.66
N ILE A 147 -47.95 1.67 -26.61
CA ILE A 147 -47.45 0.32 -26.74
C ILE A 147 -48.60 -0.61 -26.44
N GLU A 148 -48.96 -1.46 -27.43
CA GLU A 148 -49.96 -2.49 -27.20
C GLU A 148 -49.25 -3.84 -27.10
N ALA A 149 -49.39 -4.50 -25.93
CA ALA A 149 -48.88 -5.83 -25.72
C ALA A 149 -50.05 -6.80 -25.62
N ILE A 150 -50.00 -7.89 -26.42
CA ILE A 150 -50.98 -8.96 -26.38
C ILE A 150 -50.27 -10.28 -26.08
N ALA A 151 -50.81 -11.06 -25.14
CA ALA A 151 -50.32 -12.41 -24.88
C ALA A 151 -51.46 -13.32 -24.49
N ASP A 152 -51.84 -14.24 -25.37
CA ASP A 152 -52.84 -15.28 -25.05
C ASP A 152 -52.31 -16.13 -23.90
N GLU A 153 -51.06 -16.60 -24.04
CA GLU A 153 -50.42 -17.38 -23.00
C GLU A 153 -49.01 -16.88 -22.72
N LEU A 154 -48.78 -16.41 -21.49
CA LEU A 154 -47.45 -16.10 -20.99
C LEU A 154 -46.72 -17.41 -20.69
N ILE A 155 -45.50 -17.56 -21.20
CA ILE A 155 -44.68 -18.75 -20.95
C ILE A 155 -43.32 -18.32 -20.42
N GLY A 156 -42.95 -18.89 -19.27
CA GLY A 156 -41.66 -18.64 -18.65
C GLY A 156 -40.48 -18.94 -19.56
N ASN A 157 -39.40 -18.17 -19.37
CA ASN A 157 -38.24 -18.18 -20.23
C ASN A 157 -37.06 -17.59 -19.45
N THR A 158 -35.83 -17.77 -19.98
CA THR A 158 -34.67 -17.08 -19.45
C THR A 158 -34.49 -15.73 -20.13
N ILE A 159 -34.31 -14.69 -19.32
CA ILE A 159 -34.24 -13.30 -19.79
C ILE A 159 -33.01 -12.65 -19.15
N TYR A 160 -32.07 -12.18 -19.99
CA TYR A 160 -30.91 -11.46 -19.52
C TYR A 160 -31.16 -9.97 -19.76
N LEU A 161 -31.03 -9.18 -18.68
CA LEU A 161 -31.12 -7.74 -18.78
C LEU A 161 -29.73 -7.14 -19.00
N ASP A 162 -29.57 -6.38 -20.08
CA ASP A 162 -28.33 -5.73 -20.48
C ASP A 162 -27.90 -4.75 -19.40
N PHE A 163 -28.90 -4.10 -18.77
CA PHE A 163 -28.69 -3.25 -17.62
C PHE A 163 -29.65 -3.71 -16.53
N PRO A 164 -29.27 -3.68 -15.22
CA PRO A 164 -30.17 -4.09 -14.15
C PRO A 164 -31.24 -3.03 -13.84
N SER A 165 -32.11 -2.79 -14.82
CA SER A 165 -33.20 -1.82 -14.77
C SER A 165 -34.24 -2.20 -13.70
N VAL A 166 -34.43 -1.28 -12.74
CA VAL A 166 -35.43 -1.42 -11.69
C VAL A 166 -36.82 -1.59 -12.28
N GLY A 167 -37.17 -0.67 -13.20
CA GLY A 167 -38.50 -0.64 -13.80
C GLY A 167 -38.79 -1.87 -14.64
N ALA A 168 -37.84 -2.27 -15.49
CA ALA A 168 -38.00 -3.46 -16.32
C ALA A 168 -38.12 -4.69 -15.43
N THR A 169 -37.30 -4.76 -14.39
CA THR A 169 -37.35 -5.87 -13.45
C THR A 169 -38.76 -5.99 -12.83
N GLN A 170 -39.31 -4.86 -12.36
CA GLN A 170 -40.63 -4.81 -11.74
C GLN A 170 -41.72 -5.25 -12.70
N ASN A 171 -41.70 -4.67 -13.91
CA ASN A 171 -42.72 -4.93 -14.90
C ASN A 171 -42.72 -6.42 -15.28
N ILE A 172 -41.52 -6.99 -15.48
CA ILE A 172 -41.38 -8.37 -15.91
C ILE A 172 -41.76 -9.33 -14.77
N MET A 173 -41.33 -9.03 -13.53
CA MET A 173 -41.67 -9.88 -12.39
C MET A 173 -43.17 -10.08 -12.33
N MET A 174 -43.92 -8.98 -12.52
CA MET A 174 -45.34 -8.95 -12.29
C MET A 174 -46.11 -9.68 -13.41
N ALA A 175 -45.56 -9.70 -14.63
CA ALA A 175 -46.11 -10.55 -15.69
C ALA A 175 -45.79 -12.02 -15.41
N ALA A 176 -44.55 -12.29 -15.02
CA ALA A 176 -44.02 -13.63 -14.93
C ALA A 176 -44.63 -14.45 -13.80
N VAL A 177 -45.16 -13.81 -12.75
CA VAL A 177 -45.69 -14.56 -11.61
C VAL A 177 -46.89 -15.40 -12.02
N LYS A 178 -47.52 -15.08 -13.17
CA LYS A 178 -48.64 -15.87 -13.69
C LYS A 178 -48.35 -16.51 -15.05
N ALA A 179 -47.09 -16.50 -15.51
CA ALA A 179 -46.67 -17.23 -16.68
C ALA A 179 -46.58 -18.72 -16.38
N LYS A 180 -46.75 -19.58 -17.41
CA LYS A 180 -46.62 -21.01 -17.22
C LYS A 180 -45.14 -21.39 -17.10
N GLY A 181 -44.78 -22.09 -16.03
CA GLY A 181 -43.46 -22.63 -15.84
C GLY A 181 -42.50 -21.66 -15.17
N THR A 182 -41.21 -21.87 -15.40
CA THR A 182 -40.14 -21.13 -14.75
C THR A 182 -39.69 -19.96 -15.59
N THR A 183 -39.50 -18.82 -14.92
CA THR A 183 -38.86 -17.65 -15.50
C THR A 183 -37.57 -17.40 -14.72
N ILE A 184 -36.52 -17.01 -15.43
CA ILE A 184 -35.25 -16.66 -14.81
C ILE A 184 -34.82 -15.30 -15.37
N ILE A 185 -34.61 -14.34 -14.49
CA ILE A 185 -34.14 -13.02 -14.89
C ILE A 185 -32.69 -12.88 -14.43
N GLU A 186 -31.78 -12.69 -15.39
CA GLU A 186 -30.36 -12.58 -15.10
C GLU A 186 -29.97 -11.13 -15.25
N ASN A 187 -29.13 -10.67 -14.31
CA ASN A 187 -28.72 -9.28 -14.17
C ASN A 187 -29.94 -8.43 -13.82
N VAL A 188 -30.78 -8.95 -12.90
CA VAL A 188 -31.91 -8.22 -12.33
C VAL A 188 -31.42 -7.05 -11.50
N ALA A 189 -32.32 -6.08 -11.32
CA ALA A 189 -32.20 -5.07 -10.28
C ALA A 189 -32.23 -5.73 -8.90
N ARG A 190 -31.35 -5.22 -8.02
CA ARG A 190 -31.09 -5.79 -6.70
C ARG A 190 -31.58 -4.84 -5.62
N GLU A 191 -32.18 -3.70 -6.02
CA GLU A 191 -32.57 -2.64 -5.10
C GLU A 191 -33.55 -3.16 -4.03
N PRO A 192 -33.56 -2.58 -2.81
CA PRO A 192 -34.48 -2.98 -1.75
C PRO A 192 -35.98 -2.92 -2.05
N GLU A 193 -36.34 -2.09 -3.02
CA GLU A 193 -37.71 -1.93 -3.50
C GLU A 193 -38.17 -3.18 -4.23
N ILE A 194 -37.24 -3.82 -4.95
CA ILE A 194 -37.48 -5.10 -5.62
C ILE A 194 -37.79 -6.16 -4.57
N VAL A 195 -37.07 -6.13 -3.45
CA VAL A 195 -37.25 -7.10 -2.39
C VAL A 195 -38.65 -6.93 -1.79
N ASP A 196 -39.08 -5.66 -1.59
CA ASP A 196 -40.38 -5.44 -0.97
C ASP A 196 -41.50 -5.87 -1.91
N LEU A 197 -41.33 -5.57 -3.21
CA LEU A 197 -42.27 -6.04 -4.22
C LEU A 197 -42.35 -7.57 -4.23
N ALA A 198 -41.21 -8.25 -4.19
CA ALA A 198 -41.18 -9.70 -4.16
C ALA A 198 -41.89 -10.22 -2.93
N ASN A 199 -41.70 -9.52 -1.80
CA ASN A 199 -42.24 -9.96 -0.51
C ASN A 199 -43.76 -9.94 -0.57
N ILE A 200 -44.35 -8.93 -1.20
CA ILE A 200 -45.82 -8.87 -1.26
C ILE A 200 -46.35 -9.89 -2.26
N LEU A 201 -45.73 -10.00 -3.43
CA LEU A 201 -46.14 -10.98 -4.43
C LEU A 201 -46.16 -12.39 -3.81
N ASN A 202 -45.15 -12.72 -2.99
CA ASN A 202 -45.08 -14.02 -2.35
C ASN A 202 -46.25 -14.23 -1.39
N LYS A 203 -46.63 -13.19 -0.64
CA LYS A 203 -47.76 -13.25 0.28
C LYS A 203 -49.06 -13.43 -0.49
N MET A 204 -49.11 -12.86 -1.70
CA MET A 204 -50.28 -12.93 -2.57
C MET A 204 -50.44 -14.30 -3.24
N GLY A 205 -49.44 -15.18 -3.04
CA GLY A 205 -49.53 -16.55 -3.53
C GLY A 205 -48.50 -16.89 -4.61
N ALA A 206 -47.64 -15.92 -4.97
CA ALA A 206 -46.65 -16.10 -6.03
C ALA A 206 -45.43 -16.85 -5.49
N GLN A 207 -44.51 -17.21 -6.40
CA GLN A 207 -43.26 -17.87 -6.04
C GLN A 207 -42.07 -17.15 -6.68
N VAL A 208 -41.53 -16.15 -5.99
CA VAL A 208 -40.42 -15.34 -6.47
C VAL A 208 -39.22 -15.56 -5.54
N TYR A 209 -38.13 -16.10 -6.11
CA TYR A 209 -36.95 -16.48 -5.35
C TYR A 209 -35.76 -15.65 -5.81
N GLY A 210 -34.84 -15.36 -4.89
CA GLY A 210 -33.59 -14.69 -5.20
C GLY A 210 -33.69 -13.18 -5.33
N ALA A 211 -34.78 -12.57 -4.83
CA ALA A 211 -34.91 -11.13 -4.88
C ALA A 211 -33.80 -10.51 -4.03
N GLY A 212 -33.09 -9.52 -4.59
CA GLY A 212 -31.95 -8.91 -3.92
C GLY A 212 -30.61 -9.52 -4.36
N THR A 213 -30.65 -10.67 -5.04
CA THR A 213 -29.47 -11.32 -5.60
C THR A 213 -29.42 -11.05 -7.12
N GLU A 214 -28.35 -11.61 -7.74
CA GLU A 214 -28.02 -11.34 -9.14
C GLU A 214 -29.01 -12.02 -10.08
N THR A 215 -29.59 -13.12 -9.61
CA THR A 215 -30.49 -13.95 -10.39
C THR A 215 -31.81 -14.13 -9.62
N MET A 216 -32.92 -13.90 -10.34
CA MET A 216 -34.24 -14.06 -9.80
C MET A 216 -34.93 -15.21 -10.53
N ARG A 217 -35.60 -16.09 -9.78
CA ARG A 217 -36.30 -17.25 -10.31
C ARG A 217 -37.77 -17.17 -9.91
N ILE A 218 -38.67 -17.30 -10.89
CA ILE A 218 -40.09 -17.18 -10.66
C ILE A 218 -40.78 -18.43 -11.18
N GLU A 219 -41.58 -19.05 -10.31
CA GLU A 219 -42.44 -20.16 -10.68
C GLU A 219 -43.88 -19.65 -10.81
N GLY A 220 -44.45 -19.77 -12.00
CA GLY A 220 -45.77 -19.26 -12.29
C GLY A 220 -46.85 -19.97 -11.47
N VAL A 221 -47.93 -19.23 -11.17
CA VAL A 221 -49.07 -19.76 -10.42
C VAL A 221 -50.35 -19.33 -11.13
N ASP A 222 -51.45 -20.03 -10.79
CA ASP A 222 -52.71 -19.85 -11.47
C ASP A 222 -53.48 -18.67 -10.86
N HIS A 223 -53.44 -18.55 -9.51
CA HIS A 223 -54.26 -17.56 -8.82
C HIS A 223 -53.44 -16.80 -7.77
N LEU A 224 -53.71 -15.50 -7.65
CA LEU A 224 -53.17 -14.63 -6.63
C LEU A 224 -54.31 -13.97 -5.85
N HIS A 225 -54.12 -13.77 -4.55
CA HIS A 225 -55.15 -13.21 -3.67
C HIS A 225 -54.63 -11.92 -3.03
N ALA A 226 -55.55 -11.13 -2.44
CA ALA A 226 -55.22 -9.86 -1.81
C ALA A 226 -54.67 -10.09 -0.40
N VAL A 227 -53.81 -9.16 0.05
CA VAL A 227 -53.15 -9.25 1.34
C VAL A 227 -53.09 -7.86 2.00
N ASN A 228 -52.69 -7.81 3.28
CA ASN A 228 -52.23 -6.61 3.94
C ASN A 228 -50.70 -6.53 3.84
N HIS A 229 -50.17 -5.34 3.54
CA HIS A 229 -48.74 -5.13 3.47
C HIS A 229 -48.38 -3.73 3.95
N SER A 230 -47.32 -3.64 4.76
CA SER A 230 -46.72 -2.39 5.20
CA SER A 230 -46.72 -2.39 5.20
C SER A 230 -45.52 -2.08 4.31
N ILE A 231 -45.54 -0.92 3.64
CA ILE A 231 -44.46 -0.52 2.76
C ILE A 231 -43.19 -0.33 3.58
N VAL A 232 -42.06 -0.77 3.05
CA VAL A 232 -40.75 -0.58 3.65
C VAL A 232 -40.45 0.92 3.80
N GLN A 233 -39.69 1.30 4.83
CA GLN A 233 -39.24 2.67 5.02
C GLN A 233 -38.50 3.18 3.78
N ASP A 234 -38.64 4.47 3.49
CA ASP A 234 -37.98 5.15 2.38
C ASP A 234 -36.51 5.42 2.73
N ARG A 235 -35.60 4.68 2.05
CA ARG A 235 -34.17 4.75 2.34
C ARG A 235 -33.59 6.07 1.86
N ILE A 236 -34.23 6.68 0.85
CA ILE A 236 -33.77 7.94 0.27
C ILE A 236 -34.19 9.12 1.15
N GLU A 237 -35.42 9.12 1.70
CA GLU A 237 -35.80 10.15 2.66
C GLU A 237 -34.88 10.02 3.87
N ALA A 238 -34.69 8.79 4.37
CA ALA A 238 -33.77 8.54 5.48
C ALA A 238 -32.40 9.12 5.18
N GLY A 239 -31.87 8.79 4.00
CA GLY A 239 -30.52 9.20 3.61
C GLY A 239 -30.39 10.72 3.51
N THR A 240 -31.44 11.38 3.04
CA THR A 240 -31.48 12.82 2.96
C THR A 240 -31.27 13.45 4.34
N PHE A 241 -31.88 12.87 5.39
CA PHE A 241 -31.74 13.39 6.74
C PHE A 241 -30.37 13.05 7.31
N MET A 242 -29.79 11.90 6.91
CA MET A 242 -28.43 11.54 7.30
C MET A 242 -27.44 12.58 6.80
N VAL A 243 -27.59 13.02 5.55
CA VAL A 243 -26.74 14.05 4.96
C VAL A 243 -26.92 15.37 5.70
N ALA A 244 -28.17 15.72 6.04
CA ALA A 244 -28.47 16.98 6.71
C ALA A 244 -27.77 17.05 8.05
N ALA A 245 -27.84 15.94 8.81
CA ALA A 245 -27.14 15.80 10.08
C ALA A 245 -25.63 15.92 9.89
N ALA A 246 -25.10 15.26 8.85
CA ALA A 246 -23.66 15.19 8.65
C ALA A 246 -23.08 16.54 8.27
N MET A 247 -23.88 17.42 7.65
CA MET A 247 -23.35 18.69 7.15
C MET A 247 -23.60 19.84 8.11
N THR A 248 -24.32 19.62 9.20
CA THR A 248 -24.67 20.71 10.10
C THR A 248 -24.08 20.49 11.51
N GLN A 249 -23.01 19.71 11.63
CA GLN A 249 -22.53 19.25 12.93
C GLN A 249 -23.66 18.71 13.80
N GLY A 250 -24.55 17.92 13.19
CA GLY A 250 -25.79 17.52 13.82
C GLY A 250 -25.61 16.28 14.69
N ASN A 251 -26.69 15.92 15.38
CA ASN A 251 -26.82 14.67 16.12
C ASN A 251 -28.28 14.24 15.98
N VAL A 252 -28.54 13.38 15.00
CA VAL A 252 -29.90 13.07 14.57
C VAL A 252 -30.06 11.56 14.56
N LEU A 253 -31.13 11.08 15.20
CA LEU A 253 -31.53 9.70 15.13
C LEU A 253 -32.60 9.57 14.04
N ILE A 254 -32.32 8.73 13.02
CA ILE A 254 -33.30 8.41 12.01
C ILE A 254 -34.04 7.17 12.49
N ALA A 255 -35.29 7.37 12.92
CA ALA A 255 -36.06 6.34 13.60
C ALA A 255 -36.28 5.13 12.68
N ASP A 256 -35.92 3.95 13.21
CA ASP A 256 -36.12 2.65 12.59
C ASP A 256 -35.45 2.53 11.22
N ALA A 257 -34.34 3.26 11.03
CA ALA A 257 -33.62 3.22 9.76
C ALA A 257 -32.98 1.85 9.58
N ILE A 258 -33.05 1.33 8.36
CA ILE A 258 -32.47 0.06 7.96
C ILE A 258 -31.12 0.36 7.30
N SER A 259 -30.04 0.08 8.02
CA SER A 259 -28.71 0.52 7.63
C SER A 259 -28.22 -0.26 6.41
N GLU A 260 -28.70 -1.50 6.24
CA GLU A 260 -28.32 -2.33 5.10
C GLU A 260 -28.87 -1.73 3.80
N HIS A 261 -29.85 -0.82 3.90
CA HIS A 261 -30.38 -0.10 2.75
C HIS A 261 -29.61 1.19 2.46
N ASN A 262 -28.62 1.57 3.29
CA ASN A 262 -27.75 2.70 2.99
C ASN A 262 -26.28 2.37 3.30
N ARG A 263 -25.76 1.20 2.87
CA ARG A 263 -24.37 0.87 3.15
C ARG A 263 -23.45 1.87 2.47
N PRO A 264 -23.62 2.17 1.16
CA PRO A 264 -22.76 3.15 0.48
C PRO A 264 -22.76 4.54 1.11
N LEU A 265 -23.95 5.12 1.34
CA LEU A 265 -24.06 6.46 1.92
C LEU A 265 -23.44 6.53 3.31
N ILE A 266 -23.72 5.55 4.16
CA ILE A 266 -23.15 5.51 5.50
C ILE A 266 -21.62 5.49 5.42
N SER A 267 -21.07 4.61 4.56
CA SER A 267 -19.62 4.49 4.42
C SER A 267 -19.02 5.79 3.93
N LYS A 268 -19.66 6.45 2.97
CA LYS A 268 -19.14 7.69 2.40
C LYS A 268 -19.22 8.85 3.41
N LEU A 269 -20.30 8.92 4.19
CA LEU A 269 -20.43 9.99 5.17
C LEU A 269 -19.38 9.80 6.27
N ILE A 270 -19.10 8.54 6.67
CA ILE A 270 -18.01 8.25 7.59
C ILE A 270 -16.66 8.67 7.00
N GLU A 271 -16.44 8.48 5.69
CA GLU A 271 -15.22 8.97 5.06
C GLU A 271 -15.12 10.49 5.13
N MET A 272 -16.26 11.19 5.22
CA MET A 272 -16.28 12.65 5.26
C MET A 272 -16.16 13.15 6.71
N GLY A 273 -16.17 12.22 7.68
CA GLY A 273 -15.87 12.56 9.06
C GLY A 273 -17.04 12.28 10.02
N ALA A 274 -18.19 11.88 9.49
CA ALA A 274 -19.36 11.62 10.33
C ALA A 274 -19.12 10.37 11.16
N GLU A 275 -19.76 10.31 12.32
CA GLU A 275 -19.83 9.13 13.17
C GLU A 275 -21.26 8.62 13.08
N ILE A 276 -21.43 7.35 12.70
CA ILE A 276 -22.75 6.79 12.45
C ILE A 276 -22.89 5.46 13.21
N ILE A 277 -23.97 5.35 14.00
CA ILE A 277 -24.13 4.30 15.00
C ILE A 277 -25.47 3.63 14.80
N GLU A 278 -25.52 2.31 14.72
CA GLU A 278 -26.76 1.56 14.78
C GLU A 278 -27.20 1.42 16.23
N GLU A 279 -28.42 1.86 16.54
CA GLU A 279 -28.98 1.82 17.88
C GLU A 279 -30.29 1.05 17.88
N GLU A 280 -30.82 0.72 19.07
CA GLU A 280 -32.12 0.06 19.16
C GLU A 280 -33.17 0.85 18.36
N GLY A 281 -33.14 2.17 18.43
CA GLY A 281 -34.19 3.03 17.89
C GLY A 281 -33.99 3.46 16.44
N GLY A 282 -32.81 3.19 15.87
CA GLY A 282 -32.52 3.55 14.49
C GLY A 282 -31.03 3.84 14.28
N VAL A 283 -30.72 4.69 13.29
CA VAL A 283 -29.34 5.04 12.96
C VAL A 283 -29.08 6.48 13.37
N ARG A 284 -28.05 6.68 14.22
CA ARG A 284 -27.68 8.02 14.65
C ARG A 284 -26.52 8.52 13.81
N VAL A 285 -26.65 9.77 13.33
CA VAL A 285 -25.61 10.44 12.56
C VAL A 285 -25.12 11.65 13.34
N ILE A 286 -23.80 11.70 13.59
CA ILE A 286 -23.17 12.84 14.24
C ILE A 286 -22.21 13.49 13.27
N GLY A 287 -22.51 14.74 12.89
CA GLY A 287 -21.73 15.47 11.89
C GLY A 287 -20.41 15.99 12.48
N PRO A 288 -19.30 15.94 11.72
CA PRO A 288 -18.01 16.38 12.21
C PRO A 288 -17.85 17.90 12.21
N LYS A 289 -16.86 18.38 12.96
CA LYS A 289 -16.52 19.79 12.94
C LYS A 289 -15.90 20.15 11.60
N HIS A 290 -15.06 19.24 11.07
CA HIS A 290 -14.39 19.41 9.78
C HIS A 290 -14.89 18.35 8.80
N ILE A 291 -15.67 18.80 7.82
CA ILE A 291 -16.20 17.94 6.77
C ILE A 291 -15.10 17.75 5.73
N LEU A 292 -14.74 16.47 5.50
CA LEU A 292 -13.64 16.11 4.62
C LEU A 292 -14.18 15.78 3.24
N PRO A 293 -13.47 16.15 2.15
CA PRO A 293 -13.87 15.79 0.80
C PRO A 293 -13.82 14.28 0.57
N THR A 294 -14.65 13.81 -0.38
CA THR A 294 -14.68 12.43 -0.83
C THR A 294 -15.25 12.41 -2.24
N ASP A 295 -14.90 11.40 -3.02
CA ASP A 295 -15.42 11.21 -4.37
C ASP A 295 -16.53 10.17 -4.31
N VAL A 296 -17.49 10.32 -5.22
CA VAL A 296 -18.69 9.51 -5.23
C VAL A 296 -18.92 9.03 -6.66
N LYS A 297 -19.25 7.74 -6.81
CA LYS A 297 -19.62 7.19 -8.10
C LYS A 297 -20.93 6.45 -7.95
N THR A 298 -21.96 6.89 -8.69
CA THR A 298 -23.24 6.23 -8.67
C THR A 298 -23.20 4.98 -9.56
N MET A 299 -23.96 3.96 -9.13
CA MET A 299 -24.03 2.69 -9.79
C MET A 299 -25.33 2.03 -9.37
N PRO A 300 -25.78 1.01 -10.13
CA PRO A 300 -26.84 0.14 -9.64
C PRO A 300 -26.50 -0.41 -8.26
N HIS A 301 -27.53 -0.63 -7.45
CA HIS A 301 -27.36 -1.31 -6.18
C HIS A 301 -26.57 -2.60 -6.42
N PRO A 302 -25.57 -2.99 -5.60
CA PRO A 302 -25.24 -2.35 -4.32
C PRO A 302 -24.24 -1.20 -4.25
N GLY A 303 -23.97 -0.55 -5.39
CA GLY A 303 -23.16 0.68 -5.39
C GLY A 303 -23.96 1.91 -4.94
N PHE A 304 -23.34 3.08 -5.06
CA PHE A 304 -23.88 4.30 -4.47
C PHE A 304 -25.14 4.72 -5.23
N PRO A 305 -26.31 4.89 -4.56
CA PRO A 305 -27.57 5.19 -5.23
C PRO A 305 -27.63 6.55 -5.89
N THR A 306 -28.02 6.60 -7.17
CA THR A 306 -28.18 7.85 -7.88
C THR A 306 -29.22 8.73 -7.17
N ASP A 307 -30.23 8.15 -6.52
CA ASP A 307 -31.25 8.93 -5.84
C ASP A 307 -30.71 9.67 -4.61
N MET A 308 -29.47 9.36 -4.17
CA MET A 308 -28.80 10.10 -3.10
C MET A 308 -27.78 11.11 -3.63
N GLN A 309 -27.50 11.08 -4.94
CA GLN A 309 -26.44 11.89 -5.55
C GLN A 309 -26.64 13.39 -5.30
N ALA A 310 -27.81 13.96 -5.63
CA ALA A 310 -28.00 15.41 -5.51
C ALA A 310 -27.78 15.87 -4.07
N GLN A 311 -28.39 15.16 -3.12
CA GLN A 311 -28.24 15.46 -1.70
C GLN A 311 -26.76 15.39 -1.31
N MET A 312 -26.04 14.40 -1.84
CA MET A 312 -24.64 14.20 -1.50
C MET A 312 -23.77 15.35 -2.04
N THR A 313 -24.11 15.93 -3.20
CA THR A 313 -23.34 17.04 -3.74
C THR A 313 -23.42 18.26 -2.80
N ALA A 314 -24.54 18.38 -2.07
CA ALA A 314 -24.72 19.47 -1.12
C ALA A 314 -23.67 19.43 -0.02
N ILE A 315 -23.41 18.25 0.54
CA ILE A 315 -22.39 18.12 1.58
C ILE A 315 -20.99 18.17 0.96
N GLN A 316 -20.81 17.65 -0.27
CA GLN A 316 -19.52 17.73 -0.95
C GLN A 316 -19.13 19.19 -1.20
N LEU A 317 -20.13 20.05 -1.44
CA LEU A 317 -19.89 21.46 -1.76
C LEU A 317 -19.54 22.29 -0.54
N VAL A 318 -19.62 21.74 0.68
CA VAL A 318 -19.17 22.46 1.87
C VAL A 318 -18.00 21.75 2.53
N ALA A 319 -17.51 20.65 1.93
CA ALA A 319 -16.36 19.94 2.45
C ALA A 319 -15.09 20.75 2.22
N GLU A 320 -14.06 20.50 3.04
CA GLU A 320 -12.85 21.31 3.06
C GLU A 320 -11.85 20.77 2.05
N GLY A 321 -12.14 20.99 0.75
CA GLY A 321 -11.30 20.56 -0.36
C GLY A 321 -12.12 20.33 -1.63
N THR A 322 -11.49 19.66 -2.61
CA THR A 322 -12.12 19.33 -3.88
C THR A 322 -12.68 17.92 -3.85
N SER A 323 -13.92 17.74 -4.29
CA SER A 323 -14.59 16.44 -4.37
C SER A 323 -15.09 16.24 -5.79
N VAL A 324 -15.18 14.97 -6.21
CA VAL A 324 -15.65 14.64 -7.56
C VAL A 324 -16.85 13.70 -7.43
N VAL A 325 -17.85 13.92 -8.28
CA VAL A 325 -18.96 12.99 -8.39
C VAL A 325 -19.05 12.55 -9.84
N THR A 326 -19.34 11.26 -10.02
CA THR A 326 -19.52 10.66 -11.33
C THR A 326 -20.87 9.97 -11.33
N GLU A 327 -21.73 10.39 -12.26
CA GLU A 327 -23.06 9.86 -12.39
C GLU A 327 -23.11 8.91 -13.58
N THR A 328 -23.20 7.59 -13.32
CA THR A 328 -23.18 6.58 -14.37
C THR A 328 -24.58 6.01 -14.63
N VAL A 329 -25.62 6.45 -13.93
CA VAL A 329 -26.94 5.87 -14.08
C VAL A 329 -27.85 6.81 -14.89
N PHE A 330 -27.68 8.13 -14.75
CA PHE A 330 -28.50 9.09 -15.47
C PHE A 330 -27.60 10.06 -16.24
N GLU A 331 -28.09 10.57 -17.36
CA GLU A 331 -27.31 11.33 -18.32
C GLU A 331 -27.19 12.79 -17.86
N ASN A 332 -28.29 13.33 -17.30
CA ASN A 332 -28.38 14.76 -17.08
C ASN A 332 -28.95 15.07 -15.70
N ARG A 333 -28.24 14.61 -14.65
CA ARG A 333 -28.74 14.75 -13.29
C ARG A 333 -27.81 15.64 -12.46
N PHE A 334 -27.31 16.73 -13.06
CA PHE A 334 -26.46 17.71 -12.42
C PHE A 334 -27.05 19.12 -12.55
N GLN A 335 -28.34 19.24 -12.89
CA GLN A 335 -28.91 20.57 -13.15
C GLN A 335 -29.00 21.36 -11.83
N HIS A 336 -29.12 20.68 -10.69
CA HIS A 336 -29.09 21.34 -9.41
C HIS A 336 -27.77 22.07 -9.18
N LEU A 337 -26.65 21.50 -9.67
CA LEU A 337 -25.36 22.16 -9.53
C LEU A 337 -25.32 23.41 -10.41
N GLU A 338 -25.99 23.40 -11.56
CA GLU A 338 -26.07 24.59 -12.39
C GLU A 338 -26.77 25.71 -11.61
N GLU A 339 -27.86 25.38 -10.86
CA GLU A 339 -28.59 26.37 -10.08
C GLU A 339 -27.75 26.89 -8.93
N MET A 340 -27.01 25.98 -8.28
CA MET A 340 -26.28 26.32 -7.07
C MET A 340 -25.12 27.27 -7.38
N ARG A 341 -24.85 27.56 -8.64
CA ARG A 341 -23.93 28.64 -9.01
C ARG A 341 -24.50 29.98 -8.52
N ARG A 342 -25.82 30.10 -8.49
CA ARG A 342 -26.48 31.27 -7.93
C ARG A 342 -26.17 31.44 -6.43
N MET A 343 -25.88 30.32 -5.76
CA MET A 343 -25.47 30.30 -4.37
C MET A 343 -23.95 30.31 -4.21
N ASN A 344 -23.23 30.70 -5.27
CA ASN A 344 -21.76 30.82 -5.27
C ASN A 344 -21.04 29.46 -5.21
N ALA A 345 -21.71 28.36 -5.59
CA ALA A 345 -21.05 27.07 -5.69
C ALA A 345 -20.01 27.09 -6.81
N HIS A 346 -18.76 26.71 -6.49
CA HIS A 346 -17.72 26.54 -7.48
C HIS A 346 -17.68 25.08 -7.93
N VAL A 347 -18.16 24.83 -9.16
CA VAL A 347 -18.30 23.50 -9.67
C VAL A 347 -18.04 23.54 -11.18
N LYS A 348 -17.29 22.54 -11.69
CA LYS A 348 -17.06 22.36 -13.12
C LYS A 348 -17.72 21.05 -13.54
N ILE A 349 -18.48 21.10 -14.63
CA ILE A 349 -19.21 19.95 -15.13
C ILE A 349 -18.67 19.61 -16.52
N ASP A 350 -18.40 18.33 -16.77
CA ASP A 350 -18.12 17.84 -18.13
C ASP A 350 -18.68 16.44 -18.25
N GLY A 351 -19.68 16.28 -19.10
CA GLY A 351 -20.31 14.99 -19.30
C GLY A 351 -20.94 14.54 -18.01
N ASN A 352 -20.52 13.39 -17.49
CA ASN A 352 -21.15 12.81 -16.32
C ASN A 352 -20.22 12.91 -15.10
N VAL A 353 -19.30 13.89 -15.12
CA VAL A 353 -18.42 14.21 -14.00
C VAL A 353 -18.68 15.65 -13.55
N ALA A 354 -18.62 15.87 -12.23
CA ALA A 354 -18.70 17.21 -11.66
C ALA A 354 -17.65 17.35 -10.58
N ILE A 355 -16.99 18.51 -10.57
CA ILE A 355 -15.80 18.76 -9.78
C ILE A 355 -16.10 19.94 -8.88
N MET A 356 -16.17 19.70 -7.56
CA MET A 356 -16.71 20.68 -6.64
C MET A 356 -15.60 21.15 -5.71
N ASP A 357 -15.42 22.47 -5.63
CA ASP A 357 -14.46 23.09 -4.74
C ASP A 357 -15.23 23.71 -3.58
N GLY A 358 -15.12 23.08 -2.39
CA GLY A 358 -15.88 23.47 -1.22
C GLY A 358 -15.18 24.49 -0.32
N ASN A 359 -14.05 25.04 -0.77
CA ASN A 359 -13.34 26.07 0.00
C ASN A 359 -13.87 27.44 -0.42
N HIS A 360 -15.20 27.58 -0.41
CA HIS A 360 -15.90 28.82 -0.71
C HIS A 360 -17.19 28.79 0.10
N GLU A 361 -17.62 29.93 0.65
CA GLU A 361 -18.87 30.00 1.36
C GLU A 361 -20.02 30.01 0.34
N LEU A 362 -21.03 29.17 0.60
CA LEU A 362 -22.30 29.25 -0.09
C LEU A 362 -23.05 30.50 0.35
N GLN A 363 -23.86 31.04 -0.56
CA GLN A 363 -24.58 32.27 -0.36
C GLN A 363 -26.05 32.03 -0.64
N GLY A 364 -26.93 32.51 0.25
CA GLY A 364 -28.36 32.50 0.00
C GLY A 364 -28.73 33.26 -1.26
N ALA A 365 -29.70 32.69 -1.99
CA ALA A 365 -30.25 33.29 -3.19
C ALA A 365 -31.57 32.60 -3.51
N GLU A 366 -32.39 33.22 -4.38
CA GLU A 366 -33.58 32.58 -4.94
C GLU A 366 -33.12 31.51 -5.93
N VAL A 367 -33.60 30.27 -5.75
CA VAL A 367 -33.20 29.14 -6.59
C VAL A 367 -34.44 28.29 -6.89
N TYR A 368 -34.52 27.82 -8.15
CA TYR A 368 -35.61 26.99 -8.64
C TYR A 368 -35.17 25.54 -8.76
N ALA A 369 -35.89 24.63 -8.11
CA ALA A 369 -35.69 23.20 -8.28
C ALA A 369 -36.08 22.77 -9.69
N THR A 370 -35.42 21.70 -10.17
CA THR A 370 -35.57 21.17 -11.53
C THR A 370 -36.17 19.77 -11.50
N ASP A 371 -36.10 19.11 -10.35
CA ASP A 371 -36.56 17.75 -10.16
C ASP A 371 -36.62 17.46 -8.67
N LEU A 372 -37.20 16.32 -8.32
CA LEU A 372 -37.45 15.94 -6.94
C LEU A 372 -36.23 16.12 -6.04
N ARG A 373 -35.11 15.45 -6.36
CA ARG A 373 -33.98 15.39 -5.43
C ARG A 373 -33.17 16.68 -5.47
N ALA A 374 -33.19 17.39 -6.60
CA ALA A 374 -32.61 18.72 -6.68
C ALA A 374 -33.26 19.64 -5.65
N ALA A 375 -34.58 19.53 -5.48
CA ALA A 375 -35.28 20.39 -4.53
C ALA A 375 -34.75 20.14 -3.10
N ALA A 376 -34.59 18.87 -2.72
CA ALA A 376 -34.06 18.53 -1.41
C ALA A 376 -32.62 19.05 -1.27
N ALA A 377 -31.81 18.92 -2.32
CA ALA A 377 -30.40 19.31 -2.28
C ALA A 377 -30.27 20.82 -2.04
N LEU A 378 -31.14 21.62 -2.68
CA LEU A 378 -31.11 23.06 -2.54
C LEU A 378 -31.48 23.50 -1.11
N VAL A 379 -32.42 22.79 -0.48
CA VAL A 379 -32.80 23.05 0.90
C VAL A 379 -31.62 22.75 1.82
N LEU A 380 -30.99 21.58 1.62
CA LEU A 380 -29.82 21.17 2.38
C LEU A 380 -28.70 22.21 2.23
N ALA A 381 -28.47 22.71 1.02
CA ALA A 381 -27.44 23.72 0.80
C ALA A 381 -27.77 24.98 1.60
N GLY A 382 -29.06 25.31 1.66
CA GLY A 382 -29.55 26.44 2.41
C GLY A 382 -29.16 26.37 3.90
N LEU A 383 -29.11 25.14 4.46
CA LEU A 383 -28.76 24.91 5.85
C LEU A 383 -27.34 25.39 6.18
N LYS A 384 -26.50 25.49 5.15
CA LYS A 384 -25.10 25.84 5.32
C LYS A 384 -24.76 27.15 4.60
N ALA A 385 -25.70 27.72 3.85
CA ALA A 385 -25.41 28.95 3.12
C ALA A 385 -25.51 30.12 4.10
N ASN A 386 -24.79 31.19 3.75
CA ASN A 386 -24.82 32.40 4.51
C ASN A 386 -25.87 33.29 3.85
N GLY A 387 -26.80 33.83 4.64
CA GLY A 387 -27.89 34.66 4.13
C GLY A 387 -29.19 33.85 4.12
N ILE A 388 -30.08 34.23 3.20
CA ILE A 388 -31.40 33.63 3.09
C ILE A 388 -31.51 32.94 1.73
N THR A 389 -31.84 31.64 1.77
CA THR A 389 -32.11 30.86 0.58
C THR A 389 -33.61 30.70 0.42
N ARG A 390 -34.12 30.89 -0.82
CA ARG A 390 -35.53 30.68 -1.10
C ARG A 390 -35.65 29.63 -2.21
N VAL A 391 -36.19 28.46 -1.88
CA VAL A 391 -36.28 27.35 -2.82
C VAL A 391 -37.69 27.32 -3.41
N ARG A 392 -37.78 27.32 -4.75
CA ARG A 392 -39.05 27.31 -5.46
C ARG A 392 -39.15 26.07 -6.35
N ASN A 393 -40.30 25.90 -7.01
CA ASN A 393 -40.75 24.69 -7.68
C ASN A 393 -40.88 23.55 -6.69
N LEU A 394 -41.66 23.76 -5.62
CA LEU A 394 -41.87 22.75 -4.58
C LEU A 394 -42.83 21.66 -5.06
N ASN A 395 -43.45 21.85 -6.24
CA ASN A 395 -44.17 20.76 -6.87
C ASN A 395 -43.25 19.54 -7.00
N TYR A 396 -41.94 19.75 -7.29
CA TYR A 396 -41.00 18.63 -7.42
C TYR A 396 -40.74 17.98 -6.07
N LEU A 397 -40.58 18.78 -5.01
CA LEU A 397 -40.31 18.25 -3.67
C LEU A 397 -41.46 17.36 -3.22
N ASP A 398 -42.71 17.76 -3.49
CA ASP A 398 -43.88 17.07 -2.98
C ASP A 398 -44.08 15.72 -3.66
N ARG A 399 -43.36 15.46 -4.76
CA ARG A 399 -43.43 14.17 -5.43
C ARG A 399 -42.79 13.09 -4.58
N GLY A 400 -41.86 13.45 -3.69
CA GLY A 400 -41.08 12.47 -2.97
C GLY A 400 -40.87 12.76 -1.48
N TYR A 401 -41.19 13.95 -0.97
CA TYR A 401 -41.00 14.26 0.44
C TYR A 401 -42.29 14.81 1.04
N TYR A 402 -42.71 14.25 2.16
CA TYR A 402 -43.90 14.69 2.87
C TYR A 402 -43.46 15.47 4.11
N ASN A 403 -43.92 16.74 4.19
CA ASN A 403 -43.69 17.58 5.36
C ASN A 403 -42.20 17.78 5.61
N PHE A 404 -41.43 18.04 4.55
CA PHE A 404 -39.99 18.13 4.65
C PHE A 404 -39.62 19.25 5.62
N HIS A 405 -40.25 20.42 5.44
CA HIS A 405 -39.95 21.60 6.22
C HIS A 405 -40.27 21.39 7.70
N ILE A 406 -41.36 20.66 8.00
CA ILE A 406 -41.75 20.45 9.39
C ILE A 406 -40.77 19.53 10.09
N LYS A 407 -40.35 18.44 9.42
CA LYS A 407 -39.38 17.51 9.98
C LYS A 407 -38.05 18.22 10.25
N LEU A 408 -37.66 19.14 9.37
CA LEU A 408 -36.45 19.92 9.56
C LEU A 408 -36.61 20.91 10.72
N GLN A 409 -37.78 21.58 10.82
CA GLN A 409 -38.05 22.47 11.94
C GLN A 409 -37.92 21.72 13.27
N GLN A 410 -38.48 20.50 13.31
CA GLN A 410 -38.46 19.69 14.53
C GLN A 410 -37.03 19.28 14.91
N LEU A 411 -36.07 19.40 13.99
CA LEU A 411 -34.67 19.09 14.28
C LEU A 411 -33.88 20.35 14.60
N GLY A 412 -34.55 21.51 14.67
CA GLY A 412 -33.89 22.76 15.07
C GLY A 412 -33.53 23.65 13.89
N ALA A 413 -33.92 23.28 12.67
CA ALA A 413 -33.54 24.01 11.47
C ALA A 413 -34.46 25.21 11.28
N ASP A 414 -33.90 26.27 10.70
CA ASP A 414 -34.61 27.51 10.43
C ASP A 414 -35.12 27.44 9.00
N VAL A 415 -36.27 26.78 8.84
CA VAL A 415 -36.90 26.47 7.57
C VAL A 415 -38.39 26.75 7.69
N GLU A 416 -38.93 27.58 6.78
CA GLU A 416 -40.36 27.87 6.75
C GLU A 416 -40.85 27.60 5.31
N ARG A 417 -42.11 27.22 5.17
CA ARG A 417 -42.76 27.12 3.86
C ARG A 417 -43.95 28.08 3.84
N VAL A 418 -43.95 29.00 2.86
CA VAL A 418 -44.80 30.18 2.87
C VAL A 418 -45.26 30.49 1.46
N ASP A 419 -46.30 31.32 1.32
CA ASP A 419 -46.79 31.76 0.03
C ASP A 419 -45.91 32.92 -0.48
N MET A 420 -45.93 33.12 -1.79
CA MET A 420 -45.39 34.30 -2.45
C MET A 420 -46.58 35.16 -2.90
N MET B 1 9.43 -14.35 -33.68
CA MET B 1 9.06 -13.67 -34.95
C MET B 1 7.92 -14.42 -35.67
N GLU B 2 6.79 -14.61 -34.95
CA GLU B 2 5.74 -15.56 -35.34
C GLU B 2 4.45 -14.86 -35.77
N GLU B 3 3.66 -15.55 -36.62
CA GLU B 3 2.33 -15.10 -37.01
C GLU B 3 1.37 -16.28 -37.06
N ILE B 4 0.08 -16.00 -36.87
CA ILE B 4 -0.99 -16.95 -37.13
C ILE B 4 -1.61 -16.63 -38.48
N ILE B 5 -1.68 -17.63 -39.37
CA ILE B 5 -2.28 -17.51 -40.69
C ILE B 5 -3.62 -18.21 -40.63
N VAL B 6 -4.67 -17.52 -41.09
CA VAL B 6 -6.04 -18.00 -41.01
C VAL B 6 -6.66 -17.91 -42.40
N ARG B 7 -7.31 -19.00 -42.85
CA ARG B 7 -8.21 -18.93 -43.98
C ARG B 7 -9.63 -19.15 -43.45
N GLY B 8 -10.58 -18.35 -43.97
CA GLY B 8 -11.97 -18.43 -43.51
C GLY B 8 -12.77 -19.43 -44.36
N GLY B 9 -14.02 -19.65 -43.99
CA GLY B 9 -14.91 -20.51 -44.76
C GLY B 9 -15.13 -21.90 -44.16
N ASN B 10 -14.55 -22.21 -43.00
CA ASN B 10 -14.73 -23.51 -42.39
C ASN B 10 -15.59 -23.45 -41.12
N GLN B 11 -16.45 -24.45 -40.97
CA GLN B 11 -17.27 -24.64 -39.79
C GLN B 11 -16.49 -25.38 -38.72
N LEU B 12 -16.63 -24.94 -37.47
CA LEU B 12 -15.96 -25.57 -36.35
C LEU B 12 -16.86 -26.69 -35.82
N ASN B 13 -16.27 -27.88 -35.63
CA ASN B 13 -16.97 -29.05 -35.13
C ASN B 13 -16.04 -29.82 -34.20
N GLY B 14 -16.57 -30.28 -33.07
CA GLY B 14 -15.81 -31.15 -32.18
C GLY B 14 -15.88 -30.71 -30.73
N THR B 15 -14.98 -31.25 -29.93
CA THR B 15 -14.85 -30.96 -28.51
C THR B 15 -13.57 -30.15 -28.28
N VAL B 16 -13.61 -29.17 -27.37
CA VAL B 16 -12.44 -28.41 -26.98
C VAL B 16 -12.30 -28.46 -25.46
N ARG B 17 -11.07 -28.76 -24.98
CA ARG B 17 -10.71 -28.68 -23.58
C ARG B 17 -10.21 -27.28 -23.25
N ILE B 18 -10.48 -26.82 -22.03
CA ILE B 18 -10.20 -25.46 -21.61
C ILE B 18 -9.23 -25.50 -20.44
N GLU B 19 -8.24 -24.62 -20.43
CA GLU B 19 -7.28 -24.52 -19.33
C GLU B 19 -7.95 -23.88 -18.11
N GLY B 20 -7.28 -24.04 -16.96
CA GLY B 20 -7.56 -23.29 -15.75
C GLY B 20 -7.39 -21.79 -15.95
N ALA B 21 -8.11 -21.02 -15.13
CA ALA B 21 -8.31 -19.60 -15.34
C ALA B 21 -7.05 -18.82 -15.02
N LYS B 22 -6.58 -18.04 -15.99
CA LYS B 22 -5.52 -17.07 -15.78
C LYS B 22 -5.86 -16.13 -14.61
N ASN B 23 -7.10 -15.64 -14.56
CA ASN B 23 -7.45 -14.58 -13.66
C ASN B 23 -7.71 -15.12 -12.24
N ALA B 24 -7.77 -16.45 -12.08
CA ALA B 24 -7.82 -17.08 -10.76
C ALA B 24 -6.41 -17.50 -10.32
N VAL B 25 -5.57 -17.95 -11.25
CA VAL B 25 -4.31 -18.58 -10.87
C VAL B 25 -3.34 -17.55 -10.32
N LEU B 26 -3.35 -16.33 -10.87
CA LEU B 26 -2.41 -15.31 -10.46
C LEU B 26 -2.62 -14.91 -8.99
N PRO B 27 -3.84 -14.52 -8.53
CA PRO B 27 -4.06 -14.25 -7.12
C PRO B 27 -3.91 -15.46 -6.20
N ILE B 28 -4.23 -16.67 -6.70
CA ILE B 28 -4.09 -17.88 -5.88
C ILE B 28 -2.61 -18.21 -5.67
N LEU B 29 -1.74 -17.91 -6.64
CA LEU B 29 -0.31 -18.02 -6.46
C LEU B 29 0.16 -17.08 -5.35
N ALA B 30 -0.35 -15.84 -5.36
CA ALA B 30 -0.06 -14.87 -4.31
C ALA B 30 -0.57 -15.38 -2.96
N ALA B 31 -1.72 -16.05 -2.96
CA ALA B 31 -2.34 -16.56 -1.74
C ALA B 31 -1.45 -17.61 -1.08
N SER B 32 -0.62 -18.28 -1.88
CA SER B 32 0.24 -19.36 -1.40
C SER B 32 1.34 -18.82 -0.48
N LEU B 33 1.59 -17.50 -0.52
CA LEU B 33 2.52 -16.83 0.37
C LEU B 33 2.02 -16.85 1.82
N LEU B 34 0.73 -17.07 2.02
CA LEU B 34 0.12 -17.02 3.34
C LEU B 34 0.47 -18.27 4.15
N ALA B 35 0.84 -19.37 3.47
CA ALA B 35 1.14 -20.63 4.14
C ALA B 35 2.56 -20.62 4.70
N GLU B 36 2.66 -20.48 6.03
CA GLU B 36 3.93 -20.36 6.73
C GLU B 36 4.61 -21.73 6.84
N GLU B 37 3.81 -22.80 6.78
CA GLU B 37 4.32 -24.17 6.81
C GLU B 37 3.58 -25.01 5.77
N GLY B 38 4.31 -25.93 5.14
CA GLY B 38 3.76 -26.88 4.19
C GLY B 38 4.09 -26.51 2.75
N ILE B 39 3.75 -27.42 1.82
CA ILE B 39 3.90 -27.23 0.39
C ILE B 39 2.52 -27.09 -0.23
N THR B 40 2.28 -25.95 -0.89
CA THR B 40 1.08 -25.71 -1.68
C THR B 40 1.23 -26.37 -3.04
N THR B 41 0.21 -27.13 -3.46
CA THR B 41 0.20 -27.75 -4.79
C THR B 41 -1.02 -27.26 -5.55
N LEU B 42 -0.80 -26.53 -6.66
CA LEU B 42 -1.86 -26.06 -7.53
C LEU B 42 -1.91 -26.93 -8.79
N ASP B 43 -3.12 -27.40 -9.10
CA ASP B 43 -3.38 -28.20 -10.29
C ASP B 43 -4.19 -27.38 -11.28
N ASN B 44 -4.17 -27.78 -12.55
CA ASN B 44 -4.90 -27.13 -13.64
C ASN B 44 -4.35 -25.73 -13.85
N VAL B 45 -3.03 -25.57 -13.67
CA VAL B 45 -2.36 -24.29 -13.92
C VAL B 45 -2.09 -24.20 -15.43
N PRO B 46 -2.57 -23.14 -16.11
CA PRO B 46 -2.32 -22.98 -17.55
C PRO B 46 -0.89 -22.52 -17.82
N ILE B 47 -0.34 -22.96 -18.96
CA ILE B 47 0.97 -22.54 -19.43
C ILE B 47 0.83 -21.21 -20.18
N LEU B 48 0.90 -20.09 -19.44
CA LEU B 48 0.79 -18.75 -20.02
C LEU B 48 1.96 -17.91 -19.53
N SER B 49 2.30 -16.84 -20.25
CA SER B 49 3.47 -16.05 -19.86
C SER B 49 3.23 -15.30 -18.55
N ASP B 50 1.97 -14.92 -18.26
CA ASP B 50 1.66 -14.26 -17.00
C ASP B 50 1.96 -15.17 -15.80
N VAL B 51 1.75 -16.48 -15.96
CA VAL B 51 2.08 -17.46 -14.91
C VAL B 51 3.59 -17.52 -14.68
N PHE B 52 4.38 -17.45 -15.75
CA PHE B 52 5.84 -17.44 -15.62
C PHE B 52 6.29 -16.18 -14.90
N THR B 53 5.69 -15.03 -15.25
CA THR B 53 6.03 -13.75 -14.62
C THR B 53 5.68 -13.78 -13.13
N MET B 54 4.49 -14.27 -12.81
CA MET B 54 4.04 -14.32 -11.42
C MET B 54 4.95 -15.25 -10.63
N ASN B 55 5.35 -16.38 -11.22
CA ASN B 55 6.26 -17.30 -10.56
C ASN B 55 7.60 -16.63 -10.24
N GLN B 56 8.09 -15.75 -11.13
CA GLN B 56 9.33 -15.03 -10.88
C GLN B 56 9.13 -14.04 -9.72
N VAL B 57 8.00 -13.32 -9.74
CA VAL B 57 7.69 -12.31 -8.73
C VAL B 57 7.80 -12.96 -7.34
N ILE B 58 7.22 -14.16 -7.23
CA ILE B 58 7.10 -14.87 -5.96
C ILE B 58 8.44 -15.44 -5.51
N ARG B 59 9.27 -15.93 -6.47
CA ARG B 59 10.61 -16.39 -6.14
C ARG B 59 11.43 -15.28 -5.51
N HIS B 60 11.35 -14.07 -6.09
CA HIS B 60 12.10 -12.92 -5.63
C HIS B 60 11.71 -12.52 -4.20
N LEU B 61 10.63 -13.11 -3.66
CA LEU B 61 10.24 -12.89 -2.27
C LEU B 61 10.76 -14.02 -1.37
N ASN B 62 11.72 -14.80 -1.88
CA ASN B 62 12.41 -15.85 -1.13
C ASN B 62 11.49 -17.07 -0.95
N VAL B 63 10.98 -17.58 -2.08
CA VAL B 63 10.03 -18.68 -2.11
C VAL B 63 10.44 -19.62 -3.24
N ASP B 64 10.29 -20.94 -3.02
CA ASP B 64 10.55 -21.93 -4.07
C ASP B 64 9.27 -22.24 -4.84
N VAL B 65 9.33 -22.04 -6.16
CA VAL B 65 8.21 -22.30 -7.04
C VAL B 65 8.69 -23.22 -8.16
N ASP B 66 8.12 -24.42 -8.25
CA ASP B 66 8.36 -25.33 -9.35
C ASP B 66 7.12 -25.49 -10.20
N PHE B 67 7.26 -25.25 -11.51
CA PHE B 67 6.19 -25.44 -12.47
C PHE B 67 6.47 -26.67 -13.34
N ASP B 68 5.78 -27.78 -13.06
CA ASP B 68 5.75 -28.94 -13.95
C ASP B 68 4.71 -28.71 -15.06
N GLU B 69 5.16 -28.24 -16.23
CA GLU B 69 4.27 -27.84 -17.32
C GLU B 69 3.50 -29.03 -17.88
N GLN B 70 4.10 -30.22 -17.84
CA GLN B 70 3.54 -31.43 -18.40
C GLN B 70 2.32 -31.86 -17.58
N LYS B 71 2.40 -31.68 -16.25
CA LYS B 71 1.32 -32.02 -15.34
C LYS B 71 0.41 -30.81 -15.07
N ASN B 72 0.73 -29.63 -15.63
CA ASN B 72 0.00 -28.40 -15.35
C ASN B 72 -0.09 -28.14 -13.85
N GLN B 73 1.07 -28.21 -13.17
CA GLN B 73 1.10 -28.24 -11.72
C GLN B 73 2.24 -27.38 -11.18
N VAL B 74 1.95 -26.62 -10.11
CA VAL B 74 2.92 -25.74 -9.48
C VAL B 74 2.97 -26.08 -7.99
N THR B 75 4.18 -26.33 -7.46
CA THR B 75 4.36 -26.51 -6.04
C THR B 75 5.03 -25.24 -5.49
N ILE B 76 4.57 -24.77 -4.32
CA ILE B 76 5.13 -23.58 -3.70
C ILE B 76 5.51 -23.91 -2.26
N ASP B 77 6.72 -23.49 -1.88
CA ASP B 77 7.20 -23.59 -0.51
C ASP B 77 7.54 -22.17 -0.02
N ALA B 78 6.66 -21.62 0.84
CA ALA B 78 6.86 -20.26 1.32
C ALA B 78 7.14 -20.25 2.83
N SER B 79 7.91 -21.23 3.30
CA SER B 79 8.07 -21.45 4.73
C SER B 79 9.27 -20.68 5.29
N ARG B 80 10.13 -20.15 4.42
CA ARG B 80 11.22 -19.28 4.84
C ARG B 80 10.68 -17.86 5.05
N GLN B 81 11.48 -17.04 5.75
CA GLN B 81 11.25 -15.61 5.90
C GLN B 81 11.16 -14.96 4.52
N LEU B 82 10.06 -14.24 4.26
CA LEU B 82 9.83 -13.59 2.98
C LEU B 82 10.59 -12.27 2.93
N GLU B 83 11.18 -11.96 1.74
CA GLU B 83 11.51 -10.61 1.36
C GLU B 83 10.22 -9.90 0.96
N ILE B 84 10.24 -8.56 0.87
CA ILE B 84 9.02 -7.77 0.82
C ILE B 84 8.95 -6.89 -0.44
N GLU B 85 9.86 -7.08 -1.39
CA GLU B 85 10.03 -6.12 -2.48
C GLU B 85 9.65 -6.74 -3.83
N ALA B 86 8.80 -6.03 -4.57
CA ALA B 86 8.37 -6.40 -5.93
C ALA B 86 8.68 -5.24 -6.89
N PRO B 87 9.80 -5.30 -7.66
CA PRO B 87 10.28 -4.11 -8.39
C PRO B 87 9.53 -3.79 -9.68
N TYR B 88 9.80 -2.62 -10.27
CA TYR B 88 9.13 -2.21 -11.49
C TYR B 88 9.50 -3.13 -12.66
N GLU B 89 10.65 -3.82 -12.57
CA GLU B 89 11.05 -4.79 -13.58
C GLU B 89 9.90 -5.76 -13.85
N TYR B 90 9.17 -6.19 -12.78
CA TYR B 90 8.10 -7.15 -12.91
C TYR B 90 6.74 -6.48 -13.05
N VAL B 91 6.49 -5.43 -12.27
CA VAL B 91 5.19 -4.77 -12.26
C VAL B 91 4.94 -4.09 -13.62
N SER B 92 6.01 -3.63 -14.31
CA SER B 92 5.86 -2.99 -15.61
C SER B 92 5.43 -3.98 -16.68
N GLN B 93 5.78 -5.28 -16.49
CA GLN B 93 5.38 -6.34 -17.42
C GLN B 93 3.92 -6.76 -17.17
N MET B 94 3.49 -6.68 -15.90
CA MET B 94 2.22 -7.29 -15.49
C MET B 94 1.79 -6.71 -14.15
N ARG B 95 0.76 -5.85 -14.14
CA ARG B 95 0.40 -5.11 -12.94
C ARG B 95 -0.35 -6.00 -11.94
N ALA B 96 -0.80 -7.19 -12.38
CA ALA B 96 -1.37 -8.17 -11.46
C ALA B 96 -0.40 -8.59 -10.36
N SER B 97 0.90 -8.34 -10.55
CA SER B 97 1.89 -8.75 -9.58
C SER B 97 1.76 -7.97 -8.27
N ILE B 98 0.92 -6.92 -8.23
CA ILE B 98 0.75 -6.15 -7.00
C ILE B 98 -0.11 -6.89 -5.99
N VAL B 99 -0.84 -7.94 -6.38
CA VAL B 99 -1.67 -8.66 -5.43
C VAL B 99 -0.82 -9.46 -4.44
N VAL B 100 0.52 -9.34 -4.49
CA VAL B 100 1.37 -9.91 -3.45
C VAL B 100 1.40 -8.97 -2.24
N MET B 101 0.92 -7.74 -2.40
CA MET B 101 0.99 -6.73 -1.37
C MET B 101 0.16 -7.16 -0.14
N GLY B 102 -1.02 -7.71 -0.39
CA GLY B 102 -1.93 -8.17 0.65
C GLY B 102 -1.32 -9.28 1.51
N PRO B 103 -0.90 -10.43 0.92
CA PRO B 103 -0.24 -11.49 1.68
C PRO B 103 1.03 -11.04 2.43
N LEU B 104 1.81 -10.13 1.82
CA LEU B 104 3.01 -9.59 2.46
C LEU B 104 2.64 -8.81 3.72
N LEU B 105 1.55 -8.03 3.67
CA LEU B 105 1.07 -7.32 4.85
C LEU B 105 0.63 -8.31 5.93
N ALA B 106 -0.09 -9.37 5.54
CA ALA B 106 -0.57 -10.37 6.48
C ALA B 106 0.58 -11.14 7.15
N ARG B 107 1.62 -11.52 6.38
CA ARG B 107 2.73 -12.33 6.89
C ARG B 107 3.73 -11.46 7.65
N ASN B 108 4.15 -10.36 7.02
CA ASN B 108 5.30 -9.56 7.45
C ASN B 108 4.87 -8.24 8.08
N GLY B 109 3.67 -7.74 7.76
CA GLY B 109 3.27 -6.39 8.15
C GLY B 109 4.03 -5.30 7.38
N HIS B 110 4.59 -5.69 6.22
CA HIS B 110 5.45 -4.82 5.43
C HIS B 110 5.43 -5.28 3.97
N ALA B 111 5.29 -4.33 3.05
CA ALA B 111 5.31 -4.61 1.62
C ALA B 111 5.84 -3.38 0.89
N LYS B 112 6.66 -3.60 -0.13
CA LYS B 112 7.26 -2.53 -0.92
C LYS B 112 7.11 -2.90 -2.38
N VAL B 113 6.10 -2.33 -3.05
CA VAL B 113 5.65 -2.78 -4.36
C VAL B 113 5.63 -1.59 -5.30
N ALA B 114 6.17 -1.79 -6.52
CA ALA B 114 6.23 -0.73 -7.51
C ALA B 114 4.80 -0.32 -7.90
N MET B 115 4.62 0.99 -8.02
CA MET B 115 3.36 1.58 -8.45
C MET B 115 3.20 1.22 -9.92
N PRO B 116 2.06 0.62 -10.34
CA PRO B 116 1.84 0.38 -11.77
C PRO B 116 1.78 1.67 -12.56
N GLY B 117 2.24 1.62 -13.81
CA GLY B 117 2.14 2.75 -14.72
C GLY B 117 0.96 2.58 -15.67
N GLY B 118 1.06 3.18 -16.86
CA GLY B 118 0.01 3.10 -17.87
C GLY B 118 -0.20 1.67 -18.39
N ALA B 120 -2.24 -0.11 -21.89
CA ALA B 120 -2.78 0.16 -23.22
C ALA B 120 -4.30 0.40 -23.18
N ILE B 121 -5.04 -0.48 -22.47
CA ILE B 121 -6.50 -0.54 -22.56
C ILE B 121 -7.17 0.42 -21.57
N GLY B 122 -6.37 1.14 -20.77
CA GLY B 122 -6.84 2.27 -19.99
C GLY B 122 -7.38 1.87 -18.63
N LYS B 123 -6.48 1.45 -17.74
CA LYS B 123 -6.83 0.85 -16.45
C LYS B 123 -7.07 1.94 -15.40
N ARG B 124 -7.59 1.51 -14.25
CA ARG B 124 -7.77 2.36 -13.09
C ARG B 124 -6.45 2.46 -12.31
N PRO B 125 -6.32 3.46 -11.41
CA PRO B 125 -5.21 3.48 -10.47
C PRO B 125 -5.46 2.47 -9.36
N ILE B 126 -4.53 2.36 -8.41
CA ILE B 126 -4.64 1.35 -7.39
C ILE B 126 -5.20 1.95 -6.09
N ASP B 127 -5.88 3.10 -6.21
CA ASP B 127 -6.42 3.85 -5.09
C ASP B 127 -7.25 2.98 -4.15
N LEU B 128 -8.06 2.08 -4.68
CA LEU B 128 -8.96 1.27 -3.87
C LEU B 128 -8.21 0.20 -3.07
N HIS B 129 -7.09 -0.31 -3.60
CA HIS B 129 -6.21 -1.19 -2.85
C HIS B 129 -5.72 -0.48 -1.60
N LEU B 130 -5.23 0.75 -1.79
CA LEU B 130 -4.62 1.52 -0.71
C LEU B 130 -5.66 1.95 0.31
N LYS B 131 -6.86 2.30 -0.17
CA LYS B 131 -7.98 2.63 0.70
C LYS B 131 -8.27 1.46 1.63
N GLY B 132 -8.31 0.27 1.06
CA GLY B 132 -8.53 -0.95 1.82
C GLY B 132 -7.45 -1.17 2.88
N PHE B 133 -6.19 -1.01 2.49
CA PHE B 133 -5.08 -1.29 3.40
C PHE B 133 -5.05 -0.24 4.52
N GLN B 134 -5.30 1.04 4.20
CA GLN B 134 -5.38 2.09 5.22
C GLN B 134 -6.50 1.79 6.20
N ALA B 135 -7.64 1.28 5.71
CA ALA B 135 -8.77 0.96 6.56
C ALA B 135 -8.41 -0.14 7.57
N LEU B 136 -7.44 -1.01 7.21
CA LEU B 136 -7.02 -2.11 8.07
C LEU B 136 -5.86 -1.73 9.00
N GLY B 137 -5.39 -0.48 8.90
CA GLY B 137 -4.41 0.04 9.84
C GLY B 137 -3.02 0.23 9.25
N ALA B 138 -2.90 0.21 7.91
CA ALA B 138 -1.64 0.33 7.22
C ALA B 138 -1.31 1.80 6.98
N LYS B 139 -0.03 2.15 7.17
CA LYS B 139 0.54 3.43 6.77
C LYS B 139 1.10 3.25 5.36
N ILE B 140 0.90 4.25 4.49
CA ILE B 140 1.31 4.16 3.10
C ILE B 140 2.27 5.30 2.77
N ILE B 141 3.49 4.99 2.33
CA ILE B 141 4.44 5.97 1.82
C ILE B 141 4.68 5.68 0.33
N GLN B 142 4.93 6.74 -0.44
CA GLN B 142 5.44 6.63 -1.80
C GLN B 142 6.84 7.27 -1.87
N LYS B 143 7.80 6.58 -2.51
CA LYS B 143 9.14 7.11 -2.77
C LYS B 143 9.73 6.28 -3.92
N ASN B 144 10.41 6.93 -4.88
CA ASN B 144 11.08 6.28 -6.00
C ASN B 144 10.14 5.32 -6.74
N GLY B 145 8.86 5.68 -6.89
CA GLY B 145 7.92 4.87 -7.65
C GLY B 145 7.48 3.57 -6.96
N TYR B 146 7.72 3.47 -5.64
CA TYR B 146 7.29 2.33 -4.83
C TYR B 146 6.20 2.79 -3.88
N ILE B 147 5.25 1.89 -3.63
CA ILE B 147 4.33 2.04 -2.52
C ILE B 147 4.85 1.18 -1.38
N GLU B 148 5.14 1.82 -0.24
CA GLU B 148 5.55 1.11 0.94
C GLU B 148 4.39 1.13 1.94
N ALA B 149 3.88 -0.06 2.27
CA ALA B 149 2.82 -0.23 3.24
C ALA B 149 3.39 -0.91 4.48
N ILE B 150 3.15 -0.30 5.65
CA ILE B 150 3.60 -0.82 6.94
C ILE B 150 2.37 -0.97 7.83
N ALA B 151 2.21 -2.15 8.46
CA ALA B 151 1.15 -2.36 9.44
C ALA B 151 1.65 -3.25 10.58
N ASP B 152 1.84 -2.63 11.75
CA ASP B 152 2.28 -3.35 12.95
C ASP B 152 1.21 -4.40 13.31
N GLU B 153 -0.05 -3.95 13.34
CA GLU B 153 -1.20 -4.83 13.54
C GLU B 153 -2.29 -4.47 12.53
N LEU B 154 -2.66 -5.45 11.70
CA LEU B 154 -3.84 -5.36 10.86
C LEU B 154 -5.08 -5.52 11.73
N ILE B 155 -6.04 -4.58 11.61
CA ILE B 155 -7.28 -4.63 12.37
C ILE B 155 -8.46 -4.53 11.40
N GLY B 156 -9.37 -5.50 11.51
CA GLY B 156 -10.58 -5.54 10.71
C GLY B 156 -11.43 -4.28 10.85
N ASN B 157 -12.12 -3.95 9.75
CA ASN B 157 -12.88 -2.73 9.62
C ASN B 157 -13.91 -2.93 8.51
N THR B 158 -14.88 -2.00 8.42
CA THR B 158 -15.80 -1.96 7.30
C THR B 158 -15.21 -1.09 6.19
N ILE B 159 -15.21 -1.64 4.97
CA ILE B 159 -14.59 -1.03 3.80
C ILE B 159 -15.61 -1.05 2.67
N TYR B 160 -15.95 0.12 2.15
CA TYR B 160 -16.82 0.28 1.02
C TYR B 160 -15.95 0.57 -0.20
N LEU B 161 -16.11 -0.28 -1.25
CA LEU B 161 -15.44 -0.04 -2.51
C LEU B 161 -16.33 0.80 -3.42
N ASP B 162 -15.80 1.93 -3.89
CA ASP B 162 -16.50 2.85 -4.78
C ASP B 162 -16.88 2.15 -6.07
N PHE B 163 -15.98 1.26 -6.52
CA PHE B 163 -16.22 0.41 -7.67
C PHE B 163 -15.89 -1.01 -7.23
N PRO B 164 -16.61 -2.06 -7.71
CA PRO B 164 -16.33 -3.44 -7.32
C PRO B 164 -15.09 -4.01 -8.03
N SER B 165 -13.94 -3.44 -7.71
CA SER B 165 -12.63 -3.78 -8.27
C SER B 165 -12.21 -5.19 -7.86
N VAL B 166 -12.00 -6.05 -8.86
CA VAL B 166 -11.51 -7.41 -8.69
C VAL B 166 -10.16 -7.42 -7.98
N GLY B 167 -9.22 -6.57 -8.46
CA GLY B 167 -7.87 -6.54 -7.93
C GLY B 167 -7.84 -6.06 -6.49
N ALA B 168 -8.55 -4.94 -6.19
CA ALA B 168 -8.61 -4.41 -4.85
C ALA B 168 -9.26 -5.42 -3.92
N THR B 169 -10.32 -6.08 -4.39
CA THR B 169 -11.01 -7.10 -3.61
C THR B 169 -10.05 -8.21 -3.21
N GLN B 170 -9.25 -8.71 -4.18
CA GLN B 170 -8.30 -9.79 -3.96
C GLN B 170 -7.22 -9.38 -2.97
N ASN B 171 -6.65 -8.21 -3.19
CA ASN B 171 -5.55 -7.71 -2.37
C ASN B 171 -6.02 -7.55 -0.92
N ILE B 172 -7.21 -6.98 -0.73
CA ILE B 172 -7.74 -6.71 0.60
C ILE B 172 -8.14 -8.01 1.30
N MET B 173 -8.78 -8.95 0.57
CA MET B 173 -9.16 -10.22 1.16
C MET B 173 -7.96 -10.88 1.80
N MET B 174 -6.83 -10.85 1.08
CA MET B 174 -5.65 -11.62 1.45
C MET B 174 -4.92 -10.98 2.64
N ALA B 175 -5.04 -9.65 2.81
CA ALA B 175 -4.57 -9.01 4.04
C ALA B 175 -5.51 -9.33 5.20
N ALA B 176 -6.82 -9.27 4.94
CA ALA B 176 -7.84 -9.30 5.98
C ALA B 176 -7.99 -10.68 6.63
N VAL B 177 -7.58 -11.75 5.94
CA VAL B 177 -7.78 -13.09 6.48
C VAL B 177 -6.94 -13.28 7.74
N LYS B 178 -5.93 -12.43 7.96
CA LYS B 178 -5.07 -12.49 9.15
C LYS B 178 -5.13 -11.23 9.99
N ALA B 179 -6.07 -10.32 9.72
CA ALA B 179 -6.31 -9.15 10.56
C ALA B 179 -7.06 -9.58 11.83
N LYS B 180 -6.92 -8.80 12.90
CA LYS B 180 -7.65 -9.06 14.13
C LYS B 180 -9.12 -8.64 13.95
N GLY B 181 -10.05 -9.57 14.21
CA GLY B 181 -11.46 -9.26 14.23
C GLY B 181 -12.10 -9.40 12.86
N THR B 182 -13.22 -8.72 12.69
CA THR B 182 -14.08 -8.82 11.53
C THR B 182 -13.75 -7.73 10.53
N THR B 183 -13.68 -8.14 9.25
CA THR B 183 -13.60 -7.23 8.12
C THR B 183 -14.88 -7.42 7.31
N ILE B 184 -15.42 -6.32 6.79
CA ILE B 184 -16.60 -6.36 5.94
C ILE B 184 -16.30 -5.51 4.72
N ILE B 185 -16.40 -6.11 3.53
CA ILE B 185 -16.15 -5.41 2.28
C ILE B 185 -17.49 -5.24 1.59
N GLU B 186 -17.90 -3.99 1.38
CA GLU B 186 -19.17 -3.69 0.77
C GLU B 186 -18.91 -3.21 -0.65
N ASN B 187 -19.75 -3.71 -1.58
CA ASN B 187 -19.61 -3.51 -3.02
C ASN B 187 -18.32 -4.20 -3.50
N VAL B 188 -18.08 -5.43 -2.98
CA VAL B 188 -17.01 -6.30 -3.44
C VAL B 188 -17.22 -6.71 -4.89
N ALA B 189 -16.12 -7.11 -5.54
CA ALA B 189 -16.17 -7.88 -6.76
C ALA B 189 -16.86 -9.23 -6.52
N ARG B 190 -17.70 -9.62 -7.48
CA ARG B 190 -18.56 -10.79 -7.39
C ARG B 190 -18.12 -11.86 -8.40
N GLU B 191 -17.02 -11.57 -9.14
CA GLU B 191 -16.56 -12.44 -10.23
C GLU B 191 -16.24 -13.85 -9.72
N PRO B 192 -16.39 -14.90 -10.56
CA PRO B 192 -16.08 -16.28 -10.17
C PRO B 192 -14.66 -16.57 -9.67
N GLU B 193 -13.71 -15.73 -10.09
CA GLU B 193 -12.32 -15.80 -9.67
C GLU B 193 -12.18 -15.47 -8.19
N ILE B 194 -13.01 -14.53 -7.70
CA ILE B 194 -13.10 -14.17 -6.30
C ILE B 194 -13.57 -15.37 -5.49
N VAL B 195 -14.54 -16.11 -6.04
CA VAL B 195 -15.08 -17.27 -5.37
C VAL B 195 -14.00 -18.34 -5.25
N ASP B 196 -13.20 -18.54 -6.31
CA ASP B 196 -12.19 -19.59 -6.29
C ASP B 196 -11.10 -19.22 -5.28
N LEU B 197 -10.71 -17.94 -5.27
CA LEU B 197 -9.75 -17.45 -4.28
C LEU B 197 -10.28 -17.67 -2.87
N ALA B 198 -11.55 -17.34 -2.61
CA ALA B 198 -12.15 -17.54 -1.30
C ALA B 198 -12.15 -19.03 -0.92
N ASN B 199 -12.39 -19.88 -1.91
CA ASN B 199 -12.51 -21.31 -1.68
C ASN B 199 -11.16 -21.87 -1.21
N ILE B 200 -10.04 -21.40 -1.79
CA ILE B 200 -8.74 -21.91 -1.36
C ILE B 200 -8.37 -21.33 0.00
N LEU B 201 -8.58 -20.03 0.20
CA LEU B 201 -8.31 -19.41 1.50
C LEU B 201 -9.02 -20.15 2.62
N ASN B 202 -10.29 -20.54 2.39
CA ASN B 202 -11.05 -21.26 3.40
C ASN B 202 -10.43 -22.61 3.71
N LYS B 203 -9.94 -23.33 2.69
CA LYS B 203 -9.27 -24.61 2.87
C LYS B 203 -7.97 -24.43 3.65
N MET B 204 -7.32 -23.27 3.46
CA MET B 204 -6.06 -22.95 4.10
C MET B 204 -6.26 -22.58 5.58
N GLY B 205 -7.51 -22.47 6.02
CA GLY B 205 -7.82 -22.23 7.43
C GLY B 205 -8.50 -20.89 7.68
N ALA B 206 -8.75 -20.11 6.61
CA ALA B 206 -9.34 -18.78 6.74
C ALA B 206 -10.86 -18.89 6.92
N GLN B 207 -11.50 -17.75 7.22
CA GLN B 207 -12.94 -17.69 7.36
C GLN B 207 -13.49 -16.54 6.51
N VAL B 208 -13.82 -16.86 5.25
CA VAL B 208 -14.35 -15.90 4.31
C VAL B 208 -15.78 -16.30 3.97
N TYR B 209 -16.74 -15.40 4.24
CA TYR B 209 -18.15 -15.61 4.01
C TYR B 209 -18.64 -14.67 2.92
N GLY B 210 -19.59 -15.13 2.11
CA GLY B 210 -20.32 -14.27 1.18
C GLY B 210 -19.61 -14.02 -0.14
N ALA B 211 -18.61 -14.85 -0.47
CA ALA B 211 -17.90 -14.69 -1.74
C ALA B 211 -18.88 -14.95 -2.88
N GLY B 212 -18.91 -14.04 -3.87
CA GLY B 212 -19.85 -14.11 -4.98
C GLY B 212 -21.09 -13.23 -4.74
N THR B 213 -21.30 -12.77 -3.49
CA THR B 213 -22.41 -11.88 -3.15
C THR B 213 -21.89 -10.44 -2.99
N GLU B 214 -22.82 -9.54 -2.66
CA GLU B 214 -22.59 -8.10 -2.65
C GLU B 214 -21.71 -7.70 -1.46
N THR B 215 -21.77 -8.50 -0.39
CA THR B 215 -21.07 -8.25 0.85
C THR B 215 -20.24 -9.46 1.23
N MET B 216 -18.96 -9.20 1.55
CA MET B 216 -18.05 -10.24 1.98
C MET B 216 -17.68 -9.97 3.44
N ARG B 217 -17.67 -11.02 4.25
CA ARG B 217 -17.34 -10.95 5.68
C ARG B 217 -16.16 -11.87 5.97
N ILE B 218 -15.12 -11.34 6.61
CA ILE B 218 -13.91 -12.09 6.87
C ILE B 218 -13.61 -12.02 8.37
N GLU B 219 -13.44 -13.20 8.98
CA GLU B 219 -13.01 -13.33 10.37
C GLU B 219 -11.53 -13.72 10.37
N GLY B 220 -10.71 -12.87 11.00
CA GLY B 220 -9.27 -13.07 11.01
C GLY B 220 -8.89 -14.33 11.77
N VAL B 221 -7.76 -14.93 11.37
CA VAL B 221 -7.22 -16.13 12.02
C VAL B 221 -5.72 -15.91 12.21
N ASP B 222 -5.13 -16.71 13.11
CA ASP B 222 -3.72 -16.60 13.45
C ASP B 222 -2.85 -17.33 12.41
N HIS B 223 -3.29 -18.53 11.99
CA HIS B 223 -2.44 -19.40 11.18
C HIS B 223 -3.19 -19.95 9.97
N LEU B 224 -2.48 -19.97 8.83
CA LEU B 224 -2.94 -20.58 7.59
C LEU B 224 -1.94 -21.64 7.14
N HIS B 225 -2.45 -22.75 6.60
CA HIS B 225 -1.62 -23.87 6.19
C HIS B 225 -1.76 -24.08 4.67
N ALA B 226 -0.85 -24.88 4.09
CA ALA B 226 -0.83 -25.16 2.67
C ALA B 226 -1.82 -26.27 2.33
N VAL B 227 -2.34 -26.25 1.09
CA VAL B 227 -3.35 -27.17 0.62
C VAL B 227 -3.09 -27.54 -0.84
N ASN B 228 -3.82 -28.55 -1.35
CA ASN B 228 -3.93 -28.82 -2.78
C ASN B 228 -5.19 -28.12 -3.30
N HIS B 229 -5.08 -27.47 -4.48
CA HIS B 229 -6.22 -26.83 -5.09
C HIS B 229 -6.12 -26.93 -6.61
N SER B 230 -7.26 -27.25 -7.25
CA SER B 230 -7.42 -27.24 -8.69
CA SER B 230 -7.42 -27.24 -8.69
C SER B 230 -8.04 -25.92 -9.14
N ILE B 231 -7.35 -25.17 -10.00
CA ILE B 231 -7.84 -23.89 -10.48
C ILE B 231 -9.12 -24.12 -11.28
N VAL B 232 -10.10 -23.24 -11.08
CA VAL B 232 -11.35 -23.27 -11.83
C VAL B 232 -11.07 -23.09 -13.33
N GLN B 233 -11.91 -23.69 -14.18
CA GLN B 233 -11.82 -23.52 -15.62
C GLN B 233 -11.86 -22.03 -15.99
N ASP B 234 -11.14 -21.65 -17.06
CA ASP B 234 -11.12 -20.30 -17.59
C ASP B 234 -12.39 -20.02 -18.38
N ARG B 235 -13.26 -19.14 -17.84
CA ARG B 235 -14.55 -18.85 -18.43
C ARG B 235 -14.40 -18.01 -19.68
N ILE B 236 -13.27 -17.26 -19.76
CA ILE B 236 -12.99 -16.40 -20.91
C ILE B 236 -12.44 -17.22 -22.08
N GLU B 237 -11.54 -18.20 -21.83
CA GLU B 237 -11.10 -19.08 -22.89
C GLU B 237 -12.33 -19.85 -23.40
N ALA B 238 -13.13 -20.39 -22.47
CA ALA B 238 -14.37 -21.08 -22.83
C ALA B 238 -15.23 -20.20 -23.72
N GLY B 239 -15.46 -18.95 -23.28
CA GLY B 239 -16.34 -18.03 -23.99
C GLY B 239 -15.83 -17.70 -25.39
N THR B 240 -14.50 -17.60 -25.52
CA THR B 240 -13.87 -17.36 -26.80
C THR B 240 -14.25 -18.44 -27.81
N PHE B 241 -14.27 -19.70 -27.35
CA PHE B 241 -14.59 -20.82 -28.23
C PHE B 241 -16.09 -20.87 -28.51
N MET B 242 -16.92 -20.42 -27.55
CA MET B 242 -18.36 -20.31 -27.76
C MET B 242 -18.67 -19.33 -28.89
N VAL B 243 -17.97 -18.19 -28.92
CA VAL B 243 -18.11 -17.19 -29.97
C VAL B 243 -17.66 -17.78 -31.32
N ALA B 244 -16.55 -18.54 -31.32
CA ALA B 244 -16.00 -19.11 -32.55
C ALA B 244 -16.99 -20.07 -33.18
N ALA B 245 -17.61 -20.92 -32.34
CA ALA B 245 -18.65 -21.84 -32.77
C ALA B 245 -19.86 -21.07 -33.32
N ALA B 246 -20.25 -20.01 -32.62
CA ALA B 246 -21.47 -19.28 -32.96
C ALA B 246 -21.31 -18.54 -34.28
N MET B 247 -20.08 -18.16 -34.67
CA MET B 247 -19.89 -17.35 -35.85
C MET B 247 -19.52 -18.18 -37.08
N THR B 248 -19.32 -19.50 -36.94
CA THR B 248 -18.85 -20.30 -38.06
C THR B 248 -19.87 -21.38 -38.41
N GLN B 249 -21.15 -21.19 -38.07
CA GLN B 249 -22.17 -22.24 -38.16
C GLN B 249 -21.66 -23.54 -37.53
N GLY B 250 -21.02 -23.42 -36.37
CA GLY B 250 -20.30 -24.53 -35.78
C GLY B 250 -21.21 -25.42 -34.94
N ASN B 251 -20.63 -26.52 -34.46
CA ASN B 251 -21.23 -27.38 -33.47
C ASN B 251 -20.11 -27.88 -32.58
N VAL B 252 -19.92 -27.19 -31.45
CA VAL B 252 -18.73 -27.35 -30.61
C VAL B 252 -19.17 -27.59 -29.18
N LEU B 253 -18.64 -28.64 -28.56
CA LEU B 253 -18.81 -28.90 -27.15
C LEU B 253 -17.59 -28.34 -26.41
N ILE B 254 -17.85 -27.40 -25.48
CA ILE B 254 -16.81 -26.90 -24.61
C ILE B 254 -16.83 -27.77 -23.36
N ALA B 255 -15.80 -28.63 -23.25
CA ALA B 255 -15.75 -29.69 -22.25
C ALA B 255 -15.75 -29.09 -20.84
N ASP B 256 -16.71 -29.56 -20.02
CA ASP B 256 -16.83 -29.25 -18.61
C ASP B 256 -17.04 -27.76 -18.35
N ALA B 257 -17.65 -27.06 -19.31
CA ALA B 257 -17.90 -25.63 -19.20
C ALA B 257 -18.95 -25.37 -18.12
N ILE B 258 -18.71 -24.34 -17.31
CA ILE B 258 -19.59 -23.93 -16.23
C ILE B 258 -20.44 -22.77 -16.74
N SER B 259 -21.71 -23.07 -17.03
CA SER B 259 -22.57 -22.14 -17.74
C SER B 259 -22.93 -20.94 -16.86
N GLU B 260 -22.95 -21.14 -15.52
CA GLU B 260 -23.26 -20.08 -14.58
C GLU B 260 -22.16 -19.01 -14.60
N HIS B 261 -20.98 -19.35 -15.15
CA HIS B 261 -19.89 -18.38 -15.32
C HIS B 261 -19.96 -17.65 -16.67
N ASN B 262 -20.92 -17.97 -17.54
CA ASN B 262 -21.13 -17.23 -18.78
C ASN B 262 -22.63 -16.99 -19.03
N ARG B 263 -23.40 -16.55 -18.02
CA ARG B 263 -24.83 -16.32 -18.24
C ARG B 263 -25.03 -15.20 -19.27
N PRO B 264 -24.35 -14.03 -19.15
CA PRO B 264 -24.46 -12.97 -20.14
C PRO B 264 -24.11 -13.37 -21.58
N LEU B 265 -22.94 -13.96 -21.78
CA LEU B 265 -22.50 -14.37 -23.11
C LEU B 265 -23.44 -15.39 -23.75
N ILE B 266 -23.85 -16.40 -22.97
CA ILE B 266 -24.78 -17.41 -23.46
C ILE B 266 -26.08 -16.76 -23.92
N SER B 267 -26.63 -15.86 -23.09
CA SER B 267 -27.89 -15.18 -23.39
C SER B 267 -27.75 -14.37 -24.67
N LYS B 268 -26.62 -13.65 -24.81
CA LYS B 268 -26.42 -12.77 -25.96
C LYS B 268 -26.22 -13.59 -27.23
N LEU B 269 -25.49 -14.71 -27.16
CA LEU B 269 -25.27 -15.53 -28.34
C LEU B 269 -26.60 -16.14 -28.79
N ILE B 270 -27.45 -16.56 -27.85
CA ILE B 270 -28.79 -17.03 -28.18
C ILE B 270 -29.61 -15.91 -28.83
N GLU B 271 -29.49 -14.66 -28.39
CA GLU B 271 -30.16 -13.54 -29.06
C GLU B 271 -29.67 -13.38 -30.50
N MET B 272 -28.42 -13.80 -30.79
CA MET B 272 -27.85 -13.68 -32.12
C MET B 272 -28.19 -14.89 -32.99
N GLY B 273 -28.84 -15.90 -32.39
CA GLY B 273 -29.40 -17.00 -33.15
C GLY B 273 -28.80 -18.35 -32.79
N ALA B 274 -27.81 -18.38 -31.90
CA ALA B 274 -27.16 -19.62 -31.51
C ALA B 274 -28.13 -20.47 -30.69
N GLU B 275 -27.94 -21.79 -30.77
CA GLU B 275 -28.56 -22.75 -29.88
C GLU B 275 -27.47 -23.25 -28.93
N ILE B 276 -27.71 -23.16 -27.62
CA ILE B 276 -26.72 -23.50 -26.61
C ILE B 276 -27.36 -24.43 -25.58
N ILE B 277 -26.72 -25.58 -25.35
CA ILE B 277 -27.29 -26.69 -24.61
C ILE B 277 -26.32 -27.11 -23.52
N GLU B 278 -26.80 -27.21 -22.27
CA GLU B 278 -26.03 -27.82 -21.19
C GLU B 278 -26.17 -29.34 -21.30
N GLU B 279 -25.04 -30.04 -21.38
CA GLU B 279 -24.99 -31.50 -21.49
C GLU B 279 -24.17 -32.06 -20.34
N GLU B 280 -24.20 -33.39 -20.14
CA GLU B 280 -23.36 -34.03 -19.13
C GLU B 280 -21.90 -33.61 -19.31
N GLY B 281 -21.41 -33.52 -20.56
CA GLY B 281 -20.00 -33.32 -20.85
C GLY B 281 -19.57 -31.87 -20.97
N GLY B 282 -20.53 -30.92 -20.97
CA GLY B 282 -20.21 -29.50 -21.04
C GLY B 282 -21.31 -28.71 -21.75
N VAL B 283 -20.93 -27.58 -22.36
CA VAL B 283 -21.87 -26.71 -23.04
C VAL B 283 -21.64 -26.80 -24.55
N ARG B 284 -22.70 -27.16 -25.29
CA ARG B 284 -22.64 -27.23 -26.75
C ARG B 284 -23.18 -25.95 -27.34
N VAL B 285 -22.43 -25.39 -28.32
CA VAL B 285 -22.84 -24.20 -29.04
C VAL B 285 -23.04 -24.57 -30.52
N ILE B 286 -24.23 -24.27 -31.05
CA ILE B 286 -24.55 -24.49 -32.45
C ILE B 286 -24.80 -23.13 -33.09
N GLY B 287 -23.95 -22.75 -34.04
CA GLY B 287 -24.02 -21.46 -34.70
C GLY B 287 -25.13 -21.41 -35.73
N PRO B 288 -25.88 -20.29 -35.85
CA PRO B 288 -26.98 -20.19 -36.78
C PRO B 288 -26.52 -19.90 -38.21
N LYS B 289 -27.41 -20.17 -39.16
CA LYS B 289 -27.13 -19.87 -40.56
C LYS B 289 -27.17 -18.35 -40.76
N HIS B 290 -28.09 -17.67 -40.05
CA HIS B 290 -28.18 -16.21 -40.09
C HIS B 290 -27.85 -15.64 -38.70
N ILE B 291 -26.68 -15.00 -38.61
CA ILE B 291 -26.25 -14.33 -37.38
C ILE B 291 -26.99 -12.99 -37.27
N LEU B 292 -27.72 -12.81 -36.16
CA LEU B 292 -28.55 -11.63 -35.96
C LEU B 292 -27.80 -10.61 -35.11
N PRO B 293 -27.93 -9.30 -35.40
CA PRO B 293 -27.30 -8.26 -34.59
C PRO B 293 -27.86 -8.22 -33.16
N THR B 294 -27.02 -7.73 -32.23
CA THR B 294 -27.39 -7.52 -30.85
C THR B 294 -26.48 -6.44 -30.30
N ASP B 295 -26.95 -5.70 -29.29
CA ASP B 295 -26.16 -4.71 -28.60
C ASP B 295 -25.62 -5.32 -27.31
N VAL B 296 -24.46 -4.83 -26.88
CA VAL B 296 -23.73 -5.39 -25.75
C VAL B 296 -23.28 -4.23 -24.86
N LYS B 297 -23.45 -4.40 -23.56
CA LYS B 297 -22.94 -3.42 -22.60
C LYS B 297 -22.14 -4.15 -21.53
N THR B 298 -20.85 -3.80 -21.42
CA THR B 298 -20.00 -4.40 -20.40
C THR B 298 -20.24 -3.73 -19.05
N MET B 299 -20.13 -4.55 -18.00
CA MET B 299 -20.34 -4.12 -16.63
C MET B 299 -19.61 -5.10 -15.72
N PRO B 300 -19.35 -4.72 -14.45
CA PRO B 300 -18.97 -5.69 -13.43
C PRO B 300 -19.91 -6.87 -13.40
N HIS B 301 -19.38 -8.05 -13.08
CA HIS B 301 -20.20 -9.21 -12.83
C HIS B 301 -21.32 -8.83 -11.85
N PRO B 302 -22.60 -9.22 -12.06
CA PRO B 302 -23.02 -10.21 -13.08
C PRO B 302 -23.44 -9.74 -14.48
N GLY B 303 -23.04 -8.52 -14.86
CA GLY B 303 -23.24 -8.05 -16.22
C GLY B 303 -22.22 -8.63 -17.20
N PHE B 304 -22.26 -8.14 -18.45
CA PHE B 304 -21.50 -8.75 -19.53
C PHE B 304 -20.01 -8.47 -19.31
N PRO B 305 -19.13 -9.50 -19.28
CA PRO B 305 -17.71 -9.32 -18.96
C PRO B 305 -16.93 -8.56 -20.03
N THR B 306 -16.18 -7.53 -19.61
CA THR B 306 -15.33 -6.80 -20.50
C THR B 306 -14.30 -7.75 -21.16
N ASP B 307 -13.85 -8.80 -20.46
CA ASP B 307 -12.86 -9.72 -21.03
C ASP B 307 -13.43 -10.54 -22.20
N MET B 308 -14.75 -10.50 -22.44
CA MET B 308 -15.36 -11.14 -23.61
C MET B 308 -15.69 -10.13 -24.72
N GLN B 309 -15.54 -8.82 -24.45
CA GLN B 309 -15.95 -7.77 -25.37
C GLN B 309 -15.26 -7.88 -26.74
N ALA B 310 -13.94 -7.94 -26.80
CA ALA B 310 -13.23 -7.95 -28.08
C ALA B 310 -13.69 -9.13 -28.95
N GLN B 311 -13.72 -10.32 -28.36
CA GLN B 311 -14.18 -11.52 -29.04
C GLN B 311 -15.60 -11.32 -29.56
N MET B 312 -16.44 -10.69 -28.76
CA MET B 312 -17.85 -10.50 -29.11
C MET B 312 -18.00 -9.52 -30.28
N THR B 313 -17.11 -8.52 -30.40
CA THR B 313 -17.19 -7.59 -31.52
C THR B 313 -16.94 -8.31 -32.85
N ALA B 314 -16.14 -9.40 -32.80
CA ALA B 314 -15.85 -10.18 -33.99
C ALA B 314 -17.13 -10.80 -34.56
N ILE B 315 -17.99 -11.36 -33.70
CA ILE B 315 -19.24 -11.94 -34.19
C ILE B 315 -20.24 -10.84 -34.51
N GLN B 316 -20.23 -9.70 -33.78
CA GLN B 316 -21.11 -8.59 -34.09
C GLN B 316 -20.79 -8.01 -35.48
N LEU B 317 -19.52 -8.06 -35.87
CA LEU B 317 -19.09 -7.51 -37.15
C LEU B 317 -19.44 -8.38 -38.35
N VAL B 318 -19.95 -9.60 -38.13
CA VAL B 318 -20.42 -10.43 -39.25
C VAL B 318 -21.93 -10.68 -39.13
N ALA B 319 -22.58 -10.07 -38.14
CA ALA B 319 -24.03 -10.17 -38.00
C ALA B 319 -24.73 -9.38 -39.12
N GLU B 320 -25.98 -9.78 -39.42
CA GLU B 320 -26.73 -9.23 -40.53
C GLU B 320 -27.49 -7.98 -40.10
N GLY B 321 -26.74 -6.88 -39.88
CA GLY B 321 -27.29 -5.61 -39.45
C GLY B 321 -26.27 -4.79 -38.65
N THR B 322 -26.78 -3.73 -38.00
CA THR B 322 -25.96 -2.86 -37.17
C THR B 322 -26.05 -3.27 -35.70
N SER B 323 -24.90 -3.36 -35.02
CA SER B 323 -24.81 -3.73 -33.61
C SER B 323 -24.02 -2.64 -32.89
N VAL B 324 -24.29 -2.46 -31.60
CA VAL B 324 -23.64 -1.45 -30.79
C VAL B 324 -23.00 -2.12 -29.59
N VAL B 325 -21.79 -1.69 -29.24
CA VAL B 325 -21.15 -2.15 -28.01
C VAL B 325 -20.79 -0.93 -27.19
N THR B 326 -20.98 -1.05 -25.87
CA THR B 326 -20.69 0.01 -24.93
C THR B 326 -19.78 -0.56 -23.87
N GLU B 327 -18.60 0.03 -23.74
CA GLU B 327 -17.59 -0.47 -22.81
C GLU B 327 -17.55 0.49 -21.61
N THR B 328 -18.07 0.04 -20.46
CA THR B 328 -18.17 0.89 -19.27
C THR B 328 -17.10 0.52 -18.23
N VAL B 329 -16.24 -0.46 -18.49
CA VAL B 329 -15.26 -0.89 -17.51
C VAL B 329 -13.87 -0.37 -17.88
N PHE B 330 -13.53 -0.27 -19.17
CA PHE B 330 -12.22 0.18 -19.59
C PHE B 330 -12.36 1.32 -20.60
N GLU B 331 -11.39 2.24 -20.58
CA GLU B 331 -11.49 3.50 -21.28
C GLU B 331 -11.13 3.33 -22.76
N ASN B 332 -10.12 2.49 -23.04
CA ASN B 332 -9.55 2.41 -24.37
C ASN B 332 -9.36 0.96 -24.82
N ARG B 333 -10.46 0.21 -24.91
CA ARG B 333 -10.41 -1.21 -25.23
C ARG B 333 -11.15 -1.47 -26.53
N PHE B 334 -10.98 -0.57 -27.53
CA PHE B 334 -11.52 -0.73 -28.86
C PHE B 334 -10.43 -0.68 -29.93
N GLN B 335 -9.17 -0.85 -29.56
CA GLN B 335 -8.06 -0.69 -30.50
C GLN B 335 -8.08 -1.81 -31.54
N HIS B 336 -8.59 -2.99 -31.18
CA HIS B 336 -8.77 -4.08 -32.13
C HIS B 336 -9.71 -3.67 -33.27
N LEU B 337 -10.74 -2.87 -32.98
CA LEU B 337 -11.65 -2.41 -34.02
C LEU B 337 -10.94 -1.44 -34.95
N GLU B 338 -10.00 -0.64 -34.44
CA GLU B 338 -9.21 0.23 -35.29
C GLU B 338 -8.41 -0.61 -36.28
N GLU B 339 -7.83 -1.75 -35.82
CA GLU B 339 -7.06 -2.63 -36.69
C GLU B 339 -7.95 -3.30 -37.72
N MET B 340 -9.15 -3.73 -37.31
CA MET B 340 -10.03 -4.51 -38.15
C MET B 340 -10.58 -3.68 -39.31
N ARG B 341 -10.30 -2.37 -39.33
CA ARG B 341 -10.55 -1.57 -40.51
C ARG B 341 -9.70 -2.05 -41.67
N ARG B 342 -8.52 -2.58 -41.37
CA ARG B 342 -7.65 -3.19 -42.37
C ARG B 342 -8.31 -4.42 -43.01
N MET B 343 -9.21 -5.06 -42.25
CA MET B 343 -9.98 -6.21 -42.71
C MET B 343 -11.35 -5.77 -43.27
N ASN B 344 -11.51 -4.48 -43.58
CA ASN B 344 -12.73 -3.93 -44.17
C ASN B 344 -13.91 -3.87 -43.19
N ALA B 345 -13.64 -3.90 -41.88
CA ALA B 345 -14.69 -3.71 -40.89
C ALA B 345 -15.21 -2.28 -40.95
N HIS B 346 -16.54 -2.14 -41.09
CA HIS B 346 -17.20 -0.84 -41.00
C HIS B 346 -17.65 -0.57 -39.57
N VAL B 347 -16.94 0.34 -38.88
CA VAL B 347 -17.19 0.59 -37.48
C VAL B 347 -16.94 2.07 -37.20
N LYS B 348 -17.82 2.70 -36.41
CA LYS B 348 -17.64 4.07 -35.94
C LYS B 348 -17.49 4.05 -34.43
N ILE B 349 -16.48 4.76 -33.93
CA ILE B 349 -16.15 4.78 -32.51
C ILE B 349 -16.30 6.22 -32.02
N ASP B 350 -16.95 6.41 -30.86
CA ASP B 350 -17.01 7.70 -30.20
C ASP B 350 -17.08 7.46 -28.69
N GLY B 351 -16.02 7.85 -28.00
CA GLY B 351 -15.93 7.61 -26.57
C GLY B 351 -15.91 6.11 -26.32
N ASN B 352 -16.87 5.64 -25.53
CA ASN B 352 -16.89 4.24 -25.11
C ASN B 352 -18.04 3.50 -25.80
N VAL B 353 -18.47 4.00 -26.96
CA VAL B 353 -19.45 3.35 -27.82
C VAL B 353 -18.83 3.03 -29.17
N ALA B 354 -19.17 1.87 -29.73
CA ALA B 354 -18.74 1.50 -31.07
C ALA B 354 -19.92 0.93 -31.84
N ILE B 355 -20.03 1.32 -33.11
CA ILE B 355 -21.20 1.05 -33.94
C ILE B 355 -20.73 0.25 -35.14
N MET B 356 -21.17 -1.01 -35.23
CA MET B 356 -20.61 -1.94 -36.19
C MET B 356 -21.66 -2.33 -37.22
N ASP B 357 -21.32 -2.15 -38.50
CA ASP B 357 -22.20 -2.50 -39.60
C ASP B 357 -21.66 -3.79 -40.24
N GLY B 358 -22.37 -4.90 -40.02
CA GLY B 358 -21.91 -6.22 -40.43
C GLY B 358 -22.41 -6.63 -41.81
N ASN B 359 -23.05 -5.71 -42.57
CA ASN B 359 -23.48 -6.01 -43.92
C ASN B 359 -22.34 -5.67 -44.90
N HIS B 360 -21.14 -6.17 -44.59
CA HIS B 360 -19.95 -6.02 -45.42
C HIS B 360 -19.08 -7.24 -45.17
N GLU B 361 -18.46 -7.77 -46.23
CA GLU B 361 -17.59 -8.93 -46.08
C GLU B 361 -16.25 -8.48 -45.47
N LEU B 362 -15.80 -9.22 -44.46
CA LEU B 362 -14.45 -9.06 -43.94
C LEU B 362 -13.45 -9.59 -44.96
N GLN B 363 -12.26 -9.00 -44.95
CA GLN B 363 -11.22 -9.30 -45.89
C GLN B 363 -9.93 -9.63 -45.12
N GLY B 364 -9.24 -10.70 -45.54
CA GLY B 364 -7.94 -11.01 -44.99
C GLY B 364 -6.94 -9.86 -45.19
N ALA B 365 -6.11 -9.64 -44.16
CA ALA B 365 -5.03 -8.68 -44.21
C ALA B 365 -4.04 -8.99 -43.09
N GLU B 366 -2.82 -8.42 -43.18
CA GLU B 366 -1.87 -8.44 -42.07
C GLU B 366 -2.40 -7.49 -40.98
N VAL B 367 -2.50 -7.99 -39.75
CA VAL B 367 -3.03 -7.21 -38.62
C VAL B 367 -2.19 -7.50 -37.38
N TYR B 368 -1.92 -6.45 -36.59
CA TYR B 368 -1.13 -6.52 -35.37
C TYR B 368 -2.05 -6.44 -34.15
N ALA B 369 -1.96 -7.42 -33.25
CA ALA B 369 -2.66 -7.39 -31.98
C ALA B 369 -2.08 -6.30 -31.09
N THR B 370 -2.92 -5.76 -30.20
CA THR B 370 -2.59 -4.64 -29.31
C THR B 370 -2.65 -5.08 -27.84
N ASP B 371 -3.32 -6.20 -27.57
CA ASP B 371 -3.51 -6.70 -26.23
C ASP B 371 -4.03 -8.14 -26.33
N LEU B 372 -4.07 -8.82 -25.19
CA LEU B 372 -4.42 -10.23 -25.13
C LEU B 372 -5.69 -10.56 -25.92
N ARG B 373 -6.83 -9.93 -25.59
CA ARG B 373 -8.11 -10.35 -26.13
C ARG B 373 -8.28 -9.86 -27.57
N ALA B 374 -7.64 -8.73 -27.91
CA ALA B 374 -7.62 -8.26 -29.28
C ALA B 374 -6.98 -9.33 -30.18
N ALA B 375 -5.94 -10.00 -29.71
CA ALA B 375 -5.29 -11.04 -30.50
C ALA B 375 -6.28 -12.16 -30.84
N ALA B 376 -7.03 -12.62 -29.84
CA ALA B 376 -8.03 -13.66 -30.05
C ALA B 376 -9.12 -13.17 -31.02
N ALA B 377 -9.54 -11.90 -30.87
CA ALA B 377 -10.61 -11.35 -31.70
C ALA B 377 -10.22 -11.31 -33.18
N LEU B 378 -8.96 -10.96 -33.46
CA LEU B 378 -8.45 -10.90 -34.82
C LEU B 378 -8.40 -12.29 -35.48
N VAL B 379 -8.06 -13.31 -34.69
CA VAL B 379 -8.06 -14.69 -35.18
C VAL B 379 -9.48 -15.12 -35.52
N LEU B 380 -10.42 -14.85 -34.60
CA LEU B 380 -11.84 -15.15 -34.80
C LEU B 380 -12.37 -14.44 -36.06
N ALA B 381 -11.99 -13.19 -36.27
CA ALA B 381 -12.43 -12.46 -37.44
C ALA B 381 -11.90 -13.16 -38.70
N GLY B 382 -10.67 -13.67 -38.61
CA GLY B 382 -10.03 -14.41 -39.68
C GLY B 382 -10.87 -15.62 -40.12
N LEU B 383 -11.56 -16.26 -39.17
CA LEU B 383 -12.38 -17.44 -39.43
C LEU B 383 -13.52 -17.13 -40.40
N LYS B 384 -13.91 -15.85 -40.48
CA LYS B 384 -15.03 -15.43 -41.30
C LYS B 384 -14.60 -14.46 -42.41
N ALA B 385 -13.32 -14.08 -42.44
CA ALA B 385 -12.84 -13.18 -43.48
C ALA B 385 -12.62 -13.98 -44.74
N ASN B 386 -12.70 -13.28 -45.87
CA ASN B 386 -12.42 -13.87 -47.16
C ASN B 386 -10.95 -13.56 -47.46
N GLY B 387 -10.19 -14.59 -47.83
CA GLY B 387 -8.76 -14.44 -48.12
C GLY B 387 -7.94 -14.98 -46.96
N ILE B 388 -6.75 -14.40 -46.78
CA ILE B 388 -5.78 -14.85 -45.79
C ILE B 388 -5.56 -13.72 -44.78
N THR B 389 -5.78 -14.04 -43.50
CA THR B 389 -5.51 -13.14 -42.40
C THR B 389 -4.20 -13.58 -41.73
N ARG B 390 -3.32 -12.64 -41.42
CA ARG B 390 -2.09 -12.92 -40.71
C ARG B 390 -2.03 -12.09 -39.42
N VAL B 391 -2.12 -12.75 -38.27
CA VAL B 391 -2.19 -12.06 -36.98
C VAL B 391 -0.80 -12.05 -36.34
N ARG B 392 -0.32 -10.86 -35.96
CA ARG B 392 0.99 -10.67 -35.37
C ARG B 392 0.88 -10.08 -33.96
N ASN B 393 2.02 -9.96 -33.27
CA ASN B 393 2.14 -9.66 -31.85
C ASN B 393 1.48 -10.76 -31.02
N LEU B 394 1.94 -12.01 -31.23
CA LEU B 394 1.42 -13.18 -30.54
C LEU B 394 1.95 -13.25 -29.11
N ASN B 395 2.90 -12.38 -28.76
CA ASN B 395 3.28 -12.22 -27.35
C ASN B 395 2.02 -11.91 -26.52
N TYR B 396 1.06 -11.13 -27.06
CA TYR B 396 -0.16 -10.80 -26.33
C TYR B 396 -1.04 -12.03 -26.18
N LEU B 397 -1.17 -12.84 -27.23
CA LEU B 397 -2.01 -14.03 -27.19
C LEU B 397 -1.54 -15.00 -26.11
N ASP B 398 -0.21 -15.17 -26.00
CA ASP B 398 0.40 -16.17 -25.13
C ASP B 398 0.22 -15.78 -23.65
N ARG B 399 -0.17 -14.54 -23.36
CA ARG B 399 -0.41 -14.11 -21.99
C ARG B 399 -1.65 -14.79 -21.42
N GLY B 400 -2.58 -15.19 -22.28
CA GLY B 400 -3.86 -15.67 -21.82
C GLY B 400 -4.40 -16.91 -22.54
N TYR B 401 -3.81 -17.34 -23.66
CA TYR B 401 -4.30 -18.53 -24.36
C TYR B 401 -3.13 -19.51 -24.58
N TYR B 402 -3.36 -20.78 -24.23
CA TYR B 402 -2.37 -21.83 -24.46
C TYR B 402 -2.83 -22.67 -25.64
N ASN B 403 -1.98 -22.74 -26.69
CA ASN B 403 -2.21 -23.60 -27.83
C ASN B 403 -3.51 -23.24 -28.54
N PHE B 404 -3.72 -21.95 -28.77
CA PHE B 404 -4.96 -21.48 -29.35
C PHE B 404 -5.13 -22.08 -30.74
N HIS B 405 -4.06 -22.01 -31.54
CA HIS B 405 -4.10 -22.47 -32.93
C HIS B 405 -4.35 -23.98 -33.01
N ILE B 406 -3.79 -24.75 -32.06
CA ILE B 406 -3.94 -26.19 -32.10
C ILE B 406 -5.38 -26.59 -31.78
N LYS B 407 -5.97 -25.95 -30.75
CA LYS B 407 -7.35 -26.22 -30.37
C LYS B 407 -8.30 -25.88 -31.52
N LEU B 408 -8.01 -24.80 -32.25
CA LEU B 408 -8.81 -24.41 -33.40
C LEU B 408 -8.62 -25.40 -34.55
N GLN B 409 -7.38 -25.85 -34.81
CA GLN B 409 -7.14 -26.87 -35.83
C GLN B 409 -7.96 -28.12 -35.55
N GLN B 410 -7.96 -28.55 -34.28
CA GLN B 410 -8.67 -29.75 -33.87
C GLN B 410 -10.18 -29.61 -34.07
N LEU B 411 -10.69 -28.39 -34.22
CA LEU B 411 -12.11 -28.17 -34.47
C LEU B 411 -12.41 -27.99 -35.95
N GLY B 412 -11.39 -28.15 -36.81
CA GLY B 412 -11.59 -28.09 -38.26
C GLY B 412 -11.22 -26.75 -38.87
N ALA B 413 -10.64 -25.84 -38.08
CA ALA B 413 -10.29 -24.51 -38.55
C ALA B 413 -8.97 -24.56 -39.31
N ASP B 414 -8.84 -23.68 -40.31
CA ASP B 414 -7.64 -23.55 -41.12
C ASP B 414 -6.77 -22.45 -40.53
N VAL B 415 -6.00 -22.82 -39.51
CA VAL B 415 -5.19 -21.92 -38.70
C VAL B 415 -3.82 -22.53 -38.49
N GLU B 416 -2.75 -21.81 -38.83
CA GLU B 416 -1.38 -22.27 -38.64
C GLU B 416 -0.64 -21.20 -37.84
N ARG B 417 0.36 -21.60 -37.04
CA ARG B 417 1.29 -20.68 -36.41
C ARG B 417 2.70 -20.99 -36.93
N VAL B 418 3.37 -19.99 -37.51
CA VAL B 418 4.56 -20.18 -38.30
C VAL B 418 5.54 -19.03 -38.07
N ASP B 419 6.81 -19.23 -38.43
CA ASP B 419 7.82 -18.19 -38.37
C ASP B 419 7.69 -17.24 -39.57
N MET B 420 8.17 -16.01 -39.39
CA MET B 420 8.39 -15.05 -40.46
C MET B 420 9.91 -14.96 -40.69
N MET C 1 -31.84 -59.00 13.53
CA MET C 1 -31.07 -59.43 14.73
C MET C 1 -29.66 -58.80 14.67
N GLU C 2 -29.62 -57.45 14.71
CA GLU C 2 -28.38 -56.69 14.60
C GLU C 2 -27.96 -56.02 15.92
N GLU C 3 -26.64 -55.77 16.08
CA GLU C 3 -26.11 -55.02 17.20
C GLU C 3 -25.01 -54.07 16.73
N ILE C 4 -24.80 -52.98 17.46
CA ILE C 4 -23.65 -52.11 17.31
C ILE C 4 -22.64 -52.46 18.39
N ILE C 5 -21.38 -52.72 17.99
CA ILE C 5 -20.28 -53.03 18.90
C ILE C 5 -19.40 -51.79 18.93
N VAL C 6 -19.06 -51.36 20.15
CA VAL C 6 -18.30 -50.14 20.38
C VAL C 6 -17.12 -50.48 21.28
N ARG C 7 -15.92 -50.02 20.91
CA ARG C 7 -14.80 -49.97 21.82
C ARG C 7 -14.49 -48.49 22.10
N GLY C 8 -14.21 -48.16 23.36
CA GLY C 8 -13.96 -46.80 23.76
C GLY C 8 -12.47 -46.47 23.69
N GLY C 9 -12.13 -45.21 24.02
CA GLY C 9 -10.76 -44.78 24.13
C GLY C 9 -10.26 -43.97 22.94
N ASN C 10 -11.10 -43.69 21.94
CA ASN C 10 -10.65 -43.02 20.73
C ASN C 10 -11.28 -41.63 20.63
N GLN C 11 -10.46 -40.68 20.15
CA GLN C 11 -10.90 -39.32 19.92
C GLN C 11 -11.51 -39.22 18.53
N LEU C 12 -12.62 -38.47 18.45
CA LEU C 12 -13.29 -38.23 17.19
C LEU C 12 -12.66 -37.03 16.51
N ASN C 13 -12.32 -37.18 15.22
CA ASN C 13 -11.70 -36.13 14.41
C ASN C 13 -12.29 -36.20 13.00
N GLY C 14 -12.62 -35.05 12.42
CA GLY C 14 -13.03 -35.00 11.03
C GLY C 14 -14.28 -34.15 10.84
N THR C 15 -14.90 -34.31 9.68
CA THR C 15 -16.14 -33.65 9.28
C THR C 15 -17.27 -34.68 9.24
N VAL C 16 -18.48 -34.27 9.65
CA VAL C 16 -19.67 -35.12 9.56
C VAL C 16 -20.77 -34.35 8.86
N ARG C 17 -21.41 -34.99 7.86
CA ARG C 17 -22.57 -34.46 7.16
C ARG C 17 -23.83 -34.95 7.88
N ILE C 18 -24.86 -34.09 7.90
CA ILE C 18 -26.06 -34.32 8.68
C ILE C 18 -27.25 -34.40 7.73
N GLU C 19 -28.16 -35.35 7.96
CA GLU C 19 -29.36 -35.49 7.14
C GLU C 19 -30.36 -34.37 7.47
N GLY C 20 -31.35 -34.22 6.57
CA GLY C 20 -32.54 -33.44 6.82
C GLY C 20 -33.33 -33.96 8.01
N ALA C 21 -34.10 -33.05 8.65
CA ALA C 21 -34.69 -33.26 9.95
C ALA C 21 -35.86 -34.22 9.85
N LYS C 22 -35.80 -35.30 10.64
CA LYS C 22 -36.93 -36.20 10.85
C LYS C 22 -38.17 -35.42 11.28
N ASN C 23 -38.01 -34.50 12.23
CA ASN C 23 -39.16 -33.88 12.89
C ASN C 23 -39.77 -32.78 12.01
N ALA C 24 -39.09 -32.39 10.92
CA ALA C 24 -39.64 -31.49 9.93
C ALA C 24 -40.26 -32.27 8.77
N VAL C 25 -39.63 -33.40 8.37
CA VAL C 25 -40.03 -34.05 7.14
C VAL C 25 -41.40 -34.70 7.30
N LEU C 26 -41.70 -35.23 8.49
CA LEU C 26 -42.95 -35.94 8.70
C LEU C 26 -44.16 -35.00 8.55
N PRO C 27 -44.25 -33.84 9.24
CA PRO C 27 -45.34 -32.89 9.00
C PRO C 27 -45.35 -32.27 7.60
N ILE C 28 -44.18 -32.09 6.99
CA ILE C 28 -44.12 -31.51 5.65
C ILE C 28 -44.65 -32.50 4.61
N LEU C 29 -44.45 -33.80 4.83
CA LEU C 29 -45.07 -34.81 3.97
C LEU C 29 -46.59 -34.72 4.08
N ALA C 30 -47.11 -34.57 5.31
CA ALA C 30 -48.53 -34.36 5.53
C ALA C 30 -49.01 -33.07 4.85
N ALA C 31 -48.18 -32.02 4.85
CA ALA C 31 -48.52 -30.74 4.25
C ALA C 31 -48.74 -30.89 2.75
N SER C 32 -48.08 -31.89 2.14
CA SER C 32 -48.13 -32.09 0.70
C SER C 32 -49.52 -32.54 0.24
N LEU C 33 -50.36 -33.01 1.19
CA LEU C 33 -51.75 -33.36 0.91
C LEU C 33 -52.58 -32.12 0.57
N LEU C 34 -52.10 -30.93 0.93
CA LEU C 34 -52.86 -29.70 0.72
C LEU C 34 -52.83 -29.30 -0.76
N ALA C 35 -51.85 -29.79 -1.53
CA ALA C 35 -51.69 -29.41 -2.93
C ALA C 35 -52.65 -30.21 -3.83
N GLU C 36 -53.71 -29.54 -4.29
CA GLU C 36 -54.78 -30.17 -5.06
C GLU C 36 -54.32 -30.39 -6.50
N GLU C 37 -53.33 -29.61 -6.96
CA GLU C 37 -52.76 -29.76 -8.30
C GLU C 37 -51.24 -29.60 -8.21
N GLY C 38 -50.53 -30.38 -9.03
CA GLY C 38 -49.08 -30.29 -9.14
C GLY C 38 -48.40 -31.45 -8.43
N ILE C 39 -47.06 -31.53 -8.62
CA ILE C 39 -46.21 -32.52 -7.98
C ILE C 39 -45.32 -31.80 -6.97
N THR C 40 -45.43 -32.21 -5.69
CA THR C 40 -44.55 -31.75 -4.64
C THR C 40 -43.24 -32.54 -4.72
N THR C 41 -42.09 -31.84 -4.66
CA THR C 41 -40.80 -32.51 -4.63
C THR C 41 -40.06 -32.04 -3.38
N LEU C 42 -39.78 -32.99 -2.48
CA LEU C 42 -39.01 -32.73 -1.28
C LEU C 42 -37.59 -33.24 -1.45
N ASP C 43 -36.61 -32.38 -1.14
CA ASP C 43 -35.20 -32.71 -1.16
C ASP C 43 -34.69 -32.80 0.27
N ASN C 44 -33.53 -33.47 0.44
CA ASN C 44 -32.86 -33.63 1.72
C ASN C 44 -33.74 -34.45 2.66
N VAL C 45 -34.47 -35.44 2.09
CA VAL C 45 -35.28 -36.35 2.88
C VAL C 45 -34.37 -37.45 3.43
N PRO C 46 -34.31 -37.64 4.77
CA PRO C 46 -33.48 -38.69 5.36
C PRO C 46 -34.08 -40.08 5.16
N ILE C 47 -33.21 -41.09 5.02
CA ILE C 47 -33.63 -42.48 4.94
C ILE C 47 -33.81 -43.02 6.36
N LEU C 48 -35.02 -42.87 6.90
CA LEU C 48 -35.37 -43.37 8.23
C LEU C 48 -36.65 -44.17 8.12
N SER C 49 -36.90 -45.06 9.09
CA SER C 49 -38.09 -45.89 9.04
C SER C 49 -39.36 -45.06 9.21
N ASP C 50 -39.31 -43.96 9.97
CA ASP C 50 -40.48 -43.11 10.15
C ASP C 50 -40.91 -42.49 8.81
N VAL C 51 -39.96 -42.17 7.93
CA VAL C 51 -40.26 -41.67 6.60
C VAL C 51 -40.97 -42.74 5.75
N PHE C 52 -40.54 -44.00 5.86
CA PHE C 52 -41.19 -45.07 5.13
C PHE C 52 -42.63 -45.25 5.64
N THR C 53 -42.83 -45.18 6.96
CA THR C 53 -44.15 -45.32 7.56
C THR C 53 -45.07 -44.19 7.12
N MET C 54 -44.55 -42.95 7.16
CA MET C 54 -45.35 -41.80 6.80
C MET C 54 -45.73 -41.89 5.32
N ASN C 55 -44.80 -42.34 4.47
CA ASN C 55 -45.08 -42.52 3.05
C ASN C 55 -46.22 -43.52 2.84
N GLN C 56 -46.28 -44.58 3.65
CA GLN C 56 -47.36 -45.56 3.55
C GLN C 56 -48.68 -44.92 3.96
N VAL C 57 -48.66 -44.16 5.07
CA VAL C 57 -49.85 -43.50 5.59
C VAL C 57 -50.50 -42.69 4.48
N ILE C 58 -49.65 -41.93 3.76
CA ILE C 58 -50.10 -40.98 2.76
C ILE C 58 -50.58 -41.70 1.49
N ARG C 59 -49.94 -42.80 1.11
CA ARG C 59 -50.41 -43.59 -0.03
C ARG C 59 -51.83 -44.09 0.21
N HIS C 60 -52.10 -44.58 1.44
CA HIS C 60 -53.40 -45.12 1.79
C HIS C 60 -54.49 -44.06 1.74
N LEU C 61 -54.12 -42.78 1.56
CA LEU C 61 -55.08 -41.70 1.37
C LEU C 61 -55.26 -41.39 -0.12
N ASN C 62 -54.81 -42.32 -0.99
CA ASN C 62 -55.00 -42.22 -2.44
C ASN C 62 -54.08 -41.16 -3.03
N VAL C 63 -52.77 -41.34 -2.77
CA VAL C 63 -51.73 -40.40 -3.16
C VAL C 63 -50.54 -41.22 -3.67
N ASP C 64 -49.86 -40.74 -4.71
CA ASP C 64 -48.64 -41.36 -5.20
C ASP C 64 -47.42 -40.74 -4.52
N VAL C 65 -46.61 -41.58 -3.87
CA VAL C 65 -45.41 -41.14 -3.20
C VAL C 65 -44.24 -41.99 -3.69
N ASP C 66 -43.26 -41.36 -4.32
CA ASP C 66 -42.06 -42.04 -4.79
C ASP C 66 -40.85 -41.52 -4.01
N PHE C 67 -40.12 -42.43 -3.37
CA PHE C 67 -38.94 -42.10 -2.59
C PHE C 67 -37.70 -42.61 -3.31
N ASP C 68 -36.97 -41.69 -3.98
CA ASP C 68 -35.66 -41.96 -4.54
C ASP C 68 -34.61 -41.82 -3.43
N GLU C 69 -34.20 -42.94 -2.82
CA GLU C 69 -33.31 -42.94 -1.66
C GLU C 69 -31.92 -42.41 -2.03
N GLN C 70 -31.50 -42.66 -3.27
CA GLN C 70 -30.17 -42.31 -3.74
C GLN C 70 -30.05 -40.79 -3.83
N LYS C 71 -31.14 -40.12 -4.24
CA LYS C 71 -31.18 -38.68 -4.37
C LYS C 71 -31.74 -38.01 -3.11
N ASN C 72 -32.15 -38.80 -2.10
CA ASN C 72 -32.76 -38.28 -0.88
C ASN C 72 -33.95 -37.39 -1.25
N GLN C 73 -34.86 -37.91 -2.07
CA GLN C 73 -35.89 -37.09 -2.69
C GLN C 73 -37.21 -37.85 -2.76
N VAL C 74 -38.31 -37.14 -2.42
CA VAL C 74 -39.65 -37.70 -2.44
C VAL C 74 -40.53 -36.83 -3.33
N THR C 75 -41.22 -37.44 -4.31
CA THR C 75 -42.22 -36.72 -5.10
C THR C 75 -43.58 -37.18 -4.63
N ILE C 76 -44.53 -36.23 -4.51
CA ILE C 76 -45.88 -36.52 -4.07
C ILE C 76 -46.86 -35.95 -5.09
N ASP C 77 -47.85 -36.76 -5.47
CA ASP C 77 -48.96 -36.36 -6.32
C ASP C 77 -50.26 -36.60 -5.56
N ALA C 78 -50.87 -35.52 -5.06
CA ALA C 78 -52.08 -35.63 -4.25
C ALA C 78 -53.26 -34.99 -4.97
N SER C 79 -53.33 -35.15 -6.29
CA SER C 79 -54.27 -34.40 -7.12
C SER C 79 -55.58 -35.17 -7.30
N ARG C 80 -55.61 -36.45 -6.95
CA ARG C 80 -56.85 -37.21 -6.92
C ARG C 80 -57.62 -36.90 -5.63
N GLN C 81 -58.91 -37.25 -5.63
CA GLN C 81 -59.75 -37.24 -4.43
C GLN C 81 -59.11 -38.11 -3.36
N LEU C 82 -58.89 -37.53 -2.17
CA LEU C 82 -58.28 -38.23 -1.05
C LEU C 82 -59.29 -39.11 -0.34
N GLU C 83 -58.84 -40.29 0.08
CA GLU C 83 -59.50 -41.05 1.15
C GLU C 83 -59.11 -40.39 2.47
N ILE C 84 -59.83 -40.70 3.56
CA ILE C 84 -59.77 -39.90 4.77
C ILE C 84 -59.36 -40.72 5.98
N GLU C 85 -58.91 -41.97 5.79
CA GLU C 85 -58.74 -42.91 6.89
C GLU C 85 -57.26 -43.23 7.11
N ALA C 86 -56.82 -43.13 8.38
CA ALA C 86 -55.50 -43.54 8.82
C ALA C 86 -55.64 -44.56 9.97
N PRO C 87 -55.52 -45.89 9.70
CA PRO C 87 -55.84 -46.91 10.69
C PRO C 87 -54.80 -47.12 11.80
N TYR C 88 -55.16 -47.90 12.82
CA TYR C 88 -54.28 -48.13 13.95
C TYR C 88 -53.03 -48.92 13.50
N GLU C 89 -53.13 -49.65 12.38
CA GLU C 89 -51.98 -50.36 11.82
C GLU C 89 -50.79 -49.42 11.70
N TYR C 90 -51.03 -48.15 11.31
CA TYR C 90 -49.96 -47.18 11.09
C TYR C 90 -49.75 -46.31 12.32
N VAL C 91 -50.83 -45.86 12.96
CA VAL C 91 -50.74 -44.96 14.09
C VAL C 91 -50.08 -45.66 15.28
N SER C 92 -50.26 -46.99 15.42
CA SER C 92 -49.66 -47.75 16.51
C SER C 92 -48.14 -47.83 16.37
N GLN C 93 -47.64 -47.76 15.12
CA GLN C 93 -46.21 -47.78 14.83
C GLN C 93 -45.59 -46.40 15.08
N MET C 94 -46.38 -45.34 14.84
CA MET C 94 -45.84 -43.99 14.81
C MET C 94 -46.97 -42.97 14.94
N ARG C 95 -47.08 -42.31 16.11
CA ARG C 95 -48.23 -41.46 16.38
C ARG C 95 -48.14 -40.14 15.64
N ALA C 96 -46.97 -39.79 15.10
CA ALA C 96 -46.82 -38.64 14.22
C ALA C 96 -47.75 -38.69 13.01
N SER C 97 -48.24 -39.87 12.65
CA SER C 97 -49.08 -40.01 11.48
C SER C 97 -50.43 -39.30 11.66
N ILE C 98 -50.75 -38.81 12.87
CA ILE C 98 -52.01 -38.10 13.08
C ILE C 98 -51.99 -36.69 12.50
N VAL C 99 -50.82 -36.15 12.17
CA VAL C 99 -50.75 -34.79 11.62
C VAL C 99 -51.32 -34.75 10.20
N VAL C 100 -51.85 -35.86 9.68
CA VAL C 100 -52.58 -35.83 8.42
C VAL C 100 -54.01 -35.34 8.66
N MET C 101 -54.44 -35.28 9.93
CA MET C 101 -55.79 -34.93 10.28
C MET C 101 -56.10 -33.49 9.84
N GLY C 102 -55.15 -32.59 10.08
CA GLY C 102 -55.29 -31.19 9.74
C GLY C 102 -55.48 -30.96 8.25
N PRO C 103 -54.53 -31.41 7.37
CA PRO C 103 -54.71 -31.31 5.92
C PRO C 103 -56.00 -31.96 5.38
N LEU C 104 -56.39 -33.10 5.95
CA LEU C 104 -57.61 -33.79 5.56
C LEU C 104 -58.83 -32.92 5.86
N LEU C 105 -58.85 -32.23 7.00
CA LEU C 105 -59.93 -31.31 7.31
C LEU C 105 -59.96 -30.13 6.33
N ALA C 106 -58.78 -29.59 6.00
CA ALA C 106 -58.69 -28.48 5.07
C ALA C 106 -59.15 -28.87 3.64
N ARG C 107 -58.76 -30.06 3.15
CA ARG C 107 -59.06 -30.49 1.79
C ARG C 107 -60.49 -31.03 1.69
N ASN C 108 -60.84 -31.94 2.59
CA ASN C 108 -62.05 -32.76 2.49
C ASN C 108 -63.11 -32.30 3.49
N GLY C 109 -62.73 -31.63 4.59
CA GLY C 109 -63.66 -31.34 5.67
C GLY C 109 -64.03 -32.60 6.47
N HIS C 110 -63.19 -33.63 6.37
CA HIS C 110 -63.45 -34.93 6.97
C HIS C 110 -62.12 -35.65 7.20
N ALA C 111 -61.96 -36.25 8.38
CA ALA C 111 -60.80 -37.08 8.70
C ALA C 111 -61.21 -38.16 9.69
N LYS C 112 -60.66 -39.35 9.53
CA LYS C 112 -60.95 -40.47 10.41
C LYS C 112 -59.61 -41.13 10.76
N VAL C 113 -59.08 -40.80 11.95
CA VAL C 113 -57.71 -41.14 12.32
C VAL C 113 -57.72 -41.90 13.64
N ALA C 114 -56.97 -42.99 13.71
CA ALA C 114 -56.89 -43.81 14.91
C ALA C 114 -56.32 -42.99 16.07
N MET C 115 -56.94 -43.15 17.23
CA MET C 115 -56.49 -42.51 18.45
C MET C 115 -55.16 -43.15 18.84
N PRO C 116 -54.08 -42.38 19.06
CA PRO C 116 -52.82 -42.95 19.55
C PRO C 116 -52.99 -43.61 20.91
N GLY C 117 -52.25 -44.71 21.14
CA GLY C 117 -52.23 -45.36 22.43
C GLY C 117 -51.01 -44.92 23.25
N GLY C 118 -50.52 -45.81 24.12
CA GLY C 118 -49.37 -45.55 24.95
C GLY C 118 -48.07 -45.37 24.17
N ALA C 120 -43.76 -45.39 25.16
CA ALA C 120 -42.76 -45.77 26.15
C ALA C 120 -42.38 -44.58 27.05
N ILE C 121 -42.08 -43.42 26.43
CA ILE C 121 -41.43 -42.28 27.08
C ILE C 121 -42.45 -41.36 27.76
N GLY C 122 -43.75 -41.67 27.63
CA GLY C 122 -44.80 -41.06 28.43
C GLY C 122 -45.30 -39.77 27.82
N LYS C 123 -46.04 -39.89 26.71
CA LYS C 123 -46.49 -38.76 25.89
C LYS C 123 -47.80 -38.19 26.44
N ARG C 124 -48.20 -37.05 25.88
CA ARG C 124 -49.47 -36.41 26.19
C ARG C 124 -50.57 -37.04 25.35
N PRO C 125 -51.86 -36.80 25.70
CA PRO C 125 -52.97 -37.15 24.84
C PRO C 125 -53.09 -36.13 23.71
N ILE C 126 -54.07 -36.30 22.82
CA ILE C 126 -54.17 -35.42 21.67
C ILE C 126 -55.22 -34.32 21.91
N ASP C 127 -55.53 -34.06 23.18
CA ASP C 127 -56.57 -33.12 23.59
C ASP C 127 -56.41 -31.76 22.90
N LEU C 128 -55.18 -31.25 22.79
CA LEU C 128 -54.96 -29.91 22.26
C LEU C 128 -55.18 -29.85 20.75
N HIS C 129 -54.94 -30.96 20.03
CA HIS C 129 -55.28 -31.05 18.61
C HIS C 129 -56.78 -30.84 18.45
N LEU C 130 -57.56 -31.57 19.25
CA LEU C 130 -59.01 -31.58 19.15
C LEU C 130 -59.58 -30.22 19.58
N LYS C 131 -59.00 -29.61 20.62
CA LYS C 131 -59.39 -28.29 21.06
C LYS C 131 -59.26 -27.30 19.89
N GLY C 132 -58.12 -27.38 19.18
CA GLY C 132 -57.87 -26.53 18.04
C GLY C 132 -58.90 -26.74 16.94
N PHE C 133 -59.20 -28.01 16.61
CA PHE C 133 -60.10 -28.30 15.52
C PHE C 133 -61.53 -27.88 15.87
N GLN C 134 -61.96 -28.10 17.13
CA GLN C 134 -63.27 -27.67 17.58
C GLN C 134 -63.37 -26.15 17.49
N ALA C 135 -62.30 -25.44 17.83
CA ALA C 135 -62.29 -23.98 17.76
C ALA C 135 -62.50 -23.48 16.34
N LEU C 136 -62.12 -24.28 15.34
CA LEU C 136 -62.25 -23.92 13.92
C LEU C 136 -63.59 -24.37 13.33
N GLY C 137 -64.42 -25.06 14.12
CA GLY C 137 -65.77 -25.40 13.70
C GLY C 137 -65.95 -26.90 13.41
N ALA C 138 -65.04 -27.74 13.89
CA ALA C 138 -65.09 -29.18 13.63
C ALA C 138 -65.89 -29.88 14.73
N LYS C 139 -66.71 -30.84 14.32
CA LYS C 139 -67.39 -31.76 15.22
C LYS C 139 -66.50 -32.99 15.36
N ILE C 140 -66.39 -33.54 16.58
CA ILE C 140 -65.48 -34.63 16.88
C ILE C 140 -66.26 -35.81 17.48
N ILE C 141 -66.21 -36.97 16.83
CA ILE C 141 -66.79 -38.20 17.35
C ILE C 141 -65.65 -39.18 17.62
N GLN C 142 -65.82 -40.04 18.63
CA GLN C 142 -64.98 -41.21 18.83
C GLN C 142 -65.83 -42.48 18.72
N LYS C 143 -65.38 -43.47 17.93
CA LYS C 143 -66.00 -44.79 17.84
C LYS C 143 -64.92 -45.77 17.40
N ASN C 144 -64.89 -46.97 18.00
CA ASN C 144 -63.97 -48.05 17.59
C ASN C 144 -62.52 -47.58 17.53
N GLY C 145 -62.09 -46.73 18.48
CA GLY C 145 -60.70 -46.31 18.55
C GLY C 145 -60.29 -45.31 17.47
N TYR C 146 -61.27 -44.70 16.78
CA TYR C 146 -61.02 -43.67 15.77
C TYR C 146 -61.53 -42.33 16.28
N ILE C 147 -60.81 -41.26 15.92
CA ILE C 147 -61.34 -39.92 16.03
C ILE C 147 -61.85 -39.51 14.65
N GLU C 148 -63.14 -39.19 14.58
CA GLU C 148 -63.73 -38.69 13.35
C GLU C 148 -64.00 -37.21 13.52
N ALA C 149 -63.36 -36.39 12.69
CA ALA C 149 -63.57 -34.94 12.67
C ALA C 149 -64.29 -34.56 11.37
N ILE C 150 -65.40 -33.82 11.49
CA ILE C 150 -66.18 -33.33 10.36
C ILE C 150 -66.26 -31.81 10.47
N ALA C 151 -65.99 -31.11 9.37
CA ALA C 151 -66.17 -29.66 9.31
C ALA C 151 -66.61 -29.24 7.91
N ASP C 152 -67.89 -28.85 7.76
CA ASP C 152 -68.40 -28.33 6.51
C ASP C 152 -67.64 -27.06 6.13
N GLU C 153 -67.53 -26.14 7.10
CA GLU C 153 -66.77 -24.91 6.91
C GLU C 153 -65.85 -24.64 8.10
N LEU C 154 -64.54 -24.62 7.83
CA LEU C 154 -63.55 -24.21 8.80
C LEU C 154 -63.60 -22.70 8.91
N ILE C 155 -63.68 -22.18 10.16
CA ILE C 155 -63.72 -20.74 10.39
C ILE C 155 -62.64 -20.38 11.41
N GLY C 156 -61.80 -19.42 11.03
CA GLY C 156 -60.74 -18.93 11.88
C GLY C 156 -61.25 -18.38 13.21
N ASN C 157 -60.40 -18.53 14.22
CA ASN C 157 -60.74 -18.25 15.61
C ASN C 157 -59.45 -18.01 16.39
N THR C 158 -59.58 -17.47 17.62
CA THR C 158 -58.46 -17.40 18.53
C THR C 158 -58.38 -18.68 19.36
N ILE C 159 -57.19 -19.27 19.41
CA ILE C 159 -56.94 -20.55 20.07
C ILE C 159 -55.73 -20.39 20.99
N TYR C 160 -55.94 -20.65 22.28
CA TYR C 160 -54.85 -20.64 23.25
C TYR C 160 -54.47 -22.09 23.53
N LEU C 161 -53.19 -22.42 23.36
CA LEU C 161 -52.66 -23.72 23.73
C LEU C 161 -52.14 -23.69 25.17
N ASP C 162 -52.68 -24.59 26.00
CA ASP C 162 -52.33 -24.71 27.40
C ASP C 162 -50.85 -25.05 27.54
N PHE C 163 -50.36 -25.86 26.61
CA PHE C 163 -48.95 -26.19 26.48
C PHE C 163 -48.55 -25.93 25.03
N PRO C 164 -47.31 -25.46 24.75
CA PRO C 164 -46.87 -25.21 23.37
C PRO C 164 -46.51 -26.50 22.63
N SER C 165 -47.53 -27.34 22.41
CA SER C 165 -47.41 -28.64 21.76
C SER C 165 -47.03 -28.49 20.29
N VAL C 166 -45.89 -29.10 19.92
CA VAL C 166 -45.41 -29.15 18.55
C VAL C 166 -46.45 -29.79 17.62
N GLY C 167 -46.96 -30.95 18.03
CA GLY C 167 -47.88 -31.71 17.21
C GLY C 167 -49.21 -31.00 17.02
N ALA C 168 -49.79 -30.47 18.11
CA ALA C 168 -51.03 -29.74 18.04
C ALA C 168 -50.86 -28.50 17.17
N THR C 169 -49.72 -27.80 17.34
CA THR C 169 -49.42 -26.62 16.55
C THR C 169 -49.41 -26.97 15.07
N GLN C 170 -48.73 -28.05 14.68
CA GLN C 170 -48.61 -28.50 13.28
C GLN C 170 -49.99 -28.84 12.71
N ASN C 171 -50.75 -29.64 13.46
CA ASN C 171 -52.04 -30.13 13.00
C ASN C 171 -52.98 -28.96 12.78
N ILE C 172 -53.00 -28.00 13.71
CA ILE C 172 -53.91 -26.87 13.66
C ILE C 172 -53.48 -25.89 12.55
N MET C 173 -52.18 -25.64 12.41
CA MET C 173 -51.74 -24.72 11.37
C MET C 173 -52.21 -25.21 10.00
N MET C 174 -52.15 -26.53 9.78
CA MET C 174 -52.42 -27.11 8.47
C MET C 174 -53.91 -27.13 8.16
N ALA C 175 -54.78 -27.17 9.20
CA ALA C 175 -56.21 -26.97 9.00
C ALA C 175 -56.50 -25.50 8.72
N ALA C 176 -55.85 -24.62 9.49
CA ALA C 176 -56.20 -23.21 9.53
C ALA C 176 -55.81 -22.47 8.25
N VAL C 177 -54.85 -22.99 7.49
CA VAL C 177 -54.38 -22.28 6.30
C VAL C 177 -55.50 -22.16 5.26
N LYS C 178 -56.54 -23.00 5.37
CA LYS C 178 -57.68 -22.95 4.46
C LYS C 178 -59.00 -22.64 5.17
N ALA C 179 -58.96 -22.23 6.45
CA ALA C 179 -60.14 -21.74 7.15
C ALA C 179 -60.50 -20.33 6.68
N LYS C 180 -61.77 -19.95 6.78
CA LYS C 180 -62.20 -18.61 6.39
C LYS C 180 -61.78 -17.61 7.47
N GLY C 181 -61.06 -16.56 7.06
CA GLY C 181 -60.70 -15.47 7.95
C GLY C 181 -59.38 -15.74 8.68
N THR C 182 -59.23 -15.06 9.82
CA THR C 182 -58.01 -15.07 10.60
C THR C 182 -58.08 -16.12 11.70
N THR C 183 -56.96 -16.83 11.86
CA THR C 183 -56.73 -17.71 12.99
C THR C 183 -55.56 -17.14 13.77
N ILE C 184 -55.63 -17.18 15.10
CA ILE C 184 -54.54 -16.76 15.94
C ILE C 184 -54.30 -17.87 16.96
N ILE C 185 -53.08 -18.40 16.98
CA ILE C 185 -52.71 -19.44 17.93
C ILE C 185 -51.78 -18.81 18.97
N GLU C 186 -52.20 -18.82 20.23
CA GLU C 186 -51.42 -18.22 21.30
C GLU C 186 -50.78 -19.35 22.11
N ASN C 187 -49.50 -19.14 22.46
CA ASN C 187 -48.65 -20.11 23.13
C ASN C 187 -48.40 -21.28 22.18
N VAL C 188 -48.13 -20.96 20.90
CA VAL C 188 -47.69 -21.93 19.90
C VAL C 188 -46.33 -22.50 20.25
N ALA C 189 -46.05 -23.69 19.69
CA ALA C 189 -44.71 -24.23 19.59
C ALA C 189 -43.85 -23.31 18.73
N ARG C 190 -42.59 -23.13 19.20
CA ARG C 190 -41.64 -22.18 18.61
C ARG C 190 -40.48 -22.93 17.95
N GLU C 191 -40.53 -24.27 17.94
CA GLU C 191 -39.42 -25.11 17.47
C GLU C 191 -39.06 -24.80 16.02
N PRO C 192 -37.79 -24.97 15.59
CA PRO C 192 -37.38 -24.74 14.19
C PRO C 192 -38.11 -25.53 13.10
N GLU C 193 -38.67 -26.66 13.48
CA GLU C 193 -39.46 -27.53 12.62
C GLU C 193 -40.79 -26.86 12.24
N ILE C 194 -41.36 -26.09 13.18
CA ILE C 194 -42.55 -25.28 12.96
C ILE C 194 -42.23 -24.22 11.88
N VAL C 195 -41.04 -23.63 11.97
CA VAL C 195 -40.63 -22.61 11.04
C VAL C 195 -40.50 -23.21 9.64
N ASP C 196 -39.94 -24.42 9.53
CA ASP C 196 -39.72 -25.03 8.22
C ASP C 196 -41.08 -25.40 7.62
N LEU C 197 -41.99 -25.93 8.43
CA LEU C 197 -43.34 -26.20 7.99
C LEU C 197 -44.04 -24.92 7.51
N ALA C 198 -43.93 -23.82 8.27
CA ALA C 198 -44.53 -22.56 7.86
C ALA C 198 -43.94 -22.09 6.54
N ASN C 199 -42.63 -22.30 6.36
CA ASN C 199 -41.92 -21.81 5.19
C ASN C 199 -42.46 -22.50 3.94
N ILE C 200 -42.75 -23.81 4.02
CA ILE C 200 -43.26 -24.51 2.84
C ILE C 200 -44.72 -24.14 2.60
N LEU C 201 -45.54 -24.08 3.65
CA LEU C 201 -46.93 -23.68 3.50
C LEU C 201 -47.04 -22.32 2.80
N ASN C 202 -46.16 -21.37 3.18
CA ASN C 202 -46.16 -20.05 2.57
C ASN C 202 -45.84 -20.11 1.09
N LYS C 203 -44.88 -20.96 0.71
CA LYS C 203 -44.51 -21.15 -0.70
C LYS C 203 -45.68 -21.76 -1.48
N MET C 204 -46.46 -22.59 -0.80
CA MET C 204 -47.59 -23.28 -1.41
C MET C 204 -48.79 -22.35 -1.58
N GLY C 205 -48.70 -21.12 -1.08
CA GLY C 205 -49.72 -20.10 -1.29
C GLY C 205 -50.44 -19.68 0.00
N ALA C 206 -50.03 -20.24 1.15
CA ALA C 206 -50.66 -19.95 2.42
C ALA C 206 -50.13 -18.64 3.00
N GLN C 207 -50.75 -18.18 4.10
CA GLN C 207 -50.32 -16.96 4.77
C GLN C 207 -50.16 -17.22 6.26
N VAL C 208 -48.97 -17.66 6.67
CA VAL C 208 -48.66 -17.98 8.06
C VAL C 208 -47.60 -17.02 8.57
N TYR C 209 -47.95 -16.23 9.60
CA TYR C 209 -47.09 -15.18 10.12
C TYR C 209 -46.71 -15.49 11.56
N GLY C 210 -45.49 -15.12 11.96
CA GLY C 210 -45.04 -15.25 13.33
C GLY C 210 -44.56 -16.65 13.71
N ALA C 211 -44.26 -17.51 12.72
CA ALA C 211 -43.71 -18.82 13.05
C ALA C 211 -42.35 -18.65 13.73
N GLY C 212 -42.15 -19.33 14.87
CA GLY C 212 -40.95 -19.17 15.68
C GLY C 212 -41.14 -18.19 16.84
N THR C 213 -42.22 -17.39 16.80
CA THR C 213 -42.57 -16.46 17.87
C THR C 213 -43.70 -17.03 18.72
N GLU C 214 -44.12 -16.25 19.74
CA GLU C 214 -45.07 -16.70 20.77
C GLU C 214 -46.48 -16.81 20.20
N THR C 215 -46.76 -16.00 19.17
CA THR C 215 -48.07 -15.89 18.54
C THR C 215 -47.94 -16.12 17.05
N MET C 216 -48.82 -16.98 16.54
CA MET C 216 -48.89 -17.28 15.12
C MET C 216 -50.22 -16.78 14.58
N ARG C 217 -50.18 -16.11 13.42
CA ARG C 217 -51.36 -15.55 12.77
C ARG C 217 -51.48 -16.14 11.37
N ILE C 218 -52.66 -16.68 11.07
CA ILE C 218 -52.88 -17.36 9.80
C ILE C 218 -54.09 -16.74 9.12
N GLU C 219 -53.88 -16.32 7.87
CA GLU C 219 -54.94 -15.80 7.02
C GLU C 219 -55.32 -16.89 6.00
N GLY C 220 -56.58 -17.33 6.04
CA GLY C 220 -57.02 -18.44 5.23
C GLY C 220 -57.00 -18.10 3.73
N VAL C 221 -56.78 -19.12 2.89
CA VAL C 221 -56.76 -18.98 1.45
C VAL C 221 -57.61 -20.08 0.83
N ASP C 222 -57.99 -19.88 -0.43
CA ASP C 222 -58.87 -20.79 -1.14
C ASP C 222 -58.08 -21.97 -1.71
N HIS C 223 -56.90 -21.71 -2.28
CA HIS C 223 -56.18 -22.72 -3.04
C HIS C 223 -54.69 -22.74 -2.65
N LEU C 224 -54.13 -23.94 -2.57
CA LEU C 224 -52.70 -24.17 -2.36
C LEU C 224 -52.14 -25.03 -3.50
N HIS C 225 -50.91 -24.73 -3.93
CA HIS C 225 -50.26 -25.42 -5.04
C HIS C 225 -49.00 -26.14 -4.54
N ALA C 226 -48.45 -27.05 -5.35
CA ALA C 226 -47.28 -27.84 -5.02
C ALA C 226 -46.00 -27.02 -5.28
N VAL C 227 -44.93 -27.34 -4.52
CA VAL C 227 -43.66 -26.63 -4.63
C VAL C 227 -42.50 -27.61 -4.50
N ASN C 228 -41.27 -27.13 -4.77
CA ASN C 228 -40.04 -27.82 -4.35
C ASN C 228 -39.58 -27.26 -3.00
N HIS C 229 -39.17 -28.13 -2.08
CA HIS C 229 -38.66 -27.71 -0.79
C HIS C 229 -37.54 -28.64 -0.33
N SER C 230 -36.46 -28.04 0.21
CA SER C 230 -35.38 -28.76 0.85
CA SER C 230 -35.38 -28.76 0.85
C SER C 230 -35.59 -28.76 2.36
N ILE C 231 -35.67 -29.95 2.97
CA ILE C 231 -35.88 -30.07 4.41
C ILE C 231 -34.68 -29.46 5.13
N VAL C 232 -34.95 -28.73 6.22
CA VAL C 232 -33.91 -28.16 7.06
C VAL C 232 -33.04 -29.29 7.66
N GLN C 233 -31.75 -28.99 7.91
CA GLN C 233 -30.86 -29.92 8.58
C GLN C 233 -31.44 -30.38 9.93
N ASP C 234 -31.18 -31.63 10.31
CA ASP C 234 -31.60 -32.20 11.57
C ASP C 234 -30.72 -31.69 12.73
N ARG C 235 -31.30 -30.86 13.61
CA ARG C 235 -30.55 -30.21 14.68
C ARG C 235 -30.20 -31.22 15.77
N ILE C 236 -31.01 -32.30 15.87
CA ILE C 236 -30.81 -33.33 16.87
C ILE C 236 -29.71 -34.30 16.44
N GLU C 237 -29.67 -34.69 15.15
CA GLU C 237 -28.56 -35.50 14.66
C GLU C 237 -27.27 -34.67 14.83
N ALA C 238 -27.30 -33.41 14.40
CA ALA C 238 -26.17 -32.50 14.58
C ALA C 238 -25.72 -32.49 16.03
N GLY C 239 -26.67 -32.26 16.94
CA GLY C 239 -26.37 -32.14 18.36
C GLY C 239 -25.77 -33.41 18.95
N THR C 240 -26.25 -34.55 18.47
CA THR C 240 -25.72 -35.85 18.88
C THR C 240 -24.22 -35.94 18.59
N PHE C 241 -23.79 -35.44 17.43
CA PHE C 241 -22.39 -35.47 17.04
C PHE C 241 -21.58 -34.43 17.82
N MET C 242 -22.21 -33.30 18.18
CA MET C 242 -21.58 -32.30 19.02
C MET C 242 -21.23 -32.90 20.38
N VAL C 243 -22.14 -33.66 20.97
CA VAL C 243 -21.92 -34.35 22.24
C VAL C 243 -20.80 -35.37 22.09
N ALA C 244 -20.78 -36.12 20.99
CA ALA C 244 -19.80 -37.17 20.77
C ALA C 244 -18.39 -36.58 20.74
N ALA C 245 -18.24 -35.45 20.02
CA ALA C 245 -16.99 -34.71 19.94
C ALA C 245 -16.60 -34.20 21.33
N ALA C 246 -17.58 -33.67 22.08
CA ALA C 246 -17.30 -33.03 23.36
C ALA C 246 -16.86 -34.04 24.40
N MET C 247 -17.27 -35.30 24.28
CA MET C 247 -16.99 -36.28 25.33
C MET C 247 -15.76 -37.14 24.98
N THR C 248 -15.17 -36.99 23.78
CA THR C 248 -14.07 -37.85 23.38
C THR C 248 -12.79 -37.06 23.14
N GLN C 249 -12.64 -35.88 23.76
CA GLN C 249 -11.57 -34.94 23.43
C GLN C 249 -11.46 -34.75 21.92
N GLY C 250 -12.60 -34.62 21.25
CA GLY C 250 -12.65 -34.64 19.80
C GLY C 250 -12.38 -33.27 19.19
N ASN C 251 -12.32 -33.27 17.86
CA ASN C 251 -12.26 -32.05 17.06
C ASN C 251 -13.05 -32.36 15.78
N VAL C 252 -14.33 -31.98 15.79
CA VAL C 252 -15.27 -32.42 14.77
C VAL C 252 -15.97 -31.19 14.21
N LEU C 253 -16.00 -31.08 12.89
CA LEU C 253 -16.79 -30.08 12.20
C LEU C 253 -18.12 -30.70 11.79
N ILE C 254 -19.23 -30.13 12.28
CA ILE C 254 -20.55 -30.54 11.85
C ILE C 254 -20.92 -29.66 10.67
N ALA C 255 -20.89 -30.27 9.47
CA ALA C 255 -21.00 -29.55 8.22
C ALA C 255 -22.34 -28.83 8.13
N ASP C 256 -22.26 -27.53 7.85
CA ASP C 256 -23.40 -26.65 7.58
C ASP C 256 -24.39 -26.60 8.74
N ALA C 257 -23.88 -26.79 9.98
CA ALA C 257 -24.72 -26.79 11.17
C ALA C 257 -25.23 -25.38 11.44
N ILE C 258 -26.51 -25.30 11.82
CA ILE C 258 -27.18 -24.04 12.15
C ILE C 258 -27.13 -23.89 13.67
N SER C 259 -26.27 -22.99 14.13
CA SER C 259 -25.97 -22.87 15.55
C SER C 259 -27.16 -22.29 16.32
N GLU C 260 -27.98 -21.47 15.64
CA GLU C 260 -29.16 -20.86 16.26
C GLU C 260 -30.20 -21.93 16.58
N HIS C 261 -30.07 -23.13 15.99
CA HIS C 261 -30.95 -24.25 16.33
C HIS C 261 -30.42 -25.09 17.48
N ASN C 262 -29.24 -24.79 18.02
CA ASN C 262 -28.74 -25.49 19.20
C ASN C 262 -28.09 -24.48 20.17
N ARG C 263 -28.75 -23.35 20.47
CA ARG C 263 -28.18 -22.39 21.41
C ARG C 263 -28.03 -23.02 22.80
N PRO C 264 -29.07 -23.69 23.35
CA PRO C 264 -28.96 -24.38 24.64
C PRO C 264 -27.83 -25.40 24.75
N LEU C 265 -27.77 -26.35 23.81
CA LEU C 265 -26.77 -27.41 23.82
C LEU C 265 -25.37 -26.83 23.70
N ILE C 266 -25.16 -25.88 22.79
CA ILE C 266 -23.85 -25.26 22.61
C ILE C 266 -23.42 -24.59 23.92
N SER C 267 -24.32 -23.83 24.55
CA SER C 267 -24.02 -23.13 25.78
C SER C 267 -23.64 -24.12 26.88
N LYS C 268 -24.41 -25.22 26.99
CA LYS C 268 -24.18 -26.19 28.05
C LYS C 268 -22.88 -26.95 27.83
N LEU C 269 -22.54 -27.29 26.57
CA LEU C 269 -21.32 -28.01 26.28
C LEU C 269 -20.12 -27.12 26.57
N ILE C 270 -20.22 -25.81 26.27
CA ILE C 270 -19.18 -24.85 26.65
C ILE C 270 -19.05 -24.77 28.17
N GLU C 271 -20.15 -24.84 28.94
CA GLU C 271 -20.06 -24.88 30.40
C GLU C 271 -19.32 -26.14 30.87
N MET C 272 -19.36 -27.22 30.08
CA MET C 272 -18.70 -28.48 30.43
C MET C 272 -17.24 -28.49 29.97
N GLY C 273 -16.82 -27.45 29.24
CA GLY C 273 -15.41 -27.24 28.92
C GLY C 273 -15.12 -27.28 27.42
N ALA C 274 -16.14 -27.57 26.60
CA ALA C 274 -15.94 -27.62 25.16
C ALA C 274 -15.67 -26.23 24.61
N GLU C 275 -14.92 -26.17 23.51
CA GLU C 275 -14.71 -24.99 22.70
C GLU C 275 -15.50 -25.20 21.41
N ILE C 276 -16.40 -24.27 21.08
CA ILE C 276 -17.31 -24.43 19.96
C ILE C 276 -17.28 -23.16 19.10
N ILE C 277 -17.02 -23.33 17.80
CA ILE C 277 -16.61 -22.25 16.90
C ILE C 277 -17.51 -22.30 15.67
N GLU C 278 -18.10 -21.14 15.31
CA GLU C 278 -18.80 -21.02 14.04
C GLU C 278 -17.78 -20.76 12.94
N GLU C 279 -17.80 -21.60 11.89
CA GLU C 279 -16.90 -21.48 10.75
C GLU C 279 -17.70 -21.35 9.47
N GLU C 280 -17.06 -21.01 8.35
CA GLU C 280 -17.73 -20.95 7.06
C GLU C 280 -18.43 -22.29 6.78
N GLY C 281 -17.78 -23.40 7.13
CA GLY C 281 -18.23 -24.73 6.75
C GLY C 281 -19.14 -25.41 7.77
N GLY C 282 -19.33 -24.81 8.96
CA GLY C 282 -20.24 -25.34 9.96
C GLY C 282 -19.80 -25.00 11.37
N VAL C 283 -20.16 -25.86 12.33
CA VAL C 283 -19.84 -25.67 13.74
C VAL C 283 -18.80 -26.69 14.17
N ARG C 284 -17.66 -26.21 14.68
CA ARG C 284 -16.60 -27.08 15.15
C ARG C 284 -16.72 -27.23 16.66
N VAL C 285 -16.63 -28.48 17.14
CA VAL C 285 -16.64 -28.79 18.57
C VAL C 285 -15.31 -29.42 18.94
N ILE C 286 -14.63 -28.82 19.94
CA ILE C 286 -13.39 -29.35 20.48
C ILE C 286 -13.62 -29.75 21.93
N GLY C 287 -13.52 -31.07 22.21
CA GLY C 287 -13.78 -31.61 23.52
C GLY C 287 -12.64 -31.34 24.50
N PRO C 288 -12.93 -31.01 25.77
CA PRO C 288 -11.87 -30.67 26.73
C PRO C 288 -11.19 -31.91 27.30
N LYS C 289 -10.01 -31.70 27.89
CA LYS C 289 -9.31 -32.76 28.57
C LYS C 289 -10.05 -33.12 29.86
N HIS C 290 -10.60 -32.11 30.54
CA HIS C 290 -11.40 -32.31 31.74
C HIS C 290 -12.85 -31.88 31.50
N ILE C 291 -13.75 -32.87 31.43
CA ILE C 291 -15.17 -32.63 31.26
C ILE C 291 -15.75 -32.23 32.61
N LEU C 292 -16.37 -31.04 32.66
CA LEU C 292 -16.89 -30.47 33.90
C LEU C 292 -18.38 -30.77 34.01
N PRO C 293 -18.89 -31.05 35.23
CA PRO C 293 -20.33 -31.25 35.44
C PRO C 293 -21.15 -29.99 35.17
N THR C 294 -22.41 -30.20 34.81
CA THR C 294 -23.39 -29.13 34.61
C THR C 294 -24.78 -29.73 34.82
N ASP C 295 -25.74 -28.88 35.21
CA ASP C 295 -27.13 -29.30 35.34
C ASP C 295 -27.90 -28.89 34.10
N VAL C 296 -28.92 -29.68 33.78
CA VAL C 296 -29.68 -29.51 32.54
C VAL C 296 -31.16 -29.58 32.89
N LYS C 297 -31.94 -28.64 32.32
CA LYS C 297 -33.38 -28.69 32.47
C LYS C 297 -34.03 -28.59 31.08
N THR C 298 -34.80 -29.60 30.71
CA THR C 298 -35.51 -29.59 29.44
C THR C 298 -36.76 -28.73 29.55
N MET C 299 -37.09 -28.08 28.44
CA MET C 299 -38.24 -27.21 28.32
C MET C 299 -38.60 -27.11 26.84
N PRO C 300 -39.83 -26.67 26.52
CA PRO C 300 -40.15 -26.24 25.16
C PRO C 300 -39.12 -25.24 24.66
N HIS C 301 -38.87 -25.28 23.35
CA HIS C 301 -38.05 -24.27 22.72
C HIS C 301 -38.53 -22.89 23.13
N PRO C 302 -37.67 -21.90 23.50
CA PRO C 302 -36.21 -21.96 23.33
C PRO C 302 -35.33 -22.51 24.46
N GLY C 303 -35.91 -23.27 25.39
CA GLY C 303 -35.14 -23.97 26.41
C GLY C 303 -34.45 -25.23 25.84
N PHE C 304 -33.83 -26.00 26.74
CA PHE C 304 -33.01 -27.12 26.35
C PHE C 304 -33.91 -28.23 25.80
N PRO C 305 -33.66 -28.74 24.55
CA PRO C 305 -34.56 -29.70 23.92
C PRO C 305 -34.52 -31.07 24.59
N THR C 306 -35.72 -31.61 24.86
CA THR C 306 -35.83 -32.95 25.41
C THR C 306 -35.20 -33.98 24.45
N ASP C 307 -35.25 -33.74 23.14
CA ASP C 307 -34.69 -34.68 22.18
C ASP C 307 -33.15 -34.75 22.25
N MET C 308 -32.50 -33.84 22.99
CA MET C 308 -31.05 -33.91 23.24
C MET C 308 -30.74 -34.48 24.63
N GLN C 309 -31.75 -34.68 25.48
CA GLN C 309 -31.55 -35.05 26.88
C GLN C 309 -30.78 -36.37 27.01
N ALA C 310 -31.21 -37.46 26.36
CA ALA C 310 -30.56 -38.76 26.55
C ALA C 310 -29.08 -38.70 26.18
N GLN C 311 -28.79 -38.11 25.02
CA GLN C 311 -27.42 -37.92 24.55
C GLN C 311 -26.61 -37.13 25.58
N MET C 312 -27.24 -36.09 26.15
CA MET C 312 -26.57 -35.22 27.10
C MET C 312 -26.25 -35.95 28.41
N THR C 313 -27.09 -36.90 28.84
CA THR C 313 -26.81 -37.65 30.06
C THR C 313 -25.55 -38.48 29.89
N ALA C 314 -25.25 -38.90 28.65
CA ALA C 314 -24.07 -39.70 28.36
C ALA C 314 -22.81 -38.90 28.70
N ILE C 315 -22.75 -37.62 28.31
CA ILE C 315 -21.59 -36.79 28.62
C ILE C 315 -21.60 -36.39 30.09
N GLN C 316 -22.79 -36.17 30.69
CA GLN C 316 -22.88 -35.84 32.11
C GLN C 316 -22.34 -36.99 32.96
N LEU C 317 -22.52 -38.23 32.49
CA LEU C 317 -22.11 -39.41 33.24
C LEU C 317 -20.60 -39.66 33.18
N VAL C 318 -19.85 -38.92 32.37
CA VAL C 318 -18.39 -39.04 32.36
C VAL C 318 -17.73 -37.72 32.82
N ALA C 319 -18.55 -36.73 33.22
CA ALA C 319 -18.04 -35.49 33.75
C ALA C 319 -17.44 -35.70 35.14
N GLU C 320 -16.51 -34.82 35.54
CA GLU C 320 -15.75 -34.97 36.76
C GLU C 320 -16.48 -34.34 37.94
N GLY C 321 -17.57 -35.00 38.36
CA GLY C 321 -18.40 -34.54 39.47
C GLY C 321 -19.86 -34.97 39.31
N THR C 322 -20.75 -34.36 40.12
CA THR C 322 -22.16 -34.72 40.13
C THR C 322 -22.95 -33.73 39.26
N SER C 323 -23.83 -34.27 38.40
CA SER C 323 -24.65 -33.46 37.50
C SER C 323 -26.10 -33.88 37.71
N VAL C 324 -27.02 -32.93 37.48
CA VAL C 324 -28.44 -33.19 37.64
C VAL C 324 -29.15 -32.88 36.33
N VAL C 325 -30.10 -33.73 35.96
CA VAL C 325 -30.95 -33.45 34.81
C VAL C 325 -32.40 -33.49 35.28
N THR C 326 -33.18 -32.56 34.74
CA THR C 326 -34.60 -32.44 35.06
C THR C 326 -35.36 -32.45 33.75
N GLU C 327 -36.25 -33.44 33.60
CA GLU C 327 -37.02 -33.60 32.39
C GLU C 327 -38.45 -33.11 32.64
N THR C 328 -38.82 -31.96 32.07
CA THR C 328 -40.12 -31.36 32.30
C THR C 328 -41.06 -31.54 31.10
N VAL C 329 -40.61 -32.21 30.03
CA VAL C 329 -41.45 -32.35 28.83
C VAL C 329 -42.03 -33.76 28.74
N PHE C 330 -41.29 -34.77 29.19
CA PHE C 330 -41.76 -36.16 29.12
C PHE C 330 -41.67 -36.81 30.50
N GLU C 331 -42.60 -37.72 30.76
CA GLU C 331 -42.80 -38.28 32.09
C GLU C 331 -41.80 -39.39 32.38
N ASN C 332 -41.48 -40.20 31.36
CA ASN C 332 -40.70 -41.40 31.57
C ASN C 332 -39.60 -41.53 30.51
N ARG C 333 -38.67 -40.57 30.48
CA ARG C 333 -37.63 -40.55 29.47
C ARG C 333 -36.25 -40.68 30.11
N PHE C 334 -36.13 -41.56 31.12
CA PHE C 334 -34.87 -41.87 31.78
C PHE C 334 -34.55 -43.37 31.73
N GLN C 335 -35.20 -44.12 30.85
CA GLN C 335 -35.05 -45.56 30.84
C GLN C 335 -33.63 -45.97 30.38
N HIS C 336 -33.02 -45.13 29.54
CA HIS C 336 -31.64 -45.35 29.15
C HIS C 336 -30.70 -45.33 30.36
N LEU C 337 -30.98 -44.49 31.36
CA LEU C 337 -30.15 -44.44 32.55
C LEU C 337 -30.31 -45.72 33.37
N GLU C 338 -31.51 -46.31 33.35
CA GLU C 338 -31.73 -47.59 34.01
C GLU C 338 -30.83 -48.64 33.37
N GLU C 339 -30.70 -48.64 32.02
CA GLU C 339 -29.87 -49.60 31.31
C GLU C 339 -28.39 -49.37 31.60
N MET C 340 -27.99 -48.10 31.65
CA MET C 340 -26.58 -47.73 31.77
C MET C 340 -26.02 -48.11 33.15
N ARG C 341 -26.88 -48.56 34.07
CA ARG C 341 -26.41 -49.18 35.30
C ARG C 341 -25.61 -50.45 34.98
N ARG C 342 -25.97 -51.14 33.89
CA ARG C 342 -25.23 -52.29 33.42
C ARG C 342 -23.79 -51.91 33.02
N MET C 343 -23.62 -50.64 32.60
CA MET C 343 -22.33 -50.09 32.24
C MET C 343 -21.66 -49.38 33.42
N ASN C 344 -22.14 -49.65 34.65
CA ASN C 344 -21.57 -49.13 35.90
C ASN C 344 -21.86 -47.63 36.09
N ALA C 345 -22.88 -47.08 35.41
CA ALA C 345 -23.29 -45.71 35.67
C ALA C 345 -23.90 -45.59 37.06
N HIS C 346 -23.37 -44.63 37.85
CA HIS C 346 -23.93 -44.29 39.15
C HIS C 346 -24.95 -43.16 39.01
N VAL C 347 -26.24 -43.50 39.13
CA VAL C 347 -27.31 -42.56 38.89
C VAL C 347 -28.47 -42.87 39.83
N LYS C 348 -29.09 -41.83 40.42
CA LYS C 348 -30.29 -41.97 41.22
C LYS C 348 -31.41 -41.22 40.54
N ILE C 349 -32.60 -41.85 40.43
CA ILE C 349 -33.74 -41.30 39.73
C ILE C 349 -34.87 -41.15 40.74
N ASP C 350 -35.58 -40.03 40.71
CA ASP C 350 -36.81 -39.84 41.47
C ASP C 350 -37.70 -38.87 40.71
N GLY C 351 -38.84 -39.37 40.25
CA GLY C 351 -39.74 -38.57 39.44
C GLY C 351 -39.03 -38.17 38.16
N ASN C 352 -38.95 -36.85 37.93
CA ASN C 352 -38.42 -36.34 36.67
C ASN C 352 -37.05 -35.69 36.91
N VAL C 353 -36.35 -36.13 37.97
CA VAL C 353 -34.98 -35.72 38.27
C VAL C 353 -34.07 -36.93 38.26
N ALA C 354 -32.85 -36.76 37.74
CA ALA C 354 -31.84 -37.80 37.79
C ALA C 354 -30.51 -37.19 38.20
N ILE C 355 -29.79 -37.91 39.07
CA ILE C 355 -28.59 -37.41 39.73
C ILE C 355 -27.44 -38.33 39.35
N MET C 356 -26.46 -37.79 38.61
CA MET C 356 -25.44 -38.62 38.00
C MET C 356 -24.09 -38.30 38.62
N ASP C 357 -23.39 -39.33 39.10
CA ASP C 357 -22.06 -39.20 39.65
C ASP C 357 -21.06 -39.76 38.63
N GLY C 358 -20.30 -38.86 37.98
CA GLY C 358 -19.43 -39.23 36.88
C GLY C 358 -18.00 -39.56 37.31
N ASN C 359 -17.74 -39.66 38.62
CA ASN C 359 -16.42 -40.04 39.10
C ASN C 359 -16.35 -41.57 39.22
N HIS C 360 -16.75 -42.26 38.14
CA HIS C 360 -16.70 -43.71 38.03
C HIS C 360 -16.46 -44.04 36.56
N GLU C 361 -15.63 -45.05 36.28
CA GLU C 361 -15.39 -45.48 34.91
C GLU C 361 -16.60 -46.26 34.42
N LEU C 362 -17.06 -45.92 33.21
CA LEU C 362 -18.05 -46.72 32.51
C LEU C 362 -17.40 -48.03 32.04
N GLN C 363 -18.23 -49.07 31.96
CA GLN C 363 -17.78 -50.39 31.59
C GLN C 363 -18.65 -50.92 30.45
N GLY C 364 -18.01 -51.51 29.43
CA GLY C 364 -18.74 -52.16 28.36
C GLY C 364 -19.66 -53.27 28.88
N ALA C 365 -20.85 -53.37 28.27
CA ALA C 365 -21.82 -54.42 28.56
C ALA C 365 -22.83 -54.52 27.41
N GLU C 366 -23.55 -55.65 27.32
CA GLU C 366 -24.70 -55.77 26.42
C GLU C 366 -25.83 -54.90 26.98
N VAL C 367 -26.39 -54.01 26.15
CA VAL C 367 -27.44 -53.09 26.57
C VAL C 367 -28.49 -52.99 25.46
N TYR C 368 -29.78 -52.94 25.85
CA TYR C 368 -30.92 -52.84 24.94
C TYR C 368 -31.48 -51.42 24.97
N ALA C 369 -31.58 -50.80 23.78
CA ALA C 369 -32.26 -49.52 23.64
C ALA C 369 -33.76 -49.68 23.86
N THR C 370 -34.40 -48.62 24.33
CA THR C 370 -35.82 -48.57 24.69
C THR C 370 -36.57 -47.59 23.78
N ASP C 371 -35.83 -46.70 23.11
CA ASP C 371 -36.41 -45.67 22.26
C ASP C 371 -35.29 -45.07 21.41
N LEU C 372 -35.68 -44.25 20.43
CA LEU C 372 -34.77 -43.67 19.47
C LEU C 372 -33.53 -43.06 20.11
N ARG C 373 -33.70 -42.08 21.02
CA ARG C 373 -32.56 -41.30 21.51
C ARG C 373 -31.77 -42.07 22.56
N ALA C 374 -32.43 -42.99 23.26
CA ALA C 374 -31.74 -43.89 24.18
C ALA C 374 -30.71 -44.72 23.40
N ALA C 375 -31.06 -45.15 22.18
CA ALA C 375 -30.13 -45.96 21.39
C ALA C 375 -28.87 -45.15 21.08
N ALA C 376 -29.03 -43.89 20.68
CA ALA C 376 -27.89 -43.02 20.40
C ALA C 376 -27.07 -42.80 21.68
N ALA C 377 -27.74 -42.61 22.82
CA ALA C 377 -27.06 -42.33 24.08
C ALA C 377 -26.17 -43.49 24.51
N LEU C 378 -26.66 -44.73 24.32
CA LEU C 378 -25.91 -45.93 24.67
C LEU C 378 -24.66 -46.10 23.81
N VAL C 379 -24.76 -45.73 22.53
CA VAL C 379 -23.61 -45.77 21.62
C VAL C 379 -22.58 -44.75 22.08
N LEU C 380 -23.03 -43.52 22.37
CA LEU C 380 -22.15 -42.46 22.87
C LEU C 380 -21.45 -42.90 24.16
N ALA C 381 -22.18 -43.54 25.07
CA ALA C 381 -21.58 -44.00 26.31
C ALA C 381 -20.49 -45.01 26.00
N GLY C 382 -20.74 -45.86 24.98
CA GLY C 382 -19.77 -46.85 24.53
C GLY C 382 -18.44 -46.23 24.11
N LEU C 383 -18.48 -45.01 23.55
CA LEU C 383 -17.29 -44.31 23.09
C LEU C 383 -16.33 -44.00 24.25
N LYS C 384 -16.87 -43.98 25.48
CA LYS C 384 -16.08 -43.63 26.65
C LYS C 384 -16.01 -44.79 27.65
N ALA C 385 -16.71 -45.89 27.38
CA ALA C 385 -16.67 -47.02 28.29
C ALA C 385 -15.38 -47.79 28.05
N ASN C 386 -14.94 -48.50 29.09
CA ASN C 386 -13.78 -49.35 28.99
C ASN C 386 -14.32 -50.76 28.68
N GLY C 387 -13.75 -51.40 27.65
CA GLY C 387 -14.18 -52.72 27.22
C GLY C 387 -15.05 -52.63 25.97
N ILE C 388 -15.97 -53.59 25.82
CA ILE C 388 -16.80 -53.68 24.63
C ILE C 388 -18.27 -53.48 25.02
N THR C 389 -18.91 -52.50 24.37
CA THR C 389 -20.33 -52.24 24.52
C THR C 389 -21.06 -52.80 23.31
N ARG C 390 -22.19 -53.50 23.53
CA ARG C 390 -23.00 -54.04 22.44
C ARG C 390 -24.42 -53.49 22.56
N VAL C 391 -24.84 -52.63 21.62
CA VAL C 391 -26.12 -51.95 21.70
C VAL C 391 -27.12 -52.69 20.80
N ARG C 392 -28.28 -53.08 21.36
CA ARG C 392 -29.31 -53.81 20.66
C ARG C 392 -30.62 -53.00 20.64
N ASN C 393 -31.63 -53.55 19.94
CA ASN C 393 -32.86 -52.87 19.54
C ASN C 393 -32.55 -51.68 18.63
N LEU C 394 -31.82 -51.94 17.53
CA LEU C 394 -31.44 -50.93 16.56
C LEU C 394 -32.64 -50.50 15.69
N ASN C 395 -33.77 -51.23 15.81
CA ASN C 395 -34.99 -50.76 15.19
C ASN C 395 -35.29 -49.32 15.68
N TYR C 396 -35.01 -49.01 16.95
CA TYR C 396 -35.24 -47.67 17.50
C TYR C 396 -34.30 -46.65 16.88
N LEU C 397 -33.01 -47.01 16.73
CA LEU C 397 -32.02 -46.11 16.17
C LEU C 397 -32.40 -45.69 14.75
N ASP C 398 -32.88 -46.66 13.96
CA ASP C 398 -33.13 -46.46 12.53
C ASP C 398 -34.34 -45.54 12.30
N ARG C 399 -35.13 -45.29 13.35
CA ARG C 399 -36.27 -44.38 13.24
C ARG C 399 -35.80 -42.94 13.05
N GLY C 400 -34.59 -42.62 13.54
CA GLY C 400 -34.13 -41.25 13.57
C GLY C 400 -32.68 -41.01 13.13
N TYR C 401 -31.86 -42.05 12.95
CA TYR C 401 -30.48 -41.86 12.53
C TYR C 401 -30.18 -42.74 11.32
N TYR C 402 -29.61 -42.14 10.29
CA TYR C 402 -29.20 -42.86 9.09
C TYR C 402 -27.69 -43.04 9.11
N ASN C 403 -27.23 -44.30 9.06
CA ASN C 403 -25.82 -44.62 8.94
C ASN C 403 -25.03 -44.08 10.12
N PHE C 404 -25.56 -44.27 11.33
CA PHE C 404 -24.94 -43.68 12.51
C PHE C 404 -23.52 -44.25 12.69
N HIS C 405 -23.41 -45.58 12.57
CA HIS C 405 -22.15 -46.28 12.78
C HIS C 405 -21.10 -45.86 11.74
N ILE C 406 -21.52 -45.62 10.49
CA ILE C 406 -20.58 -45.28 9.43
C ILE C 406 -20.03 -43.87 9.67
N LYS C 407 -20.90 -42.92 10.02
CA LYS C 407 -20.48 -41.55 10.31
C LYS C 407 -19.50 -41.52 11.49
N LEU C 408 -19.73 -42.37 12.49
CA LEU C 408 -18.84 -42.47 13.62
C LEU C 408 -17.51 -43.11 13.23
N GLN C 409 -17.54 -44.18 12.39
CA GLN C 409 -16.31 -44.79 11.90
C GLN C 409 -15.45 -43.74 11.18
N GLN C 410 -16.10 -42.93 10.33
CA GLN C 410 -15.40 -41.94 9.54
C GLN C 410 -14.75 -40.88 10.42
N LEU C 411 -15.17 -40.75 11.69
CA LEU C 411 -14.57 -39.80 12.60
C LEU C 411 -13.50 -40.44 13.48
N GLY C 412 -13.19 -41.74 13.25
CA GLY C 412 -12.13 -42.41 13.97
C GLY C 412 -12.63 -43.28 15.13
N ALA C 413 -13.97 -43.44 15.24
CA ALA C 413 -14.55 -44.24 16.31
C ALA C 413 -14.49 -45.72 15.94
N ASP C 414 -14.35 -46.56 16.97
CA ASP C 414 -14.29 -48.00 16.82
C ASP C 414 -15.70 -48.55 17.00
N VAL C 415 -16.49 -48.52 15.92
CA VAL C 415 -17.91 -48.84 15.93
C VAL C 415 -18.23 -49.73 14.73
N GLU C 416 -18.85 -50.89 14.96
CA GLU C 416 -19.29 -51.78 13.89
C GLU C 416 -20.77 -52.07 14.07
N ARG C 417 -21.48 -52.37 12.97
CA ARG C 417 -22.83 -52.90 13.02
C ARG C 417 -22.84 -54.26 12.34
N VAL C 418 -23.29 -55.30 13.06
CA VAL C 418 -23.08 -56.69 12.66
C VAL C 418 -24.32 -57.51 13.02
N ASP C 419 -24.43 -58.70 12.41
CA ASP C 419 -25.49 -59.64 12.74
C ASP C 419 -25.15 -60.41 14.02
N MET C 420 -26.20 -60.92 14.68
CA MET C 420 -26.07 -61.85 15.80
C MET C 420 -26.46 -63.25 15.32
N MET D 1 17.01 0.33 -24.50
CA MET D 1 18.49 0.48 -24.55
C MET D 1 18.90 1.78 -23.83
N GLU D 2 18.27 2.92 -24.16
CA GLU D 2 18.67 4.22 -23.63
C GLU D 2 17.64 4.83 -22.65
N GLU D 3 18.12 5.70 -21.76
CA GLU D 3 17.26 6.47 -20.88
C GLU D 3 17.77 7.91 -20.75
N ILE D 4 16.84 8.83 -20.47
CA ILE D 4 17.18 10.18 -20.04
C ILE D 4 17.04 10.25 -18.51
N ILE D 5 18.11 10.71 -17.85
CA ILE D 5 18.15 10.85 -16.40
C ILE D 5 18.05 12.35 -16.12
N VAL D 6 17.12 12.70 -15.21
CA VAL D 6 16.80 14.09 -14.92
C VAL D 6 16.89 14.27 -13.41
N ARG D 7 17.59 15.33 -12.98
CA ARG D 7 17.47 15.82 -11.61
C ARG D 7 16.80 17.18 -11.66
N GLY D 8 15.91 17.42 -10.68
CA GLY D 8 15.15 18.65 -10.61
C GLY D 8 15.90 19.73 -9.82
N GLY D 9 15.31 20.92 -9.75
CA GLY D 9 15.76 21.97 -8.85
C GLY D 9 16.57 23.08 -9.52
N ASN D 10 16.71 23.05 -10.85
CA ASN D 10 17.53 24.01 -11.56
C ASN D 10 16.66 24.88 -12.46
N GLN D 11 17.01 26.16 -12.52
CA GLN D 11 16.34 27.14 -13.36
C GLN D 11 16.96 27.11 -14.76
N LEU D 12 16.11 27.19 -15.78
CA LEU D 12 16.56 27.21 -17.15
C LEU D 12 16.83 28.66 -17.56
N ASN D 13 17.99 28.90 -18.16
CA ASN D 13 18.43 30.21 -18.59
C ASN D 13 19.18 30.07 -19.91
N GLY D 14 18.90 30.96 -20.87
CA GLY D 14 19.67 31.01 -22.09
C GLY D 14 18.79 31.12 -23.31
N THR D 15 19.40 30.85 -24.48
CA THR D 15 18.73 30.86 -25.76
C THR D 15 18.62 29.42 -26.28
N VAL D 16 17.52 29.08 -26.95
CA VAL D 16 17.33 27.78 -27.57
C VAL D 16 16.91 27.98 -29.02
N ARG D 17 17.60 27.25 -29.93
CA ARG D 17 17.26 27.20 -31.34
C ARG D 17 16.28 26.04 -31.56
N ILE D 18 15.36 26.22 -32.49
CA ILE D 18 14.26 25.30 -32.74
C ILE D 18 14.36 24.78 -34.17
N GLU D 19 14.14 23.48 -34.35
CA GLU D 19 14.16 22.86 -35.66
C GLU D 19 12.91 23.23 -36.46
N GLY D 20 12.98 22.99 -37.78
CA GLY D 20 11.82 23.02 -38.65
C GLY D 20 10.77 22.00 -38.24
N ALA D 21 9.51 22.28 -38.60
CA ALA D 21 8.34 21.60 -38.07
C ALA D 21 8.22 20.20 -38.66
N LYS D 22 8.16 19.20 -37.76
CA LYS D 22 7.83 17.84 -38.14
C LYS D 22 6.52 17.79 -38.93
N ASN D 23 5.50 18.50 -38.45
CA ASN D 23 4.16 18.34 -39.01
C ASN D 23 4.00 19.11 -40.33
N ALA D 24 4.98 19.95 -40.69
CA ALA D 24 5.02 20.58 -42.00
C ALA D 24 5.90 19.77 -42.97
N VAL D 25 6.99 19.20 -42.47
CA VAL D 25 7.99 18.63 -43.36
C VAL D 25 7.45 17.36 -44.00
N LEU D 26 6.65 16.57 -43.25
CA LEU D 26 6.16 15.31 -43.77
C LEU D 26 5.24 15.51 -44.97
N PRO D 27 4.17 16.34 -44.91
CA PRO D 27 3.37 16.63 -46.10
C PRO D 27 4.11 17.36 -47.21
N ILE D 28 5.08 18.20 -46.88
CA ILE D 28 5.83 18.92 -47.90
C ILE D 28 6.76 17.98 -48.67
N LEU D 29 7.28 16.93 -47.99
CA LEU D 29 8.01 15.88 -48.68
C LEU D 29 7.11 15.17 -49.69
N ALA D 30 5.88 14.87 -49.27
CA ALA D 30 4.87 14.28 -50.16
C ALA D 30 4.56 15.21 -51.32
N ALA D 31 4.53 16.52 -51.06
CA ALA D 31 4.23 17.53 -52.08
C ALA D 31 5.28 17.52 -53.18
N SER D 32 6.50 17.10 -52.84
CA SER D 32 7.61 17.11 -53.78
C SER D 32 7.42 16.08 -54.90
N LEU D 33 6.50 15.12 -54.70
CA LEU D 33 6.13 14.14 -55.72
C LEU D 33 5.39 14.81 -56.88
N LEU D 34 4.85 16.02 -56.67
CA LEU D 34 4.06 16.70 -57.67
C LEU D 34 4.96 17.28 -58.77
N ALA D 35 6.25 17.48 -58.47
CA ALA D 35 7.18 18.09 -59.42
C ALA D 35 7.68 17.05 -60.43
N GLU D 36 7.16 17.14 -61.66
CA GLU D 36 7.44 16.18 -62.72
C GLU D 36 8.82 16.45 -63.32
N GLU D 37 9.31 17.69 -63.18
CA GLU D 37 10.63 18.09 -63.67
C GLU D 37 11.32 18.97 -62.62
N GLY D 38 12.63 18.79 -62.47
CA GLY D 38 13.45 19.61 -61.58
C GLY D 38 13.81 18.87 -60.29
N ILE D 39 14.69 19.51 -59.50
CA ILE D 39 15.10 19.03 -58.19
C ILE D 39 14.51 19.93 -57.12
N THR D 40 13.71 19.35 -56.22
CA THR D 40 13.20 20.04 -55.05
C THR D 40 14.28 20.07 -53.96
N THR D 41 14.53 21.24 -53.36
CA THR D 41 15.48 21.36 -52.26
C THR D 41 14.76 21.94 -51.04
N LEU D 42 14.68 21.14 -49.97
CA LEU D 42 14.07 21.55 -48.71
C LEU D 42 15.17 21.88 -47.70
N ASP D 43 15.06 23.05 -47.07
CA ASP D 43 15.97 23.50 -46.03
C ASP D 43 15.25 23.48 -44.68
N ASN D 44 16.03 23.48 -43.59
CA ASN D 44 15.53 23.49 -42.22
C ASN D 44 14.74 22.21 -41.96
N VAL D 45 15.21 21.09 -42.54
CA VAL D 45 14.61 19.79 -42.31
C VAL D 45 15.16 19.24 -41.00
N PRO D 46 14.30 18.90 -40.00
CA PRO D 46 14.78 18.36 -38.73
C PRO D 46 15.22 16.90 -38.87
N ILE D 47 16.22 16.53 -38.06
CA ILE D 47 16.69 15.15 -38.01
C ILE D 47 15.81 14.39 -37.03
N LEU D 48 14.71 13.80 -37.53
CA LEU D 48 13.80 13.00 -36.72
C LEU D 48 13.57 11.66 -37.42
N SER D 49 13.14 10.63 -36.68
CA SER D 49 12.95 9.34 -37.29
C SER D 49 11.77 9.34 -38.28
N ASP D 50 10.75 10.19 -38.04
CA ASP D 50 9.63 10.26 -38.98
C ASP D 50 10.10 10.78 -40.34
N VAL D 51 11.10 11.67 -40.38
CA VAL D 51 11.67 12.16 -41.63
C VAL D 51 12.38 11.03 -42.37
N PHE D 52 13.09 10.17 -41.64
CA PHE D 52 13.77 9.04 -42.27
C PHE D 52 12.75 8.06 -42.84
N THR D 53 11.65 7.81 -42.11
CA THR D 53 10.60 6.92 -42.56
C THR D 53 9.92 7.48 -43.80
N MET D 54 9.60 8.77 -43.79
CA MET D 54 8.93 9.40 -44.92
C MET D 54 9.84 9.36 -46.15
N ASN D 55 11.15 9.59 -45.95
CA ASN D 55 12.10 9.51 -47.05
C ASN D 55 12.11 8.11 -47.66
N GLN D 56 11.97 7.06 -46.84
CA GLN D 56 11.91 5.69 -47.35
C GLN D 56 10.64 5.48 -48.16
N VAL D 57 9.51 5.96 -47.62
CA VAL D 57 8.20 5.81 -48.27
C VAL D 57 8.30 6.34 -49.70
N ILE D 58 8.92 7.51 -49.84
CA ILE D 58 9.00 8.23 -51.09
C ILE D 58 9.97 7.56 -52.06
N ARG D 59 11.09 7.02 -51.56
CA ARG D 59 12.03 6.30 -52.40
C ARG D 59 11.34 5.10 -53.05
N HIS D 60 10.53 4.36 -52.26
CA HIS D 60 9.84 3.17 -52.73
C HIS D 60 8.84 3.51 -53.84
N LEU D 61 8.59 4.80 -54.09
CA LEU D 61 7.75 5.26 -55.20
C LEU D 61 8.60 5.64 -56.41
N ASN D 62 9.89 5.23 -56.42
CA ASN D 62 10.80 5.42 -57.54
C ASN D 62 11.25 6.89 -57.62
N VAL D 63 11.79 7.37 -56.50
CA VAL D 63 12.19 8.77 -56.33
C VAL D 63 13.55 8.79 -55.63
N ASP D 64 14.44 9.71 -56.03
CA ASP D 64 15.70 9.90 -55.34
C ASP D 64 15.57 10.95 -54.25
N VAL D 65 15.91 10.56 -53.03
CA VAL D 65 15.89 11.44 -51.89
C VAL D 65 17.25 11.38 -51.21
N ASP D 66 17.95 12.53 -51.18
CA ASP D 66 19.19 12.65 -50.44
C ASP D 66 18.98 13.59 -49.24
N PHE D 67 19.31 13.10 -48.05
CA PHE D 67 19.23 13.88 -46.82
C PHE D 67 20.64 14.18 -46.33
N ASP D 68 21.10 15.42 -46.55
CA ASP D 68 22.31 15.94 -45.94
C ASP D 68 21.99 16.44 -44.53
N GLU D 69 22.24 15.61 -43.50
CA GLU D 69 21.86 15.91 -42.12
C GLU D 69 22.64 17.10 -41.58
N GLN D 70 23.88 17.28 -42.04
CA GLN D 70 24.76 18.32 -41.56
C GLN D 70 24.23 19.69 -41.98
N LYS D 71 23.65 19.76 -43.20
CA LYS D 71 23.08 20.98 -43.73
C LYS D 71 21.58 21.07 -43.43
N ASN D 72 20.98 20.06 -42.81
CA ASN D 72 19.54 19.99 -42.58
C ASN D 72 18.78 20.18 -43.88
N GLN D 73 19.16 19.42 -44.92
CA GLN D 73 18.69 19.68 -46.27
C GLN D 73 18.40 18.38 -47.01
N VAL D 74 17.27 18.37 -47.74
CA VAL D 74 16.82 17.21 -48.51
C VAL D 74 16.62 17.62 -49.96
N THR D 75 17.24 16.91 -50.90
CA THR D 75 16.97 17.12 -52.32
C THR D 75 16.11 15.95 -52.80
N ILE D 76 15.11 16.25 -53.63
CA ILE D 76 14.21 15.24 -54.16
C ILE D 76 14.18 15.36 -55.68
N ASP D 77 14.29 14.22 -56.36
CA ASP D 77 14.12 14.12 -57.79
C ASP D 77 13.01 13.12 -58.08
N ALA D 78 11.84 13.63 -58.48
CA ALA D 78 10.69 12.79 -58.73
C ALA D 78 10.29 12.85 -60.21
N SER D 79 11.29 12.89 -61.09
CA SER D 79 11.06 13.16 -62.51
C SER D 79 10.85 11.87 -63.30
N ARG D 80 11.17 10.71 -62.70
CA ARG D 80 10.86 9.42 -63.30
C ARG D 80 9.38 9.07 -63.04
N GLN D 81 8.86 8.12 -63.81
CA GLN D 81 7.54 7.52 -63.59
C GLN D 81 7.50 6.93 -62.18
N LEU D 82 6.48 7.35 -61.41
CA LEU D 82 6.32 6.92 -60.04
C LEU D 82 5.65 5.54 -59.99
N GLU D 83 6.10 4.69 -59.06
CA GLU D 83 5.33 3.56 -58.56
C GLU D 83 4.28 4.13 -57.60
N ILE D 84 3.26 3.33 -57.25
CA ILE D 84 2.05 3.85 -56.63
C ILE D 84 1.75 3.20 -55.29
N GLU D 85 2.70 2.42 -54.74
CA GLU D 85 2.41 1.57 -53.59
C GLU D 85 3.15 2.03 -52.33
N ALA D 86 2.41 2.14 -51.23
CA ALA D 86 2.97 2.42 -49.90
C ALA D 86 2.54 1.34 -48.91
N PRO D 87 3.39 0.32 -48.61
CA PRO D 87 2.96 -0.87 -47.88
C PRO D 87 2.78 -0.68 -46.37
N TYR D 88 2.19 -1.68 -45.69
CA TYR D 88 1.95 -1.60 -44.26
C TYR D 88 3.26 -1.55 -43.48
N GLU D 89 4.35 -2.05 -44.07
CA GLU D 89 5.66 -1.99 -43.44
C GLU D 89 5.95 -0.55 -42.98
N TYR D 90 5.56 0.44 -43.79
CA TYR D 90 5.83 1.84 -43.50
C TYR D 90 4.64 2.51 -42.80
N VAL D 91 3.42 2.23 -43.26
CA VAL D 91 2.23 2.87 -42.70
C VAL D 91 2.03 2.43 -41.25
N SER D 92 2.43 1.21 -40.88
CA SER D 92 2.28 0.72 -39.52
C SER D 92 3.21 1.47 -38.55
N GLN D 93 4.35 1.96 -39.07
CA GLN D 93 5.31 2.73 -38.29
C GLN D 93 4.83 4.18 -38.12
N MET D 94 4.12 4.71 -39.13
CA MET D 94 3.82 6.12 -39.20
C MET D 94 2.68 6.36 -40.19
N ARG D 95 1.49 6.69 -39.69
CA ARG D 95 0.30 6.76 -40.54
C ARG D 95 0.30 8.04 -41.38
N ALA D 96 1.15 9.01 -41.04
CA ALA D 96 1.34 10.21 -41.87
C ALA D 96 1.79 9.87 -43.29
N SER D 97 2.31 8.66 -43.50
CA SER D 97 2.79 8.28 -44.81
C SER D 97 1.66 8.18 -45.84
N ILE D 98 0.40 8.24 -45.40
CA ILE D 98 -0.72 8.14 -46.33
C ILE D 98 -0.92 9.44 -47.11
N VAL D 99 -0.31 10.55 -46.69
CA VAL D 99 -0.48 11.81 -47.43
C VAL D 99 0.24 11.77 -48.78
N VAL D 100 0.83 10.62 -49.16
CA VAL D 100 1.34 10.44 -50.52
C VAL D 100 0.20 10.09 -51.46
N MET D 101 -0.96 9.74 -50.92
CA MET D 101 -2.08 9.29 -51.73
C MET D 101 -2.57 10.42 -52.65
N GLY D 102 -2.64 11.64 -52.11
CA GLY D 102 -3.08 12.80 -52.85
C GLY D 102 -2.20 13.11 -54.06
N PRO D 103 -0.87 13.35 -53.87
CA PRO D 103 0.04 13.55 -55.00
C PRO D 103 0.07 12.41 -56.03
N LEU D 104 -0.06 11.16 -55.57
CA LEU D 104 -0.09 10.01 -56.47
C LEU D 104 -1.34 10.05 -57.35
N LEU D 105 -2.49 10.48 -56.80
CA LEU D 105 -3.69 10.65 -57.60
C LEU D 105 -3.51 11.76 -58.63
N ALA D 106 -2.89 12.87 -58.22
CA ALA D 106 -2.65 13.99 -59.12
C ALA D 106 -1.69 13.62 -60.26
N ARG D 107 -0.60 12.89 -59.97
CA ARG D 107 0.42 12.55 -60.95
C ARG D 107 -0.01 11.38 -61.83
N ASN D 108 -0.46 10.30 -61.19
CA ASN D 108 -0.67 9.00 -61.83
C ASN D 108 -2.16 8.70 -62.03
N GLY D 109 -3.05 9.31 -61.25
CA GLY D 109 -4.45 8.91 -61.22
C GLY D 109 -4.67 7.56 -60.55
N HIS D 110 -3.69 7.14 -59.73
CA HIS D 110 -3.69 5.82 -59.12
C HIS D 110 -2.82 5.87 -57.85
N ALA D 111 -3.34 5.27 -56.76
CA ALA D 111 -2.59 5.14 -55.52
C ALA D 111 -3.06 3.89 -54.79
N LYS D 112 -2.11 3.19 -54.16
CA LYS D 112 -2.40 1.96 -53.46
C LYS D 112 -1.66 2.02 -52.12
N VAL D 113 -2.39 2.38 -51.06
CA VAL D 113 -1.79 2.74 -49.79
C VAL D 113 -2.42 1.90 -48.68
N ALA D 114 -1.59 1.35 -47.79
CA ALA D 114 -2.06 0.53 -46.69
C ALA D 114 -2.97 1.34 -45.78
N MET D 115 -4.08 0.70 -45.39
CA MET D 115 -5.04 1.26 -44.47
C MET D 115 -4.33 1.33 -43.12
N PRO D 116 -4.29 2.52 -42.44
CA PRO D 116 -3.74 2.58 -41.08
C PRO D 116 -4.55 1.74 -40.11
N GLY D 117 -3.87 1.17 -39.12
CA GLY D 117 -4.52 0.45 -38.04
C GLY D 117 -4.61 1.34 -36.80
N GLY D 118 -4.58 0.71 -35.61
CA GLY D 118 -4.67 1.39 -34.35
C GLY D 118 -3.50 2.33 -34.07
N ALA D 120 -1.96 4.42 -30.50
CA ALA D 120 -1.98 4.50 -29.04
C ALA D 120 -2.95 5.56 -28.54
N ILE D 121 -2.88 6.79 -29.11
CA ILE D 121 -3.52 7.97 -28.56
C ILE D 121 -4.97 8.12 -29.07
N GLY D 122 -5.40 7.20 -29.94
CA GLY D 122 -6.81 7.06 -30.27
C GLY D 122 -7.22 7.98 -31.41
N LYS D 123 -6.75 7.61 -32.63
CA LYS D 123 -6.88 8.46 -33.81
C LYS D 123 -8.23 8.24 -34.49
N ARG D 124 -8.52 9.11 -35.45
CA ARG D 124 -9.70 8.97 -36.31
C ARG D 124 -9.38 8.02 -37.44
N PRO D 125 -10.42 7.51 -38.13
CA PRO D 125 -10.21 6.75 -39.37
C PRO D 125 -9.88 7.72 -40.51
N ILE D 126 -9.67 7.17 -41.72
CA ILE D 126 -9.27 8.03 -42.82
C ILE D 126 -10.48 8.37 -43.71
N ASP D 127 -11.68 8.24 -43.14
CA ASP D 127 -12.94 8.44 -43.86
C ASP D 127 -12.97 9.79 -44.59
N LEU D 128 -12.46 10.87 -43.96
CA LEU D 128 -12.55 12.18 -44.57
C LEU D 128 -11.60 12.34 -45.75
N HIS D 129 -10.46 11.65 -45.74
CA HIS D 129 -9.57 11.60 -46.90
C HIS D 129 -10.32 11.03 -48.10
N LEU D 130 -11.00 9.90 -47.87
CA LEU D 130 -11.68 9.16 -48.93
C LEU D 130 -12.88 9.95 -49.42
N LYS D 131 -13.60 10.61 -48.51
CA LYS D 131 -14.72 11.47 -48.88
C LYS D 131 -14.24 12.54 -49.85
N GLY D 132 -13.10 13.16 -49.54
CA GLY D 132 -12.51 14.16 -50.39
C GLY D 132 -12.16 13.63 -51.77
N PHE D 133 -11.53 12.46 -51.81
CA PHE D 133 -11.08 11.90 -53.08
C PHE D 133 -12.28 11.46 -53.93
N GLN D 134 -13.32 10.88 -53.31
CA GLN D 134 -14.55 10.51 -54.01
C GLN D 134 -15.19 11.78 -54.59
N ALA D 135 -15.18 12.88 -53.84
CA ALA D 135 -15.76 14.13 -54.31
C ALA D 135 -15.05 14.65 -55.57
N LEU D 136 -13.77 14.30 -55.74
CA LEU D 136 -12.98 14.75 -56.88
C LEU D 136 -13.05 13.76 -58.05
N GLY D 137 -13.76 12.66 -57.88
CA GLY D 137 -14.02 11.73 -58.97
C GLY D 137 -13.27 10.41 -58.85
N ALA D 138 -12.73 10.09 -57.67
CA ALA D 138 -11.94 8.88 -57.46
C ALA D 138 -12.84 7.71 -57.05
N LYS D 139 -12.56 6.53 -57.59
CA LYS D 139 -13.16 5.27 -57.17
C LYS D 139 -12.24 4.66 -56.10
N ILE D 140 -12.84 4.08 -55.04
CA ILE D 140 -12.08 3.55 -53.92
C ILE D 140 -12.40 2.07 -53.73
N ILE D 141 -11.37 1.20 -53.80
CA ILE D 141 -11.50 -0.22 -53.49
C ILE D 141 -10.65 -0.51 -52.25
N GLN D 142 -11.07 -1.49 -51.43
CA GLN D 142 -10.26 -2.07 -50.39
C GLN D 142 -10.03 -3.55 -50.69
N LYS D 143 -8.79 -4.04 -50.56
CA LYS D 143 -8.44 -5.47 -50.68
C LYS D 143 -7.10 -5.66 -49.97
N ASN D 144 -6.95 -6.76 -49.22
CA ASN D 144 -5.70 -7.12 -48.54
C ASN D 144 -5.15 -5.96 -47.71
N GLY D 145 -6.01 -5.19 -47.03
CA GLY D 145 -5.52 -4.13 -46.16
C GLY D 145 -4.99 -2.89 -46.90
N TYR D 146 -5.29 -2.76 -48.20
CA TYR D 146 -4.88 -1.62 -49.00
C TYR D 146 -6.11 -0.82 -49.41
N ILE D 147 -5.96 0.50 -49.46
CA ILE D 147 -6.92 1.35 -50.12
C ILE D 147 -6.38 1.67 -51.51
N GLU D 148 -7.16 1.28 -52.53
CA GLU D 148 -6.79 1.57 -53.90
C GLU D 148 -7.72 2.66 -54.42
N ALA D 149 -7.14 3.81 -54.78
CA ALA D 149 -7.89 4.92 -55.38
C ALA D 149 -7.48 5.05 -56.85
N ILE D 150 -8.50 5.09 -57.73
CA ILE D 150 -8.30 5.27 -59.16
C ILE D 150 -9.11 6.50 -59.60
N ALA D 151 -8.49 7.39 -60.38
CA ALA D 151 -9.19 8.52 -60.98
C ALA D 151 -8.59 8.83 -62.35
N ASP D 152 -9.35 8.56 -63.42
CA ASP D 152 -8.93 8.92 -64.78
C ASP D 152 -8.77 10.43 -64.86
N GLU D 153 -9.81 11.16 -64.40
CA GLU D 153 -9.81 12.61 -64.39
C GLU D 153 -10.30 13.12 -63.03
N LEU D 154 -9.42 13.85 -62.33
CA LEU D 154 -9.79 14.58 -61.13
C LEU D 154 -10.57 15.82 -61.54
N ILE D 155 -11.75 16.03 -60.92
CA ILE D 155 -12.58 17.19 -61.21
C ILE D 155 -12.92 17.90 -59.91
N GLY D 156 -12.63 19.21 -59.88
CA GLY D 156 -12.91 20.05 -58.73
C GLY D 156 -14.40 20.04 -58.33
N ASN D 157 -14.63 20.21 -57.02
CA ASN D 157 -15.94 20.08 -56.41
C ASN D 157 -15.93 20.82 -55.07
N THR D 158 -17.11 21.03 -54.49
CA THR D 158 -17.23 21.56 -53.14
C THR D 158 -17.24 20.39 -52.15
N ILE D 159 -16.39 20.51 -51.12
CA ILE D 159 -16.18 19.46 -50.13
C ILE D 159 -16.28 20.08 -48.75
N TYR D 160 -17.23 19.58 -47.94
CA TYR D 160 -17.36 20.00 -46.55
C TYR D 160 -16.73 18.92 -45.69
N LEU D 161 -15.78 19.33 -44.83
CA LEU D 161 -15.19 18.43 -43.85
C LEU D 161 -15.96 18.50 -42.54
N ASP D 162 -16.46 17.33 -42.09
CA ASP D 162 -17.25 17.22 -40.87
C ASP D 162 -16.42 17.66 -39.67
N PHE D 163 -15.12 17.36 -39.72
CA PHE D 163 -14.14 17.84 -38.75
C PHE D 163 -12.99 18.46 -39.54
N PRO D 164 -12.34 19.55 -39.05
CA PRO D 164 -11.23 20.19 -39.76
C PRO D 164 -9.93 19.40 -39.61
N SER D 165 -9.93 18.19 -40.18
CA SER D 165 -8.83 17.24 -40.18
C SER D 165 -7.63 17.79 -40.95
N VAL D 166 -6.50 17.91 -40.25
CA VAL D 166 -5.23 18.34 -40.83
C VAL D 166 -4.81 17.39 -41.95
N GLY D 167 -4.85 16.09 -41.68
CA GLY D 167 -4.40 15.08 -42.63
C GLY D 167 -5.27 15.03 -43.88
N ALA D 168 -6.58 15.01 -43.71
CA ALA D 168 -7.51 14.99 -44.82
C ALA D 168 -7.35 16.27 -45.64
N THR D 169 -7.19 17.41 -44.96
CA THR D 169 -6.98 18.69 -45.63
C THR D 169 -5.75 18.62 -46.54
N GLN D 170 -4.63 18.11 -46.01
CA GLN D 170 -3.36 18.00 -46.73
C GLN D 170 -3.50 17.07 -47.95
N ASN D 171 -4.09 15.90 -47.72
CA ASN D 171 -4.23 14.89 -48.75
C ASN D 171 -5.07 15.44 -49.91
N ILE D 172 -6.18 16.12 -49.57
CA ILE D 172 -7.12 16.61 -50.57
C ILE D 172 -6.52 17.81 -51.31
N MET D 173 -5.83 18.72 -50.60
CA MET D 173 -5.21 19.88 -51.22
C MET D 173 -4.32 19.40 -52.36
N MET D 174 -3.53 18.35 -52.08
CA MET D 174 -2.47 17.92 -52.97
C MET D 174 -3.02 17.18 -54.19
N ALA D 175 -4.19 16.55 -54.08
CA ALA D 175 -4.89 16.02 -55.23
C ALA D 175 -5.51 17.16 -56.05
N ALA D 176 -6.11 18.12 -55.35
CA ALA D 176 -6.95 19.14 -55.97
C ALA D 176 -6.15 20.16 -56.78
N VAL D 177 -4.86 20.34 -56.48
CA VAL D 177 -4.06 21.35 -57.16
C VAL D 177 -3.93 21.02 -58.65
N LYS D 178 -4.18 19.76 -59.04
CA LYS D 178 -4.13 19.33 -60.43
C LYS D 178 -5.47 18.81 -60.95
N ALA D 179 -6.56 19.01 -60.21
CA ALA D 179 -7.90 18.68 -60.68
C ALA D 179 -8.37 19.75 -61.67
N LYS D 180 -9.29 19.40 -62.58
CA LYS D 180 -9.83 20.37 -63.52
C LYS D 180 -10.83 21.27 -62.80
N GLY D 181 -10.62 22.59 -62.89
CA GLY D 181 -11.57 23.56 -62.39
C GLY D 181 -11.33 23.89 -60.92
N THR D 182 -12.39 24.38 -60.26
CA THR D 182 -12.31 24.90 -58.91
C THR D 182 -12.67 23.82 -57.89
N THR D 183 -11.89 23.77 -56.81
CA THR D 183 -12.19 22.98 -55.63
C THR D 183 -12.39 23.95 -54.47
N ILE D 184 -13.36 23.67 -53.62
CA ILE D 184 -13.60 24.47 -52.43
C ILE D 184 -13.72 23.53 -51.25
N ILE D 185 -12.87 23.73 -50.24
CA ILE D 185 -12.91 22.90 -49.03
C ILE D 185 -13.45 23.77 -47.91
N GLU D 186 -14.59 23.35 -47.33
CA GLU D 186 -15.22 24.10 -46.27
C GLU D 186 -14.97 23.34 -44.97
N ASN D 187 -14.64 24.11 -43.92
CA ASN D 187 -14.26 23.63 -42.61
C ASN D 187 -12.91 22.91 -42.74
N VAL D 188 -11.98 23.51 -43.52
CA VAL D 188 -10.60 23.07 -43.62
C VAL D 188 -9.88 23.24 -42.28
N ALA D 189 -8.80 22.45 -42.13
CA ALA D 189 -7.79 22.70 -41.12
C ALA D 189 -7.13 24.06 -41.36
N ARG D 190 -6.89 24.78 -40.26
CA ARG D 190 -6.43 26.16 -40.27
C ARG D 190 -5.02 26.25 -39.69
N GLU D 191 -4.44 25.09 -39.33
CA GLU D 191 -3.14 25.02 -38.65
C GLU D 191 -2.04 25.67 -39.50
N PRO D 192 -0.98 26.25 -38.87
CA PRO D 192 0.13 26.88 -39.59
C PRO D 192 0.90 25.99 -40.59
N GLU D 193 0.83 24.67 -40.37
CA GLU D 193 1.44 23.67 -41.23
C GLU D 193 0.73 23.62 -42.59
N ILE D 194 -0.59 23.85 -42.58
CA ILE D 194 -1.41 23.95 -43.77
C ILE D 194 -0.95 25.16 -44.59
N VAL D 195 -0.65 26.25 -43.88
CA VAL D 195 -0.23 27.48 -44.56
C VAL D 195 1.12 27.24 -45.23
N ASP D 196 2.03 26.52 -44.56
CA ASP D 196 3.36 26.32 -45.11
C ASP D 196 3.27 25.40 -46.33
N LEU D 197 2.42 24.36 -46.25
CA LEU D 197 2.15 23.50 -47.38
C LEU D 197 1.59 24.30 -48.56
N ALA D 198 0.62 25.17 -48.30
CA ALA D 198 0.03 25.99 -49.35
C ALA D 198 1.09 26.89 -49.98
N ASN D 199 2.01 27.40 -49.14
CA ASN D 199 3.01 28.37 -49.59
C ASN D 199 3.94 27.68 -50.59
N ILE D 200 4.32 26.41 -50.34
CA ILE D 200 5.22 25.74 -51.27
C ILE D 200 4.47 25.34 -52.54
N LEU D 201 3.25 24.80 -52.41
CA LEU D 201 2.44 24.46 -53.57
C LEU D 201 2.31 25.67 -54.51
N ASN D 202 2.08 26.86 -53.95
CA ASN D 202 1.93 28.08 -54.75
C ASN D 202 3.20 28.40 -55.51
N LYS D 203 4.37 28.22 -54.86
CA LYS D 203 5.66 28.45 -55.50
C LYS D 203 5.89 27.46 -56.63
N MET D 204 5.35 26.25 -56.46
CA MET D 204 5.49 25.17 -57.43
C MET D 204 4.59 25.39 -58.65
N GLY D 205 3.73 26.41 -58.60
CA GLY D 205 2.90 26.77 -59.74
C GLY D 205 1.40 26.58 -59.50
N ALA D 206 1.03 26.14 -58.28
CA ALA D 206 -0.37 25.88 -57.94
C ALA D 206 -1.10 27.18 -57.61
N GLN D 207 -2.43 27.09 -57.45
CA GLN D 207 -3.23 28.23 -57.08
C GLN D 207 -4.13 27.88 -55.88
N VAL D 208 -3.60 28.08 -54.67
CA VAL D 208 -4.29 27.76 -53.44
C VAL D 208 -4.54 29.05 -52.67
N TYR D 209 -5.82 29.36 -52.44
CA TYR D 209 -6.24 30.61 -51.80
C TYR D 209 -6.92 30.29 -50.47
N GLY D 210 -6.75 31.18 -49.48
CA GLY D 210 -7.48 31.10 -48.22
C GLY D 210 -6.88 30.13 -47.20
N ALA D 211 -5.62 29.70 -47.40
CA ALA D 211 -4.97 28.84 -46.43
C ALA D 211 -4.84 29.57 -45.10
N GLY D 212 -5.25 28.90 -44.00
CA GLY D 212 -5.27 29.50 -42.68
C GLY D 212 -6.63 30.07 -42.31
N THR D 213 -7.54 30.20 -43.29
CA THR D 213 -8.91 30.64 -43.08
C THR D 213 -9.86 29.44 -43.13
N GLU D 214 -11.15 29.71 -42.94
CA GLU D 214 -12.18 28.69 -42.77
C GLU D 214 -12.48 27.99 -44.09
N THR D 215 -12.23 28.69 -45.20
CA THR D 215 -12.54 28.22 -46.54
C THR D 215 -11.29 28.31 -47.42
N MET D 216 -10.98 27.20 -48.10
CA MET D 216 -9.84 27.14 -49.00
C MET D 216 -10.38 26.94 -50.41
N ARG D 217 -9.81 27.68 -51.37
CA ARG D 217 -10.20 27.63 -52.77
C ARG D 217 -8.98 27.27 -53.62
N ILE D 218 -9.14 26.25 -54.47
CA ILE D 218 -8.02 25.77 -55.26
C ILE D 218 -8.44 25.76 -56.73
N GLU D 219 -7.62 26.40 -57.57
CA GLU D 219 -7.78 26.38 -59.01
C GLU D 219 -6.74 25.43 -59.61
N GLY D 220 -7.23 24.39 -60.30
CA GLY D 220 -6.37 23.36 -60.83
C GLY D 220 -5.44 23.89 -61.91
N VAL D 221 -4.25 23.26 -62.03
CA VAL D 221 -3.26 23.62 -63.03
C VAL D 221 -2.76 22.33 -63.68
N ASP D 222 -2.12 22.48 -64.85
CA ASP D 222 -1.66 21.35 -65.65
C ASP D 222 -0.30 20.85 -65.12
N HIS D 223 0.61 21.77 -64.78
CA HIS D 223 1.99 21.41 -64.47
C HIS D 223 2.46 22.13 -63.20
N LEU D 224 3.23 21.39 -62.39
CA LEU D 224 3.93 21.91 -61.22
C LEU D 224 5.43 21.66 -61.37
N HIS D 225 6.25 22.62 -60.92
CA HIS D 225 7.70 22.53 -61.02
C HIS D 225 8.31 22.50 -59.61
N ALA D 226 9.59 22.11 -59.53
CA ALA D 226 10.32 22.00 -58.27
C ALA D 226 10.84 23.38 -57.84
N VAL D 227 11.00 23.56 -56.52
CA VAL D 227 11.41 24.83 -55.92
C VAL D 227 12.33 24.57 -54.73
N ASN D 228 12.94 25.65 -54.20
CA ASN D 228 13.58 25.65 -52.89
C ASN D 228 12.59 26.15 -51.84
N HIS D 229 12.55 25.49 -50.68
CA HIS D 229 11.67 25.91 -49.59
C HIS D 229 12.33 25.62 -48.25
N SER D 230 12.23 26.58 -47.33
CA SER D 230 12.66 26.44 -45.94
CA SER D 230 12.66 26.44 -45.94
C SER D 230 11.44 26.10 -45.07
N ILE D 231 11.49 24.97 -44.37
CA ILE D 231 10.39 24.54 -43.51
C ILE D 231 10.21 25.56 -42.39
N VAL D 232 8.94 25.88 -42.07
CA VAL D 232 8.61 26.76 -40.96
C VAL D 232 9.11 26.16 -39.64
N GLN D 233 9.48 27.03 -38.68
CA GLN D 233 9.88 26.59 -37.35
C GLN D 233 8.78 25.71 -36.71
N ASP D 234 9.20 24.72 -35.91
CA ASP D 234 8.31 23.84 -35.18
C ASP D 234 7.73 24.56 -33.94
N ARG D 235 6.43 24.86 -33.99
CA ARG D 235 5.75 25.62 -32.95
C ARG D 235 5.58 24.78 -31.69
N ILE D 236 5.56 23.45 -31.84
CA ILE D 236 5.39 22.52 -30.73
C ILE D 236 6.73 22.32 -30.00
N GLU D 237 7.85 22.20 -30.72
CA GLU D 237 9.15 22.17 -30.05
C GLU D 237 9.34 23.49 -29.30
N ALA D 238 9.06 24.61 -29.99
CA ALA D 238 9.12 25.93 -29.36
C ALA D 238 8.30 25.95 -28.07
N GLY D 239 7.04 25.51 -28.17
CA GLY D 239 6.12 25.56 -27.05
C GLY D 239 6.57 24.70 -25.87
N THR D 240 7.19 23.55 -26.19
CA THR D 240 7.74 22.67 -25.18
C THR D 240 8.77 23.40 -24.33
N PHE D 241 9.62 24.22 -24.96
CA PHE D 241 10.65 24.95 -24.24
C PHE D 241 10.04 26.13 -23.49
N MET D 242 8.95 26.71 -23.99
CA MET D 242 8.22 27.77 -23.30
C MET D 242 7.69 27.25 -21.96
N VAL D 243 7.13 26.03 -21.97
CA VAL D 243 6.62 25.38 -20.76
C VAL D 243 7.77 25.12 -19.79
N ALA D 244 8.92 24.64 -20.32
CA ALA D 244 10.06 24.29 -19.48
C ALA D 244 10.56 25.52 -18.72
N ALA D 245 10.66 26.65 -19.43
CA ALA D 245 11.05 27.93 -18.84
C ALA D 245 10.01 28.37 -17.79
N ALA D 246 8.72 28.20 -18.10
CA ALA D 246 7.67 28.70 -17.23
C ALA D 246 7.59 27.90 -15.93
N MET D 247 8.04 26.63 -15.93
CA MET D 247 7.87 25.79 -14.74
C MET D 247 9.14 25.73 -13.91
N THR D 248 10.24 26.36 -14.34
CA THR D 248 11.50 26.24 -13.62
C THR D 248 11.99 27.61 -13.15
N GLN D 249 11.09 28.59 -12.98
CA GLN D 249 11.47 29.98 -12.74
C GLN D 249 12.55 30.43 -13.73
N GLY D 250 12.37 30.07 -15.00
CA GLY D 250 13.42 30.23 -16.00
C GLY D 250 13.39 31.62 -16.63
N ASN D 251 14.38 31.85 -17.50
CA ASN D 251 14.45 33.02 -18.35
C ASN D 251 15.08 32.55 -19.67
N VAL D 252 14.23 32.21 -20.64
CA VAL D 252 14.66 31.52 -21.84
C VAL D 252 14.14 32.27 -23.05
N LEU D 253 15.04 32.55 -23.99
CA LEU D 253 14.68 33.12 -25.29
C LEU D 253 14.57 31.96 -26.29
N ILE D 254 13.38 31.81 -26.88
CA ILE D 254 13.18 30.86 -27.96
C ILE D 254 13.45 31.62 -29.26
N ALA D 255 14.61 31.30 -29.87
CA ALA D 255 15.14 32.05 -31.00
C ALA D 255 14.18 31.97 -32.19
N ASP D 256 13.82 33.16 -32.70
CA ASP D 256 13.02 33.35 -33.91
C ASP D 256 11.64 32.70 -33.80
N ALA D 257 11.12 32.61 -32.57
CA ALA D 257 9.81 32.01 -32.34
C ALA D 257 8.72 32.92 -32.92
N ILE D 258 7.73 32.28 -33.55
CA ILE D 258 6.60 32.95 -34.18
C ILE D 258 5.44 32.88 -33.19
N SER D 259 5.14 34.01 -32.55
CA SER D 259 4.21 34.05 -31.43
C SER D 259 2.79 33.80 -31.90
N GLU D 260 2.47 34.17 -33.16
CA GLU D 260 1.13 33.97 -33.71
C GLU D 260 0.84 32.48 -33.89
N HIS D 261 1.88 31.63 -33.84
CA HIS D 261 1.69 30.18 -33.87
C HIS D 261 1.51 29.57 -32.49
N ASN D 262 1.61 30.37 -31.40
CA ASN D 262 1.34 29.89 -30.05
C ASN D 262 0.52 30.91 -29.27
N ARG D 263 -0.56 31.47 -29.84
CA ARG D 263 -1.38 32.45 -29.11
C ARG D 263 -2.02 31.77 -27.90
N PRO D 264 -2.65 30.58 -28.03
CA PRO D 264 -3.23 29.87 -26.89
C PRO D 264 -2.26 29.57 -25.74
N LEU D 265 -1.13 28.93 -26.08
CA LEU D 265 -0.14 28.55 -25.07
C LEU D 265 0.42 29.77 -24.34
N ILE D 266 0.77 30.82 -25.10
CA ILE D 266 1.30 32.04 -24.50
C ILE D 266 0.28 32.62 -23.52
N SER D 267 -0.99 32.72 -23.93
CA SER D 267 -2.06 33.27 -23.10
C SER D 267 -2.21 32.46 -21.82
N LYS D 268 -2.18 31.12 -21.96
CA LYS D 268 -2.40 30.24 -20.81
C LYS D 268 -1.22 30.30 -19.84
N LEU D 269 0.01 30.37 -20.36
CA LEU D 269 1.18 30.44 -19.50
C LEU D 269 1.19 31.76 -18.74
N ILE D 270 0.77 32.86 -19.39
CA ILE D 270 0.59 34.14 -18.71
C ILE D 270 -0.47 34.04 -17.61
N GLU D 271 -1.56 33.30 -17.84
CA GLU D 271 -2.56 33.09 -16.79
C GLU D 271 -1.95 32.32 -15.60
N MET D 272 -0.91 31.51 -15.84
CA MET D 272 -0.28 30.72 -14.78
C MET D 272 0.83 31.53 -14.10
N GLY D 273 1.12 32.73 -14.59
CA GLY D 273 2.01 33.66 -13.90
C GLY D 273 3.26 34.01 -14.70
N ALA D 274 3.45 33.39 -15.87
CA ALA D 274 4.64 33.63 -16.66
C ALA D 274 4.56 35.01 -17.28
N GLU D 275 5.72 35.61 -17.53
CA GLU D 275 5.87 36.84 -18.30
C GLU D 275 6.50 36.45 -19.64
N ILE D 276 5.84 36.81 -20.75
CA ILE D 276 6.28 36.40 -22.08
C ILE D 276 6.33 37.62 -22.99
N ILE D 277 7.48 37.84 -23.64
CA ILE D 277 7.82 39.08 -24.32
C ILE D 277 8.27 38.76 -25.73
N GLU D 278 7.69 39.43 -26.73
CA GLU D 278 8.21 39.38 -28.09
C GLU D 278 9.39 40.34 -28.21
N GLU D 279 10.54 39.83 -28.66
CA GLU D 279 11.75 40.60 -28.85
C GLU D 279 12.21 40.48 -30.31
N GLU D 280 13.18 41.30 -30.72
CA GLU D 280 13.75 41.19 -32.07
C GLU D 280 14.20 39.74 -32.34
N GLY D 281 14.80 39.08 -31.33
CA GLY D 281 15.46 37.80 -31.51
C GLY D 281 14.56 36.59 -31.27
N GLY D 282 13.33 36.80 -30.76
CA GLY D 282 12.38 35.72 -30.54
C GLY D 282 11.46 36.02 -29.36
N VAL D 283 10.95 34.96 -28.73
CA VAL D 283 10.01 35.08 -27.61
C VAL D 283 10.70 34.66 -26.32
N ARG D 284 10.71 35.58 -25.34
CA ARG D 284 11.32 35.31 -24.05
C ARG D 284 10.24 34.89 -23.05
N VAL D 285 10.50 33.82 -22.31
CA VAL D 285 9.61 33.33 -21.26
C VAL D 285 10.30 33.42 -19.92
N ILE D 286 9.67 34.11 -18.96
CA ILE D 286 10.16 34.22 -17.59
C ILE D 286 9.17 33.54 -16.67
N GLY D 287 9.61 32.45 -16.02
CA GLY D 287 8.77 31.66 -15.14
C GLY D 287 8.54 32.33 -13.79
N PRO D 288 7.31 32.27 -13.22
CA PRO D 288 7.00 32.92 -11.97
C PRO D 288 7.50 32.14 -10.76
N LYS D 289 7.58 32.82 -9.61
CA LYS D 289 7.92 32.16 -8.37
C LYS D 289 6.76 31.26 -7.92
N HIS D 290 5.53 31.72 -8.14
CA HIS D 290 4.33 30.97 -7.81
C HIS D 290 3.57 30.64 -9.10
N ILE D 291 3.59 29.36 -9.47
CA ILE D 291 2.84 28.87 -10.63
C ILE D 291 1.38 28.71 -10.22
N LEU D 292 0.48 29.40 -10.95
CA LEU D 292 -0.93 29.43 -10.63
C LEU D 292 -1.67 28.41 -11.50
N PRO D 293 -2.70 27.72 -10.96
CA PRO D 293 -3.49 26.78 -11.75
C PRO D 293 -4.27 27.46 -12.87
N THR D 294 -4.57 26.70 -13.93
CA THR D 294 -5.41 27.14 -15.03
C THR D 294 -6.04 25.90 -15.66
N ASP D 295 -7.21 26.06 -16.30
CA ASP D 295 -7.84 24.98 -17.02
C ASP D 295 -7.54 25.12 -18.51
N VAL D 296 -7.49 23.98 -19.20
CA VAL D 296 -7.08 23.93 -20.58
C VAL D 296 -8.08 23.08 -21.35
N LYS D 297 -8.49 23.56 -22.52
CA LYS D 297 -9.32 22.76 -23.41
C LYS D 297 -8.68 22.72 -24.80
N THR D 298 -8.38 21.52 -25.29
CA THR D 298 -7.82 21.36 -26.62
C THR D 298 -8.92 21.43 -27.67
N MET D 299 -8.57 21.99 -28.83
CA MET D 299 -9.48 22.16 -29.96
C MET D 299 -8.65 22.29 -31.22
N PRO D 300 -9.25 22.09 -32.41
CA PRO D 300 -8.66 22.52 -33.66
C PRO D 300 -8.18 23.96 -33.58
N HIS D 301 -7.07 24.24 -34.27
CA HIS D 301 -6.62 25.62 -34.41
C HIS D 301 -7.80 26.47 -34.87
N PRO D 302 -8.03 27.69 -34.32
CA PRO D 302 -7.10 28.40 -33.42
C PRO D 302 -7.25 28.22 -31.90
N GLY D 303 -7.92 27.14 -31.46
CA GLY D 303 -7.93 26.77 -30.05
C GLY D 303 -6.61 26.16 -29.57
N PHE D 304 -6.60 25.70 -28.31
CA PHE D 304 -5.36 25.21 -27.69
C PHE D 304 -4.94 23.90 -28.36
N PRO D 305 -3.70 23.79 -28.88
CA PRO D 305 -3.26 22.60 -29.63
C PRO D 305 -3.11 21.35 -28.78
N THR D 306 -3.71 20.25 -29.22
CA THR D 306 -3.55 18.97 -28.56
C THR D 306 -2.08 18.55 -28.47
N ASP D 307 -1.26 18.93 -29.46
CA ASP D 307 0.15 18.57 -29.44
C ASP D 307 0.93 19.27 -28.32
N MET D 308 0.33 20.27 -27.64
CA MET D 308 0.93 20.91 -26.46
C MET D 308 0.33 20.38 -25.15
N GLN D 309 -0.72 19.57 -25.21
CA GLN D 309 -1.48 19.14 -24.04
C GLN D 309 -0.59 18.40 -23.03
N ALA D 310 0.14 17.36 -23.45
CA ALA D 310 0.92 16.56 -22.50
C ALA D 310 1.93 17.43 -21.76
N GLN D 311 2.68 18.25 -22.52
CA GLN D 311 3.66 19.17 -21.95
C GLN D 311 2.97 20.10 -20.94
N MET D 312 1.78 20.58 -21.28
CA MET D 312 1.07 21.51 -20.44
C MET D 312 0.61 20.85 -19.13
N THR D 313 0.27 19.55 -19.15
CA THR D 313 -0.13 18.87 -17.92
C THR D 313 1.02 18.82 -16.93
N ALA D 314 2.26 18.82 -17.44
CA ALA D 314 3.45 18.80 -16.59
C ALA D 314 3.50 20.06 -15.72
N ILE D 315 3.24 21.24 -16.31
CA ILE D 315 3.26 22.48 -15.55
C ILE D 315 2.00 22.59 -14.69
N GLN D 316 0.86 22.08 -15.17
CA GLN D 316 -0.37 22.09 -14.38
C GLN D 316 -0.20 21.25 -13.12
N LEU D 317 0.61 20.18 -13.19
CA LEU D 317 0.80 19.27 -12.07
C LEU D 317 1.73 19.82 -10.99
N VAL D 318 2.39 20.97 -11.24
CA VAL D 318 3.21 21.60 -10.21
C VAL D 318 2.63 22.98 -9.84
N ALA D 319 1.48 23.35 -10.42
CA ALA D 319 0.81 24.60 -10.07
C ALA D 319 0.21 24.50 -8.67
N GLU D 320 0.04 25.66 -8.03
CA GLU D 320 -0.37 25.72 -6.63
C GLU D 320 -1.90 25.70 -6.54
N GLY D 321 -2.50 24.53 -6.79
CA GLY D 321 -3.93 24.33 -6.77
C GLY D 321 -4.38 23.25 -7.75
N THR D 322 -5.69 23.20 -8.01
CA THR D 322 -6.31 22.20 -8.86
C THR D 322 -6.51 22.75 -10.26
N SER D 323 -6.11 21.99 -11.29
CA SER D 323 -6.25 22.38 -12.69
C SER D 323 -6.97 21.27 -13.42
N VAL D 324 -7.71 21.64 -14.48
CA VAL D 324 -8.45 20.66 -15.26
C VAL D 324 -8.00 20.77 -16.72
N VAL D 325 -7.87 19.62 -17.38
CA VAL D 325 -7.60 19.60 -18.82
C VAL D 325 -8.68 18.75 -19.46
N THR D 326 -9.13 19.22 -20.63
CA THR D 326 -10.15 18.54 -21.42
C THR D 326 -9.60 18.36 -22.81
N GLU D 327 -9.52 17.08 -23.23
CA GLU D 327 -8.95 16.74 -24.52
C GLU D 327 -10.11 16.40 -25.47
N THR D 328 -10.39 17.28 -26.44
CA THR D 328 -11.52 17.09 -27.35
C THR D 328 -11.06 16.63 -28.75
N VAL D 329 -9.75 16.45 -28.96
CA VAL D 329 -9.27 16.10 -30.29
C VAL D 329 -8.87 14.62 -30.35
N PHE D 330 -8.35 14.06 -29.25
CA PHE D 330 -7.92 12.67 -29.22
C PHE D 330 -8.59 11.97 -28.04
N GLU D 331 -8.85 10.67 -28.23
CA GLU D 331 -9.69 9.89 -27.32
C GLU D 331 -8.86 9.44 -26.12
N ASN D 332 -7.59 9.06 -26.35
CA ASN D 332 -6.80 8.40 -25.33
C ASN D 332 -5.40 8.98 -25.24
N ARG D 333 -5.30 10.28 -24.93
CA ARG D 333 -4.03 10.99 -24.89
C ARG D 333 -3.75 11.49 -23.48
N PHE D 334 -4.04 10.65 -22.47
CA PHE D 334 -3.73 10.92 -21.07
C PHE D 334 -2.89 9.80 -20.47
N GLN D 335 -2.25 8.97 -21.29
CA GLN D 335 -1.52 7.82 -20.76
C GLN D 335 -0.28 8.28 -19.99
N HIS D 336 0.28 9.43 -20.36
CA HIS D 336 1.39 10.00 -19.62
C HIS D 336 1.01 10.29 -18.17
N LEU D 337 -0.25 10.72 -17.94
CA LEU D 337 -0.71 11.00 -16.58
C LEU D 337 -0.81 9.70 -15.80
N GLU D 338 -1.17 8.59 -16.45
CA GLU D 338 -1.19 7.30 -15.78
C GLU D 338 0.21 6.94 -15.29
N GLU D 339 1.25 7.22 -16.10
CA GLU D 339 2.64 6.93 -15.73
C GLU D 339 3.10 7.83 -14.60
N MET D 340 2.71 9.12 -14.66
CA MET D 340 3.20 10.11 -13.72
C MET D 340 2.64 9.87 -12.31
N ARG D 341 1.73 8.91 -12.15
CA ARG D 341 1.34 8.44 -10.83
C ARG D 341 2.53 7.81 -10.14
N ARG D 342 3.44 7.21 -10.90
CA ARG D 342 4.69 6.67 -10.37
C ARG D 342 5.56 7.78 -9.77
N MET D 343 5.40 9.00 -10.28
CA MET D 343 6.09 10.19 -9.80
C MET D 343 5.24 10.94 -8.77
N ASN D 344 4.23 10.28 -8.19
CA ASN D 344 3.39 10.82 -7.11
C ASN D 344 2.45 11.92 -7.62
N ALA D 345 2.15 11.97 -8.92
CA ALA D 345 1.16 12.89 -9.44
C ALA D 345 -0.23 12.48 -8.94
N HIS D 346 -0.95 13.43 -8.33
CA HIS D 346 -2.34 13.26 -7.95
C HIS D 346 -3.24 13.77 -9.08
N VAL D 347 -3.85 12.83 -9.80
CA VAL D 347 -4.66 13.13 -10.96
C VAL D 347 -5.81 12.14 -11.02
N LYS D 348 -7.02 12.62 -11.33
CA LYS D 348 -8.19 11.79 -11.56
C LYS D 348 -8.61 11.95 -13.01
N ILE D 349 -8.83 10.83 -13.70
CA ILE D 349 -9.16 10.81 -15.11
C ILE D 349 -10.55 10.18 -15.25
N ASP D 350 -11.40 10.80 -16.08
CA ASP D 350 -12.67 10.19 -16.46
C ASP D 350 -12.99 10.67 -17.89
N GLY D 351 -12.98 9.71 -18.81
CA GLY D 351 -13.23 10.04 -20.21
C GLY D 351 -12.14 10.94 -20.71
N ASN D 352 -12.52 12.13 -21.19
CA ASN D 352 -11.57 13.04 -21.81
C ASN D 352 -11.32 14.25 -20.91
N VAL D 353 -11.53 14.09 -19.60
CA VAL D 353 -11.22 15.10 -18.59
C VAL D 353 -10.20 14.53 -17.60
N ALA D 354 -9.26 15.38 -17.17
CA ALA D 354 -8.30 15.01 -16.14
C ALA D 354 -8.19 16.15 -15.14
N ILE D 355 -8.12 15.80 -13.86
CA ILE D 355 -8.20 16.73 -12.75
C ILE D 355 -6.91 16.58 -11.94
N MET D 356 -6.08 17.62 -11.93
CA MET D 356 -4.74 17.55 -11.40
C MET D 356 -4.63 18.41 -10.14
N ASP D 357 -4.17 17.80 -9.04
CA ASP D 357 -3.94 18.48 -7.79
C ASP D 357 -2.44 18.66 -7.61
N GLY D 358 -1.96 19.91 -7.78
CA GLY D 358 -0.53 20.19 -7.82
C GLY D 358 0.05 20.56 -6.46
N ASN D 359 -0.73 20.42 -5.38
CA ASN D 359 -0.22 20.68 -4.03
C ASN D 359 0.36 19.39 -3.45
N HIS D 360 1.24 18.77 -4.24
CA HIS D 360 1.98 17.58 -3.85
C HIS D 360 3.32 17.65 -4.58
N GLU D 361 4.41 17.25 -3.91
CA GLU D 361 5.71 17.21 -4.56
C GLU D 361 5.78 16.01 -5.48
N LEU D 362 6.23 16.24 -6.73
CA LEU D 362 6.57 15.17 -7.64
C LEU D 362 7.84 14.49 -7.14
N GLN D 363 7.94 13.21 -7.46
CA GLN D 363 9.03 12.37 -7.03
C GLN D 363 9.65 11.68 -8.24
N GLY D 364 10.97 11.67 -8.33
CA GLY D 364 11.64 10.88 -9.34
C GLY D 364 11.30 9.40 -9.27
N ALA D 365 11.16 8.80 -10.47
CA ALA D 365 10.95 7.37 -10.62
C ALA D 365 11.32 6.97 -12.05
N GLU D 366 11.49 5.66 -12.28
CA GLU D 366 11.60 5.11 -13.62
C GLU D 366 10.22 5.17 -14.28
N VAL D 367 10.15 5.77 -15.48
CA VAL D 367 8.89 5.94 -16.20
C VAL D 367 9.11 5.66 -17.69
N TYR D 368 8.12 5.02 -18.33
CA TYR D 368 8.14 4.68 -19.74
C TYR D 368 7.21 5.61 -20.51
N ALA D 369 7.75 6.27 -21.55
CA ALA D 369 6.94 7.04 -22.48
C ALA D 369 6.07 6.10 -23.32
N THR D 370 4.92 6.63 -23.76
CA THR D 370 3.89 5.91 -24.49
C THR D 370 3.72 6.49 -25.90
N ASP D 371 4.20 7.71 -26.12
CA ASP D 371 4.06 8.40 -27.38
C ASP D 371 4.99 9.61 -27.38
N LEU D 372 5.13 10.25 -28.54
CA LEU D 372 6.07 11.35 -28.71
C LEU D 372 5.97 12.41 -27.60
N ARG D 373 4.78 13.01 -27.40
CA ARG D 373 4.68 14.18 -26.53
C ARG D 373 4.68 13.77 -25.06
N ALA D 374 4.22 12.55 -24.77
CA ALA D 374 4.32 12.00 -23.42
C ALA D 374 5.79 11.94 -23.01
N ALA D 375 6.70 11.58 -23.93
CA ALA D 375 8.11 11.50 -23.61
C ALA D 375 8.63 12.87 -23.17
N ALA D 376 8.29 13.92 -23.91
CA ALA D 376 8.70 15.27 -23.55
C ALA D 376 8.10 15.69 -22.21
N ALA D 377 6.84 15.33 -21.96
CA ALA D 377 6.14 15.72 -20.72
C ALA D 377 6.81 15.10 -19.50
N LEU D 378 7.25 13.84 -19.61
CA LEU D 378 7.91 13.14 -18.52
C LEU D 378 9.26 13.77 -18.18
N VAL D 379 9.99 14.23 -19.21
CA VAL D 379 11.27 14.91 -19.00
C VAL D 379 11.01 16.24 -18.28
N LEU D 380 10.03 17.01 -18.75
CA LEU D 380 9.66 18.27 -18.13
C LEU D 380 9.26 18.06 -16.67
N ALA D 381 8.50 17.01 -16.38
CA ALA D 381 8.09 16.73 -15.01
C ALA D 381 9.33 16.47 -14.16
N GLY D 382 10.31 15.78 -14.76
CA GLY D 382 11.57 15.49 -14.10
C GLY D 382 12.31 16.75 -13.65
N LEU D 383 12.16 17.85 -14.40
CA LEU D 383 12.79 19.13 -14.10
C LEU D 383 12.32 19.69 -12.76
N LYS D 384 11.14 19.25 -12.30
CA LYS D 384 10.55 19.75 -11.07
C LYS D 384 10.37 18.65 -10.03
N ALA D 385 10.67 17.41 -10.38
CA ALA D 385 10.51 16.32 -9.43
C ALA D 385 11.71 16.32 -8.48
N ASN D 386 11.50 15.79 -7.29
CA ASN D 386 12.54 15.65 -6.30
C ASN D 386 13.10 14.24 -6.45
N GLY D 387 14.42 14.11 -6.54
CA GLY D 387 15.09 12.84 -6.72
C GLY D 387 15.54 12.71 -8.19
N ILE D 388 15.54 11.48 -8.68
CA ILE D 388 16.06 11.18 -10.00
C ILE D 388 14.92 10.57 -10.83
N THR D 389 14.63 11.17 -11.97
CA THR D 389 13.67 10.64 -12.93
C THR D 389 14.43 9.99 -14.09
N ARG D 390 14.01 8.79 -14.51
CA ARG D 390 14.62 8.09 -15.64
C ARG D 390 13.55 7.79 -16.68
N VAL D 391 13.63 8.45 -17.84
CA VAL D 391 12.60 8.36 -18.86
C VAL D 391 13.07 7.38 -19.94
N ARG D 392 12.23 6.39 -20.24
CA ARG D 392 12.54 5.34 -21.22
C ARG D 392 11.52 5.35 -22.37
N ASN D 393 11.75 4.51 -23.37
CA ASN D 393 11.09 4.53 -24.66
C ASN D 393 11.37 5.84 -25.40
N LEU D 394 12.65 6.18 -25.56
CA LEU D 394 13.10 7.37 -26.25
C LEU D 394 12.96 7.24 -27.76
N ASN D 395 12.61 6.04 -28.25
CA ASN D 395 12.21 5.90 -29.65
C ASN D 395 11.07 6.88 -29.94
N TYR D 396 10.14 7.10 -28.98
CA TYR D 396 9.02 8.03 -29.19
C TYR D 396 9.52 9.46 -29.24
N LEU D 397 10.46 9.83 -28.36
CA LEU D 397 10.99 11.19 -28.31
C LEU D 397 11.64 11.56 -29.65
N ASP D 398 12.39 10.62 -30.22
CA ASP D 398 13.21 10.88 -31.42
C ASP D 398 12.34 11.08 -32.65
N ARG D 399 11.06 10.73 -32.57
CA ARG D 399 10.12 10.92 -33.68
C ARG D 399 9.86 12.41 -33.90
N GLY D 400 10.00 13.22 -32.85
CA GLY D 400 9.61 14.62 -32.92
C GLY D 400 10.56 15.62 -32.29
N TYR D 401 11.60 15.19 -31.55
CA TYR D 401 12.55 16.12 -30.95
C TYR D 401 13.97 15.70 -31.32
N TYR D 402 14.77 16.65 -31.80
CA TYR D 402 16.17 16.43 -32.11
C TYR D 402 17.03 17.04 -31.01
N ASN D 403 17.86 16.20 -30.38
CA ASN D 403 18.83 16.64 -29.39
C ASN D 403 18.15 17.34 -28.21
N PHE D 404 17.07 16.75 -27.71
CA PHE D 404 16.28 17.37 -26.66
C PHE D 404 17.15 17.57 -25.42
N HIS D 405 17.89 16.51 -25.05
CA HIS D 405 18.72 16.54 -23.84
C HIS D 405 19.82 17.59 -23.94
N ILE D 406 20.41 17.76 -25.13
CA ILE D 406 21.51 18.71 -25.29
C ILE D 406 21.01 20.14 -25.17
N LYS D 407 19.87 20.45 -25.80
CA LYS D 407 19.26 21.77 -25.74
C LYS D 407 18.90 22.12 -24.29
N LEU D 408 18.43 21.13 -23.53
CA LEU D 408 18.10 21.33 -22.13
C LEU D 408 19.38 21.54 -21.30
N GLN D 409 20.44 20.75 -21.56
CA GLN D 409 21.71 20.94 -20.87
C GLN D 409 22.22 22.36 -21.07
N GLN D 410 22.14 22.84 -22.32
CA GLN D 410 22.64 24.16 -22.66
C GLN D 410 21.85 25.26 -21.94
N LEU D 411 20.66 24.96 -21.41
CA LEU D 411 19.88 25.93 -20.67
C LEU D 411 20.09 25.79 -19.16
N GLY D 412 20.98 24.89 -18.73
CA GLY D 412 21.31 24.73 -17.33
C GLY D 412 20.59 23.57 -16.65
N ALA D 413 19.88 22.75 -17.43
CA ALA D 413 19.14 21.62 -16.89
C ALA D 413 20.08 20.43 -16.64
N ASP D 414 19.75 19.66 -15.61
CA ASP D 414 20.52 18.48 -15.23
C ASP D 414 19.87 17.27 -15.89
N VAL D 415 20.24 17.06 -17.16
CA VAL D 415 19.66 16.05 -18.03
C VAL D 415 20.80 15.34 -18.76
N GLU D 416 20.83 14.00 -18.68
CA GLU D 416 21.79 13.19 -19.41
C GLU D 416 21.02 12.15 -20.22
N ARG D 417 21.58 11.73 -21.36
CA ARG D 417 21.06 10.57 -22.09
C ARG D 417 22.16 9.51 -22.17
N VAL D 418 21.85 8.30 -21.69
CA VAL D 418 22.87 7.28 -21.41
C VAL D 418 22.32 5.91 -21.77
N ASP D 419 23.22 4.92 -21.90
CA ASP D 419 22.82 3.53 -22.11
C ASP D 419 22.46 2.89 -20.78
N MET D 420 21.65 1.83 -20.85
CA MET D 420 21.39 0.92 -19.73
C MET D 420 22.13 -0.39 -20.03
N MET E 1 -52.07 25.35 -23.57
CA MET E 1 -53.29 25.97 -24.17
C MET E 1 -53.41 25.56 -25.64
N GLU E 2 -52.33 25.75 -26.43
CA GLU E 2 -52.35 25.53 -27.87
C GLU E 2 -51.52 24.31 -28.31
N GLU E 3 -51.88 23.75 -29.47
CA GLU E 3 -51.10 22.69 -30.11
C GLU E 3 -51.04 22.92 -31.62
N ILE E 4 -49.97 22.41 -32.24
CA ILE E 4 -49.87 22.31 -33.69
C ILE E 4 -50.21 20.87 -34.10
N ILE E 5 -51.16 20.73 -35.03
CA ILE E 5 -51.61 19.44 -35.54
C ILE E 5 -51.02 19.31 -36.94
N VAL E 6 -50.38 18.16 -37.19
CA VAL E 6 -49.63 17.93 -38.42
C VAL E 6 -50.11 16.60 -38.99
N ARG E 7 -50.42 16.59 -40.29
CA ARG E 7 -50.56 15.36 -41.03
C ARG E 7 -49.42 15.30 -42.05
N GLY E 8 -48.87 14.08 -42.21
CA GLY E 8 -47.74 13.89 -43.11
C GLY E 8 -48.21 13.58 -44.54
N GLY E 9 -47.24 13.47 -45.45
CA GLY E 9 -47.44 12.93 -46.77
C GLY E 9 -47.50 13.97 -47.87
N ASN E 10 -47.26 15.24 -47.58
CA ASN E 10 -47.41 16.31 -48.56
C ASN E 10 -46.06 16.93 -48.89
N GLN E 11 -45.87 17.28 -50.16
CA GLN E 11 -44.66 17.93 -50.63
C GLN E 11 -44.77 19.43 -50.46
N LEU E 12 -43.69 20.05 -49.97
CA LEU E 12 -43.62 21.49 -49.79
C LEU E 12 -43.18 22.13 -51.10
N ASN E 13 -43.92 23.16 -51.53
CA ASN E 13 -43.65 23.90 -52.76
C ASN E 13 -43.94 25.37 -52.51
N GLY E 14 -43.06 26.25 -52.98
CA GLY E 14 -43.31 27.68 -52.97
C GLY E 14 -42.11 28.47 -52.47
N THR E 15 -42.37 29.73 -52.14
CA THR E 15 -41.37 30.65 -51.60
C THR E 15 -41.69 30.92 -50.13
N VAL E 16 -40.65 31.04 -49.30
CA VAL E 16 -40.81 31.36 -47.89
C VAL E 16 -39.92 32.57 -47.57
N ARG E 17 -40.53 33.57 -46.89
CA ARG E 17 -39.82 34.71 -46.34
C ARG E 17 -39.32 34.38 -44.94
N ILE E 18 -38.16 34.91 -44.60
CA ILE E 18 -37.48 34.59 -43.35
C ILE E 18 -37.33 35.88 -42.54
N GLU E 19 -37.59 35.80 -41.23
CA GLU E 19 -37.44 36.95 -40.34
C GLU E 19 -35.96 37.23 -40.09
N GLY E 20 -35.70 38.44 -39.56
CA GLY E 20 -34.41 38.80 -38.99
C GLY E 20 -34.03 37.90 -37.83
N ALA E 21 -32.71 37.78 -37.59
CA ALA E 21 -32.14 36.75 -36.74
C ALA E 21 -32.41 37.07 -35.27
N LYS E 22 -33.02 36.13 -34.57
CA LYS E 22 -33.15 36.17 -33.12
C LYS E 22 -31.79 36.36 -32.46
N ASN E 23 -30.78 35.60 -32.90
CA ASN E 23 -29.51 35.57 -32.20
C ASN E 23 -28.65 36.81 -32.52
N ALA E 24 -29.06 37.62 -33.49
CA ALA E 24 -28.44 38.92 -33.74
C ALA E 24 -29.21 40.04 -33.05
N VAL E 25 -30.53 39.94 -33.00
CA VAL E 25 -31.34 41.08 -32.57
C VAL E 25 -31.18 41.30 -31.07
N LEU E 26 -31.04 40.22 -30.28
CA LEU E 26 -30.96 40.36 -28.84
C LEU E 26 -29.69 41.11 -28.42
N PRO E 27 -28.46 40.73 -28.85
CA PRO E 27 -27.28 41.53 -28.55
C PRO E 27 -27.26 42.92 -29.17
N ILE E 28 -27.88 43.09 -30.35
CA ILE E 28 -27.92 44.40 -30.98
C ILE E 28 -28.85 45.35 -30.21
N LEU E 29 -29.92 44.82 -29.59
CA LEU E 29 -30.75 45.61 -28.71
C LEU E 29 -29.94 46.09 -27.50
N ALA E 30 -29.13 45.18 -26.93
CA ALA E 30 -28.21 45.53 -25.86
C ALA E 30 -27.19 46.58 -26.32
N ALA E 31 -26.74 46.49 -27.57
CA ALA E 31 -25.75 47.42 -28.13
C ALA E 31 -26.31 48.84 -28.17
N SER E 32 -27.65 48.96 -28.26
CA SER E 32 -28.30 50.24 -28.39
C SER E 32 -28.19 51.06 -27.11
N LEU E 33 -27.83 50.41 -25.98
CA LEU E 33 -27.56 51.08 -24.72
C LEU E 33 -26.30 51.94 -24.80
N LEU E 34 -25.44 51.68 -25.79
CA LEU E 34 -24.16 52.39 -25.91
C LEU E 34 -24.37 53.80 -26.45
N ALA E 35 -25.50 54.06 -27.12
CA ALA E 35 -25.77 55.36 -27.72
C ALA E 35 -26.31 56.34 -26.68
N GLU E 36 -25.44 57.28 -26.27
CA GLU E 36 -25.74 58.24 -25.22
C GLU E 36 -26.66 59.34 -25.75
N GLU E 37 -26.63 59.56 -27.07
CA GLU E 37 -27.46 60.57 -27.73
C GLU E 37 -28.02 59.98 -29.03
N GLY E 38 -29.28 60.34 -29.31
CA GLY E 38 -29.95 59.94 -30.54
C GLY E 38 -30.96 58.80 -30.31
N ILE E 39 -31.72 58.49 -31.36
CA ILE E 39 -32.67 57.39 -31.39
C ILE E 39 -32.14 56.30 -32.32
N THR E 40 -31.96 55.09 -31.77
CA THR E 40 -31.63 53.91 -32.54
C THR E 40 -32.89 53.36 -33.18
N THR E 41 -32.84 53.05 -34.48
CA THR E 41 -33.95 52.42 -35.18
C THR E 41 -33.49 51.10 -35.78
N LEU E 42 -34.06 49.99 -35.29
CA LEU E 42 -33.77 48.67 -35.80
C LEU E 42 -34.91 48.21 -36.71
N ASP E 43 -34.55 47.73 -37.91
CA ASP E 43 -35.49 47.20 -38.88
C ASP E 43 -35.30 45.69 -38.98
N ASN E 44 -36.31 44.98 -39.50
CA ASN E 44 -36.29 43.54 -39.70
C ASN E 44 -36.20 42.84 -38.34
N VAL E 45 -36.87 43.42 -37.33
CA VAL E 45 -36.94 42.81 -36.01
C VAL E 45 -38.05 41.76 -36.03
N PRO E 46 -37.76 40.48 -35.69
CA PRO E 46 -38.78 39.44 -35.67
C PRO E 46 -39.69 39.56 -34.45
N ILE E 47 -40.95 39.18 -34.61
CA ILE E 47 -41.91 39.15 -33.51
C ILE E 47 -41.77 37.82 -32.78
N LEU E 48 -40.88 37.78 -31.77
CA LEU E 48 -40.65 36.58 -30.97
C LEU E 48 -40.74 36.96 -29.50
N SER E 49 -40.99 35.99 -28.62
CA SER E 49 -41.14 36.30 -27.20
C SER E 49 -39.83 36.75 -26.58
N ASP E 50 -38.68 36.26 -27.08
CA ASP E 50 -37.39 36.69 -26.57
C ASP E 50 -37.17 38.19 -26.84
N VAL E 51 -37.68 38.71 -27.95
CA VAL E 51 -37.60 40.13 -28.26
C VAL E 51 -38.43 40.94 -27.27
N PHE E 52 -39.62 40.45 -26.90
CA PHE E 52 -40.45 41.12 -25.94
C PHE E 52 -39.76 41.15 -24.57
N THR E 53 -39.14 40.03 -24.18
CA THR E 53 -38.45 39.94 -22.91
C THR E 53 -37.25 40.89 -22.88
N MET E 54 -36.47 40.90 -23.97
CA MET E 54 -35.29 41.76 -24.04
C MET E 54 -35.72 43.22 -23.99
N ASN E 55 -36.83 43.57 -24.65
CA ASN E 55 -37.34 44.92 -24.62
C ASN E 55 -37.71 45.33 -23.19
N GLN E 56 -38.25 44.40 -22.39
CA GLN E 56 -38.57 44.68 -21.00
C GLN E 56 -37.30 44.91 -20.21
N VAL E 57 -36.29 44.04 -20.41
CA VAL E 57 -35.03 44.10 -19.70
C VAL E 57 -34.45 45.50 -19.85
N ILE E 58 -34.49 46.02 -21.09
CA ILE E 58 -33.87 47.27 -21.46
C ILE E 58 -34.66 48.46 -20.91
N ARG E 59 -35.99 48.38 -20.91
CA ARG E 59 -36.82 49.42 -20.31
C ARG E 59 -36.49 49.59 -18.83
N HIS E 60 -36.33 48.47 -18.11
CA HIS E 60 -36.03 48.49 -16.68
C HIS E 60 -34.67 49.14 -16.39
N LEU E 61 -33.89 49.42 -17.43
CA LEU E 61 -32.63 50.16 -17.30
C LEU E 61 -32.84 51.64 -17.60
N ASN E 62 -34.09 52.09 -17.63
CA ASN E 62 -34.46 53.50 -17.81
C ASN E 62 -34.25 53.94 -19.26
N VAL E 63 -34.90 53.19 -20.17
CA VAL E 63 -34.74 53.36 -21.61
C VAL E 63 -36.13 53.24 -22.24
N ASP E 64 -36.42 54.06 -23.27
CA ASP E 64 -37.67 53.93 -24.01
C ASP E 64 -37.49 53.00 -25.20
N VAL E 65 -38.31 51.95 -25.26
CA VAL E 65 -38.31 51.02 -26.36
C VAL E 65 -39.72 50.90 -26.92
N ASP E 66 -39.90 51.28 -28.19
CA ASP E 66 -41.16 51.10 -28.89
C ASP E 66 -41.00 50.06 -30.00
N PHE E 67 -41.85 49.04 -29.97
CA PHE E 67 -41.85 47.98 -30.96
C PHE E 67 -43.11 48.11 -31.83
N ASP E 68 -42.94 48.65 -33.05
CA ASP E 68 -43.98 48.61 -34.06
C ASP E 68 -43.96 47.25 -34.79
N GLU E 69 -44.81 46.31 -34.37
CA GLU E 69 -44.82 44.94 -34.86
C GLU E 69 -45.18 44.89 -36.35
N GLN E 70 -46.03 45.81 -36.79
CA GLN E 70 -46.53 45.82 -38.16
C GLN E 70 -45.40 46.19 -39.12
N LYS E 71 -44.50 47.09 -38.68
CA LYS E 71 -43.35 47.50 -39.47
C LYS E 71 -42.10 46.67 -39.16
N ASN E 72 -42.19 45.74 -38.18
CA ASN E 72 -41.04 44.95 -37.73
C ASN E 72 -39.90 45.89 -37.33
N GLN E 73 -40.19 46.88 -36.47
CA GLN E 73 -39.28 47.97 -36.22
C GLN E 73 -39.30 48.37 -34.74
N VAL E 74 -38.10 48.61 -34.18
CA VAL E 74 -37.94 48.99 -32.79
C VAL E 74 -37.14 50.29 -32.74
N THR E 75 -37.66 51.30 -32.03
CA THR E 75 -36.89 52.51 -31.76
C THR E 75 -36.45 52.47 -30.31
N ILE E 76 -35.19 52.88 -30.05
CA ILE E 76 -34.66 52.90 -28.70
C ILE E 76 -34.10 54.29 -28.42
N ASP E 77 -34.44 54.83 -27.25
CA ASP E 77 -33.88 56.07 -26.74
C ASP E 77 -33.20 55.79 -25.41
N ALA E 78 -31.86 55.75 -25.42
CA ALA E 78 -31.11 55.43 -24.21
C ALA E 78 -30.29 56.63 -23.75
N SER E 79 -30.87 57.83 -23.85
CA SER E 79 -30.12 59.06 -23.66
C SER E 79 -30.19 59.54 -22.20
N ARG E 80 -31.10 58.98 -21.41
CA ARG E 80 -31.15 59.26 -19.98
C ARG E 80 -30.10 58.41 -19.25
N GLN E 81 -29.80 58.79 -18.00
CA GLN E 81 -28.97 58.02 -17.10
C GLN E 81 -29.58 56.62 -16.92
N LEU E 82 -28.77 55.58 -17.19
CA LEU E 82 -29.21 54.19 -17.09
C LEU E 82 -29.20 53.73 -15.64
N GLU E 83 -30.21 52.95 -15.25
CA GLU E 83 -30.13 52.04 -14.12
C GLU E 83 -29.30 50.83 -14.56
N ILE E 84 -28.83 50.01 -13.60
CA ILE E 84 -27.77 49.06 -13.84
C ILE E 84 -28.20 47.63 -13.49
N GLU E 85 -29.49 47.39 -13.22
CA GLU E 85 -29.92 46.13 -12.63
C GLU E 85 -30.77 45.33 -13.62
N ALA E 86 -30.43 44.04 -13.78
CA ALA E 86 -31.24 43.07 -14.51
C ALA E 86 -31.59 41.89 -13.59
N PRO E 87 -32.81 41.85 -12.99
CA PRO E 87 -33.13 40.85 -11.95
C PRO E 87 -33.41 39.43 -12.47
N TYR E 88 -33.50 38.46 -11.55
CA TYR E 88 -33.70 37.07 -11.92
C TYR E 88 -35.07 36.89 -12.57
N GLU E 89 -36.03 37.80 -12.31
CA GLU E 89 -37.33 37.72 -12.95
C GLU E 89 -37.16 37.61 -14.46
N TYR E 90 -36.18 38.33 -15.04
CA TYR E 90 -35.96 38.34 -16.47
C TYR E 90 -34.89 37.32 -16.90
N VAL E 91 -33.80 37.21 -16.14
CA VAL E 91 -32.69 36.32 -16.50
C VAL E 91 -33.14 34.86 -16.40
N SER E 92 -34.09 34.53 -15.50
CA SER E 92 -34.58 33.16 -15.37
C SER E 92 -35.41 32.76 -16.59
N GLN E 93 -36.04 33.74 -17.27
CA GLN E 93 -36.80 33.49 -18.48
C GLN E 93 -35.88 33.32 -19.70
N MET E 94 -34.74 34.04 -19.69
CA MET E 94 -33.91 34.16 -20.87
C MET E 94 -32.51 34.64 -20.47
N ARG E 95 -31.50 33.76 -20.52
CA ARG E 95 -30.19 34.09 -20.00
C ARG E 95 -29.43 35.00 -20.96
N ALA E 96 -29.89 35.14 -22.20
CA ALA E 96 -29.32 36.11 -23.14
C ALA E 96 -29.40 37.54 -22.61
N SER E 97 -30.26 37.80 -21.61
CA SER E 97 -30.41 39.14 -21.10
C SER E 97 -29.14 39.62 -20.38
N ILE E 98 -28.16 38.74 -20.14
CA ILE E 98 -26.94 39.14 -19.45
C ILE E 98 -26.01 39.94 -20.38
N VAL E 99 -26.24 39.92 -21.70
CA VAL E 99 -25.38 40.67 -22.61
C VAL E 99 -25.58 42.17 -22.47
N VAL E 100 -26.42 42.62 -21.52
CA VAL E 100 -26.50 44.03 -21.19
C VAL E 100 -25.35 44.42 -20.26
N MET E 101 -24.66 43.42 -19.70
CA MET E 101 -23.60 43.66 -18.73
C MET E 101 -22.47 44.44 -19.37
N GLY E 102 -22.09 44.08 -20.59
CA GLY E 102 -21.02 44.72 -21.32
C GLY E 102 -21.29 46.21 -21.58
N PRO E 103 -22.40 46.58 -22.25
CA PRO E 103 -22.76 47.99 -22.44
C PRO E 103 -22.90 48.79 -21.16
N LEU E 104 -23.43 48.18 -20.09
CA LEU E 104 -23.56 48.83 -18.79
C LEU E 104 -22.19 49.17 -18.23
N LEU E 105 -21.21 48.27 -18.38
CA LEU E 105 -19.85 48.56 -17.94
C LEU E 105 -19.25 49.71 -18.74
N ALA E 106 -19.47 49.71 -20.06
CA ALA E 106 -18.96 50.76 -20.94
C ALA E 106 -19.59 52.13 -20.61
N ARG E 107 -20.90 52.19 -20.36
CA ARG E 107 -21.60 53.46 -20.13
C ARG E 107 -21.40 53.95 -18.69
N ASN E 108 -21.65 53.06 -17.73
CA ASN E 108 -21.79 53.40 -16.32
C ASN E 108 -20.57 52.96 -15.51
N GLY E 109 -19.79 51.98 -15.99
CA GLY E 109 -18.75 51.36 -15.19
C GLY E 109 -19.31 50.51 -14.05
N HIS E 110 -20.57 50.08 -14.20
CA HIS E 110 -21.28 49.36 -13.15
C HIS E 110 -22.40 48.55 -13.79
N ALA E 111 -22.54 47.29 -13.35
CA ALA E 111 -23.61 46.41 -13.79
C ALA E 111 -23.92 45.42 -12.67
N LYS E 112 -25.21 45.11 -12.50
CA LYS E 112 -25.66 44.22 -11.45
C LYS E 112 -26.69 43.29 -12.08
N VAL E 113 -26.25 42.08 -12.45
CA VAL E 113 -27.02 41.19 -13.30
C VAL E 113 -27.15 39.83 -12.60
N ALA E 114 -28.36 39.28 -12.59
CA ALA E 114 -28.63 38.00 -11.97
C ALA E 114 -27.81 36.92 -12.66
N MET E 115 -27.22 36.04 -11.84
CA MET E 115 -26.48 34.89 -12.29
C MET E 115 -27.49 33.95 -12.92
N PRO E 116 -27.28 33.50 -14.19
CA PRO E 116 -28.18 32.50 -14.77
C PRO E 116 -28.11 31.19 -14.00
N GLY E 117 -29.25 30.49 -13.94
CA GLY E 117 -29.30 29.16 -13.33
C GLY E 117 -29.21 28.07 -14.41
N GLY E 118 -29.86 26.93 -14.17
CA GLY E 118 -29.88 25.82 -15.10
C GLY E 118 -30.61 26.17 -16.40
N ALA E 120 -32.24 23.72 -19.68
CA ALA E 120 -32.64 22.38 -20.09
C ALA E 120 -31.54 21.69 -20.89
N ILE E 121 -30.96 22.40 -21.90
CA ILE E 121 -30.11 21.79 -22.92
C ILE E 121 -28.64 21.71 -22.47
N GLY E 122 -28.34 22.23 -21.28
CA GLY E 122 -27.07 21.96 -20.61
C GLY E 122 -26.00 22.95 -21.03
N LYS E 123 -26.16 24.20 -20.56
CA LYS E 123 -25.37 25.34 -21.01
C LYS E 123 -24.07 25.42 -20.22
N ARG E 124 -23.19 26.32 -20.66
CA ARG E 124 -21.95 26.64 -19.96
C ARG E 124 -22.26 27.65 -18.85
N PRO E 125 -21.34 27.80 -17.88
CA PRO E 125 -21.41 28.91 -16.93
C PRO E 125 -20.96 30.19 -17.62
N ILE E 126 -20.98 31.31 -16.88
CA ILE E 126 -20.67 32.59 -17.52
C ILE E 126 -19.22 32.98 -17.20
N ASP E 127 -18.39 31.99 -16.84
CA ASP E 127 -16.99 32.16 -16.49
C ASP E 127 -16.24 32.98 -17.52
N LEU E 128 -16.47 32.74 -18.83
CA LEU E 128 -15.68 33.42 -19.85
C LEU E 128 -16.08 34.91 -19.98
N HIS E 129 -17.34 35.24 -19.70
CA HIS E 129 -17.77 36.63 -19.63
C HIS E 129 -16.97 37.37 -18.55
N LEU E 130 -16.88 36.75 -17.37
CA LEU E 130 -16.23 37.35 -16.22
C LEU E 130 -14.73 37.45 -16.44
N LYS E 131 -14.14 36.42 -17.06
CA LYS E 131 -12.71 36.42 -17.40
C LYS E 131 -12.41 37.64 -18.28
N GLY E 132 -13.26 37.87 -19.28
CA GLY E 132 -13.10 38.99 -20.18
C GLY E 132 -13.17 40.33 -19.44
N PHE E 133 -14.18 40.47 -18.55
CA PHE E 133 -14.39 41.72 -17.87
C PHE E 133 -13.25 41.99 -16.88
N GLN E 134 -12.79 40.95 -16.17
CA GLN E 134 -11.65 41.07 -15.26
C GLN E 134 -10.41 41.50 -16.04
N ALA E 135 -10.21 40.96 -17.24
CA ALA E 135 -9.07 41.30 -18.06
C ALA E 135 -9.07 42.78 -18.45
N LEU E 136 -10.26 43.40 -18.50
CA LEU E 136 -10.41 44.81 -18.88
C LEU E 136 -10.36 45.73 -17.65
N GLY E 137 -10.22 45.16 -16.45
CA GLY E 137 -10.02 45.93 -15.24
C GLY E 137 -11.24 45.97 -14.31
N ALA E 138 -12.21 45.07 -14.50
CA ALA E 138 -13.43 45.03 -13.71
C ALA E 138 -13.25 44.18 -12.46
N LYS E 139 -13.80 44.64 -11.35
CA LYS E 139 -13.91 43.89 -10.11
C LYS E 139 -15.26 43.18 -10.14
N ILE E 140 -15.30 41.90 -9.69
CA ILE E 140 -16.51 41.10 -9.75
C ILE E 140 -16.86 40.60 -8.35
N ILE E 141 -18.05 40.95 -7.85
CA ILE E 141 -18.58 40.40 -6.61
C ILE E 141 -19.81 39.56 -6.95
N GLN E 142 -20.03 38.47 -6.19
CA GLN E 142 -21.29 37.76 -6.19
C GLN E 142 -21.96 37.85 -4.80
N LYS E 143 -23.26 38.17 -4.76
CA LYS E 143 -24.04 38.25 -3.53
C LYS E 143 -25.51 38.12 -3.92
N ASN E 144 -26.30 37.35 -3.15
CA ASN E 144 -27.73 37.19 -3.36
C ASN E 144 -28.07 36.82 -4.81
N GLY E 145 -27.24 35.96 -5.44
CA GLY E 145 -27.52 35.50 -6.79
C GLY E 145 -27.31 36.53 -7.89
N TYR E 146 -26.59 37.63 -7.58
CA TYR E 146 -26.27 38.68 -8.55
C TYR E 146 -24.77 38.67 -8.78
N ILE E 147 -24.38 38.98 -10.02
CA ILE E 147 -23.01 39.34 -10.33
C ILE E 147 -22.93 40.87 -10.40
N GLU E 148 -22.11 41.45 -9.54
CA GLU E 148 -21.86 42.89 -9.59
C GLU E 148 -20.47 43.13 -10.17
N ALA E 149 -20.42 43.81 -11.31
CA ALA E 149 -19.16 44.21 -11.94
C ALA E 149 -18.99 45.72 -11.83
N ILE E 150 -17.83 46.16 -11.33
CA ILE E 150 -17.47 47.56 -11.17
C ILE E 150 -16.17 47.81 -11.92
N ALA E 151 -16.12 48.87 -12.74
CA ALA E 151 -14.89 49.27 -13.40
C ALA E 151 -14.86 50.79 -13.56
N ASP E 152 -14.01 51.46 -12.77
CA ASP E 152 -13.82 52.90 -12.89
C ASP E 152 -13.27 53.21 -14.28
N GLU E 153 -12.22 52.48 -14.67
CA GLU E 153 -11.63 52.63 -16.00
C GLU E 153 -11.43 51.26 -16.65
N LEU E 154 -12.13 51.06 -17.77
CA LEU E 154 -11.91 49.91 -18.63
C LEU E 154 -10.62 50.13 -19.41
N ILE E 155 -9.71 49.14 -19.38
CA ILE E 155 -8.45 49.22 -20.10
C ILE E 155 -8.29 47.98 -20.98
N GLY E 156 -8.04 48.23 -22.27
CA GLY E 156 -7.82 47.17 -23.24
C GLY E 156 -6.67 46.24 -22.87
N ASN E 157 -6.82 44.97 -23.27
CA ASN E 157 -5.93 43.90 -22.90
C ASN E 157 -6.09 42.76 -23.91
N THR E 158 -5.16 41.79 -23.88
CA THR E 158 -5.29 40.57 -24.65
C THR E 158 -6.04 39.52 -23.84
N ILE E 159 -7.05 38.92 -24.47
CA ILE E 159 -7.94 37.96 -23.84
C ILE E 159 -8.03 36.73 -24.74
N TYR E 160 -7.66 35.56 -24.21
CA TYR E 160 -7.82 34.29 -24.90
C TYR E 160 -9.08 33.61 -24.36
N LEU E 161 -10.01 33.25 -25.25
CA LEU E 161 -11.17 32.47 -24.88
C LEU E 161 -10.88 30.98 -25.04
N ASP E 162 -11.06 30.23 -23.95
CA ASP E 162 -10.80 28.79 -23.91
C ASP E 162 -11.74 28.08 -24.88
N PHE E 163 -12.96 28.61 -25.00
CA PHE E 163 -13.93 28.16 -25.98
C PHE E 163 -14.42 29.40 -26.72
N PRO E 164 -14.70 29.32 -28.05
CA PRO E 164 -15.19 30.48 -28.81
C PRO E 164 -16.68 30.77 -28.52
N SER E 165 -16.95 31.16 -27.28
CA SER E 165 -18.29 31.46 -26.77
C SER E 165 -18.89 32.69 -27.44
N VAL E 166 -20.03 32.50 -28.11
CA VAL E 166 -20.78 33.57 -28.74
C VAL E 166 -21.17 34.65 -27.73
N GLY E 167 -21.73 34.22 -26.59
CA GLY E 167 -22.22 35.13 -25.58
C GLY E 167 -21.09 35.95 -24.94
N ALA E 168 -20.01 35.26 -24.55
CA ALA E 168 -18.88 35.93 -23.94
C ALA E 168 -18.25 36.90 -24.95
N THR E 169 -18.17 36.48 -26.22
CA THR E 169 -17.64 37.32 -27.27
C THR E 169 -18.43 38.62 -27.38
N GLN E 170 -19.77 38.51 -27.41
CA GLN E 170 -20.68 39.65 -27.53
C GLN E 170 -20.52 40.59 -26.34
N ASN E 171 -20.55 40.02 -25.13
CA ASN E 171 -20.50 40.80 -23.90
C ASN E 171 -19.19 41.58 -23.84
N ILE E 172 -18.08 40.92 -24.17
CA ILE E 172 -16.76 41.52 -24.08
C ILE E 172 -16.58 42.59 -25.17
N MET E 173 -17.03 42.30 -26.40
CA MET E 173 -16.88 43.28 -27.46
C MET E 173 -17.54 44.59 -27.06
N MET E 174 -18.70 44.51 -26.42
CA MET E 174 -19.52 45.68 -26.14
C MET E 174 -18.94 46.49 -24.97
N ALA E 175 -18.21 45.85 -24.05
CA ALA E 175 -17.46 46.57 -23.04
C ALA E 175 -16.24 47.23 -23.67
N ALA E 176 -15.54 46.48 -24.54
CA ALA E 176 -14.23 46.86 -25.04
C ALA E 176 -14.28 48.04 -26.00
N VAL E 177 -15.43 48.28 -26.65
CA VAL E 177 -15.51 49.34 -27.65
C VAL E 177 -15.27 50.71 -27.01
N LYS E 178 -15.44 50.81 -25.67
CA LYS E 178 -15.21 52.06 -24.95
C LYS E 178 -14.10 51.96 -23.90
N ALA E 179 -13.32 50.87 -23.90
CA ALA E 179 -12.12 50.75 -23.08
C ALA E 179 -10.99 51.59 -23.66
N LYS E 180 -10.05 52.02 -22.81
CA LYS E 180 -8.91 52.78 -23.28
C LYS E 180 -7.91 51.84 -23.96
N GLY E 181 -7.55 52.15 -25.22
CA GLY E 181 -6.52 51.43 -25.92
C GLY E 181 -7.05 50.22 -26.67
N THR E 182 -6.16 49.28 -26.95
CA THR E 182 -6.44 48.14 -27.81
C THR E 182 -6.85 46.93 -26.98
N THR E 183 -7.90 46.24 -27.45
CA THR E 183 -8.31 44.95 -26.93
C THR E 183 -8.12 43.94 -28.06
N ILE E 184 -7.63 42.74 -27.70
CA ILE E 184 -7.50 41.67 -28.66
C ILE E 184 -8.15 40.44 -28.05
N ILE E 185 -9.13 39.86 -28.77
CA ILE E 185 -9.77 38.65 -28.31
C ILE E 185 -9.32 37.52 -29.23
N GLU E 186 -8.67 36.51 -28.63
CA GLU E 186 -8.18 35.37 -29.38
C GLU E 186 -9.10 34.19 -29.13
N ASN E 187 -9.40 33.45 -30.20
CA ASN E 187 -10.34 32.34 -30.23
C ASN E 187 -11.74 32.90 -29.97
N VAL E 188 -12.07 34.03 -30.60
CA VAL E 188 -13.41 34.61 -30.61
C VAL E 188 -14.38 33.68 -31.35
N ALA E 189 -15.67 33.86 -31.02
CA ALA E 189 -16.76 33.37 -31.84
C ALA E 189 -16.74 34.03 -33.21
N ARG E 190 -17.01 33.22 -34.24
CA ARG E 190 -16.87 33.58 -35.65
C ARG E 190 -18.25 33.61 -36.31
N GLU E 191 -19.31 33.35 -35.53
CA GLU E 191 -20.68 33.23 -36.04
C GLU E 191 -21.12 34.51 -36.76
N PRO E 192 -22.01 34.41 -37.78
CA PRO E 192 -22.51 35.59 -38.52
C PRO E 192 -23.20 36.67 -37.70
N GLU E 193 -23.72 36.29 -36.53
CA GLU E 193 -24.35 37.19 -35.58
C GLU E 193 -23.34 38.16 -34.97
N ILE E 194 -22.12 37.65 -34.76
CA ILE E 194 -20.98 38.44 -34.29
C ILE E 194 -20.66 39.51 -35.33
N VAL E 195 -20.71 39.13 -36.61
CA VAL E 195 -20.39 40.04 -37.69
C VAL E 195 -21.44 41.15 -37.72
N ASP E 196 -22.72 40.80 -37.54
CA ASP E 196 -23.78 41.80 -37.64
C ASP E 196 -23.67 42.76 -36.45
N LEU E 197 -23.37 42.23 -35.26
CA LEU E 197 -23.12 43.07 -34.10
C LEU E 197 -21.95 44.02 -34.34
N ALA E 198 -20.85 43.51 -34.89
CA ALA E 198 -19.68 44.34 -35.19
C ALA E 198 -20.05 45.44 -36.18
N ASN E 199 -20.91 45.08 -37.16
CA ASN E 199 -21.25 45.99 -38.24
C ASN E 199 -22.02 47.18 -37.67
N ILE E 200 -22.92 46.95 -36.70
CA ILE E 200 -23.67 48.06 -36.14
C ILE E 200 -22.79 48.89 -35.21
N LEU E 201 -21.98 48.24 -34.37
CA LEU E 201 -21.04 48.96 -33.51
C LEU E 201 -20.17 49.91 -34.33
N ASN E 202 -19.68 49.45 -35.48
CA ASN E 202 -18.82 50.26 -36.34
C ASN E 202 -19.56 51.48 -36.85
N LYS E 203 -20.83 51.32 -37.24
CA LYS E 203 -21.67 52.41 -37.70
C LYS E 203 -21.90 53.42 -36.58
N MET E 204 -21.97 52.92 -35.33
CA MET E 204 -22.21 53.74 -34.16
C MET E 204 -20.96 54.53 -33.76
N GLY E 205 -19.82 54.27 -34.42
CA GLY E 205 -18.61 55.04 -34.19
C GLY E 205 -17.47 54.21 -33.59
N ALA E 206 -17.70 52.90 -33.38
CA ALA E 206 -16.70 52.02 -32.77
C ALA E 206 -15.66 51.60 -33.81
N GLN E 207 -14.61 50.91 -33.33
CA GLN E 207 -13.58 50.39 -34.20
C GLN E 207 -13.32 48.92 -33.89
N VAL E 208 -14.08 48.04 -34.55
CA VAL E 208 -13.98 46.60 -34.36
C VAL E 208 -13.50 45.96 -35.65
N TYR E 209 -12.34 45.29 -35.59
CA TYR E 209 -11.69 44.71 -36.76
C TYR E 209 -11.65 43.18 -36.60
N GLY E 210 -11.74 42.47 -37.73
CA GLY E 210 -11.55 41.03 -37.75
C GLY E 210 -12.76 40.21 -37.32
N ALA E 211 -13.96 40.82 -37.29
CA ALA E 211 -15.16 40.08 -36.98
C ALA E 211 -15.39 39.01 -38.03
N GLY E 212 -15.64 37.77 -37.59
CA GLY E 212 -15.80 36.61 -38.46
C GLY E 212 -14.50 35.82 -38.62
N THR E 213 -13.36 36.39 -38.18
CA THR E 213 -12.07 35.72 -38.20
C THR E 213 -11.71 35.24 -36.79
N GLU E 214 -10.53 34.61 -36.67
CA GLU E 214 -10.10 33.91 -35.46
C GLU E 214 -9.72 34.92 -34.37
N THR E 215 -9.30 36.12 -34.79
CA THR E 215 -8.82 37.18 -33.92
C THR E 215 -9.60 38.45 -34.17
N MET E 216 -10.08 39.06 -33.08
CA MET E 216 -10.80 40.33 -33.15
C MET E 216 -9.95 41.39 -32.44
N ARG E 217 -9.86 42.58 -33.07
CA ARG E 217 -9.10 43.70 -32.55
C ARG E 217 -10.03 44.90 -32.38
N ILE E 218 -10.05 45.48 -31.19
CA ILE E 218 -10.95 46.59 -30.89
C ILE E 218 -10.14 47.76 -30.37
N GLU E 219 -10.33 48.92 -31.01
CA GLU E 219 -9.75 50.18 -30.56
C GLU E 219 -10.84 51.00 -29.87
N GLY E 220 -10.60 51.34 -28.60
CA GLY E 220 -11.57 52.04 -27.79
C GLY E 220 -11.84 53.45 -28.32
N VAL E 221 -13.06 53.94 -28.10
CA VAL E 221 -13.47 55.28 -28.51
C VAL E 221 -14.19 55.93 -27.32
N ASP E 222 -14.34 57.26 -27.40
CA ASP E 222 -14.90 58.05 -26.33
C ASP E 222 -16.43 58.03 -26.41
N HIS E 223 -17.00 58.15 -27.62
CA HIS E 223 -18.43 58.35 -27.78
C HIS E 223 -18.96 57.46 -28.91
N LEU E 224 -20.17 56.92 -28.71
CA LEU E 224 -20.93 56.21 -29.73
C LEU E 224 -22.29 56.89 -29.93
N HIS E 225 -22.76 56.92 -31.18
CA HIS E 225 -24.02 57.57 -31.54
C HIS E 225 -25.01 56.52 -32.06
N ALA E 226 -26.29 56.92 -32.15
CA ALA E 226 -27.35 56.03 -32.60
C ALA E 226 -27.40 55.99 -34.14
N VAL E 227 -27.88 54.86 -34.69
CA VAL E 227 -27.91 54.62 -36.12
C VAL E 227 -29.20 53.87 -36.50
N ASN E 228 -29.46 53.75 -37.81
CA ASN E 228 -30.43 52.79 -38.33
C ASN E 228 -29.69 51.51 -38.73
N HIS E 229 -30.27 50.35 -38.39
CA HIS E 229 -29.70 49.08 -38.80
C HIS E 229 -30.80 48.06 -39.07
N SER E 230 -30.64 47.31 -40.18
CA SER E 230 -31.50 46.20 -40.54
CA SER E 230 -31.50 46.20 -40.54
C SER E 230 -30.86 44.89 -40.09
N ILE E 231 -31.57 44.13 -39.24
CA ILE E 231 -31.04 42.88 -38.72
C ILE E 231 -30.84 41.89 -39.87
N VAL E 232 -29.73 41.16 -39.83
CA VAL E 232 -29.44 40.11 -40.81
C VAL E 232 -30.52 39.02 -40.74
N GLN E 233 -30.80 38.38 -41.89
CA GLN E 233 -31.72 37.27 -41.95
C GLN E 233 -31.34 36.17 -40.96
N ASP E 234 -32.34 35.48 -40.40
CA ASP E 234 -32.16 34.36 -39.48
C ASP E 234 -31.75 33.10 -40.26
N ARG E 235 -30.48 32.68 -40.08
CA ARG E 235 -29.94 31.56 -40.84
C ARG E 235 -30.52 30.24 -40.36
N ILE E 236 -30.96 30.22 -39.09
CA ILE E 236 -31.54 29.02 -38.48
C ILE E 236 -33.00 28.84 -38.91
N GLU E 237 -33.80 29.92 -38.98
CA GLU E 237 -35.14 29.81 -39.54
C GLU E 237 -35.01 29.36 -41.00
N ALA E 238 -34.12 30.00 -41.75
CA ALA E 238 -33.86 29.62 -43.13
C ALA E 238 -33.53 28.12 -43.23
N GLY E 239 -32.59 27.66 -42.39
CA GLY E 239 -32.13 26.30 -42.41
C GLY E 239 -33.22 25.29 -42.08
N THR E 240 -34.10 25.69 -41.16
CA THR E 240 -35.25 24.87 -40.78
C THR E 240 -36.13 24.59 -41.99
N PHE E 241 -36.34 25.59 -42.85
CA PHE E 241 -37.17 25.42 -44.03
C PHE E 241 -36.43 24.62 -45.11
N MET E 242 -35.11 24.73 -45.16
CA MET E 242 -34.29 23.94 -46.06
C MET E 242 -34.45 22.45 -45.75
N VAL E 243 -34.43 22.10 -44.45
CA VAL E 243 -34.62 20.73 -44.00
C VAL E 243 -36.03 20.24 -44.36
N ALA E 244 -37.03 21.10 -44.18
CA ALA E 244 -38.42 20.74 -44.43
C ALA E 244 -38.62 20.39 -45.91
N ALA E 245 -38.05 21.22 -46.79
CA ALA E 245 -38.05 20.97 -48.23
C ALA E 245 -37.33 19.67 -48.56
N ALA E 246 -36.18 19.44 -47.92
CA ALA E 246 -35.34 18.29 -48.28
C ALA E 246 -36.00 16.98 -47.86
N MET E 247 -36.88 17.00 -46.83
CA MET E 247 -37.43 15.76 -46.32
C MET E 247 -38.82 15.47 -46.88
N THR E 248 -39.39 16.38 -47.68
CA THR E 248 -40.75 16.18 -48.17
C THR E 248 -40.81 16.10 -49.69
N GLN E 249 -39.70 15.72 -50.34
CA GLN E 249 -39.56 15.82 -51.79
C GLN E 249 -40.00 17.20 -52.30
N GLY E 250 -39.60 18.25 -51.58
CA GLY E 250 -40.11 19.58 -51.81
C GLY E 250 -39.35 20.32 -52.91
N ASN E 251 -39.85 21.51 -53.24
CA ASN E 251 -39.17 22.47 -54.10
C ASN E 251 -39.49 23.85 -53.54
N VAL E 252 -38.58 24.36 -52.71
CA VAL E 252 -38.85 25.55 -51.90
C VAL E 252 -37.71 26.54 -52.11
N LEU E 253 -38.09 27.78 -52.43
CA LEU E 253 -37.15 28.89 -52.50
C LEU E 253 -37.18 29.62 -51.16
N ILE E 254 -36.02 29.69 -50.50
CA ILE E 254 -35.88 30.50 -49.30
C ILE E 254 -35.43 31.87 -49.75
N ALA E 255 -36.35 32.84 -49.66
CA ALA E 255 -36.17 34.16 -50.23
C ALA E 255 -34.98 34.86 -49.55
N ASP E 256 -34.06 35.34 -50.40
CA ASP E 256 -32.92 36.18 -50.01
C ASP E 256 -32.00 35.47 -49.01
N ALA E 257 -31.96 34.12 -49.08
CA ALA E 257 -31.14 33.33 -48.18
C ALA E 257 -29.66 33.56 -48.49
N ILE E 258 -28.85 33.69 -47.43
CA ILE E 258 -27.42 33.89 -47.51
C ILE E 258 -26.76 32.53 -47.32
N SER E 259 -26.25 31.97 -48.43
CA SER E 259 -25.80 30.60 -48.45
C SER E 259 -24.50 30.43 -47.66
N GLU E 260 -23.70 31.51 -47.58
CA GLU E 260 -22.44 31.49 -46.85
C GLU E 260 -22.70 31.35 -45.35
N HIS E 261 -23.95 31.60 -44.90
CA HIS E 261 -24.33 31.39 -43.51
C HIS E 261 -24.86 29.97 -43.25
N ASN E 262 -24.97 29.12 -44.29
CA ASN E 262 -25.35 27.72 -44.09
C ASN E 262 -24.50 26.79 -44.96
N ARG E 263 -23.18 26.97 -44.99
CA ARG E 263 -22.32 26.11 -45.81
C ARG E 263 -22.42 24.67 -45.30
N PRO E 264 -22.29 24.41 -43.98
CA PRO E 264 -22.42 23.05 -43.44
C PRO E 264 -23.74 22.34 -43.76
N LEU E 265 -24.86 22.99 -43.45
CA LEU E 265 -26.18 22.41 -43.68
C LEU E 265 -26.42 22.12 -45.16
N ILE E 266 -26.07 23.07 -46.03
CA ILE E 266 -26.25 22.89 -47.46
C ILE E 266 -25.45 21.67 -47.94
N SER E 267 -24.18 21.56 -47.50
CA SER E 267 -23.31 20.46 -47.90
C SER E 267 -23.90 19.13 -47.43
N LYS E 268 -24.39 19.10 -46.19
CA LYS E 268 -24.91 17.86 -45.61
C LYS E 268 -26.22 17.45 -46.29
N LEU E 269 -27.09 18.41 -46.61
CA LEU E 269 -28.35 18.08 -47.26
C LEU E 269 -28.09 17.56 -48.67
N ILE E 270 -27.09 18.13 -49.36
CA ILE E 270 -26.66 17.59 -50.66
C ILE E 270 -26.12 16.17 -50.51
N GLU E 271 -25.39 15.85 -49.44
CA GLU E 271 -24.95 14.49 -49.19
C GLU E 271 -26.14 13.54 -48.98
N MET E 272 -27.27 14.06 -48.51
CA MET E 272 -28.46 13.25 -48.26
C MET E 272 -29.33 13.14 -49.53
N GLY E 273 -28.95 13.85 -50.58
CA GLY E 273 -29.58 13.68 -51.89
C GLY E 273 -30.27 14.93 -52.41
N ALA E 274 -30.32 15.99 -51.61
CA ALA E 274 -31.00 17.23 -52.02
C ALA E 274 -30.18 17.91 -53.11
N GLU E 275 -30.89 18.64 -53.97
CA GLU E 275 -30.29 19.54 -54.96
C GLU E 275 -30.56 20.97 -54.47
N ILE E 276 -29.50 21.77 -54.31
CA ILE E 276 -29.61 23.09 -53.71
C ILE E 276 -28.89 24.09 -54.61
N ILE E 277 -29.61 25.16 -54.99
CA ILE E 277 -29.21 26.06 -56.07
C ILE E 277 -29.28 27.49 -55.54
N GLU E 278 -28.20 28.26 -55.73
CA GLU E 278 -28.24 29.69 -55.50
C GLU E 278 -28.84 30.37 -56.72
N GLU E 279 -29.90 31.17 -56.49
CA GLU E 279 -30.60 31.91 -57.53
C GLU E 279 -30.57 33.40 -57.20
N GLU E 280 -30.96 34.26 -58.15
CA GLU E 280 -31.08 35.70 -57.89
C GLU E 280 -31.95 35.93 -56.64
N GLY E 281 -33.04 35.16 -56.49
CA GLY E 281 -34.04 35.41 -55.47
C GLY E 281 -33.80 34.71 -54.13
N GLY E 282 -32.83 33.80 -54.07
CA GLY E 282 -32.48 33.12 -52.83
C GLY E 282 -31.94 31.72 -53.11
N VAL E 283 -32.10 30.81 -52.14
CA VAL E 283 -31.59 29.45 -52.25
C VAL E 283 -32.77 28.47 -52.41
N ARG E 284 -32.75 27.70 -53.49
CA ARG E 284 -33.77 26.71 -53.77
C ARG E 284 -33.31 25.35 -53.28
N VAL E 285 -34.19 24.64 -52.55
CA VAL E 285 -33.92 23.27 -52.10
C VAL E 285 -34.93 22.34 -52.74
N ILE E 286 -34.42 21.30 -53.43
CA ILE E 286 -35.26 20.26 -54.03
C ILE E 286 -34.95 18.95 -53.33
N GLY E 287 -35.95 18.39 -52.64
CA GLY E 287 -35.80 17.17 -51.87
C GLY E 287 -35.78 15.93 -52.76
N PRO E 288 -34.91 14.93 -52.47
CA PRO E 288 -34.79 13.73 -53.29
C PRO E 288 -35.91 12.73 -53.03
N LYS E 289 -36.09 11.79 -53.96
CA LYS E 289 -37.04 10.71 -53.77
C LYS E 289 -36.52 9.76 -52.70
N HIS E 290 -35.20 9.53 -52.68
CA HIS E 290 -34.54 8.68 -51.70
C HIS E 290 -33.61 9.51 -50.83
N ILE E 291 -34.00 9.70 -49.56
CA ILE E 291 -33.19 10.42 -48.58
C ILE E 291 -32.10 9.47 -48.07
N LEU E 292 -30.83 9.88 -48.24
CA LEU E 292 -29.68 9.04 -47.91
C LEU E 292 -29.16 9.42 -46.52
N PRO E 293 -28.71 8.43 -45.72
CA PRO E 293 -28.14 8.71 -44.41
C PRO E 293 -26.83 9.49 -44.50
N THR E 294 -26.54 10.27 -43.43
CA THR E 294 -25.32 11.01 -43.29
C THR E 294 -25.04 11.20 -41.81
N ASP E 295 -23.77 11.37 -41.43
CA ASP E 295 -23.40 11.65 -40.06
C ASP E 295 -23.13 13.13 -39.91
N VAL E 296 -23.43 13.66 -38.70
CA VAL E 296 -23.37 15.09 -38.44
C VAL E 296 -22.62 15.29 -37.14
N LYS E 297 -21.70 16.27 -37.12
CA LYS E 297 -20.99 16.65 -35.91
C LYS E 297 -21.11 18.17 -35.72
N THR E 298 -21.68 18.58 -34.59
CA THR E 298 -21.81 20.00 -34.28
C THR E 298 -20.48 20.53 -33.75
N MET E 299 -20.22 21.80 -34.07
CA MET E 299 -19.02 22.49 -33.65
C MET E 299 -19.31 23.99 -33.71
N PRO E 300 -18.49 24.82 -33.04
CA PRO E 300 -18.46 26.25 -33.31
C PRO E 300 -18.33 26.52 -34.81
N HIS E 301 -18.95 27.61 -35.25
CA HIS E 301 -18.76 28.09 -36.60
C HIS E 301 -17.26 28.16 -36.89
N PRO E 302 -16.74 27.71 -38.07
CA PRO E 302 -17.56 27.33 -39.24
C PRO E 302 -17.97 25.85 -39.42
N GLY E 303 -17.97 25.07 -38.33
CA GLY E 303 -18.54 23.73 -38.35
C GLY E 303 -20.08 23.75 -38.31
N PHE E 304 -20.67 22.56 -38.20
CA PHE E 304 -22.11 22.40 -38.32
C PHE E 304 -22.78 23.01 -37.08
N PRO E 305 -23.74 23.96 -37.24
CA PRO E 305 -24.32 24.68 -36.11
C PRO E 305 -25.21 23.80 -35.23
N THR E 306 -24.99 23.85 -33.91
CA THR E 306 -25.82 23.13 -32.97
C THR E 306 -27.29 23.58 -33.08
N ASP E 307 -27.55 24.84 -33.44
CA ASP E 307 -28.92 25.31 -33.56
C ASP E 307 -29.68 24.69 -34.73
N MET E 308 -28.98 23.95 -35.62
CA MET E 308 -29.62 23.18 -36.70
C MET E 308 -29.72 21.69 -36.37
N GLN E 309 -29.09 21.24 -35.27
CA GLN E 309 -28.98 19.82 -34.94
C GLN E 309 -30.35 19.14 -34.79
N ALA E 310 -31.26 19.69 -33.96
CA ALA E 310 -32.55 19.03 -33.72
C ALA E 310 -33.31 18.84 -35.04
N GLN E 311 -33.40 19.92 -35.82
CA GLN E 311 -34.08 19.89 -37.11
C GLN E 311 -33.45 18.81 -38.00
N MET E 312 -32.11 18.72 -37.97
CA MET E 312 -31.39 17.80 -38.83
C MET E 312 -31.66 16.34 -38.41
N THR E 313 -31.87 16.07 -37.11
CA THR E 313 -32.16 14.71 -36.67
C THR E 313 -33.49 14.23 -37.25
N ALA E 314 -34.41 15.17 -37.52
CA ALA E 314 -35.71 14.83 -38.08
C ALA E 314 -35.54 14.23 -39.47
N ILE E 315 -34.68 14.82 -40.31
CA ILE E 315 -34.45 14.29 -41.64
C ILE E 315 -33.58 13.03 -41.56
N GLN E 316 -32.64 12.96 -40.62
CA GLN E 316 -31.83 11.75 -40.43
C GLN E 316 -32.70 10.57 -40.03
N LEU E 317 -33.78 10.82 -39.30
CA LEU E 317 -34.65 9.76 -38.81
C LEU E 317 -35.59 9.21 -39.89
N VAL E 318 -35.64 9.82 -41.08
CA VAL E 318 -36.41 9.27 -42.18
C VAL E 318 -35.50 8.87 -43.34
N ALA E 319 -34.18 9.00 -43.17
CA ALA E 319 -33.23 8.59 -44.19
C ALA E 319 -33.17 7.05 -44.28
N GLU E 320 -32.77 6.54 -45.44
CA GLU E 320 -32.81 5.11 -45.75
C GLU E 320 -31.54 4.41 -45.27
N GLY E 321 -31.40 4.29 -43.94
CA GLY E 321 -30.25 3.68 -43.30
C GLY E 321 -29.99 4.27 -41.91
N THR E 322 -28.78 4.00 -41.39
CA THR E 322 -28.38 4.43 -40.05
C THR E 322 -27.54 5.70 -40.15
N SER E 323 -27.86 6.71 -39.33
CA SER E 323 -27.15 7.98 -39.28
C SER E 323 -26.72 8.23 -37.84
N VAL E 324 -25.60 8.96 -37.68
CA VAL E 324 -25.08 9.28 -36.37
C VAL E 324 -24.99 10.80 -36.23
N VAL E 325 -25.34 11.31 -35.04
CA VAL E 325 -25.13 12.72 -34.75
C VAL E 325 -24.33 12.81 -33.47
N THR E 326 -23.39 13.76 -33.46
CA THR E 326 -22.52 14.00 -32.32
C THR E 326 -22.60 15.46 -31.96
N GLU E 327 -23.03 15.73 -30.72
CA GLU E 327 -23.26 17.08 -30.25
C GLU E 327 -22.11 17.46 -29.32
N THR E 328 -21.21 18.35 -29.78
CA THR E 328 -20.02 18.74 -29.04
C THR E 328 -20.15 20.13 -28.42
N VAL E 329 -21.29 20.81 -28.62
CA VAL E 329 -21.43 22.17 -28.10
C VAL E 329 -22.33 22.18 -26.85
N PHE E 330 -23.34 21.31 -26.79
CA PHE E 330 -24.26 21.28 -25.66
C PHE E 330 -24.34 19.86 -25.10
N GLU E 331 -24.57 19.76 -23.79
CA GLU E 331 -24.43 18.52 -23.06
C GLU E 331 -25.69 17.67 -23.19
N ASN E 332 -26.86 18.32 -23.20
CA ASN E 332 -28.12 17.60 -23.13
C ASN E 332 -29.13 18.15 -24.13
N ARG E 333 -28.80 18.06 -25.42
CA ARG E 333 -29.63 18.61 -26.48
C ARG E 333 -30.16 17.49 -27.39
N PHE E 334 -30.56 16.36 -26.80
CA PHE E 334 -31.14 15.23 -27.48
C PHE E 334 -32.50 14.86 -26.90
N GLN E 335 -33.12 15.75 -26.12
CA GLN E 335 -34.36 15.41 -25.44
C GLN E 335 -35.50 15.25 -26.44
N HIS E 336 -35.44 15.95 -27.57
CA HIS E 336 -36.41 15.77 -28.63
C HIS E 336 -36.41 14.33 -29.15
N LEU E 337 -35.24 13.68 -29.22
CA LEU E 337 -35.15 12.30 -29.66
C LEU E 337 -35.81 11.39 -28.63
N GLU E 338 -35.72 11.71 -27.34
CA GLU E 338 -36.40 10.95 -26.30
C GLU E 338 -37.92 11.00 -26.55
N GLU E 339 -38.45 12.18 -26.93
CA GLU E 339 -39.87 12.34 -27.20
C GLU E 339 -40.29 11.57 -28.44
N MET E 340 -39.44 11.62 -29.47
CA MET E 340 -39.78 11.07 -30.77
C MET E 340 -39.83 9.55 -30.72
N ARG E 341 -39.47 8.93 -29.60
CA ARG E 341 -39.75 7.51 -29.38
C ARG E 341 -41.25 7.26 -29.38
N ARG E 342 -42.03 8.26 -28.92
CA ARG E 342 -43.49 8.21 -28.98
C ARG E 342 -43.98 8.15 -30.42
N MET E 343 -43.20 8.69 -31.35
CA MET E 343 -43.46 8.67 -32.77
C MET E 343 -42.77 7.49 -33.47
N ASN E 344 -42.37 6.47 -32.69
CA ASN E 344 -41.77 5.23 -33.20
C ASN E 344 -40.35 5.46 -33.75
N ALA E 345 -39.67 6.53 -33.37
CA ALA E 345 -38.28 6.73 -33.73
C ALA E 345 -37.41 5.69 -33.04
N HIS E 346 -36.60 4.98 -33.85
CA HIS E 346 -35.58 4.07 -33.37
C HIS E 346 -34.24 4.83 -33.26
N VAL E 347 -33.84 5.11 -32.02
CA VAL E 347 -32.67 5.91 -31.75
C VAL E 347 -32.04 5.40 -30.46
N LYS E 348 -30.70 5.27 -30.45
CA LYS E 348 -29.93 4.93 -29.26
C LYS E 348 -29.06 6.13 -28.91
N ILE E 349 -29.08 6.53 -27.64
CA ILE E 349 -28.33 7.68 -27.16
C ILE E 349 -27.32 7.20 -26.13
N ASP E 350 -26.08 7.70 -26.22
CA ASP E 350 -25.07 7.46 -25.21
C ASP E 350 -24.13 8.66 -25.17
N GLY E 351 -24.17 9.40 -24.06
CA GLY E 351 -23.37 10.60 -23.94
C GLY E 351 -23.85 11.61 -24.97
N ASN E 352 -22.93 12.05 -25.81
CA ASN E 352 -23.22 13.11 -26.76
C ASN E 352 -23.27 12.55 -28.19
N VAL E 353 -23.58 11.25 -28.31
CA VAL E 353 -23.79 10.58 -29.58
C VAL E 353 -25.20 10.00 -29.63
N ALA E 354 -25.84 10.08 -30.79
CA ALA E 354 -27.14 9.46 -31.01
C ALA E 354 -27.11 8.74 -32.36
N ILE E 355 -27.71 7.54 -32.36
CA ILE E 355 -27.64 6.60 -33.48
C ILE E 355 -29.07 6.36 -33.95
N MET E 356 -29.38 6.79 -35.17
CA MET E 356 -30.75 6.82 -35.65
C MET E 356 -30.91 5.83 -36.80
N ASP E 357 -31.90 4.95 -36.67
CA ASP E 357 -32.22 3.97 -37.70
C ASP E 357 -33.52 4.43 -38.38
N GLY E 358 -33.38 4.91 -39.63
CA GLY E 358 -34.49 5.50 -40.34
C GLY E 358 -35.28 4.52 -41.21
N ASN E 359 -35.00 3.21 -41.10
CA ASN E 359 -35.75 2.21 -41.85
C ASN E 359 -36.95 1.76 -41.01
N HIS E 360 -37.71 2.74 -40.53
CA HIS E 360 -38.94 2.52 -39.78
C HIS E 360 -39.85 3.71 -40.07
N GLU E 361 -41.16 3.47 -40.22
CA GLU E 361 -42.09 4.58 -40.44
C GLU E 361 -42.32 5.30 -39.12
N LEU E 362 -42.23 6.64 -39.16
CA LEU E 362 -42.64 7.47 -38.04
C LEU E 362 -44.16 7.43 -37.93
N GLN E 363 -44.64 7.58 -36.70
CA GLN E 363 -46.06 7.50 -36.39
C GLN E 363 -46.48 8.77 -35.63
N GLY E 364 -47.61 9.34 -36.01
CA GLY E 364 -48.15 10.47 -35.26
C GLY E 364 -48.44 10.12 -33.81
N ALA E 365 -48.15 11.08 -32.92
CA ALA E 365 -48.51 10.99 -31.51
C ALA E 365 -48.56 12.38 -30.89
N GLU E 366 -49.15 12.51 -29.70
CA GLU E 366 -49.02 13.72 -28.89
C GLU E 366 -47.59 13.78 -28.35
N VAL E 367 -46.90 14.90 -28.58
CA VAL E 367 -45.53 15.08 -28.16
C VAL E 367 -45.33 16.50 -27.62
N TYR E 368 -44.53 16.63 -26.55
CA TYR E 368 -44.26 17.88 -25.87
C TYR E 368 -42.84 18.35 -26.21
N ALA E 369 -42.73 19.60 -26.72
CA ALA E 369 -41.44 20.23 -26.93
C ALA E 369 -40.80 20.55 -25.58
N THR E 370 -39.46 20.57 -25.57
CA THR E 370 -38.64 20.78 -24.38
C THR E 370 -37.83 22.07 -24.50
N ASP E 371 -37.70 22.59 -25.72
CA ASP E 371 -36.91 23.78 -26.00
C ASP E 371 -37.26 24.26 -27.41
N LEU E 372 -36.78 25.44 -27.74
CA LEU E 372 -37.09 26.09 -29.01
C LEU E 372 -36.92 25.16 -30.23
N ARG E 373 -35.72 24.60 -30.43
CA ARG E 373 -35.45 23.88 -31.68
C ARG E 373 -36.06 22.48 -31.68
N ALA E 374 -36.23 21.90 -30.49
CA ALA E 374 -36.96 20.65 -30.36
C ALA E 374 -38.38 20.81 -30.89
N ALA E 375 -39.02 21.96 -30.61
CA ALA E 375 -40.37 22.20 -31.08
C ALA E 375 -40.43 22.16 -32.61
N ALA E 376 -39.48 22.83 -33.27
CA ALA E 376 -39.41 22.82 -34.72
C ALA E 376 -39.17 21.42 -35.25
N ALA E 377 -38.29 20.65 -34.58
CA ALA E 377 -37.92 19.32 -35.04
C ALA E 377 -39.12 18.38 -35.00
N LEU E 378 -39.96 18.49 -33.96
CA LEU E 378 -41.15 17.65 -33.80
C LEU E 378 -42.18 17.95 -34.90
N VAL E 379 -42.31 19.22 -35.29
CA VAL E 379 -43.21 19.61 -36.36
C VAL E 379 -42.71 19.02 -37.68
N LEU E 380 -41.40 19.17 -37.95
CA LEU E 380 -40.78 18.61 -39.16
C LEU E 380 -40.97 17.10 -39.21
N ALA E 381 -40.81 16.41 -38.08
CA ALA E 381 -41.01 14.97 -38.04
C ALA E 381 -42.45 14.64 -38.41
N GLY E 382 -43.38 15.47 -37.94
CA GLY E 382 -44.79 15.34 -38.25
C GLY E 382 -45.07 15.36 -39.75
N LEU E 383 -44.29 16.12 -40.50
CA LEU E 383 -44.45 16.25 -41.95
C LEU E 383 -44.23 14.91 -42.65
N LYS E 384 -43.51 13.98 -42.00
CA LYS E 384 -43.20 12.68 -42.58
C LYS E 384 -43.81 11.52 -41.78
N ALA E 385 -44.45 11.81 -40.66
CA ALA E 385 -45.05 10.75 -39.86
C ALA E 385 -46.38 10.34 -40.50
N ASN E 386 -46.78 9.12 -40.23
CA ASN E 386 -48.05 8.60 -40.68
C ASN E 386 -49.03 8.79 -39.53
N GLY E 387 -50.19 9.38 -39.82
CA GLY E 387 -51.21 9.65 -38.79
C GLY E 387 -51.20 11.12 -38.44
N ILE E 388 -51.53 11.42 -37.18
CA ILE E 388 -51.67 12.81 -36.71
C ILE E 388 -50.65 13.06 -35.61
N THR E 389 -49.81 14.06 -35.79
CA THR E 389 -48.88 14.52 -34.77
C THR E 389 -49.43 15.79 -34.12
N ARG E 390 -49.37 15.88 -32.80
CA ARG E 390 -49.84 17.04 -32.05
C ARG E 390 -48.69 17.56 -31.19
N VAL E 391 -48.13 18.73 -31.54
CA VAL E 391 -46.95 19.26 -30.88
C VAL E 391 -47.41 20.31 -29.86
N ARG E 392 -46.97 20.14 -28.60
CA ARG E 392 -47.35 21.00 -27.49
C ARG E 392 -46.11 21.65 -26.89
N ASN E 393 -46.33 22.56 -25.93
CA ASN E 393 -45.35 23.52 -25.41
C ASN E 393 -44.87 24.44 -26.51
N LEU E 394 -45.82 25.12 -27.17
CA LEU E 394 -45.54 26.08 -28.24
C LEU E 394 -44.97 27.39 -27.69
N ASN E 395 -44.97 27.56 -26.38
CA ASN E 395 -44.25 28.65 -25.76
C ASN E 395 -42.79 28.61 -26.23
N TYR E 396 -42.19 27.39 -26.36
CA TYR E 396 -40.81 27.27 -26.80
C TYR E 396 -40.65 27.67 -28.26
N LEU E 397 -41.60 27.26 -29.11
CA LEU E 397 -41.52 27.58 -30.53
C LEU E 397 -41.53 29.09 -30.76
N ASP E 398 -42.38 29.80 -30.00
CA ASP E 398 -42.62 31.23 -30.21
C ASP E 398 -41.41 32.06 -29.80
N ARG E 399 -40.45 31.46 -29.08
CA ARG E 399 -39.23 32.15 -28.67
C ARG E 399 -38.35 32.43 -29.88
N GLY E 400 -38.48 31.62 -30.94
CA GLY E 400 -37.56 31.70 -32.06
C GLY E 400 -38.22 31.62 -33.44
N TYR E 401 -39.49 31.27 -33.57
CA TYR E 401 -40.14 31.20 -34.87
C TYR E 401 -41.42 32.03 -34.86
N TYR E 402 -41.59 32.89 -35.87
CA TYR E 402 -42.79 33.71 -36.02
C TYR E 402 -43.64 33.11 -37.14
N ASN E 403 -44.88 32.75 -36.80
CA ASN E 403 -45.87 32.26 -37.76
C ASN E 403 -45.38 31.01 -38.45
N PHE E 404 -44.83 30.06 -37.69
CA PHE E 404 -44.21 28.87 -38.28
C PHE E 404 -45.28 28.10 -39.04
N HIS E 405 -46.45 27.91 -38.41
CA HIS E 405 -47.52 27.12 -38.99
C HIS E 405 -48.05 27.76 -40.28
N ILE E 406 -48.13 29.10 -40.33
CA ILE E 406 -48.67 29.78 -41.50
C ILE E 406 -47.71 29.65 -42.68
N LYS E 407 -46.40 29.83 -42.43
CA LYS E 407 -45.39 29.68 -43.48
C LYS E 407 -45.40 28.27 -44.05
N LEU E 408 -45.60 27.27 -43.17
CA LEU E 408 -45.69 25.90 -43.62
C LEU E 408 -46.96 25.64 -44.41
N GLN E 409 -48.12 26.20 -43.95
CA GLN E 409 -49.36 26.08 -44.71
C GLN E 409 -49.18 26.62 -46.12
N GLN E 410 -48.54 27.79 -46.21
CA GLN E 410 -48.35 28.45 -47.49
C GLN E 410 -47.47 27.63 -48.43
N LEU E 411 -46.72 26.67 -47.92
CA LEU E 411 -45.89 25.81 -48.75
C LEU E 411 -46.59 24.49 -49.07
N GLY E 412 -47.86 24.32 -48.64
CA GLY E 412 -48.63 23.14 -48.97
C GLY E 412 -48.68 22.10 -47.85
N ALA E 413 -48.13 22.44 -46.67
CA ALA E 413 -48.13 21.52 -45.55
C ALA E 413 -49.48 21.52 -44.84
N ASP E 414 -49.83 20.36 -44.29
CA ASP E 414 -51.06 20.15 -43.56
C ASP E 414 -50.74 20.35 -42.08
N VAL E 415 -50.77 21.64 -41.68
CA VAL E 415 -50.40 22.10 -40.35
C VAL E 415 -51.46 23.09 -39.88
N GLU E 416 -52.02 22.89 -38.69
CA GLU E 416 -52.95 23.81 -38.06
C GLU E 416 -52.42 24.16 -36.67
N ARG E 417 -52.69 25.37 -36.18
CA ARG E 417 -52.48 25.71 -34.78
C ARG E 417 -53.82 26.05 -34.14
N VAL E 418 -54.17 25.35 -33.06
CA VAL E 418 -55.51 25.36 -32.51
C VAL E 418 -55.47 25.36 -30.98
N ASP E 419 -56.59 25.74 -30.33
CA ASP E 419 -56.71 25.61 -28.89
C ASP E 419 -57.06 24.18 -28.49
N MET E 420 -56.70 23.82 -27.26
CA MET E 420 -57.17 22.62 -26.59
C MET E 420 -58.19 23.08 -25.52
N MET F 1 41.59 7.86 -11.25
CA MET F 1 41.18 9.23 -11.65
C MET F 1 39.64 9.35 -11.49
N GLU F 2 39.21 9.31 -10.22
CA GLU F 2 37.79 9.22 -9.86
C GLU F 2 37.23 10.49 -9.23
N GLU F 3 35.91 10.69 -9.34
CA GLU F 3 35.20 11.77 -8.65
C GLU F 3 33.88 11.27 -8.07
N ILE F 4 33.40 11.92 -7.02
CA ILE F 4 32.04 11.75 -6.52
C ILE F 4 31.19 12.90 -7.04
N ILE F 5 30.06 12.59 -7.67
CA ILE F 5 29.11 13.55 -8.20
C ILE F 5 27.91 13.53 -7.26
N VAL F 6 27.50 14.73 -6.82
CA VAL F 6 26.45 14.89 -5.81
C VAL F 6 25.42 15.87 -6.36
N ARG F 7 24.14 15.51 -6.26
CA ARG F 7 23.05 16.46 -6.43
C ARG F 7 22.36 16.61 -5.08
N GLY F 8 21.98 17.84 -4.74
CA GLY F 8 21.36 18.16 -3.47
C GLY F 8 19.84 18.02 -3.52
N GLY F 9 19.19 18.19 -2.37
CA GLY F 9 17.74 18.37 -2.30
C GLY F 9 16.99 17.13 -1.82
N ASN F 10 17.70 16.09 -1.41
CA ASN F 10 17.09 14.82 -1.03
C ASN F 10 17.32 14.57 0.45
N GLN F 11 16.28 14.02 1.10
CA GLN F 11 16.32 13.68 2.51
C GLN F 11 16.89 12.30 2.67
N LEU F 12 17.76 12.13 3.67
CA LEU F 12 18.35 10.84 3.98
C LEU F 12 17.43 10.10 4.93
N ASN F 13 17.13 8.83 4.59
CA ASN F 13 16.25 7.96 5.37
C ASN F 13 16.82 6.55 5.34
N GLY F 14 16.83 5.89 6.50
CA GLY F 14 17.21 4.48 6.55
C GLY F 14 18.19 4.20 7.68
N THR F 15 18.82 3.03 7.59
CA THR F 15 19.81 2.56 8.55
C THR F 15 21.18 2.56 7.87
N VAL F 16 22.23 2.94 8.62
CA VAL F 16 23.60 2.87 8.13
C VAL F 16 24.45 2.06 9.11
N ARG F 17 25.22 1.11 8.57
CA ARG F 17 26.20 0.33 9.34
C ARG F 17 27.53 1.06 9.28
N ILE F 18 28.29 0.98 10.38
CA ILE F 18 29.52 1.73 10.55
C ILE F 18 30.68 0.76 10.73
N GLU F 19 31.81 1.03 10.07
CA GLU F 19 32.99 0.19 10.19
C GLU F 19 33.66 0.41 11.55
N GLY F 20 34.56 -0.53 11.89
CA GLY F 20 35.48 -0.37 13.01
C GLY F 20 36.40 0.82 12.82
N ALA F 21 36.89 1.37 13.95
CA ALA F 21 37.53 2.67 14.01
C ALA F 21 38.93 2.60 13.40
N LYS F 22 39.16 3.46 12.41
CA LYS F 22 40.49 3.69 11.86
C LYS F 22 41.50 4.02 12.97
N ASN F 23 41.11 4.91 13.87
CA ASN F 23 42.06 5.47 14.83
C ASN F 23 42.31 4.49 15.99
N ALA F 24 41.53 3.41 16.09
CA ALA F 24 41.82 2.33 17.03
C ALA F 24 42.60 1.21 16.35
N VAL F 25 42.30 0.92 15.08
CA VAL F 25 42.84 -0.28 14.45
C VAL F 25 44.33 -0.13 14.19
N LEU F 26 44.79 1.09 13.86
CA LEU F 26 46.19 1.30 13.52
C LEU F 26 47.09 1.04 14.74
N PRO F 27 46.87 1.65 15.93
CA PRO F 27 47.65 1.30 17.11
C PRO F 27 47.48 -0.14 17.62
N ILE F 28 46.30 -0.72 17.43
CA ILE F 28 46.05 -2.08 17.87
C ILE F 28 46.82 -3.08 16.98
N LEU F 29 46.98 -2.76 15.68
CA LEU F 29 47.82 -3.55 14.81
C LEU F 29 49.28 -3.52 15.31
N ALA F 30 49.75 -2.33 15.69
CA ALA F 30 51.07 -2.17 16.29
C ALA F 30 51.18 -2.96 17.59
N ALA F 31 50.10 -3.00 18.39
CA ALA F 31 50.08 -3.69 19.67
C ALA F 31 50.30 -5.18 19.47
N SER F 32 49.94 -5.70 18.29
CA SER F 32 50.02 -7.12 18.00
C SER F 32 51.47 -7.59 17.90
N LEU F 33 52.41 -6.64 17.75
CA LEU F 33 53.85 -6.93 17.76
C LEU F 33 54.31 -7.37 19.15
N LEU F 34 53.53 -7.09 20.19
CA LEU F 34 53.91 -7.41 21.56
C LEU F 34 53.76 -8.91 21.84
N ALA F 35 52.93 -9.61 21.05
CA ALA F 35 52.66 -11.02 21.27
C ALA F 35 53.78 -11.89 20.67
N GLU F 36 54.63 -12.43 21.56
CA GLU F 36 55.79 -13.20 21.19
C GLU F 36 55.39 -14.60 20.74
N GLU F 37 54.23 -15.08 21.20
CA GLU F 37 53.70 -16.39 20.86
C GLU F 37 52.19 -16.28 20.60
N GLY F 38 51.72 -17.03 19.60
CA GLY F 38 50.30 -17.09 19.27
C GLY F 38 49.96 -16.28 18.02
N ILE F 39 48.71 -16.43 17.57
CA ILE F 39 48.16 -15.68 16.44
C ILE F 39 47.12 -14.68 16.97
N THR F 40 47.36 -13.39 16.71
CA THR F 40 46.39 -12.34 16.99
C THR F 40 45.34 -12.30 15.88
N THR F 41 44.05 -12.27 16.25
CA THR F 41 42.97 -12.16 15.28
C THR F 41 42.14 -10.93 15.60
N LEU F 42 42.14 -9.95 14.69
CA LEU F 42 41.36 -8.74 14.82
C LEU F 42 40.12 -8.83 13.93
N ASP F 43 38.95 -8.54 14.52
CA ASP F 43 37.68 -8.50 13.80
C ASP F 43 37.22 -7.04 13.69
N ASN F 44 36.31 -6.78 12.75
CA ASN F 44 35.73 -5.47 12.51
C ASN F 44 36.83 -4.51 12.02
N VAL F 45 37.77 -5.03 11.24
CA VAL F 45 38.82 -4.22 10.65
C VAL F 45 38.24 -3.56 9.39
N PRO F 46 38.27 -2.21 9.28
CA PRO F 46 37.75 -1.53 8.10
C PRO F 46 38.70 -1.64 6.91
N ILE F 47 38.13 -1.67 5.71
CA ILE F 47 38.90 -1.70 4.48
C ILE F 47 39.24 -0.26 4.10
N LEU F 48 40.38 0.24 4.60
CA LEU F 48 40.86 1.58 4.31
C LEU F 48 42.31 1.50 3.86
N SER F 49 42.79 2.50 3.12
CA SER F 49 44.17 2.46 2.63
C SER F 49 45.19 2.53 3.78
N ASP F 50 44.86 3.22 4.88
CA ASP F 50 45.76 3.31 6.02
C ASP F 50 45.98 1.92 6.64
N VAL F 51 44.95 1.05 6.62
CA VAL F 51 45.09 -0.32 7.11
C VAL F 51 46.05 -1.12 6.22
N PHE F 52 45.97 -0.92 4.89
CA PHE F 52 46.88 -1.59 3.99
C PHE F 52 48.32 -1.13 4.23
N THR F 53 48.51 0.18 4.45
CA THR F 53 49.83 0.74 4.70
C THR F 53 50.40 0.20 6.01
N MET F 54 49.57 0.18 7.06
CA MET F 54 50.02 -0.29 8.36
C MET F 54 50.39 -1.78 8.27
N ASN F 55 49.61 -2.56 7.52
CA ASN F 55 49.90 -3.97 7.33
C ASN F 55 51.26 -4.15 6.65
N GLN F 56 51.61 -3.27 5.70
CA GLN F 56 52.91 -3.35 5.03
C GLN F 56 54.02 -3.02 6.02
N VAL F 57 53.82 -1.97 6.83
CA VAL F 57 54.80 -1.51 7.81
C VAL F 57 55.20 -2.70 8.69
N ILE F 58 54.19 -3.44 9.14
CA ILE F 58 54.33 -4.51 10.10
C ILE F 58 54.99 -5.75 9.46
N ARG F 59 54.66 -6.03 8.20
CA ARG F 59 55.31 -7.13 7.48
C ARG F 59 56.82 -6.90 7.39
N HIS F 60 57.20 -5.65 7.08
CA HIS F 60 58.62 -5.29 6.92
C HIS F 60 59.38 -5.45 8.24
N LEU F 61 58.69 -5.70 9.35
CA LEU F 61 59.32 -6.00 10.63
C LEU F 61 59.39 -7.51 10.87
N ASN F 62 59.19 -8.30 9.80
CA ASN F 62 59.33 -9.75 9.83
C ASN F 62 58.15 -10.40 10.56
N VAL F 63 56.95 -10.07 10.08
CA VAL F 63 55.69 -10.50 10.69
C VAL F 63 54.73 -10.90 9.55
N ASP F 64 53.94 -11.96 9.76
CA ASP F 64 52.93 -12.37 8.81
C ASP F 64 51.59 -11.70 9.12
N VAL F 65 51.06 -10.99 8.13
CA VAL F 65 49.77 -10.33 8.28
C VAL F 65 48.88 -10.74 7.12
N ASP F 66 47.74 -11.39 7.43
CA ASP F 66 46.75 -11.72 6.43
C ASP F 66 45.47 -10.93 6.68
N PHE F 67 45.02 -10.20 5.64
CA PHE F 67 43.79 -9.42 5.70
C PHE F 67 42.72 -10.09 4.83
N ASP F 68 41.77 -10.78 5.47
CA ASP F 68 40.57 -11.26 4.81
C ASP F 68 39.53 -10.13 4.75
N GLU F 69 39.47 -9.41 3.62
CA GLU F 69 38.62 -8.22 3.48
C GLU F 69 37.14 -8.57 3.57
N GLN F 70 36.78 -9.77 3.11
CA GLN F 70 35.40 -10.21 3.06
C GLN F 70 34.86 -10.42 4.47
N LYS F 71 35.72 -10.91 5.37
CA LYS F 71 35.37 -11.15 6.76
C LYS F 71 35.74 -9.95 7.66
N ASN F 72 36.36 -8.91 7.09
CA ASN F 72 36.84 -7.76 7.84
C ASN F 72 37.75 -8.22 8.98
N GLN F 73 38.74 -9.05 8.66
CA GLN F 73 39.51 -9.76 9.68
C GLN F 73 40.98 -9.82 9.31
N VAL F 74 41.85 -9.58 10.30
CA VAL F 74 43.30 -9.61 10.11
C VAL F 74 43.90 -10.58 11.13
N THR F 75 44.72 -11.54 10.66
CA THR F 75 45.47 -12.39 11.56
C THR F 75 46.93 -11.94 11.53
N ILE F 76 47.59 -11.90 12.69
CA ILE F 76 48.97 -11.49 12.80
C ILE F 76 49.76 -12.56 13.54
N ASP F 77 50.92 -12.92 12.99
CA ASP F 77 51.86 -13.83 13.63
C ASP F 77 53.19 -13.10 13.79
N ALA F 78 53.50 -12.69 15.03
CA ALA F 78 54.71 -11.93 15.29
C ALA F 78 55.67 -12.72 16.19
N SER F 79 55.76 -14.03 15.94
CA SER F 79 56.47 -14.93 16.84
C SER F 79 57.94 -15.07 16.45
N ARG F 80 58.30 -14.63 15.23
CA ARG F 80 59.69 -14.60 14.83
C ARG F 80 60.38 -13.36 15.40
N GLN F 81 61.73 -13.38 15.40
CA GLN F 81 62.55 -12.22 15.72
C GLN F 81 62.18 -11.07 14.80
N LEU F 82 61.85 -9.91 15.39
CA LEU F 82 61.43 -8.73 14.65
C LEU F 82 62.66 -8.00 14.12
N GLU F 83 62.56 -7.48 12.87
CA GLU F 83 63.38 -6.37 12.41
C GLU F 83 62.84 -5.09 13.05
N ILE F 84 63.63 -4.01 12.99
CA ILE F 84 63.37 -2.84 13.84
C ILE F 84 63.20 -1.56 13.01
N GLU F 85 63.09 -1.67 11.67
CA GLU F 85 63.19 -0.52 10.81
C GLU F 85 61.85 -0.21 10.12
N ALA F 86 61.43 1.06 10.20
CA ALA F 86 60.28 1.58 9.48
C ALA F 86 60.71 2.77 8.61
N PRO F 87 60.94 2.59 7.28
CA PRO F 87 61.55 3.65 6.45
C PRO F 87 60.61 4.79 6.06
N TYR F 88 61.17 5.87 5.48
CA TYR F 88 60.38 7.03 5.09
C TYR F 88 59.39 6.66 4.00
N GLU F 89 59.66 5.59 3.23
CA GLU F 89 58.74 5.13 2.20
C GLU F 89 57.34 4.97 2.79
N TYR F 90 57.23 4.47 4.04
CA TYR F 90 55.95 4.23 4.69
C TYR F 90 55.52 5.41 5.56
N VAL F 91 56.46 5.98 6.32
CA VAL F 91 56.14 7.05 7.25
C VAL F 91 55.70 8.30 6.48
N SER F 92 56.23 8.52 5.27
CA SER F 92 55.85 9.68 4.46
C SER F 92 54.40 9.58 3.98
N GLN F 93 53.89 8.35 3.83
CA GLN F 93 52.50 8.12 3.43
C GLN F 93 51.56 8.29 4.61
N MET F 94 52.03 7.95 5.81
CA MET F 94 51.16 7.84 6.97
C MET F 94 52.00 7.86 8.25
N ARG F 95 51.95 8.98 9.01
CA ARG F 95 52.84 9.16 10.14
C ARG F 95 52.39 8.33 11.34
N ALA F 96 51.15 7.80 11.32
CA ALA F 96 50.70 6.86 12.34
C ALA F 96 51.58 5.62 12.43
N SER F 97 52.38 5.34 11.40
CA SER F 97 53.21 4.15 11.39
C SER F 97 54.31 4.23 12.44
N ILE F 98 54.52 5.38 13.09
CA ILE F 98 55.55 5.50 14.12
C ILE F 98 55.11 4.85 15.43
N VAL F 99 53.83 4.52 15.61
CA VAL F 99 53.41 3.88 16.86
C VAL F 99 53.92 2.44 16.95
N VAL F 100 54.72 1.98 15.98
CA VAL F 100 55.42 0.71 16.12
C VAL F 100 56.66 0.87 16.98
N MET F 101 57.06 2.11 17.25
CA MET F 101 58.29 2.41 17.98
C MET F 101 58.19 1.87 19.41
N GLY F 102 57.03 2.06 20.04
CA GLY F 102 56.78 1.61 21.40
C GLY F 102 56.89 0.10 21.56
N PRO F 103 56.10 -0.70 20.81
CA PRO F 103 56.23 -2.17 20.84
C PRO F 103 57.63 -2.70 20.51
N LEU F 104 58.33 -2.04 19.56
CA LEU F 104 59.69 -2.43 19.20
C LEU F 104 60.64 -2.22 20.37
N LEU F 105 60.46 -1.14 21.13
CA LEU F 105 61.26 -0.91 22.33
C LEU F 105 60.98 -1.99 23.38
N ALA F 106 59.70 -2.33 23.56
CA ALA F 106 59.30 -3.34 24.54
C ALA F 106 59.84 -4.73 24.18
N ARG F 107 59.78 -5.12 22.89
CA ARG F 107 60.19 -6.46 22.45
C ARG F 107 61.71 -6.55 22.32
N ASN F 108 62.29 -5.59 21.60
CA ASN F 108 63.67 -5.65 21.13
C ASN F 108 64.60 -4.73 21.92
N GLY F 109 64.06 -3.68 22.54
CA GLY F 109 64.87 -2.63 23.14
C GLY F 109 65.56 -1.76 22.09
N HIS F 110 65.02 -1.76 20.86
CA HIS F 110 65.62 -1.07 19.73
C HIS F 110 64.53 -0.78 18.69
N ALA F 111 64.56 0.46 18.16
CA ALA F 111 63.65 0.87 17.09
C ALA F 111 64.36 1.93 16.23
N LYS F 112 64.15 1.86 14.91
CA LYS F 112 64.75 2.79 13.98
C LYS F 112 63.67 3.22 13.00
N VAL F 113 63.08 4.40 13.25
CA VAL F 113 61.85 4.82 12.59
C VAL F 113 62.07 6.19 11.97
N ALA F 114 61.62 6.36 10.72
CA ALA F 114 61.77 7.63 10.01
C ALA F 114 61.01 8.72 10.74
N MET F 115 61.66 9.88 10.85
CA MET F 115 61.07 11.08 11.41
C MET F 115 59.96 11.53 10.47
N PRO F 116 58.71 11.73 10.94
CA PRO F 116 57.66 12.28 10.10
C PRO F 116 58.00 13.68 9.62
N GLY F 117 57.57 14.00 8.39
CA GLY F 117 57.73 15.34 7.84
C GLY F 117 56.46 16.17 8.01
N GLY F 118 56.24 17.11 7.10
CA GLY F 118 55.06 17.96 7.12
C GLY F 118 53.76 17.20 6.90
N ALA F 120 49.59 18.30 5.90
CA ALA F 120 48.73 19.34 5.36
C ALA F 120 48.06 20.15 6.47
N ILE F 121 47.48 19.46 7.47
CA ILE F 121 46.57 20.07 8.44
C ILE F 121 47.33 20.66 9.64
N GLY F 122 48.67 20.50 9.66
CA GLY F 122 49.51 21.25 10.58
C GLY F 122 49.67 20.51 11.89
N LYS F 123 50.42 19.40 11.85
CA LYS F 123 50.56 18.48 12.98
C LYS F 123 51.66 18.97 13.93
N ARG F 124 51.71 18.32 15.10
CA ARG F 124 52.75 18.54 16.08
C ARG F 124 53.99 17.72 15.70
N PRO F 125 55.16 18.04 16.29
CA PRO F 125 56.33 17.17 16.19
C PRO F 125 56.15 15.97 17.11
N ILE F 126 57.14 15.07 17.14
CA ILE F 126 56.98 13.85 17.92
C ILE F 126 57.68 13.98 19.28
N ASP F 127 57.92 15.23 19.71
CA ASP F 127 58.64 15.54 20.94
C ASP F 127 58.11 14.77 22.13
N LEU F 128 56.78 14.65 22.27
CA LEU F 128 56.20 14.03 23.47
C LEU F 128 56.39 12.52 23.47
N HIS F 129 56.45 11.89 22.28
CA HIS F 129 56.79 10.48 22.17
C HIS F 129 58.19 10.24 22.76
N LEU F 130 59.14 11.08 22.34
CA LEU F 130 60.53 10.94 22.72
C LEU F 130 60.72 11.26 24.19
N LYS F 131 60.00 12.26 24.71
CA LYS F 131 60.02 12.60 26.12
C LYS F 131 59.62 11.37 26.94
N GLY F 132 58.55 10.70 26.51
CA GLY F 132 58.08 9.50 27.17
C GLY F 132 59.12 8.39 27.16
N PHE F 133 59.74 8.15 26.00
CA PHE F 133 60.69 7.06 25.86
C PHE F 133 61.96 7.35 26.66
N GLN F 134 62.43 8.60 26.66
CA GLN F 134 63.59 9.00 27.47
C GLN F 134 63.28 8.78 28.94
N ALA F 135 62.05 9.10 29.38
CA ALA F 135 61.66 8.93 30.77
C ALA F 135 61.72 7.47 31.19
N LEU F 136 61.56 6.53 30.24
CA LEU F 136 61.57 5.11 30.53
C LEU F 136 62.96 4.50 30.39
N GLY F 137 63.96 5.32 30.02
CA GLY F 137 65.35 4.89 30.01
C GLY F 137 65.92 4.70 28.60
N ALA F 138 65.27 5.25 27.57
CA ALA F 138 65.71 5.11 26.18
C ALA F 138 66.67 6.24 25.81
N LYS F 139 67.71 5.88 25.07
CA LYS F 139 68.62 6.83 24.43
C LYS F 139 68.08 7.09 23.01
N ILE F 140 68.13 8.35 22.57
CA ILE F 140 67.57 8.75 21.28
C ILE F 140 68.65 9.40 20.41
N ILE F 141 68.92 8.82 19.22
CA ILE F 141 69.81 9.42 18.24
C ILE F 141 68.99 9.78 17.00
N GLN F 142 69.39 10.84 16.29
CA GLN F 142 68.89 11.14 14.96
C GLN F 142 70.05 11.09 13.96
N LYS F 143 69.87 10.43 12.81
CA LYS F 143 70.81 10.43 11.69
C LYS F 143 70.03 10.09 10.43
N ASN F 144 70.31 10.78 9.31
CA ASN F 144 69.71 10.48 8.00
C ASN F 144 68.19 10.41 8.06
N GLY F 145 67.56 11.30 8.84
CA GLY F 145 66.11 11.37 8.90
C GLY F 145 65.45 10.22 9.68
N TYR F 146 66.22 9.47 10.47
CA TYR F 146 65.71 8.39 11.29
C TYR F 146 65.85 8.77 12.76
N ILE F 147 64.87 8.36 13.57
CA ILE F 147 65.02 8.36 15.01
C ILE F 147 65.39 6.95 15.45
N GLU F 148 66.55 6.82 16.09
CA GLU F 148 66.97 5.55 16.65
C GLU F 148 66.82 5.61 18.17
N ALA F 149 65.97 4.73 18.72
CA ALA F 149 65.79 4.60 20.15
C ALA F 149 66.36 3.27 20.62
N ILE F 150 67.23 3.32 21.64
CA ILE F 150 67.85 2.14 22.23
C ILE F 150 67.52 2.13 23.72
N ALA F 151 67.06 0.99 24.24
CA ALA F 151 66.81 0.84 25.67
C ALA F 151 67.16 -0.58 26.12
N ASP F 152 68.25 -0.69 26.88
CA ASP F 152 68.72 -1.97 27.40
C ASP F 152 67.64 -2.51 28.35
N GLU F 153 67.20 -1.66 29.28
CA GLU F 153 66.13 -1.99 30.21
C GLU F 153 65.18 -0.79 30.31
N LEU F 154 63.91 -1.03 29.96
CA LEU F 154 62.85 -0.05 30.19
C LEU F 154 62.50 -0.04 31.68
N ILE F 155 62.46 1.15 32.29
CA ILE F 155 62.12 1.29 33.70
C ILE F 155 61.00 2.32 33.85
N GLY F 156 59.93 1.89 34.52
CA GLY F 156 58.78 2.74 34.79
C GLY F 156 59.14 4.01 35.55
N ASN F 157 58.37 5.06 35.27
CA ASN F 157 58.64 6.41 35.74
C ASN F 157 57.33 7.22 35.67
N THR F 158 57.32 8.39 36.31
CA THR F 158 56.22 9.32 36.16
C THR F 158 56.50 10.26 34.99
N ILE F 159 55.50 10.39 34.10
CA ILE F 159 55.61 11.15 32.87
C ILE F 159 54.41 12.08 32.78
N TYR F 160 54.68 13.39 32.70
CA TYR F 160 53.64 14.39 32.48
C TYR F 160 53.67 14.79 31.00
N LEU F 161 52.52 14.67 30.34
CA LEU F 161 52.37 15.14 28.98
C LEU F 161 51.87 16.58 28.96
N ASP F 162 52.63 17.47 28.30
CA ASP F 162 52.32 18.88 28.21
C ASP F 162 50.99 19.07 27.48
N PHE F 163 50.73 18.19 26.50
CA PHE F 163 49.47 18.13 25.80
C PHE F 163 49.00 16.68 25.84
N PRO F 164 47.69 16.39 25.96
CA PRO F 164 47.19 15.01 25.99
C PRO F 164 47.17 14.37 24.60
N SER F 165 48.37 14.19 24.05
CA SER F 165 48.60 13.65 22.71
C SER F 165 48.18 12.18 22.64
N VAL F 166 47.25 11.89 21.73
CA VAL F 166 46.78 10.55 21.46
C VAL F 166 47.94 9.64 21.03
N GLY F 167 48.73 10.11 20.07
CA GLY F 167 49.83 9.34 19.50
C GLY F 167 50.92 9.04 20.52
N ALA F 168 51.35 10.08 21.26
CA ALA F 168 52.36 9.91 22.28
C ALA F 168 51.85 8.97 23.37
N THR F 169 50.58 9.12 23.75
CA THR F 169 49.97 8.26 24.76
C THR F 169 50.04 6.80 24.32
N GLN F 170 49.66 6.51 23.06
CA GLN F 170 49.66 5.16 22.50
C GLN F 170 51.07 4.57 22.48
N ASN F 171 52.03 5.36 21.97
CA ASN F 171 53.39 4.91 21.80
C ASN F 171 53.99 4.56 23.17
N ILE F 172 53.76 5.42 24.17
CA ILE F 172 54.33 5.26 25.49
C ILE F 172 53.66 4.09 26.23
N MET F 173 52.32 3.97 26.12
CA MET F 173 51.65 2.88 26.81
C MET F 173 52.23 1.55 26.35
N MET F 174 52.52 1.42 25.05
CA MET F 174 52.91 0.15 24.47
C MET F 174 54.37 -0.20 24.83
N ALA F 175 55.21 0.79 25.09
CA ALA F 175 56.53 0.55 25.65
C ALA F 175 56.41 0.15 27.13
N ALA F 176 55.57 0.87 27.86
CA ALA F 176 55.51 0.81 29.31
C ALA F 176 54.93 -0.51 29.82
N VAL F 177 54.12 -1.20 29.02
CA VAL F 177 53.46 -2.42 29.47
C VAL F 177 54.50 -3.50 29.80
N LYS F 178 55.73 -3.37 29.26
CA LYS F 178 56.81 -4.31 29.53
C LYS F 178 58.02 -3.68 30.23
N ALA F 179 57.89 -2.44 30.73
CA ALA F 179 58.90 -1.81 31.55
C ALA F 179 58.88 -2.41 32.96
N LYS F 180 60.01 -2.35 33.67
CA LYS F 180 60.07 -2.83 35.04
C LYS F 180 59.39 -1.80 35.96
N GLY F 181 58.42 -2.27 36.75
CA GLY F 181 57.81 -1.45 37.78
C GLY F 181 56.62 -0.65 37.25
N THR F 182 56.31 0.44 37.95
CA THR F 182 55.13 1.24 37.69
C THR F 182 55.48 2.42 36.79
N THR F 183 54.59 2.66 35.81
CA THR F 183 54.62 3.86 35.00
C THR F 183 53.33 4.63 35.28
N ILE F 184 53.45 5.95 35.37
CA ILE F 184 52.27 6.80 35.55
C ILE F 184 52.35 7.90 34.49
N ILE F 185 51.29 8.00 33.67
CA ILE F 185 51.22 9.05 32.67
C ILE F 185 50.16 10.04 33.10
N GLU F 186 50.58 11.29 33.31
CA GLU F 186 49.67 12.35 33.75
C GLU F 186 49.38 13.25 32.56
N ASN F 187 48.09 13.62 32.46
CA ASN F 187 47.54 14.37 31.34
C ASN F 187 47.60 13.51 30.08
N VAL F 188 47.25 12.22 30.22
CA VAL F 188 47.07 11.29 29.11
C VAL F 188 45.92 11.72 28.23
N ALA F 189 45.97 11.25 26.96
CA ALA F 189 44.81 11.24 26.09
C ALA F 189 43.72 10.34 26.68
N ARG F 190 42.47 10.82 26.56
CA ARG F 190 41.30 10.20 27.19
C ARG F 190 40.36 9.66 26.11
N GLU F 191 40.75 9.75 24.84
CA GLU F 191 39.91 9.38 23.71
C GLU F 191 39.49 7.91 23.79
N PRO F 192 38.30 7.53 23.26
CA PRO F 192 37.84 6.13 23.27
C PRO F 192 38.74 5.10 22.61
N GLU F 193 39.59 5.55 21.68
CA GLU F 193 40.57 4.72 21.00
C GLU F 193 41.66 4.24 21.96
N ILE F 194 42.01 5.11 22.92
CA ILE F 194 42.94 4.78 23.99
C ILE F 194 42.35 3.65 24.85
N VAL F 195 41.03 3.74 25.11
CA VAL F 195 40.36 2.76 25.93
C VAL F 195 40.38 1.41 25.21
N ASP F 196 40.16 1.41 23.88
CA ASP F 196 40.10 0.15 23.15
C ASP F 196 41.49 -0.49 23.10
N LEU F 197 42.52 0.35 22.90
CA LEU F 197 43.90 -0.12 22.96
C LEU F 197 44.21 -0.72 24.33
N ALA F 198 43.82 -0.04 25.41
CA ALA F 198 44.05 -0.54 26.76
C ALA F 198 43.34 -1.88 26.95
N ASN F 199 42.13 -2.00 26.39
CA ASN F 199 41.31 -3.17 26.59
C ASN F 199 41.99 -4.39 25.96
N ILE F 200 42.61 -4.24 24.79
CA ILE F 200 43.27 -5.38 24.17
C ILE F 200 44.58 -5.70 24.89
N LEU F 201 45.37 -4.68 25.24
CA LEU F 201 46.60 -4.90 25.99
C LEU F 201 46.32 -5.71 27.27
N ASN F 202 45.23 -5.37 27.96
CA ASN F 202 44.87 -6.06 29.20
C ASN F 202 44.56 -7.53 28.94
N LYS F 203 43.85 -7.82 27.84
CA LYS F 203 43.53 -9.20 27.46
C LYS F 203 44.81 -9.96 27.12
N MET F 204 45.80 -9.26 26.58
CA MET F 204 47.06 -9.84 26.18
C MET F 204 47.96 -10.13 27.39
N GLY F 205 47.54 -9.71 28.59
CA GLY F 205 48.26 -10.03 29.81
C GLY F 205 48.85 -8.80 30.50
N ALA F 206 48.63 -7.60 29.94
CA ALA F 206 49.18 -6.36 30.48
C ALA F 206 48.35 -5.87 31.67
N GLN F 207 48.85 -4.83 32.35
CA GLN F 207 48.14 -4.24 33.47
C GLN F 207 48.06 -2.72 33.28
N VAL F 208 47.02 -2.25 32.60
CA VAL F 208 46.82 -0.84 32.33
C VAL F 208 45.54 -0.38 33.03
N TYR F 209 45.69 0.59 33.95
CA TYR F 209 44.59 1.09 34.76
C TYR F 209 44.33 2.55 34.43
N GLY F 210 43.05 2.95 34.48
CA GLY F 210 42.68 4.36 34.37
C GLY F 210 42.60 4.87 32.93
N ALA F 211 42.51 3.98 31.94
CA ALA F 211 42.32 4.38 30.56
C ALA F 211 40.97 5.10 30.44
N GLY F 212 40.98 6.28 29.81
CA GLY F 212 39.78 7.11 29.70
C GLY F 212 39.73 8.19 30.78
N THR F 213 40.56 8.08 31.82
CA THR F 213 40.66 9.06 32.89
C THR F 213 41.92 9.92 32.70
N GLU F 214 42.13 10.88 33.63
CA GLU F 214 43.17 11.90 33.50
C GLU F 214 44.55 11.29 33.75
N THR F 215 44.59 10.21 34.54
CA THR F 215 45.82 9.54 34.94
C THR F 215 45.75 8.06 34.58
N MET F 216 46.82 7.59 33.93
CA MET F 216 46.94 6.19 33.55
C MET F 216 48.09 5.57 34.35
N ARG F 217 47.86 4.37 34.90
CA ARG F 217 48.85 3.65 35.68
C ARG F 217 49.11 2.28 35.06
N ILE F 218 50.38 1.97 34.81
CA ILE F 218 50.75 0.76 34.10
C ILE F 218 51.76 0.00 34.96
N GLU F 219 51.45 -1.27 35.21
CA GLU F 219 52.35 -2.19 35.90
C GLU F 219 52.97 -3.13 34.86
N GLY F 220 54.30 -3.09 34.78
CA GLY F 220 55.01 -3.85 33.76
C GLY F 220 54.86 -5.37 33.97
N VAL F 221 54.92 -6.11 32.86
CA VAL F 221 54.84 -7.56 32.89
C VAL F 221 55.95 -8.12 31.99
N ASP F 222 56.24 -9.41 32.17
CA ASP F 222 57.33 -10.08 31.47
C ASP F 222 56.86 -10.53 30.08
N HIS F 223 55.64 -11.09 29.99
CA HIS F 223 55.18 -11.75 28.78
C HIS F 223 53.75 -11.33 28.45
N LEU F 224 53.51 -11.15 27.14
CA LEU F 224 52.19 -10.87 26.58
C LEU F 224 51.87 -11.95 25.53
N HIS F 225 50.60 -12.36 25.46
CA HIS F 225 50.15 -13.39 24.54
C HIS F 225 49.14 -12.80 23.56
N ALA F 226 48.85 -13.53 22.48
CA ALA F 226 47.93 -13.10 21.44
C ALA F 226 46.48 -13.39 21.83
N VAL F 227 45.55 -12.59 21.32
CA VAL F 227 44.13 -12.68 21.65
C VAL F 227 43.28 -12.41 20.42
N ASN F 228 41.97 -12.66 20.53
CA ASN F 228 40.97 -12.17 19.57
C ASN F 228 40.38 -10.86 20.10
N HIS F 229 40.22 -9.87 19.20
CA HIS F 229 39.63 -8.60 19.59
C HIS F 229 38.82 -8.03 18.41
N SER F 230 37.64 -7.50 18.74
CA SER F 230 36.80 -6.77 17.80
CA SER F 230 36.80 -6.77 17.80
C SER F 230 37.01 -5.27 17.98
N ILE F 231 37.44 -4.59 16.91
CA ILE F 231 37.69 -3.16 16.96
C ILE F 231 36.39 -2.43 17.27
N VAL F 232 36.47 -1.41 18.13
CA VAL F 232 35.32 -0.57 18.47
C VAL F 232 34.82 0.15 17.21
N GLN F 233 33.52 0.43 17.15
CA GLN F 233 32.92 1.17 16.05
C GLN F 233 33.61 2.52 15.89
N ASP F 234 33.71 3.01 14.64
CA ASP F 234 34.28 4.30 14.31
C ASP F 234 33.31 5.43 14.64
N ARG F 235 33.63 6.22 15.67
CA ARG F 235 32.74 7.26 16.18
C ARG F 235 32.69 8.44 15.19
N ILE F 236 33.76 8.60 14.40
CA ILE F 236 33.86 9.67 13.42
C ILE F 236 33.06 9.34 12.15
N GLU F 237 33.12 8.10 11.67
CA GLU F 237 32.26 7.69 10.57
C GLU F 237 30.80 7.83 11.02
N ALA F 238 30.48 7.32 12.22
CA ALA F 238 29.15 7.46 12.80
C ALA F 238 28.72 8.94 12.79
N GLY F 239 29.59 9.80 13.32
CA GLY F 239 29.27 11.21 13.48
C GLY F 239 29.05 11.91 12.14
N THR F 240 29.82 11.49 11.13
CA THR F 240 29.67 12.00 9.78
C THR F 240 28.24 11.78 9.26
N PHE F 241 27.68 10.59 9.53
CA PHE F 241 26.34 10.25 9.09
C PHE F 241 25.29 10.98 9.93
N MET F 242 25.59 11.23 11.20
CA MET F 242 24.72 12.01 12.07
C MET F 242 24.54 13.42 11.51
N VAL F 243 25.65 14.05 11.08
CA VAL F 243 25.62 15.37 10.47
C VAL F 243 24.81 15.34 9.16
N ALA F 244 25.00 14.29 8.35
CA ALA F 244 24.33 14.17 7.06
C ALA F 244 22.81 14.13 7.25
N ALA F 245 22.37 13.33 8.23
CA ALA F 245 20.96 13.24 8.58
C ALA F 245 20.45 14.59 9.08
N ALA F 246 21.24 15.28 9.92
CA ALA F 246 20.80 16.51 10.55
C ALA F 246 20.65 17.64 9.53
N MET F 247 21.40 17.59 8.41
CA MET F 247 21.40 18.71 7.49
C MET F 247 20.46 18.46 6.30
N THR F 248 19.85 17.28 6.20
CA THR F 248 19.03 16.96 5.03
C THR F 248 17.57 16.70 5.42
N GLN F 249 17.11 17.22 6.57
CA GLN F 249 15.82 16.86 7.16
C GLN F 249 15.66 15.34 7.19
N GLY F 250 16.72 14.64 7.58
CA GLY F 250 16.76 13.19 7.46
C GLY F 250 16.13 12.49 8.64
N ASN F 251 16.06 11.16 8.54
CA ASN F 251 15.67 10.27 9.62
C ASN F 251 16.50 9.01 9.44
N VAL F 252 17.63 8.96 10.16
CA VAL F 252 18.66 7.95 9.91
C VAL F 252 19.00 7.30 11.25
N LEU F 253 18.98 5.96 11.26
CA LEU F 253 19.46 5.18 12.38
C LEU F 253 20.91 4.77 12.11
N ILE F 254 21.82 5.19 13.00
CA ILE F 254 23.20 4.74 12.95
C ILE F 254 23.29 3.48 13.79
N ALA F 255 23.42 2.33 13.11
CA ALA F 255 23.34 1.02 13.71
C ALA F 255 24.44 0.84 14.77
N ASP F 256 24.00 0.47 15.98
CA ASP F 256 24.86 0.11 17.11
C ASP F 256 25.80 1.25 17.51
N ALA F 257 25.37 2.50 17.29
CA ALA F 257 26.16 3.67 17.61
C ALA F 257 26.29 3.81 19.12
N ILE F 258 27.51 4.15 19.56
CA ILE F 258 27.83 4.37 20.96
C ILE F 258 27.76 5.88 21.23
N SER F 259 26.68 6.30 21.90
CA SER F 259 26.36 7.70 22.04
C SER F 259 27.36 8.39 22.98
N GLU F 260 27.92 7.63 23.94
CA GLU F 260 28.90 8.17 24.90
C GLU F 260 30.19 8.55 24.17
N HIS F 261 30.39 8.04 22.93
CA HIS F 261 31.53 8.43 22.12
C HIS F 261 31.25 9.66 21.24
N ASN F 262 30.03 10.21 21.26
CA ASN F 262 29.73 11.45 20.56
C ASN F 262 28.85 12.36 21.42
N ARG F 263 29.20 12.57 22.71
CA ARG F 263 28.39 13.45 23.55
C ARG F 263 28.43 14.87 23.01
N PRO F 264 29.62 15.44 22.68
CA PRO F 264 29.70 16.79 22.12
C PRO F 264 28.89 17.00 20.83
N LEU F 265 29.10 16.13 19.83
CA LEU F 265 28.41 16.25 18.55
C LEU F 265 26.90 16.14 18.70
N ILE F 266 26.44 15.16 19.48
CA ILE F 266 25.01 14.98 19.72
C ILE F 266 24.41 16.25 20.34
N SER F 267 25.08 16.80 21.36
CA SER F 267 24.61 18.00 22.04
C SER F 267 24.53 19.17 21.07
N LYS F 268 25.56 19.33 20.23
CA LYS F 268 25.62 20.45 19.31
C LYS F 268 24.56 20.33 18.21
N LEU F 269 24.34 19.11 17.70
CA LEU F 269 23.34 18.91 16.67
C LEU F 269 21.94 19.18 17.22
N ILE F 270 21.69 18.78 18.48
CA ILE F 270 20.45 19.12 19.16
C ILE F 270 20.30 20.64 19.31
N GLU F 271 21.39 21.37 19.60
CA GLU F 271 21.33 22.83 19.65
C GLU F 271 20.95 23.41 18.29
N MET F 272 21.27 22.70 17.19
CA MET F 272 20.97 23.18 15.84
C MET F 272 19.57 22.76 15.39
N GLY F 273 18.88 21.96 16.22
CA GLY F 273 17.47 21.68 16.01
C GLY F 273 17.18 20.19 15.79
N ALA F 274 18.23 19.36 15.73
CA ALA F 274 18.04 17.94 15.49
C ALA F 274 17.40 17.30 16.71
N GLU F 275 16.66 16.21 16.47
CA GLU F 275 16.14 15.33 17.49
C GLU F 275 16.95 14.03 17.41
N ILE F 276 17.58 13.62 18.52
CA ILE F 276 18.48 12.48 18.53
C ILE F 276 18.08 11.54 19.67
N ILE F 277 17.84 10.27 19.34
CA ILE F 277 17.19 9.30 20.22
C ILE F 277 18.06 8.06 20.32
N GLU F 278 18.36 7.60 21.53
CA GLU F 278 19.00 6.30 21.72
C GLU F 278 17.93 5.21 21.66
N GLU F 279 18.11 4.23 20.77
CA GLU F 279 17.17 3.13 20.56
C GLU F 279 17.88 1.79 20.77
N GLU F 280 17.12 0.68 20.81
CA GLU F 280 17.73 -0.64 20.92
C GLU F 280 18.78 -0.83 19.82
N GLY F 281 18.47 -0.36 18.60
CA GLY F 281 19.27 -0.66 17.41
C GLY F 281 20.39 0.35 17.13
N GLY F 282 20.42 1.47 17.85
CA GLY F 282 21.46 2.48 17.68
C GLY F 282 20.93 3.89 18.00
N VAL F 283 21.52 4.90 17.35
CA VAL F 283 21.16 6.29 17.57
C VAL F 283 20.46 6.83 16.34
N ARG F 284 19.23 7.33 16.52
CA ARG F 284 18.46 7.90 15.43
C ARG F 284 18.62 9.41 15.42
N VAL F 285 18.89 9.98 14.24
CA VAL F 285 19.01 11.42 14.06
C VAL F 285 17.91 11.89 13.12
N ILE F 286 17.10 12.86 13.58
CA ILE F 286 16.06 13.46 12.77
C ILE F 286 16.40 14.93 12.56
N GLY F 287 16.63 15.31 11.31
CA GLY F 287 17.03 16.67 10.96
C GLY F 287 15.86 17.63 10.98
N PRO F 288 16.05 18.88 11.48
CA PRO F 288 14.96 19.85 11.58
C PRO F 288 14.65 20.51 10.25
N LYS F 289 13.47 21.13 10.17
CA LYS F 289 13.09 21.91 9.01
C LYS F 289 13.94 23.19 8.97
N HIS F 290 14.19 23.78 10.14
CA HIS F 290 15.02 24.97 10.27
C HIS F 290 16.28 24.65 11.06
N ILE F 291 17.42 24.63 10.36
CA ILE F 291 18.72 24.41 10.98
C ILE F 291 19.17 25.71 11.63
N LEU F 292 19.44 25.67 12.94
CA LEU F 292 19.80 26.83 13.72
C LEU F 292 21.32 26.91 13.86
N PRO F 293 21.91 28.13 13.83
CA PRO F 293 23.36 28.30 14.01
C PRO F 293 23.81 27.90 15.41
N THR F 294 25.08 27.51 15.52
CA THR F 294 25.73 27.20 16.79
C THR F 294 27.23 27.44 16.62
N ASP F 295 27.93 27.73 17.72
CA ASP F 295 29.37 27.88 17.72
C ASP F 295 30.01 26.59 18.23
N VAL F 296 31.20 26.28 17.74
CA VAL F 296 31.86 25.03 18.02
C VAL F 296 33.32 25.32 18.36
N LYS F 297 33.82 24.66 19.41
CA LYS F 297 35.23 24.75 19.76
C LYS F 297 35.81 23.35 19.94
N THR F 298 36.84 23.03 19.14
CA THR F 298 37.49 21.74 19.24
C THR F 298 38.48 21.76 20.42
N MET F 299 38.60 20.58 21.06
CA MET F 299 39.47 20.37 22.19
C MET F 299 39.77 18.90 22.29
N PRO F 300 40.83 18.50 23.02
CA PRO F 300 41.00 17.12 23.43
C PRO F 300 39.73 16.57 24.07
N HIS F 301 39.50 15.28 23.88
CA HIS F 301 38.43 14.60 24.58
C HIS F 301 38.51 14.91 26.06
N PRO F 302 37.41 15.23 26.79
CA PRO F 302 36.03 15.10 26.31
C PRO F 302 35.34 16.29 25.63
N GLY F 303 36.12 17.26 25.13
CA GLY F 303 35.58 18.33 24.31
C GLY F 303 35.26 17.88 22.89
N PHE F 304 34.88 18.85 22.04
CA PHE F 304 34.39 18.55 20.71
C PHE F 304 35.55 18.06 19.85
N PRO F 305 35.45 16.86 19.22
CA PRO F 305 36.58 16.26 18.48
C PRO F 305 36.92 17.02 17.20
N THR F 306 38.21 17.31 17.02
CA THR F 306 38.68 17.95 15.80
C THR F 306 38.35 17.11 14.57
N ASP F 307 38.31 15.77 14.70
CA ASP F 307 38.01 14.90 13.58
C ASP F 307 36.56 15.03 13.09
N MET F 308 35.69 15.72 13.85
CA MET F 308 34.33 16.03 13.41
C MET F 308 34.19 17.47 12.90
N GLN F 309 35.22 18.29 13.04
CA GLN F 309 35.15 19.71 12.74
C GLN F 309 34.76 19.99 11.28
N ALA F 310 35.47 19.40 10.31
CA ALA F 310 35.19 19.71 8.90
C ALA F 310 33.74 19.39 8.56
N GLN F 311 33.30 18.18 8.94
CA GLN F 311 31.92 17.75 8.70
C GLN F 311 30.94 18.75 9.33
N MET F 312 31.26 19.22 10.53
CA MET F 312 30.38 20.12 11.26
C MET F 312 30.28 21.48 10.58
N THR F 313 31.36 21.96 9.93
CA THR F 313 31.30 23.24 9.23
C THR F 313 30.31 23.17 8.07
N ALA F 314 30.12 21.98 7.50
CA ALA F 314 29.20 21.79 6.40
C ALA F 314 27.77 22.11 6.84
N ILE F 315 27.36 21.63 8.02
CA ILE F 315 26.02 21.89 8.52
C ILE F 315 25.94 23.34 9.02
N GLN F 316 27.03 23.88 9.61
CA GLN F 316 27.05 25.26 10.07
C GLN F 316 26.84 26.22 8.89
N LEU F 317 27.36 25.84 7.71
CA LEU F 317 27.30 26.70 6.52
C LEU F 317 25.92 26.72 5.88
N VAL F 318 24.98 25.87 6.31
CA VAL F 318 23.62 25.92 5.79
C VAL F 318 22.62 26.28 6.90
N ALA F 319 23.12 26.58 8.10
CA ALA F 319 22.27 27.01 9.21
C ALA F 319 21.78 28.44 8.93
N GLU F 320 20.65 28.79 9.56
CA GLU F 320 19.96 30.06 9.30
C GLU F 320 20.52 31.15 10.21
N GLY F 321 21.75 31.60 9.90
CA GLY F 321 22.44 32.62 10.65
C GLY F 321 23.96 32.46 10.62
N THR F 322 24.65 33.17 11.51
CA THR F 322 26.10 33.19 11.57
C THR F 322 26.59 32.23 12.65
N SER F 323 27.57 31.37 12.32
CA SER F 323 28.15 30.40 13.24
C SER F 323 29.66 30.61 13.25
N VAL F 324 30.29 30.26 14.38
CA VAL F 324 31.72 30.40 14.53
C VAL F 324 32.31 29.05 14.91
N VAL F 325 33.47 28.71 14.33
CA VAL F 325 34.19 27.52 14.73
C VAL F 325 35.60 27.93 15.12
N THR F 326 36.11 27.29 16.19
CA THR F 326 37.43 27.56 16.70
C THR F 326 38.17 26.24 16.78
N GLU F 327 39.29 26.14 16.08
CA GLU F 327 40.07 24.92 16.02
C GLU F 327 41.31 25.09 16.89
N THR F 328 41.35 24.43 18.06
CA THR F 328 42.44 24.58 19.01
C THR F 328 43.39 23.37 18.99
N VAL F 329 43.13 22.36 18.16
CA VAL F 329 43.95 21.16 18.17
C VAL F 329 44.90 21.13 16.97
N PHE F 330 44.48 21.67 15.81
CA PHE F 330 45.30 21.67 14.62
C PHE F 330 45.42 23.08 14.06
N GLU F 331 46.57 23.35 13.43
CA GLU F 331 46.93 24.71 13.06
C GLU F 331 46.24 25.12 11.75
N ASN F 332 46.12 24.18 10.81
CA ASN F 332 45.70 24.50 9.46
C ASN F 332 44.67 23.50 8.94
N ARG F 333 43.53 23.43 9.62
CA ARG F 333 42.49 22.45 9.29
C ARG F 333 41.21 23.16 8.85
N PHE F 334 41.35 24.25 8.06
CA PHE F 334 40.23 24.97 7.47
C PHE F 334 40.33 25.04 5.95
N GLN F 335 41.15 24.19 5.33
CA GLN F 335 41.39 24.28 3.91
C GLN F 335 40.15 23.92 3.11
N HIS F 336 39.30 23.05 3.65
CA HIS F 336 38.03 22.73 3.04
C HIS F 336 37.14 23.96 2.89
N LEU F 337 37.19 24.89 3.87
CA LEU F 337 36.39 26.10 3.78
C LEU F 337 36.93 27.00 2.67
N GLU F 338 38.25 27.00 2.44
CA GLU F 338 38.83 27.74 1.34
C GLU F 338 38.27 27.21 0.01
N GLU F 339 38.13 25.87 -0.13
CA GLU F 339 37.60 25.28 -1.36
C GLU F 339 36.12 25.60 -1.52
N MET F 340 35.37 25.57 -0.41
CA MET F 340 33.93 25.71 -0.46
C MET F 340 33.52 27.13 -0.85
N ARG F 341 34.48 28.05 -0.97
CA ARG F 341 34.21 29.35 -1.59
C ARG F 341 33.80 29.16 -3.05
N ARG F 342 34.32 28.11 -3.69
CA ARG F 342 33.90 27.74 -5.04
C ARG F 342 32.42 27.38 -5.10
N MET F 343 31.90 26.88 -3.97
CA MET F 343 30.50 26.51 -3.81
C MET F 343 29.69 27.66 -3.20
N ASN F 344 30.23 28.90 -3.24
CA ASN F 344 29.55 30.11 -2.79
C ASN F 344 29.41 30.17 -1.26
N ALA F 345 30.25 29.44 -0.52
CA ALA F 345 30.28 29.56 0.93
C ALA F 345 30.81 30.94 1.32
N HIS F 346 30.03 31.65 2.17
CA HIS F 346 30.47 32.89 2.78
C HIS F 346 31.11 32.60 4.13
N VAL F 347 32.44 32.71 4.18
CA VAL F 347 33.20 32.37 5.37
C VAL F 347 34.41 33.30 5.45
N LYS F 348 34.71 33.79 6.65
CA LYS F 348 35.90 34.58 6.93
C LYS F 348 36.78 33.79 7.89
N ILE F 349 38.08 33.68 7.55
CA ILE F 349 39.03 32.91 8.34
C ILE F 349 40.09 33.85 8.86
N ASP F 350 40.45 33.72 10.14
CA ASP F 350 41.60 34.43 10.70
C ASP F 350 42.19 33.56 11.80
N GLY F 351 43.41 33.07 11.56
CA GLY F 351 44.07 32.21 12.52
C GLY F 351 43.27 30.92 12.63
N ASN F 352 42.84 30.61 13.85
CA ASN F 352 42.18 29.35 14.12
C ASN F 352 40.69 29.58 14.40
N VAL F 353 40.14 30.68 13.87
CA VAL F 353 38.71 30.99 13.91
C VAL F 353 38.16 31.10 12.50
N ALA F 354 36.93 30.61 12.29
CA ALA F 354 36.23 30.79 11.04
C ALA F 354 34.79 31.21 11.31
N ILE F 355 34.31 32.13 10.50
CA ILE F 355 33.03 32.79 10.69
C ILE F 355 32.16 32.52 9.47
N MET F 356 31.08 31.76 9.65
CA MET F 356 30.32 31.24 8.54
C MET F 356 28.93 31.86 8.53
N ASP F 357 28.55 32.43 7.38
CA ASP F 357 27.24 33.05 7.19
C ASP F 357 26.43 32.11 6.30
N GLY F 358 25.44 31.45 6.89
CA GLY F 358 24.69 30.40 6.22
C GLY F 358 23.41 30.91 5.53
N ASN F 359 23.21 32.23 5.46
CA ASN F 359 22.05 32.80 4.78
C ASN F 359 22.41 33.05 3.32
N HIS F 360 22.96 32.00 2.67
CA HIS F 360 23.31 32.01 1.26
C HIS F 360 23.17 30.59 0.76
N GLU F 361 22.65 30.39 -0.46
CA GLU F 361 22.55 29.07 -1.03
C GLU F 361 23.93 28.61 -1.50
N LEU F 362 24.30 27.38 -1.12
CA LEU F 362 25.48 26.73 -1.67
C LEU F 362 25.19 26.36 -3.13
N GLN F 363 26.26 26.33 -3.91
CA GLN F 363 26.18 26.06 -5.34
C GLN F 363 27.14 24.93 -5.69
N GLY F 364 26.68 23.97 -6.50
CA GLY F 364 27.56 22.95 -7.03
C GLY F 364 28.75 23.52 -7.80
N ALA F 365 29.92 22.89 -7.62
CA ALA F 365 31.12 23.19 -8.39
C ALA F 365 32.10 22.02 -8.27
N GLU F 366 33.10 21.96 -9.16
CA GLU F 366 34.22 21.04 -9.05
C GLU F 366 35.09 21.49 -7.88
N VAL F 367 35.38 20.59 -6.92
CA VAL F 367 36.16 20.90 -5.74
C VAL F 367 37.11 19.75 -5.43
N TYR F 368 38.34 20.09 -4.98
CA TYR F 368 39.38 19.12 -4.65
C TYR F 368 39.54 19.01 -3.14
N ALA F 369 39.45 17.78 -2.62
CA ALA F 369 39.74 17.51 -1.21
C ALA F 369 41.24 17.67 -0.96
N THR F 370 41.56 18.05 0.28
CA THR F 370 42.92 18.34 0.74
C THR F 370 43.36 17.34 1.80
N ASP F 371 42.39 16.62 2.41
CA ASP F 371 42.66 15.69 3.48
C ASP F 371 41.41 14.85 3.69
N LEU F 372 41.54 13.81 4.52
CA LEU F 372 40.49 12.84 4.75
C LEU F 372 39.13 13.49 5.06
N ARG F 373 39.06 14.32 6.12
CA ARG F 373 37.76 14.79 6.60
C ARG F 373 37.22 15.92 5.73
N ALA F 374 38.12 16.67 5.08
CA ALA F 374 37.71 17.66 4.09
C ALA F 374 36.92 16.99 2.98
N ALA F 375 37.35 15.78 2.55
CA ALA F 375 36.67 15.08 1.48
C ALA F 375 35.22 14.77 1.88
N ALA F 376 35.03 14.28 3.11
CA ALA F 376 33.69 13.97 3.60
C ALA F 376 32.86 15.26 3.70
N ALA F 377 33.48 16.36 4.15
CA ALA F 377 32.76 17.62 4.35
C ALA F 377 32.23 18.17 3.02
N LEU F 378 33.05 18.04 1.95
CA LEU F 378 32.66 18.53 0.63
C LEU F 378 31.49 17.72 0.06
N VAL F 379 31.46 16.41 0.32
CA VAL F 379 30.36 15.56 -0.10
C VAL F 379 29.08 15.99 0.63
N LEU F 380 29.18 16.15 1.96
CA LEU F 380 28.06 16.60 2.78
C LEU F 380 27.53 17.95 2.28
N ALA F 381 28.42 18.88 1.95
CA ALA F 381 28.01 20.17 1.43
C ALA F 381 27.23 20.00 0.13
N GLY F 382 27.68 19.05 -0.69
CA GLY F 382 27.02 18.71 -1.94
C GLY F 382 25.56 18.29 -1.73
N LEU F 383 25.26 17.65 -0.60
CA LEU F 383 23.92 17.18 -0.28
C LEU F 383 22.94 18.35 -0.13
N LYS F 384 23.45 19.54 0.12
CA LYS F 384 22.62 20.73 0.32
C LYS F 384 22.88 21.79 -0.75
N ALA F 385 23.85 21.58 -1.63
CA ALA F 385 24.15 22.58 -2.64
C ALA F 385 23.15 22.43 -3.78
N ASN F 386 22.93 23.53 -4.49
CA ASN F 386 22.03 23.55 -5.62
C ASN F 386 22.91 23.35 -6.86
N GLY F 387 22.52 22.40 -7.72
CA GLY F 387 23.29 22.05 -8.90
C GLY F 387 24.08 20.77 -8.67
N ILE F 388 25.23 20.65 -9.34
CA ILE F 388 26.04 19.43 -9.31
C ILE F 388 27.39 19.74 -8.67
N THR F 389 27.72 19.01 -7.61
CA THR F 389 29.03 19.08 -6.96
C THR F 389 29.87 17.89 -7.40
N ARG F 390 31.14 18.11 -7.74
CA ARG F 390 32.05 17.03 -8.12
C ARG F 390 33.28 17.05 -7.20
N VAL F 391 33.41 16.05 -6.34
CA VAL F 391 34.47 16.03 -5.34
C VAL F 391 35.62 15.13 -5.82
N ARG F 392 36.84 15.68 -5.84
CA ARG F 392 38.02 14.98 -6.34
C ARG F 392 39.06 14.84 -5.24
N ASN F 393 40.16 14.13 -5.55
CA ASN F 393 41.16 13.64 -4.60
C ASN F 393 40.52 12.67 -3.61
N LEU F 394 39.88 11.61 -4.15
CA LEU F 394 39.23 10.59 -3.33
C LEU F 394 40.24 9.65 -2.68
N ASN F 395 41.52 9.76 -3.06
CA ASN F 395 42.57 9.08 -2.33
C ASN F 395 42.48 9.45 -0.84
N TYR F 396 42.14 10.71 -0.51
CA TYR F 396 42.04 11.15 0.88
C TYR F 396 40.83 10.50 1.56
N LEU F 397 39.69 10.42 0.86
CA LEU F 397 38.48 9.84 1.42
C LEU F 397 38.72 8.38 1.80
N ASP F 398 39.42 7.64 0.93
CA ASP F 398 39.58 6.20 1.08
C ASP F 398 40.50 5.84 2.26
N ARG F 399 41.20 6.84 2.81
CA ARG F 399 42.06 6.62 3.96
C ARG F 399 41.22 6.36 5.21
N GLY F 400 39.98 6.87 5.24
CA GLY F 400 39.17 6.81 6.44
C GLY F 400 37.71 6.41 6.25
N TYR F 401 37.20 6.35 5.02
CA TYR F 401 35.82 5.95 4.79
C TYR F 401 35.77 4.80 3.79
N TYR F 402 35.02 3.74 4.12
CA TYR F 402 34.83 2.62 3.22
C TYR F 402 33.42 2.70 2.63
N ASN F 403 33.34 2.75 1.28
CA ASN F 403 32.08 2.71 0.57
C ASN F 403 31.18 3.88 0.96
N PHE F 404 31.76 5.09 1.04
CA PHE F 404 31.03 6.24 1.52
C PHE F 404 29.82 6.50 0.61
N HIS F 405 30.06 6.47 -0.70
CA HIS F 405 29.04 6.79 -1.69
C HIS F 405 27.90 5.77 -1.66
N ILE F 406 28.23 4.48 -1.43
CA ILE F 406 27.23 3.43 -1.43
C ILE F 406 26.31 3.58 -0.21
N LYS F 407 26.90 3.84 0.97
CA LYS F 407 26.13 4.03 2.19
C LYS F 407 25.19 5.22 2.04
N LEU F 408 25.66 6.29 1.37
CA LEU F 408 24.84 7.46 1.13
C LEU F 408 23.72 7.15 0.13
N GLN F 409 24.03 6.41 -0.95
CA GLN F 409 23.00 5.99 -1.91
C GLN F 409 21.89 5.22 -1.20
N GLN F 410 22.29 4.29 -0.32
CA GLN F 410 21.35 3.44 0.38
C GLN F 410 20.44 4.26 1.31
N LEU F 411 20.82 5.51 1.64
CA LEU F 411 19.99 6.37 2.48
C LEU F 411 19.15 7.32 1.63
N GLY F 412 19.20 7.20 0.30
CA GLY F 412 18.38 8.02 -0.58
C GLY F 412 19.11 9.22 -1.18
N ALA F 413 20.43 9.31 -0.95
CA ALA F 413 21.22 10.42 -1.46
C ALA F 413 21.57 10.21 -2.93
N ASP F 414 21.66 11.33 -3.65
CA ASP F 414 22.01 11.32 -5.06
C ASP F 414 23.51 11.52 -5.19
N VAL F 415 24.24 10.41 -5.05
CA VAL F 415 25.70 10.37 -5.00
C VAL F 415 26.18 9.24 -5.90
N GLU F 416 27.08 9.53 -6.84
CA GLU F 416 27.70 8.52 -7.69
C GLU F 416 29.21 8.66 -7.59
N ARG F 417 29.94 7.55 -7.71
CA ARG F 417 31.39 7.58 -7.86
C ARG F 417 31.75 7.00 -9.23
N VAL F 418 32.49 7.78 -10.03
CA VAL F 418 32.66 7.52 -11.45
C VAL F 418 34.08 7.88 -11.87
N ASP F 419 34.52 7.37 -13.02
CA ASP F 419 35.82 7.73 -13.58
C ASP F 419 35.71 9.09 -14.29
N MET F 420 36.86 9.77 -14.41
CA MET F 420 37.01 10.93 -15.27
C MET F 420 37.82 10.51 -16.51
N MET G 1 49.07 53.10 49.81
CA MET G 1 50.40 53.42 49.24
C MET G 1 51.45 52.57 49.99
N GLU G 2 51.35 51.24 49.81
CA GLU G 2 52.34 50.30 50.32
C GLU G 2 53.18 49.65 49.20
N GLU G 3 54.39 49.20 49.56
CA GLU G 3 55.25 48.45 48.66
C GLU G 3 55.92 47.30 49.40
N ILE G 4 56.26 46.24 48.66
CA ILE G 4 57.11 45.18 49.15
C ILE G 4 58.53 45.41 48.60
N ILE G 5 59.52 45.43 49.50
CA ILE G 5 60.92 45.62 49.16
C ILE G 5 61.58 44.25 49.31
N VAL G 6 62.33 43.85 48.28
CA VAL G 6 62.93 42.54 48.19
C VAL G 6 64.42 42.72 47.87
N ARG G 7 65.29 42.03 48.61
CA ARG G 7 66.67 41.82 48.20
C ARG G 7 66.83 40.34 47.88
N GLY G 8 67.55 40.06 46.78
CA GLY G 8 67.75 38.71 46.32
C GLY G 8 69.05 38.14 46.87
N GLY G 9 69.29 36.85 46.58
CA GLY G 9 70.51 36.19 46.99
C GLY G 9 70.36 35.28 48.20
N ASN G 10 69.14 35.11 48.72
CA ASN G 10 68.92 34.26 49.89
C ASN G 10 68.15 33.00 49.49
N GLN G 11 68.57 31.88 50.10
CA GLN G 11 67.91 30.59 49.94
C GLN G 11 66.77 30.49 50.95
N LEU G 12 65.65 29.95 50.49
CA LEU G 12 64.48 29.77 51.34
C LEU G 12 64.60 28.40 52.02
N ASN G 13 64.40 28.40 53.35
CA ASN G 13 64.49 27.20 54.17
C ASN G 13 63.40 27.26 55.25
N GLY G 14 62.71 26.15 55.48
CA GLY G 14 61.76 26.07 56.58
C GLY G 14 60.43 25.46 56.14
N THR G 15 59.42 25.64 56.99
CA THR G 15 58.06 25.16 56.76
C THR G 15 57.15 26.36 56.49
N VAL G 16 56.18 26.21 55.58
CA VAL G 16 55.19 27.24 55.33
C VAL G 16 53.79 26.63 55.43
N ARG G 17 52.91 27.32 56.18
CA ARG G 17 51.50 26.97 56.26
C ARG G 17 50.73 27.71 55.16
N ILE G 18 49.70 27.06 54.63
CA ILE G 18 48.95 27.55 53.48
C ILE G 18 47.50 27.77 53.90
N GLU G 19 46.90 28.89 53.47
CA GLU G 19 45.51 29.18 53.75
C GLU G 19 44.59 28.30 52.91
N GLY G 20 43.32 28.26 53.31
CA GLY G 20 42.24 27.70 52.52
C GLY G 20 42.08 28.44 51.19
N ALA G 21 41.52 27.73 50.19
CA ALA G 21 41.55 28.14 48.80
C ALA G 21 40.58 29.29 48.56
N LYS G 22 41.11 30.39 48.01
CA LYS G 22 40.30 31.50 47.53
C LYS G 22 39.23 31.00 46.54
N ASN G 23 39.65 30.14 45.60
CA ASN G 23 38.79 29.78 44.49
C ASN G 23 37.73 28.73 44.92
N ALA G 24 37.87 28.15 46.11
CA ALA G 24 36.84 27.30 46.68
C ALA G 24 35.91 28.10 47.61
N VAL G 25 36.47 29.06 48.36
CA VAL G 25 35.71 29.68 49.43
C VAL G 25 34.62 30.59 48.85
N LEU G 26 34.90 31.25 47.71
CA LEU G 26 33.94 32.18 47.13
C LEU G 26 32.66 31.47 46.69
N PRO G 27 32.70 30.39 45.86
CA PRO G 27 31.49 29.64 45.54
C PRO G 27 30.84 28.93 46.72
N ILE G 28 31.63 28.50 47.72
CA ILE G 28 31.07 27.83 48.87
C ILE G 28 30.30 28.82 49.76
N LEU G 29 30.75 30.08 49.80
CA LEU G 29 29.98 31.13 50.48
C LEU G 29 28.64 31.32 49.80
N ALA G 30 28.64 31.34 48.46
CA ALA G 30 27.41 31.41 47.68
C ALA G 30 26.52 30.20 47.93
N ALA G 31 27.13 29.02 48.11
CA ALA G 31 26.41 27.78 48.35
C ALA G 31 25.62 27.85 49.65
N SER G 32 26.10 28.67 50.59
CA SER G 32 25.50 28.77 51.91
C SER G 32 24.12 29.43 51.84
N LEU G 33 23.81 30.11 50.72
CA LEU G 33 22.49 30.68 50.48
C LEU G 33 21.43 29.60 50.30
N LEU G 34 21.85 28.37 50.00
CA LEU G 34 20.92 27.28 49.72
C LEU G 34 20.29 26.77 51.01
N ALA G 35 20.93 27.02 52.17
CA ALA G 35 20.45 26.51 53.44
C ALA G 35 19.33 27.41 54.01
N GLU G 36 18.08 26.91 53.92
CA GLU G 36 16.90 27.66 54.30
C GLU G 36 16.77 27.70 55.82
N GLU G 37 17.36 26.71 56.50
CA GLU G 37 17.33 26.61 57.96
C GLU G 37 18.72 26.19 58.45
N GLY G 38 19.12 26.78 59.59
CA GLY G 38 20.38 26.44 60.25
C GLY G 38 21.45 27.51 60.02
N ILE G 39 22.58 27.34 60.73
CA ILE G 39 23.75 28.20 60.60
C ILE G 39 24.87 27.41 59.93
N THR G 40 25.34 27.92 58.79
CA THR G 40 26.50 27.38 58.10
C THR G 40 27.77 27.91 58.78
N THR G 41 28.73 27.02 59.08
CA THR G 41 30.00 27.42 59.65
C THR G 41 31.13 26.93 58.75
N LEU G 42 31.87 27.88 58.17
CA LEU G 42 33.02 27.58 57.31
C LEU G 42 34.30 27.81 58.10
N ASP G 43 35.20 26.81 58.06
CA ASP G 43 36.51 26.88 58.69
C ASP G 43 37.58 26.98 57.60
N ASN G 44 38.78 27.45 57.99
CA ASN G 44 39.93 27.58 57.11
C ASN G 44 39.62 28.62 56.02
N VAL G 45 38.88 29.66 56.39
CA VAL G 45 38.58 30.76 55.49
C VAL G 45 39.77 31.72 55.48
N PRO G 46 40.39 32.00 54.32
CA PRO G 46 41.53 32.92 54.26
C PRO G 46 41.09 34.37 54.40
N ILE G 47 41.96 35.20 55.00
CA ILE G 47 41.71 36.63 55.12
C ILE G 47 42.21 37.30 53.84
N LEU G 48 41.32 37.42 52.84
CA LEU G 48 41.62 38.05 51.56
C LEU G 48 40.54 39.08 51.26
N SER G 49 40.83 40.07 50.42
CA SER G 49 39.84 41.11 50.14
C SER G 49 38.65 40.55 49.35
N ASP G 50 38.86 39.52 48.53
CA ASP G 50 37.76 38.91 47.78
C ASP G 50 36.75 38.27 48.74
N VAL G 51 37.21 37.72 49.87
CA VAL G 51 36.32 37.17 50.90
C VAL G 51 35.48 38.27 51.53
N PHE G 52 36.07 39.44 51.78
CA PHE G 52 35.34 40.56 52.35
C PHE G 52 34.28 41.04 51.35
N THR G 53 34.62 41.10 50.06
CA THR G 53 33.70 41.53 49.02
C THR G 53 32.54 40.55 48.90
N MET G 54 32.85 39.25 48.89
CA MET G 54 31.82 38.24 48.76
C MET G 54 30.88 38.30 49.97
N ASN G 55 31.45 38.51 51.16
CA ASN G 55 30.64 38.62 52.37
C ASN G 55 29.68 39.81 52.26
N GLN G 56 30.11 40.93 51.65
CA GLN G 56 29.23 42.08 51.46
C GLN G 56 28.10 41.72 50.49
N VAL G 57 28.46 41.04 49.38
CA VAL G 57 27.50 40.69 48.34
C VAL G 57 26.35 39.91 48.99
N ILE G 58 26.72 38.96 49.86
CA ILE G 58 25.78 38.03 50.47
C ILE G 58 24.92 38.72 51.54
N ARG G 59 25.50 39.67 52.30
CA ARG G 59 24.73 40.44 53.25
C ARG G 59 23.62 41.22 52.56
N HIS G 60 23.94 41.83 51.42
CA HIS G 60 22.99 42.64 50.66
C HIS G 60 21.83 41.79 50.13
N LEU G 61 21.91 40.46 50.26
CA LEU G 61 20.82 39.56 49.92
C LEU G 61 20.00 39.19 51.15
N ASN G 62 20.20 39.93 52.25
CA ASN G 62 19.42 39.79 53.48
C ASN G 62 19.87 38.54 54.26
N VAL G 63 21.17 38.48 54.53
CA VAL G 63 21.82 37.33 55.16
C VAL G 63 22.81 37.86 56.19
N ASP G 64 22.91 37.18 57.34
CA ASP G 64 23.91 37.52 58.34
C ASP G 64 25.20 36.75 58.12
N VAL G 65 26.30 37.48 57.98
CA VAL G 65 27.61 36.88 57.78
C VAL G 65 28.57 37.47 58.80
N ASP G 66 29.10 36.62 59.68
CA ASP G 66 30.11 37.02 60.64
C ASP G 66 31.43 36.34 60.32
N PHE G 67 32.49 37.14 60.15
CA PHE G 67 33.82 36.64 59.87
C PHE G 67 34.71 36.87 61.09
N ASP G 68 34.96 35.79 61.85
CA ASP G 68 35.97 35.78 62.89
C ASP G 68 37.35 35.53 62.28
N GLU G 69 38.11 36.61 62.03
CA GLU G 69 39.38 36.53 61.31
C GLU G 69 40.43 35.75 62.11
N GLN G 70 40.34 35.83 63.45
CA GLN G 70 41.32 35.21 64.33
C GLN G 70 41.19 33.68 64.25
N LYS G 71 39.94 33.20 64.11
CA LYS G 71 39.67 31.77 64.01
C LYS G 71 39.58 31.32 62.55
N ASN G 72 39.73 32.24 61.59
CA ASN G 72 39.58 31.92 60.17
C ASN G 72 38.25 31.25 59.91
N GLN G 73 37.16 31.85 60.40
CA GLN G 73 35.86 31.18 60.45
C GLN G 73 34.73 32.16 60.12
N VAL G 74 33.78 31.69 59.30
CA VAL G 74 32.64 32.48 58.87
C VAL G 74 31.35 31.73 59.21
N THR G 75 30.42 32.38 59.91
CA THR G 75 29.10 31.79 60.13
C THR G 75 28.11 32.53 59.23
N ILE G 76 27.19 31.78 58.61
CA ILE G 76 26.19 32.35 57.72
C ILE G 76 24.81 31.89 58.18
N ASP G 77 23.88 32.85 58.26
CA ASP G 77 22.48 32.59 58.55
C ASP G 77 21.64 33.13 57.38
N ALA G 78 21.16 32.21 56.52
CA ALA G 78 20.40 32.61 55.35
C ALA G 78 18.95 32.12 55.45
N SER G 79 18.38 32.19 56.66
CA SER G 79 17.08 31.59 56.94
C SER G 79 15.95 32.57 56.70
N ARG G 80 16.26 33.88 56.55
CA ARG G 80 15.27 34.86 56.16
C ARG G 80 15.04 34.81 54.64
N GLN G 81 13.92 35.42 54.21
CA GLN G 81 13.62 35.67 52.81
C GLN G 81 14.78 36.45 52.18
N LEU G 82 15.34 35.92 51.08
CA LEU G 82 16.46 36.55 50.39
C LEU G 82 15.96 37.66 49.47
N GLU G 83 16.68 38.79 49.44
CA GLU G 83 16.65 39.71 48.31
C GLU G 83 17.46 39.09 47.17
N ILE G 84 17.29 39.61 45.95
CA ILE G 84 17.71 38.91 44.75
C ILE G 84 18.70 39.73 43.92
N GLU G 85 19.19 40.86 44.45
CA GLU G 85 19.91 41.83 43.65
C GLU G 85 21.39 41.91 44.06
N ALA G 86 22.28 41.82 43.06
CA ALA G 86 23.72 42.01 43.24
C ALA G 86 24.20 43.12 42.29
N PRO G 87 24.39 44.38 42.76
CA PRO G 87 24.65 45.52 41.88
C PRO G 87 26.05 45.62 41.31
N TYR G 88 26.26 46.53 40.33
CA TYR G 88 27.56 46.67 39.68
C TYR G 88 28.60 47.18 40.68
N GLU G 89 28.16 47.85 41.75
CA GLU G 89 29.10 48.32 42.76
C GLU G 89 29.97 47.15 43.24
N TYR G 90 29.41 45.95 43.35
CA TYR G 90 30.16 44.78 43.83
C TYR G 90 30.73 43.95 42.67
N VAL G 91 29.94 43.76 41.61
CA VAL G 91 30.37 42.92 40.49
C VAL G 91 31.54 43.57 39.75
N SER G 92 31.61 44.92 39.73
CA SER G 92 32.72 45.62 39.07
C SER G 92 34.04 45.41 39.80
N GLN G 93 33.97 45.17 41.12
CA GLN G 93 35.15 44.90 41.95
C GLN G 93 35.61 43.44 41.78
N MET G 94 34.66 42.54 41.55
CA MET G 94 34.93 41.12 41.61
C MET G 94 33.81 40.34 40.90
N ARG G 95 34.11 39.79 39.71
CA ARG G 95 33.07 39.19 38.89
C ARG G 95 32.66 37.82 39.42
N ALA G 96 33.45 37.24 40.33
CA ALA G 96 33.07 36.00 41.01
C ALA G 96 31.76 36.14 41.78
N SER G 97 31.33 37.37 42.06
CA SER G 97 30.11 37.57 42.84
C SER G 97 28.87 37.13 42.06
N ILE G 98 28.99 36.80 40.77
CA ILE G 98 27.84 36.35 39.99
C ILE G 98 27.45 34.92 40.33
N VAL G 99 28.31 34.14 41.01
CA VAL G 99 27.96 32.76 41.34
C VAL G 99 26.86 32.72 42.40
N VAL G 100 26.32 33.87 42.83
CA VAL G 100 25.13 33.89 43.68
C VAL G 100 23.87 33.68 42.83
N MET G 101 24.01 33.79 41.51
CA MET G 101 22.87 33.73 40.60
C MET G 101 22.23 32.34 40.67
N GLY G 102 23.07 31.29 40.71
CA GLY G 102 22.61 29.91 40.78
C GLY G 102 21.78 29.62 42.03
N PRO G 103 22.33 29.84 43.25
CA PRO G 103 21.56 29.66 44.49
C PRO G 103 20.28 30.50 44.58
N LEU G 104 20.31 31.73 44.05
CA LEU G 104 19.15 32.61 44.03
C LEU G 104 18.05 32.00 43.16
N LEU G 105 18.41 31.41 42.02
CA LEU G 105 17.43 30.72 41.17
C LEU G 105 16.84 29.52 41.91
N ALA G 106 17.69 28.74 42.59
CA ALA G 106 17.24 27.57 43.33
C ALA G 106 16.30 27.93 44.49
N ARG G 107 16.61 28.99 45.25
CA ARG G 107 15.83 29.37 46.43
C ARG G 107 14.58 30.15 46.02
N ASN G 108 14.76 31.18 45.19
CA ASN G 108 13.75 32.18 44.92
C ASN G 108 13.11 32.01 43.53
N GLY G 109 13.83 31.36 42.59
CA GLY G 109 13.40 31.33 41.21
C GLY G 109 13.58 32.68 40.51
N HIS G 110 14.43 33.54 41.07
CA HIS G 110 14.62 34.90 40.58
C HIS G 110 16.02 35.37 41.02
N ALA G 111 16.73 36.01 40.08
CA ALA G 111 18.02 36.61 40.35
C ALA G 111 18.21 37.82 39.44
N LYS G 112 18.81 38.88 39.99
CA LYS G 112 19.03 40.10 39.24
C LYS G 112 20.46 40.55 39.53
N VAL G 113 21.39 40.23 38.61
CA VAL G 113 22.82 40.34 38.86
C VAL G 113 23.45 41.17 37.75
N ALA G 114 24.32 42.11 38.15
CA ALA G 114 24.99 42.98 37.19
C ALA G 114 25.86 42.15 36.26
N MET G 115 25.80 42.50 34.97
CA MET G 115 26.61 41.89 33.94
C MET G 115 28.06 42.31 34.22
N PRO G 116 29.03 41.37 34.32
CA PRO G 116 30.43 41.73 34.46
C PRO G 116 30.94 42.51 33.24
N GLY G 117 31.85 43.45 33.49
CA GLY G 117 32.52 44.17 32.42
C GLY G 117 33.90 43.57 32.15
N GLY G 118 34.80 44.40 31.62
CA GLY G 118 36.14 43.98 31.24
C GLY G 118 36.99 43.53 32.43
N ALA G 120 41.29 42.80 33.23
CA ALA G 120 42.66 43.06 32.79
C ALA G 120 43.21 41.89 31.95
N ILE G 121 43.04 40.65 32.46
CA ILE G 121 43.75 39.47 31.93
C ILE G 121 42.98 38.82 30.77
N GLY G 122 41.80 39.36 30.45
CA GLY G 122 41.11 39.03 29.21
C GLY G 122 40.20 37.82 29.39
N LYS G 123 39.09 38.03 30.12
CA LYS G 123 38.18 36.95 30.51
C LYS G 123 37.17 36.66 29.40
N ARG G 124 36.43 35.58 29.62
CA ARG G 124 35.33 35.15 28.77
C ARG G 124 34.08 35.91 29.17
N PRO G 125 33.03 35.87 28.31
CA PRO G 125 31.71 36.37 28.72
C PRO G 125 31.03 35.34 29.62
N ILE G 126 29.80 35.64 30.05
CA ILE G 126 29.11 34.72 30.95
C ILE G 126 28.12 33.87 30.18
N ASP G 127 28.32 33.75 28.85
CA ASP G 127 27.42 33.04 27.96
C ASP G 127 27.11 31.63 28.44
N LEU G 128 28.11 30.90 28.96
CA LEU G 128 27.90 29.52 29.37
C LEU G 128 27.06 29.40 30.64
N HIS G 129 27.13 30.39 31.53
CA HIS G 129 26.25 30.46 32.69
C HIS G 129 24.81 30.52 32.22
N LEU G 130 24.53 31.42 31.27
CA LEU G 130 23.20 31.68 30.78
C LEU G 130 22.67 30.49 29.99
N LYS G 131 23.55 29.84 29.20
CA LYS G 131 23.19 28.64 28.47
C LYS G 131 22.70 27.58 29.44
N GLY G 132 23.44 27.41 30.55
CA GLY G 132 23.06 26.45 31.57
C GLY G 132 21.71 26.77 32.18
N PHE G 133 21.49 28.04 32.53
CA PHE G 133 20.25 28.43 33.22
C PHE G 133 19.06 28.30 32.27
N GLN G 134 19.23 28.68 30.98
CA GLN G 134 18.17 28.52 29.99
C GLN G 134 17.83 27.04 29.83
N ALA G 135 18.85 26.17 29.86
CA ALA G 135 18.63 24.73 29.72
C ALA G 135 17.78 24.18 30.87
N LEU G 136 17.83 24.84 32.04
CA LEU G 136 17.08 24.40 33.22
C LEU G 136 15.70 25.04 33.30
N GLY G 137 15.36 25.91 32.33
CA GLY G 137 14.01 26.47 32.22
C GLY G 137 13.93 27.95 32.62
N ALA G 138 15.06 28.65 32.67
CA ALA G 138 15.11 30.05 33.06
C ALA G 138 14.92 30.95 31.86
N LYS G 139 14.14 32.02 32.05
CA LYS G 139 14.01 33.11 31.08
C LYS G 139 15.05 34.17 31.48
N ILE G 140 15.74 34.76 30.48
CA ILE G 140 16.83 35.69 30.73
C ILE G 140 16.53 37.02 30.03
N ILE G 141 16.45 38.12 30.80
CA ILE G 141 16.33 39.46 30.26
C ILE G 141 17.61 40.24 30.62
N GLN G 142 17.98 41.19 29.76
CA GLN G 142 18.98 42.20 30.08
C GLN G 142 18.32 43.59 30.03
N LYS G 143 18.55 44.42 31.08
CA LYS G 143 18.13 45.82 31.10
C LYS G 143 19.04 46.56 32.08
N ASN G 144 19.47 47.78 31.74
CA ASN G 144 20.27 48.63 32.61
C ASN G 144 21.49 47.90 33.17
N GLY G 145 22.15 47.07 32.35
CA GLY G 145 23.39 46.41 32.77
C GLY G 145 23.17 45.26 33.76
N TYR G 146 21.93 44.78 33.91
CA TYR G 146 21.61 43.66 34.79
C TYR G 146 21.17 42.48 33.93
N ILE G 147 21.54 41.27 34.38
CA ILE G 147 20.93 40.06 33.89
C ILE G 147 19.83 39.65 34.87
N GLU G 148 18.60 39.57 34.38
CA GLU G 148 17.49 39.10 35.19
C GLU G 148 17.11 37.70 34.72
N ALA G 149 17.23 36.72 35.62
CA ALA G 149 16.82 35.35 35.35
C ALA G 149 15.59 35.02 36.20
N ILE G 150 14.53 34.51 35.54
CA ILE G 150 13.31 34.08 36.20
C ILE G 150 13.08 32.60 35.86
N ALA G 151 12.81 31.77 36.88
CA ALA G 151 12.43 30.39 36.66
C ALA G 151 11.39 29.95 37.69
N ASP G 152 10.15 29.75 37.24
CA ASP G 152 9.06 29.29 38.11
C ASP G 152 9.42 27.90 38.64
N GLU G 153 9.81 27.01 37.73
CA GLU G 153 10.27 25.68 38.07
C GLU G 153 11.54 25.36 37.28
N LEU G 154 12.63 25.09 38.01
CA LEU G 154 13.86 24.56 37.44
C LEU G 154 13.65 23.08 37.09
N ILE G 155 13.98 22.70 35.85
CA ILE G 155 13.86 21.31 35.41
C ILE G 155 15.19 20.83 34.85
N GLY G 156 15.66 19.70 35.40
CA GLY G 156 16.89 19.08 34.97
C GLY G 156 16.90 18.74 33.47
N ASN G 157 18.12 18.80 32.90
CA ASN G 157 18.34 18.69 31.47
C ASN G 157 19.80 18.29 31.23
N THR G 158 20.12 17.87 30.01
CA THR G 158 21.50 17.64 29.61
C THR G 158 22.08 18.93 29.04
N ILE G 159 23.26 19.30 29.54
CA ILE G 159 23.92 20.55 29.20
C ILE G 159 25.37 20.23 28.83
N TYR G 160 25.76 20.58 27.60
CA TYR G 160 27.12 20.44 27.14
C TYR G 160 27.79 21.82 27.21
N LEU G 161 28.92 21.89 27.93
CA LEU G 161 29.71 23.10 27.98
C LEU G 161 30.77 23.08 26.88
N ASP G 162 30.77 24.11 26.03
CA ASP G 162 31.69 24.23 24.91
C ASP G 162 33.12 24.31 25.43
N PHE G 163 33.26 24.98 26.60
CA PHE G 163 34.52 25.03 27.32
C PHE G 163 34.24 24.60 28.76
N PRO G 164 35.18 23.89 29.44
CA PRO G 164 34.96 23.46 30.83
C PRO G 164 35.17 24.60 31.82
N SER G 165 34.27 25.60 31.73
CA SER G 165 34.28 26.81 32.55
C SER G 165 34.00 26.48 34.02
N VAL G 166 34.96 26.83 34.89
CA VAL G 166 34.83 26.68 36.33
C VAL G 166 33.63 27.45 36.86
N GLY G 167 33.50 28.72 36.45
CA GLY G 167 32.45 29.59 36.94
C GLY G 167 31.06 29.12 36.51
N ALA G 168 30.92 28.80 35.22
CA ALA G 168 29.65 28.31 34.71
C ALA G 168 29.29 27.00 35.38
N THR G 169 30.28 26.12 35.57
CA THR G 169 30.06 24.84 36.23
C THR G 169 29.49 25.07 37.64
N GLN G 170 30.11 25.98 38.41
CA GLN G 170 29.70 26.28 39.78
C GLN G 170 28.28 26.85 39.81
N ASN G 171 28.02 27.83 38.95
CA ASN G 171 26.74 28.52 38.93
C ASN G 171 25.63 27.52 38.60
N ILE G 172 25.87 26.65 37.61
CA ILE G 172 24.87 25.70 37.15
C ILE G 172 24.65 24.60 38.20
N MET G 173 25.74 24.10 38.80
CA MET G 173 25.57 23.04 39.78
C MET G 173 24.66 23.51 40.90
N MET G 174 24.81 24.78 41.32
CA MET G 174 24.11 25.30 42.48
C MET G 174 22.63 25.57 42.18
N ALA G 175 22.28 25.85 40.91
CA ALA G 175 20.89 25.89 40.51
C ALA G 175 20.31 24.48 40.43
N ALA G 176 21.08 23.56 39.86
CA ALA G 176 20.60 22.23 39.49
C ALA G 176 20.34 21.34 40.70
N VAL G 177 20.99 21.61 41.85
CA VAL G 177 20.82 20.74 43.01
C VAL G 177 19.38 20.77 43.51
N LYS G 178 18.59 21.79 43.12
CA LYS G 178 17.19 21.91 43.50
C LYS G 178 16.24 21.89 42.30
N ALA G 179 16.73 21.57 41.10
CA ALA G 179 15.90 21.38 39.93
C ALA G 179 15.17 20.03 40.02
N LYS G 180 14.01 19.91 39.36
CA LYS G 180 13.27 18.65 39.36
C LYS G 180 13.95 17.68 38.39
N GLY G 181 14.29 16.48 38.90
CA GLY G 181 14.81 15.41 38.07
C GLY G 181 16.33 15.48 37.94
N THR G 182 16.83 14.87 36.85
CA THR G 182 18.25 14.69 36.64
C THR G 182 18.80 15.81 35.77
N THR G 183 19.97 16.31 36.16
CA THR G 183 20.77 17.21 35.35
C THR G 183 22.07 16.50 35.03
N ILE G 184 22.55 16.66 33.79
CA ILE G 184 23.82 16.10 33.39
C ILE G 184 24.62 17.23 32.74
N ILE G 185 25.82 17.51 33.27
CA ILE G 185 26.69 18.51 32.69
C ILE G 185 27.86 17.79 32.02
N GLU G 186 28.00 17.97 30.70
CA GLU G 186 29.05 17.31 29.95
C GLU G 186 30.11 18.37 29.63
N ASN G 187 31.37 17.94 29.76
CA ASN G 187 32.56 18.78 29.62
C ASN G 187 32.56 19.81 30.75
N VAL G 188 32.22 19.34 31.98
CA VAL G 188 32.33 20.13 33.20
C VAL G 188 33.78 20.48 33.49
N ALA G 189 33.96 21.55 34.29
CA ALA G 189 35.20 21.82 34.98
C ALA G 189 35.51 20.67 35.95
N ARG G 190 36.81 20.30 35.99
CA ARG G 190 37.30 19.15 36.72
C ARG G 190 38.20 19.60 37.87
N GLU G 191 38.35 20.93 38.05
CA GLU G 191 39.27 21.50 39.02
C GLU G 191 38.93 21.05 40.44
N PRO G 192 39.93 20.95 41.36
CA PRO G 192 39.69 20.52 42.74
C PRO G 192 38.70 21.36 43.56
N GLU G 193 38.51 22.62 43.15
CA GLU G 193 37.56 23.54 43.77
C GLU G 193 36.12 23.10 43.52
N ILE G 194 35.88 22.51 42.33
CA ILE G 194 34.61 21.93 41.97
C ILE G 194 34.31 20.75 42.90
N VAL G 195 35.34 19.95 43.20
CA VAL G 195 35.18 18.80 44.06
C VAL G 195 34.81 19.27 45.46
N ASP G 196 35.44 20.34 45.95
CA ASP G 196 35.19 20.81 47.32
C ASP G 196 33.76 21.37 47.40
N LEU G 197 33.35 22.11 46.36
CA LEU G 197 31.99 22.61 46.28
C LEU G 197 30.98 21.45 46.29
N ALA G 198 31.24 20.40 45.49
CA ALA G 198 30.36 19.24 45.44
C ALA G 198 30.29 18.58 46.82
N ASN G 199 31.44 18.54 47.53
CA ASN G 199 31.53 17.84 48.79
C ASN G 199 30.63 18.54 49.82
N ILE G 200 30.58 19.87 49.82
CA ILE G 200 29.75 20.57 50.80
C ILE G 200 28.27 20.45 50.41
N LEU G 201 27.95 20.62 49.12
CA LEU G 201 26.57 20.46 48.66
C LEU G 201 26.02 19.10 49.08
N ASN G 202 26.83 18.05 48.95
CA ASN G 202 26.41 16.70 49.30
C ASN G 202 26.09 16.60 50.80
N LYS G 203 26.93 17.23 51.64
CA LYS G 203 26.72 17.24 53.08
C LYS G 203 25.44 18.00 53.43
N MET G 204 25.11 19.01 52.61
CA MET G 204 23.94 19.85 52.82
C MET G 204 22.65 19.13 52.41
N GLY G 205 22.77 17.93 51.81
CA GLY G 205 21.63 17.11 51.46
C GLY G 205 21.45 16.94 49.95
N ALA G 206 22.35 17.49 49.13
CA ALA G 206 22.26 17.42 47.69
C ALA G 206 22.77 16.07 47.18
N GLN G 207 22.58 15.83 45.87
CA GLN G 207 23.06 14.61 45.25
C GLN G 207 23.85 14.93 43.99
N VAL G 208 25.17 15.15 44.15
CA VAL G 208 26.06 15.49 43.06
C VAL G 208 27.08 14.36 42.88
N TYR G 209 27.07 13.76 41.68
CA TYR G 209 27.93 12.62 41.37
C TYR G 209 28.92 13.02 40.26
N GLY G 210 30.13 12.47 40.32
CA GLY G 210 31.09 12.60 39.23
C GLY G 210 31.88 13.90 39.25
N ALA G 211 31.89 14.62 40.37
CA ALA G 211 32.72 15.82 40.50
C ALA G 211 34.18 15.44 40.38
N GLY G 212 34.93 16.15 39.52
CA GLY G 212 36.32 15.84 39.24
C GLY G 212 36.48 15.00 37.96
N THR G 213 35.38 14.42 37.46
CA THR G 213 35.37 13.65 36.22
C THR G 213 34.78 14.49 35.09
N GLU G 214 34.68 13.88 33.91
CA GLU G 214 34.34 14.52 32.64
C GLU G 214 32.84 14.88 32.64
N THR G 215 32.04 14.08 33.36
CA THR G 215 30.59 14.16 33.38
C THR G 215 30.12 14.25 34.83
N MET G 216 29.24 15.22 35.09
CA MET G 216 28.66 15.41 36.40
C MET G 216 27.15 15.14 36.30
N ARG G 217 26.62 14.40 37.28
CA ARG G 217 25.21 14.04 37.33
C ARG G 217 24.62 14.53 38.65
N ILE G 218 23.50 15.25 38.55
CA ILE G 218 22.90 15.88 39.71
C ILE G 218 21.44 15.46 39.77
N GLU G 219 21.04 14.91 40.93
CA GLU G 219 19.65 14.58 41.21
C GLU G 219 19.07 15.66 42.15
N GLY G 220 18.02 16.32 41.68
CA GLY G 220 17.43 17.43 42.41
C GLY G 220 16.81 16.98 43.73
N VAL G 221 16.81 17.88 44.73
CA VAL G 221 16.22 17.63 46.04
C VAL G 221 15.37 18.84 46.43
N ASP G 222 14.47 18.63 47.39
CA ASP G 222 13.54 19.66 47.84
C ASP G 222 14.22 20.59 48.84
N HIS G 223 15.00 20.03 49.78
CA HIS G 223 15.50 20.80 50.92
C HIS G 223 16.99 20.54 51.14
N LEU G 224 17.70 21.62 51.46
CA LEU G 224 19.10 21.59 51.85
C LEU G 224 19.26 22.25 53.22
N HIS G 225 20.15 21.69 54.05
CA HIS G 225 20.37 22.17 55.40
C HIS G 225 21.81 22.68 55.54
N ALA G 226 22.07 23.43 56.62
CA ALA G 226 23.38 24.00 56.88
C ALA G 226 24.31 22.97 57.52
N VAL G 227 25.62 23.13 57.31
CA VAL G 227 26.64 22.19 57.76
C VAL G 227 27.89 22.96 58.22
N ASN G 228 28.84 22.24 58.84
CA ASN G 228 30.20 22.72 59.03
C ASN G 228 31.07 22.19 57.89
N HIS G 229 31.95 23.04 57.35
CA HIS G 229 32.88 22.62 56.32
C HIS G 229 34.20 23.37 56.44
N SER G 230 35.31 22.63 56.29
CA SER G 230 36.65 23.19 56.23
CA SER G 230 36.65 23.19 56.23
C SER G 230 37.08 23.34 54.77
N ILE G 231 37.40 24.56 54.35
CA ILE G 231 37.82 24.82 52.98
C ILE G 231 39.11 24.06 52.69
N VAL G 232 39.21 23.47 51.50
CA VAL G 232 40.40 22.78 51.05
C VAL G 232 41.58 23.77 50.98
N GLN G 233 42.80 23.28 51.20
CA GLN G 233 44.01 24.08 51.07
C GLN G 233 44.09 24.72 49.69
N ASP G 234 44.65 25.95 49.63
CA ASP G 234 44.87 26.67 48.38
C ASP G 234 46.07 26.09 47.62
N ARG G 235 45.79 25.43 46.49
CA ARG G 235 46.82 24.75 45.72
C ARG G 235 47.72 25.75 45.00
N ILE G 236 47.18 26.95 44.73
CA ILE G 236 47.91 28.01 44.05
C ILE G 236 48.86 28.73 45.00
N GLU G 237 48.42 29.01 46.24
CA GLU G 237 49.32 29.57 47.24
C GLU G 237 50.45 28.54 47.48
N ALA G 238 50.07 27.27 47.68
CA ALA G 238 51.04 26.19 47.84
C ALA G 238 52.05 26.20 46.69
N GLY G 239 51.53 26.24 45.45
CA GLY G 239 52.37 26.16 44.27
C GLY G 239 53.32 27.34 44.14
N THR G 240 52.85 28.51 44.56
CA THR G 240 53.67 29.72 44.58
C THR G 240 54.91 29.52 45.44
N PHE G 241 54.75 28.86 46.59
CA PHE G 241 55.87 28.63 47.50
C PHE G 241 56.78 27.51 46.97
N MET G 242 56.21 26.55 46.23
CA MET G 242 56.99 25.51 45.58
C MET G 242 57.95 26.12 44.56
N VAL G 243 57.46 27.09 43.77
CA VAL G 243 58.27 27.81 42.79
C VAL G 243 59.38 28.60 43.51
N ALA G 244 59.03 29.26 44.63
CA ALA G 244 59.97 30.09 45.35
C ALA G 244 61.14 29.26 45.87
N ALA G 245 60.83 28.08 46.42
CA ALA G 245 61.84 27.13 46.88
C ALA G 245 62.69 26.65 45.70
N ALA G 246 62.05 26.36 44.56
CA ALA G 246 62.75 25.77 43.43
C ALA G 246 63.73 26.77 42.80
N MET G 247 63.46 28.08 42.92
CA MET G 247 64.27 29.07 42.22
C MET G 247 65.33 29.68 43.13
N THR G 248 65.36 29.33 44.43
CA THR G 248 66.29 29.95 45.36
C THR G 248 67.24 28.93 45.97
N GLN G 249 67.47 27.79 45.30
CA GLN G 249 68.18 26.65 45.89
C GLN G 249 67.64 26.34 47.29
N GLY G 250 66.32 26.36 47.43
CA GLY G 250 65.68 26.29 48.73
C GLY G 250 65.50 24.85 49.19
N ASN G 251 64.99 24.73 50.42
CA ASN G 251 64.56 23.49 51.01
C ASN G 251 63.37 23.82 51.90
N VAL G 252 62.16 23.67 51.34
CA VAL G 252 60.95 24.19 51.94
C VAL G 252 59.92 23.07 52.00
N LEU G 253 59.33 22.87 53.19
CA LEU G 253 58.21 21.97 53.36
C LEU G 253 56.92 22.80 53.29
N ILE G 254 56.05 22.47 52.34
CA ILE G 254 54.73 23.08 52.26
C ILE G 254 53.79 22.18 53.07
N ALA G 255 53.41 22.69 54.26
CA ALA G 255 52.69 21.91 55.25
C ALA G 255 51.34 21.44 54.69
N ASP G 256 51.12 20.12 54.79
CA ASP G 256 49.87 19.45 54.45
C ASP G 256 49.47 19.67 53.00
N ALA G 257 50.46 19.85 52.11
CA ALA G 257 50.20 20.08 50.70
C ALA G 257 49.64 18.82 50.06
N ILE G 258 48.64 19.02 49.19
CA ILE G 258 47.99 17.94 48.46
C ILE G 258 48.62 17.87 47.07
N SER G 259 49.46 16.86 46.86
CA SER G 259 50.30 16.80 45.68
C SER G 259 49.47 16.50 44.43
N GLU G 260 48.33 15.78 44.61
CA GLU G 260 47.45 15.44 43.49
C GLU G 260 46.78 16.70 42.94
N HIS G 261 46.81 17.81 43.70
CA HIS G 261 46.30 19.09 43.21
C HIS G 261 47.38 19.92 42.49
N ASN G 262 48.63 19.44 42.42
CA ASN G 262 49.67 20.11 41.66
C ASN G 262 50.52 19.09 40.89
N ARG G 263 49.88 18.14 40.18
CA ARG G 263 50.65 17.15 39.42
C ARG G 263 51.44 17.85 38.32
N PRO G 264 50.83 18.75 37.50
CA PRO G 264 51.55 19.47 36.46
C PRO G 264 52.75 20.29 36.95
N LEU G 265 52.53 21.15 37.96
CA LEU G 265 53.58 22.00 38.49
C LEU G 265 54.74 21.18 39.06
N ILE G 266 54.42 20.14 39.84
CA ILE G 266 55.46 19.28 40.42
C ILE G 266 56.30 18.65 39.32
N SER G 267 55.64 18.11 38.28
CA SER G 267 56.32 17.46 37.17
C SER G 267 57.24 18.45 36.46
N LYS G 268 56.74 19.67 36.23
CA LYS G 268 57.51 20.67 35.50
C LYS G 268 58.71 21.17 36.31
N LEU G 269 58.53 21.34 37.63
CA LEU G 269 59.62 21.80 38.48
C LEU G 269 60.71 20.72 38.55
N ILE G 270 60.32 19.44 38.59
CA ILE G 270 61.27 18.33 38.52
C ILE G 270 62.01 18.35 37.17
N GLU G 271 61.33 18.67 36.06
CA GLU G 271 62.01 18.82 34.78
C GLU G 271 63.05 19.94 34.82
N MET G 272 62.85 20.95 35.68
CA MET G 272 63.76 22.08 35.80
C MET G 272 64.90 21.79 36.78
N GLY G 273 64.83 20.63 37.47
CA GLY G 273 65.95 20.16 38.28
C GLY G 273 65.60 20.03 39.76
N ALA G 274 64.38 20.43 40.16
CA ALA G 274 63.98 20.37 41.55
C ALA G 274 63.81 18.91 41.97
N GLU G 275 64.03 18.65 43.26
CA GLU G 275 63.70 17.39 43.90
C GLU G 275 62.49 17.65 44.79
N ILE G 276 61.40 16.89 44.58
CA ILE G 276 60.14 17.13 45.29
C ILE G 276 59.65 15.80 45.88
N ILE G 277 59.38 15.81 47.19
CA ILE G 277 59.21 14.61 47.98
C ILE G 277 57.90 14.73 48.77
N GLU G 278 57.03 13.72 48.70
CA GLU G 278 55.88 13.64 49.57
C GLU G 278 56.31 13.07 50.93
N GLU G 279 56.03 13.80 52.02
CA GLU G 279 56.40 13.42 53.37
C GLU G 279 55.16 13.36 54.24
N GLU G 280 55.28 12.81 55.47
CA GLU G 280 54.18 12.82 56.43
C GLU G 280 53.62 14.23 56.59
N GLY G 281 54.49 15.25 56.64
CA GLY G 281 54.09 16.61 56.99
C GLY G 281 53.67 17.48 55.80
N GLY G 282 53.88 17.01 54.57
CA GLY G 282 53.54 17.76 53.38
C GLY G 282 54.49 17.46 52.22
N VAL G 283 54.67 18.45 51.33
CA VAL G 283 55.52 18.28 50.15
C VAL G 283 56.77 19.14 50.31
N ARG G 284 57.94 18.50 50.23
CA ARG G 284 59.21 19.20 50.34
C ARG G 284 59.74 19.48 48.94
N VAL G 285 60.18 20.74 48.71
CA VAL G 285 60.79 21.15 47.46
C VAL G 285 62.23 21.56 47.72
N ILE G 286 63.17 20.93 47.00
CA ILE G 286 64.59 21.27 47.08
C ILE G 286 65.02 21.80 45.72
N GLY G 287 65.41 23.10 45.70
CA GLY G 287 65.80 23.77 44.47
C GLY G 287 67.19 23.36 44.01
N PRO G 288 67.40 23.16 42.68
CA PRO G 288 68.70 22.72 42.17
C PRO G 288 69.71 23.86 42.09
N LYS G 289 71.00 23.50 41.99
CA LYS G 289 72.04 24.49 41.81
C LYS G 289 71.93 25.08 40.40
N HIS G 290 71.60 24.22 39.42
CA HIS G 290 71.41 24.65 38.04
C HIS G 290 69.95 24.45 37.63
N ILE G 291 69.25 25.58 37.46
CA ILE G 291 67.86 25.58 37.02
C ILE G 291 67.84 25.39 35.51
N LEU G 292 67.15 24.34 35.06
CA LEU G 292 67.11 23.96 33.65
C LEU G 292 65.85 24.52 33.00
N PRO G 293 65.92 25.00 31.73
CA PRO G 293 64.74 25.49 31.02
C PRO G 293 63.72 24.39 30.77
N THR G 294 62.45 24.80 30.64
CA THR G 294 61.35 23.91 30.28
C THR G 294 60.28 24.76 29.61
N ASP G 295 59.45 24.14 28.76
CA ASP G 295 58.32 24.79 28.14
C ASP G 295 57.05 24.44 28.90
N VAL G 296 56.08 25.36 28.89
CA VAL G 296 54.87 25.23 29.68
C VAL G 296 53.68 25.58 28.79
N LYS G 297 52.61 24.80 28.86
CA LYS G 297 51.37 25.11 28.19
C LYS G 297 50.21 25.01 29.18
N THR G 298 49.48 26.12 29.35
CA THR G 298 48.33 26.14 30.23
C THR G 298 47.12 25.54 29.53
N MET G 299 46.28 24.87 30.33
CA MET G 299 45.07 24.21 29.86
C MET G 299 44.14 24.06 31.05
N PRO G 300 42.83 23.83 30.80
CA PRO G 300 41.93 23.36 31.86
C PRO G 300 42.51 22.16 32.57
N HIS G 301 42.20 22.05 33.87
CA HIS G 301 42.54 20.86 34.62
C HIS G 301 42.09 19.63 33.85
N PRO G 302 42.89 18.54 33.71
CA PRO G 302 44.15 18.33 34.46
C PRO G 302 45.47 18.78 33.84
N GLY G 303 45.43 19.71 32.87
CA GLY G 303 46.64 20.34 32.35
C GLY G 303 47.22 21.38 33.30
N PHE G 304 48.25 22.09 32.83
CA PHE G 304 48.98 23.03 33.68
C PHE G 304 48.09 24.23 33.99
N PRO G 305 47.86 24.58 35.28
CA PRO G 305 46.92 25.64 35.65
C PRO G 305 47.41 27.04 35.27
N THR G 306 46.54 27.81 34.61
CA THR G 306 46.85 29.19 34.26
C THR G 306 47.16 30.01 35.53
N ASP G 307 46.54 29.68 36.68
CA ASP G 307 46.79 30.43 37.90
C ASP G 307 48.20 30.25 38.44
N MET G 308 48.99 29.28 37.89
CA MET G 308 50.39 29.10 38.24
C MET G 308 51.32 29.69 37.19
N GLN G 309 50.79 30.15 36.05
CA GLN G 309 51.60 30.58 34.91
C GLN G 309 52.53 31.73 35.26
N ALA G 310 52.01 32.83 35.84
CA ALA G 310 52.85 34.00 36.11
C ALA G 310 54.03 33.63 37.02
N GLN G 311 53.73 32.93 38.12
CA GLN G 311 54.75 32.46 39.05
C GLN G 311 55.79 31.62 38.32
N MET G 312 55.32 30.75 37.41
CA MET G 312 56.21 29.84 36.70
C MET G 312 57.14 30.60 35.74
N THR G 313 56.68 31.71 35.15
CA THR G 313 57.53 32.49 34.25
C THR G 313 58.71 33.08 35.02
N ALA G 314 58.53 33.33 36.32
CA ALA G 314 59.58 33.87 37.17
C ALA G 314 60.76 32.90 37.23
N ILE G 315 60.48 31.61 37.43
CA ILE G 315 61.54 30.60 37.49
C ILE G 315 62.09 30.32 36.09
N GLN G 316 61.23 30.37 35.06
CA GLN G 316 61.68 30.17 33.68
C GLN G 316 62.66 31.27 33.27
N LEU G 317 62.48 32.49 33.81
CA LEU G 317 63.31 33.64 33.46
C LEU G 317 64.68 33.60 34.14
N VAL G 318 64.93 32.67 35.07
CA VAL G 318 66.25 32.54 35.66
C VAL G 318 66.88 31.18 35.32
N ALA G 319 66.17 30.38 34.51
CA ALA G 319 66.69 29.09 34.06
C ALA G 319 67.82 29.31 33.06
N GLU G 320 68.71 28.30 32.94
CA GLU G 320 69.92 28.42 32.15
C GLU G 320 69.66 28.01 30.70
N GLY G 321 68.96 28.89 29.97
CA GLY G 321 68.60 28.67 28.58
C GLY G 321 67.28 29.35 28.21
N THR G 322 66.72 28.96 27.06
CA THR G 322 65.50 29.55 26.53
C THR G 322 64.30 28.67 26.88
N SER G 323 63.22 29.29 27.40
CA SER G 323 62.00 28.59 27.76
C SER G 323 60.83 29.26 27.03
N VAL G 324 59.78 28.49 26.75
CA VAL G 324 58.61 29.00 26.08
C VAL G 324 57.38 28.73 26.94
N VAL G 325 56.47 29.69 27.03
CA VAL G 325 55.19 29.48 27.69
C VAL G 325 54.09 29.82 26.70
N THR G 326 53.03 29.01 26.75
CA THR G 326 51.86 29.19 25.90
C THR G 326 50.64 29.25 26.79
N GLU G 327 49.91 30.36 26.72
CA GLU G 327 48.74 30.58 27.56
C GLU G 327 47.49 30.38 26.69
N THR G 328 46.76 29.27 26.91
CA THR G 328 45.59 28.93 26.09
C THR G 328 44.28 29.20 26.83
N VAL G 329 44.33 29.69 28.08
CA VAL G 329 43.11 29.88 28.85
C VAL G 329 42.74 31.36 28.92
N PHE G 330 43.73 32.26 28.96
CA PHE G 330 43.47 33.68 29.04
C PHE G 330 44.19 34.42 27.92
N GLU G 331 43.57 35.51 27.46
CA GLU G 331 44.00 36.19 26.25
C GLU G 331 45.18 37.12 26.55
N ASN G 332 45.17 37.76 27.72
CA ASN G 332 46.12 38.82 28.01
C ASN G 332 46.70 38.68 29.42
N ARG G 333 47.39 37.56 29.67
CA ARG G 333 47.94 37.26 30.99
C ARG G 333 49.46 37.19 30.92
N PHE G 334 50.09 38.10 30.17
CA PHE G 334 51.54 38.22 30.12
C PHE G 334 52.01 39.64 30.51
N GLN G 335 51.15 40.43 31.16
CA GLN G 335 51.48 41.81 31.44
C GLN G 335 52.62 41.91 32.45
N HIS G 336 52.72 40.93 33.34
CA HIS G 336 53.84 40.86 34.27
C HIS G 336 55.19 40.77 33.54
N LEU G 337 55.23 40.06 32.40
CA LEU G 337 56.47 39.97 31.63
C LEU G 337 56.81 41.32 31.02
N GLU G 338 55.81 42.11 30.64
CA GLU G 338 56.04 43.46 30.14
C GLU G 338 56.73 44.28 31.24
N GLU G 339 56.29 44.15 32.50
CA GLU G 339 56.88 44.88 33.62
C GLU G 339 58.30 44.41 33.90
N MET G 340 58.51 43.09 33.83
CA MET G 340 59.79 42.50 34.22
C MET G 340 60.89 42.88 33.25
N ARG G 341 60.56 43.56 32.14
CA ARG G 341 61.58 44.18 31.30
C ARG G 341 62.34 45.24 32.09
N ARG G 342 61.65 45.89 33.04
CA ARG G 342 62.28 46.85 33.93
C ARG G 342 63.35 46.19 34.80
N MET G 343 63.17 44.89 35.05
CA MET G 343 64.10 44.08 35.81
C MET G 343 65.10 43.35 34.89
N ASN G 344 65.22 43.81 33.64
CA ASN G 344 66.19 43.29 32.66
C ASN G 344 65.79 41.90 32.15
N ALA G 345 64.53 41.50 32.27
CA ALA G 345 64.07 40.24 31.68
C ALA G 345 64.09 40.35 30.15
N HIS G 346 64.76 39.39 29.50
CA HIS G 346 64.75 39.24 28.05
C HIS G 346 63.63 38.28 27.65
N VAL G 347 62.56 38.85 27.08
CA VAL G 347 61.37 38.07 26.73
C VAL G 347 60.76 38.65 25.47
N LYS G 348 60.33 37.78 24.53
CA LYS G 348 59.62 38.17 23.34
C LYS G 348 58.22 37.60 23.40
N ILE G 349 57.21 38.43 23.15
CA ILE G 349 55.81 38.04 23.27
C ILE G 349 55.16 38.20 21.89
N ASP G 350 54.36 37.20 21.49
CA ASP G 350 53.56 37.31 20.28
C ASP G 350 52.30 36.47 20.48
N GLY G 351 51.16 37.15 20.53
CA GLY G 351 49.90 36.49 20.80
C GLY G 351 49.94 35.86 22.18
N ASN G 352 49.73 34.54 22.23
CA ASN G 352 49.62 33.84 23.49
C ASN G 352 50.87 32.96 23.72
N VAL G 353 51.99 33.34 23.11
CA VAL G 353 53.28 32.71 23.30
C VAL G 353 54.28 33.73 23.84
N ALA G 354 55.15 33.30 24.77
CA ALA G 354 56.23 34.14 25.27
C ALA G 354 57.51 33.31 25.31
N ILE G 355 58.62 33.95 24.92
CA ILE G 355 59.91 33.30 24.73
C ILE G 355 60.90 33.98 25.67
N MET G 356 61.39 33.23 26.65
CA MET G 356 62.18 33.81 27.73
C MET G 356 63.62 33.30 27.66
N ASP G 357 64.57 34.24 27.64
CA ASP G 357 65.99 33.94 27.64
C ASP G 357 66.53 34.23 29.04
N GLY G 358 66.84 33.16 29.79
CA GLY G 358 67.22 33.28 31.19
C GLY G 358 68.73 33.39 31.41
N ASN G 359 69.52 33.55 30.34
CA ASN G 359 70.96 33.72 30.47
C ASN G 359 71.28 35.21 30.60
N HIS G 360 70.57 35.88 31.51
CA HIS G 360 70.78 37.27 31.83
C HIS G 360 70.42 37.44 33.31
N GLU G 361 71.18 38.27 34.05
CA GLU G 361 70.87 38.52 35.45
C GLU G 361 69.69 39.48 35.54
N LEU G 362 68.71 39.13 36.38
CA LEU G 362 67.64 40.04 36.74
C LEU G 362 68.19 41.15 37.62
N GLN G 363 67.56 42.33 37.51
CA GLN G 363 67.98 43.52 38.21
C GLN G 363 66.82 44.10 38.99
N GLY G 364 67.06 44.48 40.25
CA GLY G 364 66.06 45.18 41.05
C GLY G 364 65.61 46.48 40.37
N ALA G 365 64.30 46.76 40.46
CA ALA G 365 63.70 47.99 39.99
C ALA G 365 62.33 48.16 40.64
N GLU G 366 61.79 49.39 40.58
CA GLU G 366 60.40 49.65 40.96
C GLU G 366 59.49 49.05 39.88
N VAL G 367 58.52 48.23 40.29
CA VAL G 367 57.60 47.57 39.36
C VAL G 367 56.20 47.59 39.95
N TYR G 368 55.19 47.78 39.06
CA TYR G 368 53.78 47.80 39.43
C TYR G 368 53.11 46.51 39.01
N ALA G 369 52.44 45.84 39.97
CA ALA G 369 51.62 44.67 39.67
C ALA G 369 50.37 45.11 38.91
N THR G 370 49.85 44.20 38.08
CA THR G 370 48.72 44.45 37.18
C THR G 370 47.52 43.57 37.56
N ASP G 371 47.78 42.51 38.34
CA ASP G 371 46.76 41.56 38.72
C ASP G 371 47.32 40.68 39.84
N LEU G 372 46.46 39.87 40.45
CA LEU G 372 46.81 39.07 41.61
C LEU G 372 48.12 38.28 41.41
N ARG G 373 48.19 37.42 40.39
CA ARG G 373 49.31 36.50 40.27
C ARG G 373 50.57 37.19 39.75
N ALA G 374 50.40 38.25 38.97
CA ALA G 374 51.52 39.08 38.56
C ALA G 374 52.23 39.63 39.79
N ALA G 375 51.48 40.05 40.81
CA ALA G 375 52.09 40.59 42.02
C ALA G 375 53.00 39.55 42.68
N ALA G 376 52.52 38.31 42.80
CA ALA G 376 53.32 37.24 43.37
C ALA G 376 54.56 36.97 42.51
N ALA G 377 54.40 37.00 41.18
CA ALA G 377 55.49 36.69 40.26
C ALA G 377 56.62 37.71 40.38
N LEU G 378 56.26 38.99 40.54
CA LEU G 378 57.24 40.07 40.69
C LEU G 378 58.03 39.95 41.98
N VAL G 379 57.37 39.51 43.06
CA VAL G 379 58.04 39.27 44.34
C VAL G 379 59.03 38.12 44.19
N LEU G 380 58.58 37.01 43.57
CA LEU G 380 59.44 35.86 43.32
C LEU G 380 60.66 36.25 42.48
N ALA G 381 60.45 37.08 41.45
CA ALA G 381 61.55 37.53 40.62
C ALA G 381 62.56 38.32 41.47
N GLY G 382 62.03 39.11 42.42
CA GLY G 382 62.83 39.87 43.34
C GLY G 382 63.79 39.00 44.16
N LEU G 383 63.36 37.77 44.48
CA LEU G 383 64.15 36.83 45.27
C LEU G 383 65.45 36.44 44.54
N LYS G 384 65.47 36.60 43.21
CA LYS G 384 66.61 36.22 42.40
C LYS G 384 67.25 37.43 41.71
N ALA G 385 66.65 38.60 41.83
CA ALA G 385 67.20 39.78 41.18
C ALA G 385 68.36 40.30 42.01
N ASN G 386 69.28 40.98 41.34
CA ASN G 386 70.42 41.59 41.98
C ASN G 386 70.03 43.05 42.23
N GLY G 387 70.20 43.52 43.48
CA GLY G 387 69.78 44.85 43.88
C GLY G 387 68.48 44.78 44.67
N ILE G 388 67.71 45.88 44.64
CA ILE G 388 66.49 46.03 45.40
C ILE G 388 65.31 46.14 44.45
N THR G 389 64.32 45.25 44.65
CA THR G 389 63.07 45.26 43.92
C THR G 389 61.99 45.86 44.82
N ARG G 390 61.16 46.75 44.27
CA ARG G 390 60.04 47.33 45.01
C ARG G 390 58.74 47.06 44.25
N VAL G 391 57.87 46.23 44.82
CA VAL G 391 56.65 45.81 44.15
C VAL G 391 55.48 46.63 44.67
N ARG G 392 54.72 47.27 43.77
CA ARG G 392 53.60 48.12 44.13
C ARG G 392 52.30 47.58 43.52
N ASN G 393 51.18 48.24 43.85
CA ASN G 393 49.82 47.77 43.63
C ASN G 393 49.58 46.46 44.39
N LEU G 394 49.82 46.48 45.71
CA LEU G 394 49.62 45.33 46.58
C LEU G 394 48.14 45.08 46.86
N ASN G 395 47.27 46.00 46.43
CA ASN G 395 45.84 45.72 46.43
C ASN G 395 45.57 44.42 45.66
N TYR G 396 46.31 44.16 44.57
CA TYR G 396 46.11 42.93 43.79
C TYR G 396 46.59 41.71 44.57
N LEU G 397 47.73 41.82 45.25
CA LEU G 397 48.27 40.70 46.02
C LEU G 397 47.29 40.26 47.11
N ASP G 398 46.67 41.23 47.79
CA ASP G 398 45.83 40.97 48.94
C ASP G 398 44.51 40.28 48.56
N ARG G 399 44.20 40.25 47.26
CA ARG G 399 43.01 39.57 46.79
C ARG G 399 43.15 38.06 46.94
N GLY G 400 44.40 37.56 46.92
CA GLY G 400 44.63 36.13 46.88
C GLY G 400 45.73 35.60 47.81
N TYR G 401 46.54 36.46 48.44
CA TYR G 401 47.59 36.00 49.35
C TYR G 401 47.47 36.72 50.68
N TYR G 402 47.49 35.96 51.78
CA TYR G 402 47.46 36.52 53.12
C TYR G 402 48.85 36.44 53.74
N ASN G 403 49.40 37.59 54.12
CA ASN G 403 50.67 37.66 54.83
C ASN G 403 51.80 37.06 54.00
N PHE G 404 51.86 37.41 52.71
CA PHE G 404 52.81 36.82 51.80
C PHE G 404 54.23 37.14 52.28
N HIS G 405 54.46 38.41 52.63
CA HIS G 405 55.78 38.89 53.05
C HIS G 405 56.25 38.21 54.33
N ILE G 406 55.32 37.96 55.27
CA ILE G 406 55.69 37.36 56.55
C ILE G 406 56.09 35.90 56.35
N LYS G 407 55.32 35.16 55.54
CA LYS G 407 55.63 33.77 55.24
C LYS G 407 56.99 33.65 54.56
N LEU G 408 57.31 34.60 53.68
CA LEU G 408 58.61 34.62 53.02
C LEU G 408 59.72 34.98 54.01
N GLN G 409 59.49 35.95 54.90
CA GLN G 409 60.47 36.28 55.94
C GLN G 409 60.80 35.06 56.79
N GLN G 410 59.76 34.32 57.17
CA GLN G 410 59.91 33.13 58.01
C GLN G 410 60.72 32.04 57.30
N LEU G 411 60.87 32.12 55.97
CA LEU G 411 61.65 31.15 55.23
C LEU G 411 63.06 31.66 54.96
N GLY G 412 63.42 32.83 55.50
CA GLY G 412 64.77 33.37 55.38
C GLY G 412 64.91 34.42 54.28
N ALA G 413 63.80 34.83 53.66
CA ALA G 413 63.83 35.79 52.57
C ALA G 413 63.93 37.21 53.12
N ASP G 414 64.60 38.08 52.35
CA ASP G 414 64.78 39.47 52.70
C ASP G 414 63.67 40.28 52.03
N VAL G 415 62.51 40.30 52.70
CA VAL G 415 61.28 40.88 52.20
C VAL G 415 60.64 41.73 53.31
N GLU G 416 60.33 43.00 53.01
CA GLU G 416 59.60 43.86 53.93
C GLU G 416 58.38 44.42 53.22
N ARG G 417 57.32 44.74 53.97
CA ARG G 417 56.20 45.51 53.47
C ARG G 417 56.10 46.81 54.27
N VAL G 418 56.11 47.96 53.57
CA VAL G 418 56.30 49.26 54.20
C VAL G 418 55.43 50.30 53.49
N ASP G 419 55.23 51.46 54.12
CA ASP G 419 54.52 52.58 53.50
C ASP G 419 55.46 53.34 52.58
N MET G 420 54.85 54.05 51.61
CA MET G 420 55.52 55.04 50.77
C MET G 420 55.03 56.42 51.25
N MET H 1 -54.29 -4.63 62.77
CA MET H 1 -55.30 -5.65 63.14
C MET H 1 -56.60 -5.40 62.35
N GLU H 2 -56.48 -5.51 61.01
CA GLU H 2 -57.57 -5.26 60.07
C GLU H 2 -58.07 -6.54 59.39
N GLU H 3 -59.34 -6.51 58.96
CA GLU H 3 -59.93 -7.58 58.16
C GLU H 3 -60.80 -6.98 57.06
N ILE H 4 -60.96 -7.74 55.96
CA ILE H 4 -61.94 -7.46 54.93
C ILE H 4 -63.14 -8.37 55.15
N ILE H 5 -64.34 -7.77 55.24
CA ILE H 5 -65.59 -8.51 55.41
C ILE H 5 -66.30 -8.47 54.06
N VAL H 6 -66.74 -9.65 53.60
CA VAL H 6 -67.33 -9.82 52.29
C VAL H 6 -68.66 -10.56 52.47
N ARG H 7 -69.71 -10.03 51.83
CA ARG H 7 -70.96 -10.76 51.64
C ARG H 7 -71.08 -11.05 50.15
N GLY H 8 -71.52 -12.28 49.82
CA GLY H 8 -71.64 -12.70 48.43
C GLY H 8 -73.04 -12.38 47.89
N GLY H 9 -73.25 -12.65 46.61
CA GLY H 9 -74.58 -12.58 46.02
C GLY H 9 -74.81 -11.35 45.14
N ASN H 10 -73.80 -10.51 44.95
CA ASN H 10 -73.96 -9.27 44.18
C ASN H 10 -73.13 -9.35 42.90
N GLN H 11 -73.72 -8.82 41.81
CA GLN H 11 -73.06 -8.71 40.52
C GLN H 11 -72.23 -7.45 40.46
N LEU H 12 -71.03 -7.56 39.88
CA LEU H 12 -70.14 -6.44 39.73
C LEU H 12 -70.46 -5.72 38.41
N ASN H 13 -70.62 -4.40 38.48
CA ASN H 13 -70.95 -3.55 37.33
C ASN H 13 -70.16 -2.25 37.46
N GLY H 14 -69.58 -1.78 36.35
CA GLY H 14 -68.97 -0.46 36.31
C GLY H 14 -67.59 -0.50 35.66
N THR H 15 -66.82 0.57 35.87
CA THR H 15 -65.47 0.74 35.37
C THR H 15 -64.50 0.67 36.55
N VAL H 16 -63.33 0.06 36.34
CA VAL H 16 -62.27 0.01 37.34
C VAL H 16 -60.97 0.53 36.72
N ARG H 17 -60.30 1.44 37.44
CA ARG H 17 -58.97 1.94 37.10
C ARG H 17 -57.94 1.03 37.75
N ILE H 18 -56.81 0.83 37.05
CA ILE H 18 -55.77 -0.09 37.48
C ILE H 18 -54.48 0.69 37.71
N GLU H 19 -53.76 0.38 38.78
CA GLU H 19 -52.49 1.02 39.08
C GLU H 19 -51.40 0.49 38.13
N GLY H 20 -50.28 1.23 38.08
CA GLY H 20 -49.04 0.79 37.49
C GLY H 20 -48.51 -0.48 38.15
N ALA H 21 -47.73 -1.25 37.38
CA ALA H 21 -47.37 -2.63 37.72
C ALA H 21 -46.35 -2.66 38.83
N LYS H 22 -46.68 -3.37 39.91
CA LYS H 22 -45.73 -3.70 40.97
C LYS H 22 -44.46 -4.34 40.40
N ASN H 23 -44.62 -5.30 39.48
CA ASN H 23 -43.50 -6.12 39.06
C ASN H 23 -42.64 -5.38 38.03
N ALA H 24 -43.10 -4.22 37.53
CA ALA H 24 -42.27 -3.35 36.70
C ALA H 24 -41.61 -2.26 37.54
N VAL H 25 -42.33 -1.76 38.55
CA VAL H 25 -41.87 -0.54 39.23
C VAL H 25 -40.64 -0.85 40.07
N LEU H 26 -40.58 -2.04 40.68
CA LEU H 26 -39.49 -2.39 41.56
C LEU H 26 -38.15 -2.44 40.81
N PRO H 27 -38.01 -3.20 39.69
CA PRO H 27 -36.77 -3.16 38.91
C PRO H 27 -36.47 -1.81 38.26
N ILE H 28 -37.51 -1.05 37.88
CA ILE H 28 -37.29 0.25 37.26
C ILE H 28 -36.76 1.26 38.29
N LEU H 29 -37.17 1.13 39.56
CA LEU H 29 -36.59 1.94 40.63
C LEU H 29 -35.11 1.63 40.78
N ALA H 30 -34.75 0.34 40.73
CA ALA H 30 -33.36 -0.10 40.76
C ALA H 30 -32.60 0.46 39.55
N ALA H 31 -33.27 0.52 38.39
CA ALA H 31 -32.66 1.00 37.16
C ALA H 31 -32.25 2.46 37.29
N SER H 32 -32.95 3.21 38.15
CA SER H 32 -32.72 4.63 38.31
C SER H 32 -31.36 4.91 38.96
N LEU H 33 -30.73 3.88 39.58
CA LEU H 33 -29.39 3.98 40.12
C LEU H 33 -28.34 4.14 39.02
N LEU H 34 -28.70 3.80 37.78
CA LEU H 34 -27.77 3.85 36.66
C LEU H 34 -27.52 5.28 36.21
N ALA H 35 -28.44 6.21 36.53
CA ALA H 35 -28.33 7.59 36.09
C ALA H 35 -27.38 8.39 36.99
N GLU H 36 -26.17 8.65 36.49
CA GLU H 36 -25.10 9.28 37.24
C GLU H 36 -25.34 10.79 37.32
N GLU H 37 -26.12 11.33 36.37
CA GLU H 37 -26.52 12.73 36.38
C GLU H 37 -28.01 12.85 36.06
N GLY H 38 -28.68 13.80 36.72
CA GLY H 38 -30.08 14.12 36.43
C GLY H 38 -31.03 13.56 37.50
N ILE H 39 -32.30 13.95 37.38
CA ILE H 39 -33.37 13.49 38.25
C ILE H 39 -34.30 12.59 37.43
N THR H 40 -34.45 11.34 37.87
CA THR H 40 -35.41 10.40 37.31
C THR H 40 -36.79 10.70 37.88
N THR H 41 -37.81 10.78 37.03
CA THR H 41 -39.18 10.94 37.48
C THR H 41 -40.02 9.79 36.94
N LEU H 42 -40.55 8.98 37.86
CA LEU H 42 -41.45 7.88 37.53
C LEU H 42 -42.90 8.29 37.81
N ASP H 43 -43.78 8.08 36.83
CA ASP H 43 -45.21 8.30 36.93
C ASP H 43 -45.93 6.96 36.99
N ASN H 44 -47.18 6.98 37.49
CA ASN H 44 -48.05 5.82 37.59
C ASN H 44 -47.43 4.81 38.55
N VAL H 45 -46.77 5.32 39.61
CA VAL H 45 -46.21 4.47 40.65
C VAL H 45 -47.34 4.10 41.62
N PRO H 46 -47.61 2.79 41.85
CA PRO H 46 -48.66 2.38 42.77
C PRO H 46 -48.25 2.56 44.23
N ILE H 47 -49.23 2.86 45.09
CA ILE H 47 -49.00 2.96 46.52
C ILE H 47 -49.11 1.57 47.13
N LEU H 48 -47.97 0.85 47.19
CA LEU H 48 -47.91 -0.49 47.76
C LEU H 48 -46.75 -0.55 48.74
N SER H 49 -46.77 -1.48 49.69
CA SER H 49 -45.72 -1.54 50.68
C SER H 49 -44.37 -1.94 50.06
N ASP H 50 -44.38 -2.75 48.99
CA ASP H 50 -43.14 -3.14 48.33
C ASP H 50 -42.44 -1.91 47.74
N VAL H 51 -43.22 -0.91 47.26
CA VAL H 51 -42.65 0.33 46.75
C VAL H 51 -41.98 1.12 47.88
N PHE H 52 -42.59 1.14 49.08
CA PHE H 52 -42.00 1.82 50.21
C PHE H 52 -40.71 1.13 50.62
N THR H 53 -40.69 -0.20 50.62
CA THR H 53 -39.51 -0.98 50.97
C THR H 53 -38.37 -0.72 49.98
N MET H 54 -38.71 -0.75 48.69
CA MET H 54 -37.71 -0.54 47.67
C MET H 54 -37.13 0.87 47.77
N ASN H 55 -37.99 1.86 48.05
CA ASN H 55 -37.54 3.24 48.21
C ASN H 55 -36.55 3.35 49.38
N GLN H 56 -36.76 2.58 50.47
CA GLN H 56 -35.84 2.60 51.58
C GLN H 56 -34.50 1.97 51.18
N VAL H 57 -34.57 0.84 50.45
CA VAL H 57 -33.38 0.11 50.02
C VAL H 57 -32.45 1.09 49.29
N ILE H 58 -33.07 1.87 48.40
CA ILE H 58 -32.35 2.75 47.48
C ILE H 58 -31.79 3.97 48.22
N ARG H 59 -32.53 4.51 49.21
CA ARG H 59 -32.04 5.60 50.03
C ARG H 59 -30.75 5.20 50.75
N HIS H 60 -30.74 3.98 51.31
CA HIS H 60 -29.59 3.47 52.05
C HIS H 60 -28.35 3.34 51.16
N LEU H 61 -28.51 3.49 49.83
CA LEU H 61 -27.40 3.49 48.90
C LEU H 61 -26.95 4.91 48.57
N ASN H 62 -27.41 5.89 49.37
CA ASN H 62 -26.99 7.28 49.27
C ASN H 62 -27.67 7.95 48.08
N VAL H 63 -29.00 7.86 48.06
CA VAL H 63 -29.83 8.34 46.97
C VAL H 63 -31.05 9.04 47.57
N ASP H 64 -31.48 10.15 46.95
CA ASP H 64 -32.70 10.82 47.37
C ASP H 64 -33.90 10.29 46.61
N VAL H 65 -34.89 9.80 47.34
CA VAL H 65 -36.12 9.28 46.75
C VAL H 65 -37.31 9.97 47.40
N ASP H 66 -38.07 10.72 46.61
CA ASP H 66 -39.29 11.36 47.09
C ASP H 66 -40.51 10.74 46.42
N PHE H 67 -41.46 10.25 47.23
CA PHE H 67 -42.69 9.64 46.73
C PHE H 67 -43.87 10.57 47.03
N ASP H 68 -44.34 11.30 45.99
CA ASP H 68 -45.59 12.03 46.04
C ASP H 68 -46.76 11.08 45.77
N GLU H 69 -47.41 10.56 46.84
CA GLU H 69 -48.43 9.55 46.72
C GLU H 69 -49.68 10.07 46.00
N GLN H 70 -49.95 11.38 46.14
CA GLN H 70 -51.15 12.00 45.59
C GLN H 70 -51.03 12.04 44.06
N LYS H 71 -49.80 12.27 43.56
CA LYS H 71 -49.54 12.33 42.13
C LYS H 71 -49.08 10.96 41.59
N ASN H 72 -48.94 9.95 42.46
CA ASN H 72 -48.43 8.64 42.07
C ASN H 72 -47.07 8.79 41.37
N GLN H 73 -46.15 9.53 42.00
CA GLN H 73 -44.93 9.95 41.33
C GLN H 73 -43.73 9.86 42.27
N VAL H 74 -42.60 9.36 41.75
CA VAL H 74 -41.37 9.20 42.50
C VAL H 74 -40.25 9.92 41.75
N THR H 75 -39.52 10.82 42.43
CA THR H 75 -38.32 11.41 41.86
C THR H 75 -37.11 10.76 42.53
N ILE H 76 -36.07 10.46 41.73
CA ILE H 76 -34.85 9.84 42.23
C ILE H 76 -33.66 10.68 41.78
N ASP H 77 -32.75 10.96 42.72
CA ASP H 77 -31.49 11.64 42.45
C ASP H 77 -30.36 10.72 42.91
N ALA H 78 -29.68 10.08 41.95
CA ALA H 78 -28.63 9.13 42.27
C ALA H 78 -27.28 9.63 41.77
N SER H 79 -27.05 10.95 41.89
CA SER H 79 -25.90 11.59 41.26
C SER H 79 -24.70 11.62 42.21
N ARG H 80 -24.92 11.34 43.49
CA ARG H 80 -23.82 11.19 44.45
C ARG H 80 -23.20 9.81 44.31
N GLN H 81 -21.99 9.64 44.86
CA GLN H 81 -21.33 8.35 45.04
C GLN H 81 -22.25 7.42 45.82
N LEU H 82 -22.53 6.24 45.27
CA LEU H 82 -23.41 5.26 45.87
C LEU H 82 -22.65 4.45 46.92
N GLU H 83 -23.32 4.15 48.04
CA GLU H 83 -22.96 3.04 48.90
C GLU H 83 -23.43 1.75 48.22
N ILE H 84 -22.95 0.60 48.67
CA ILE H 84 -23.04 -0.63 47.91
C ILE H 84 -23.74 -1.74 48.70
N GLU H 85 -24.35 -1.42 49.86
CA GLU H 85 -24.82 -2.44 50.78
C GLU H 85 -26.35 -2.44 50.86
N ALA H 86 -26.96 -3.62 50.70
CA ALA H 86 -28.38 -3.87 50.96
C ALA H 86 -28.53 -4.96 52.02
N PRO H 87 -28.80 -4.62 53.32
CA PRO H 87 -28.76 -5.59 54.41
C PRO H 87 -29.96 -6.52 54.50
N TYR H 88 -29.88 -7.56 55.36
CA TYR H 88 -30.95 -8.53 55.49
C TYR H 88 -32.20 -7.88 56.07
N GLU H 89 -32.05 -6.75 56.78
CA GLU H 89 -33.19 -6.01 57.30
C GLU H 89 -34.21 -5.77 56.18
N TYR H 90 -33.74 -5.47 54.96
CA TYR H 90 -34.61 -5.15 53.83
C TYR H 90 -34.87 -6.39 52.96
N VAL H 91 -33.82 -7.19 52.70
CA VAL H 91 -33.96 -8.35 51.83
C VAL H 91 -34.87 -9.40 52.46
N SER H 92 -34.91 -9.49 53.79
CA SER H 92 -35.77 -10.44 54.48
C SER H 92 -37.25 -10.09 54.31
N GLN H 93 -37.55 -8.80 54.12
CA GLN H 93 -38.91 -8.31 53.90
C GLN H 93 -39.34 -8.53 52.46
N MET H 94 -38.38 -8.46 51.54
CA MET H 94 -38.70 -8.43 50.11
C MET H 94 -37.45 -8.80 49.30
N ARG H 95 -37.41 -9.97 48.71
CA ARG H 95 -36.26 -10.51 48.03
C ARG H 95 -36.03 -9.78 46.68
N ALA H 96 -37.05 -9.09 46.17
CA ALA H 96 -36.90 -8.26 44.97
C ALA H 96 -35.84 -7.19 45.14
N SER H 97 -35.45 -6.87 46.37
CA SER H 97 -34.50 -5.80 46.60
C SER H 97 -33.11 -6.18 46.10
N ILE H 98 -32.88 -7.44 45.71
CA ILE H 98 -31.57 -7.85 45.21
C ILE H 98 -31.32 -7.34 43.80
N VAL H 99 -32.35 -6.88 43.07
CA VAL H 99 -32.14 -6.40 41.72
C VAL H 99 -31.37 -5.08 41.71
N VAL H 100 -30.94 -4.57 42.88
CA VAL H 100 -30.03 -3.44 42.94
C VAL H 100 -28.60 -3.90 42.68
N MET H 101 -28.36 -5.22 42.72
CA MET H 101 -27.03 -5.77 42.59
C MET H 101 -26.46 -5.45 41.21
N GLY H 102 -27.29 -5.60 40.16
CA GLY H 102 -26.90 -5.34 38.80
C GLY H 102 -26.45 -3.90 38.57
N PRO H 103 -27.31 -2.88 38.85
CA PRO H 103 -26.91 -1.47 38.74
C PRO H 103 -25.68 -1.08 39.56
N LEU H 104 -25.55 -1.66 40.76
CA LEU H 104 -24.39 -1.39 41.63
C LEU H 104 -23.12 -1.90 40.97
N LEU H 105 -23.17 -3.08 40.33
CA LEU H 105 -22.02 -3.59 39.59
C LEU H 105 -21.67 -2.68 38.42
N ALA H 106 -22.68 -2.21 37.69
CA ALA H 106 -22.48 -1.32 36.54
C ALA H 106 -21.88 0.02 36.95
N ARG H 107 -22.36 0.63 38.06
CA ARG H 107 -21.91 1.96 38.49
C ARG H 107 -20.58 1.87 39.22
N ASN H 108 -20.50 0.97 40.22
CA ASN H 108 -19.43 0.93 41.20
C ASN H 108 -18.46 -0.24 40.95
N GLY H 109 -18.90 -1.30 40.26
CA GLY H 109 -18.12 -2.51 40.15
C GLY H 109 -18.06 -3.29 41.47
N HIS H 110 -19.03 -3.02 42.36
CA HIS H 110 -19.05 -3.60 43.69
C HIS H 110 -20.50 -3.59 44.20
N ALA H 111 -20.93 -4.71 44.79
CA ALA H 111 -22.23 -4.83 45.42
C ALA H 111 -22.15 -5.84 46.56
N LYS H 112 -22.83 -5.52 47.66
CA LYS H 112 -22.83 -6.37 48.84
C LYS H 112 -24.29 -6.48 49.27
N VAL H 113 -24.93 -7.61 48.92
CA VAL H 113 -26.36 -7.78 49.07
C VAL H 113 -26.65 -9.04 49.87
N ALA H 114 -27.56 -8.95 50.85
CA ALA H 114 -27.94 -10.09 51.66
C ALA H 114 -28.55 -11.19 50.79
N MET H 115 -28.13 -12.42 51.05
CA MET H 115 -28.64 -13.60 50.37
C MET H 115 -30.10 -13.76 50.82
N PRO H 116 -31.08 -13.86 49.89
CA PRO H 116 -32.46 -14.12 50.30
C PRO H 116 -32.60 -15.48 50.96
N GLY H 117 -33.53 -15.56 51.91
CA GLY H 117 -33.87 -16.81 52.57
C GLY H 117 -35.09 -17.45 51.92
N GLY H 118 -35.79 -18.26 52.73
CA GLY H 118 -37.00 -18.95 52.29
C GLY H 118 -38.15 -17.97 52.00
N ALA H 120 -42.53 -18.28 51.41
CA ALA H 120 -43.71 -19.09 51.66
C ALA H 120 -44.05 -19.97 50.45
N ILE H 121 -44.05 -19.37 49.23
CA ILE H 121 -44.61 -20.00 48.04
C ILE H 121 -43.58 -20.88 47.32
N GLY H 122 -42.34 -20.91 47.83
CA GLY H 122 -41.35 -21.90 47.41
C GLY H 122 -40.57 -21.44 46.18
N LYS H 123 -39.70 -20.45 46.39
CA LYS H 123 -38.98 -19.76 45.32
C LYS H 123 -37.71 -20.54 44.96
N ARG H 124 -37.07 -20.11 43.87
CA ARG H 124 -35.77 -20.62 43.45
C ARG H 124 -34.67 -19.91 44.23
N PRO H 125 -33.43 -20.44 44.20
CA PRO H 125 -32.27 -19.71 44.69
C PRO H 125 -31.87 -18.64 43.68
N ILE H 126 -30.80 -17.89 43.98
CA ILE H 126 -30.42 -16.80 43.10
C ILE H 126 -29.26 -17.23 42.18
N ASP H 127 -29.10 -18.55 42.00
CA ASP H 127 -28.00 -19.13 41.24
C ASP H 127 -27.87 -18.52 39.85
N LEU H 128 -29.00 -18.25 39.16
CA LEU H 128 -28.94 -17.75 37.80
C LEU H 128 -28.49 -16.29 37.73
N HIS H 129 -28.78 -15.49 38.77
CA HIS H 129 -28.24 -14.14 38.88
C HIS H 129 -26.72 -14.19 38.91
N LEU H 130 -26.18 -15.08 39.77
CA LEU H 130 -24.75 -15.18 40.00
C LEU H 130 -24.06 -15.74 38.76
N LYS H 131 -24.69 -16.72 38.09
CA LYS H 131 -24.18 -17.26 36.84
C LYS H 131 -23.98 -16.13 35.83
N GLY H 132 -25.00 -15.27 35.72
CA GLY H 132 -24.94 -14.14 34.82
C GLY H 132 -23.79 -13.19 35.17
N PHE H 133 -23.66 -12.87 36.45
CA PHE H 133 -22.65 -11.90 36.87
C PHE H 133 -21.25 -12.46 36.70
N GLN H 134 -21.05 -13.75 37.00
CA GLN H 134 -19.76 -14.42 36.78
C GLN H 134 -19.41 -14.39 35.30
N ALA H 135 -20.42 -14.61 34.44
CA ALA H 135 -20.20 -14.61 33.00
C ALA H 135 -19.71 -13.24 32.51
N LEU H 136 -20.07 -12.16 33.23
CA LEU H 136 -19.69 -10.80 32.84
C LEU H 136 -18.37 -10.37 33.50
N GLY H 137 -17.77 -11.23 34.31
CA GLY H 137 -16.45 -10.98 34.85
C GLY H 137 -16.44 -10.65 36.34
N ALA H 138 -17.54 -10.94 37.05
CA ALA H 138 -17.66 -10.66 38.46
C ALA H 138 -17.13 -11.84 39.28
N LYS H 139 -16.41 -11.53 40.35
CA LYS H 139 -16.00 -12.48 41.37
C LYS H 139 -17.07 -12.44 42.47
N ILE H 140 -17.45 -13.62 42.99
CA ILE H 140 -18.55 -13.74 43.93
C ILE H 140 -18.05 -14.40 45.21
N ILE H 141 -18.16 -13.69 46.35
CA ILE H 141 -17.86 -14.25 47.67
C ILE H 141 -19.17 -14.32 48.46
N GLN H 142 -19.30 -15.33 49.31
CA GLN H 142 -20.31 -15.36 50.36
C GLN H 142 -19.65 -15.34 51.73
N LYS H 143 -20.11 -14.44 52.63
CA LYS H 143 -19.67 -14.39 54.01
C LYS H 143 -20.82 -13.81 54.82
N ASN H 144 -21.12 -14.39 55.99
CA ASN H 144 -22.10 -13.86 56.95
C ASN H 144 -23.43 -13.55 56.29
N GLY H 145 -23.88 -14.42 55.37
CA GLY H 145 -25.19 -14.26 54.76
C GLY H 145 -25.27 -13.14 53.71
N TYR H 146 -24.13 -12.64 53.24
CA TYR H 146 -24.07 -11.63 52.19
C TYR H 146 -23.45 -12.25 50.94
N ILE H 147 -23.93 -11.81 49.77
CA ILE H 147 -23.23 -12.04 48.52
C ILE H 147 -22.44 -10.78 48.18
N GLU H 148 -21.13 -10.92 48.07
CA GLU H 148 -20.29 -9.81 47.62
C GLU H 148 -19.84 -10.08 46.19
N ALA H 149 -20.22 -9.20 45.26
CA ALA H 149 -19.79 -9.25 43.87
C ALA H 149 -18.84 -8.10 43.59
N ILE H 150 -17.66 -8.42 43.02
CA ILE H 150 -16.65 -7.43 42.63
C ILE H 150 -16.37 -7.61 41.14
N ALA H 151 -16.38 -6.51 40.38
CA ALA H 151 -16.01 -6.55 38.98
C ALA H 151 -15.25 -5.28 38.60
N ASP H 152 -13.93 -5.41 38.37
CA ASP H 152 -13.11 -4.30 37.93
C ASP H 152 -13.60 -3.81 36.58
N GLU H 153 -13.77 -4.76 35.65
CA GLU H 153 -14.31 -4.48 34.33
C GLU H 153 -15.37 -5.53 33.98
N LEU H 154 -16.61 -5.06 33.75
CA LEU H 154 -17.66 -5.89 33.21
C LEU H 154 -17.41 -6.08 31.72
N ILE H 155 -17.43 -7.35 31.26
CA ILE H 155 -17.23 -7.67 29.85
C ILE H 155 -18.37 -8.54 29.34
N GLY H 156 -18.98 -8.07 28.24
CA GLY H 156 -20.07 -8.79 27.61
C GLY H 156 -19.69 -10.22 27.21
N ASN H 157 -20.71 -11.09 27.24
CA ASN H 157 -20.56 -12.52 27.07
C ASN H 157 -21.91 -13.11 26.67
N THR H 158 -21.89 -14.36 26.17
CA THR H 158 -23.12 -15.10 25.93
C THR H 158 -23.49 -15.88 27.19
N ILE H 159 -24.75 -15.74 27.61
CA ILE H 159 -25.26 -16.32 28.83
C ILE H 159 -26.57 -17.04 28.51
N TYR H 160 -26.60 -18.35 28.78
CA TYR H 160 -27.80 -19.14 28.65
C TYR H 160 -28.44 -19.31 30.02
N LEU H 161 -29.72 -18.94 30.14
CA LEU H 161 -30.48 -19.18 31.35
C LEU H 161 -31.19 -20.53 31.27
N ASP H 162 -30.94 -21.39 32.24
CA ASP H 162 -31.52 -22.73 32.32
C ASP H 162 -33.03 -22.63 32.45
N PHE H 163 -33.49 -21.60 33.16
CA PHE H 163 -34.89 -21.25 33.26
C PHE H 163 -35.02 -19.77 32.91
N PRO H 164 -36.10 -19.33 32.24
CA PRO H 164 -36.28 -17.91 31.89
C PRO H 164 -36.73 -17.07 33.09
N SER H 165 -35.81 -16.97 34.08
CA SER H 165 -36.03 -16.25 35.34
C SER H 165 -36.16 -14.76 35.10
N VAL H 166 -37.30 -14.20 35.51
CA VAL H 166 -37.58 -12.76 35.45
C VAL H 166 -36.53 -11.97 36.23
N GLY H 167 -36.27 -12.39 37.46
CA GLY H 167 -35.35 -11.70 38.35
C GLY H 167 -33.91 -11.72 37.84
N ALA H 168 -33.44 -12.89 37.44
CA ALA H 168 -32.10 -13.02 36.91
C ALA H 168 -31.96 -12.21 35.63
N THR H 169 -32.99 -12.25 34.78
CA THR H 169 -32.99 -11.48 33.55
C THR H 169 -32.80 -10.00 33.85
N GLN H 170 -33.58 -9.46 34.81
CA GLN H 170 -33.55 -8.05 35.19
C GLN H 170 -32.19 -7.67 35.73
N ASN H 171 -31.68 -8.47 36.66
CA ASN H 171 -30.42 -8.19 37.33
C ASN H 171 -29.29 -8.15 36.31
N ILE H 172 -29.27 -9.12 35.39
CA ILE H 172 -28.20 -9.24 34.40
C ILE H 172 -28.30 -8.12 33.35
N MET H 173 -29.53 -7.81 32.90
CA MET H 173 -29.66 -6.77 31.91
C MET H 173 -29.07 -5.46 32.44
N MET H 174 -29.30 -5.17 33.72
CA MET H 174 -28.93 -3.89 34.31
C MET H 174 -27.42 -3.80 34.55
N ALA H 175 -26.74 -4.93 34.76
CA ALA H 175 -25.29 -4.95 34.77
C ALA H 175 -24.74 -4.79 33.36
N ALA H 176 -25.35 -5.49 32.39
CA ALA H 176 -24.80 -5.63 31.05
C ALA H 176 -24.90 -4.33 30.24
N VAL H 177 -25.82 -3.43 30.59
CA VAL H 177 -25.99 -2.22 29.81
C VAL H 177 -24.74 -1.34 29.85
N LYS H 178 -23.86 -1.57 30.85
CA LYS H 178 -22.61 -0.82 30.97
C LYS H 178 -21.36 -1.72 30.89
N ALA H 179 -21.52 -2.99 30.49
CA ALA H 179 -20.39 -3.88 30.21
C ALA H 179 -19.76 -3.50 28.87
N LYS H 180 -18.46 -3.81 28.71
CA LYS H 180 -17.78 -3.54 27.44
C LYS H 180 -18.20 -4.61 26.41
N GLY H 181 -18.70 -4.15 25.26
CA GLY H 181 -19.02 -5.04 24.15
C GLY H 181 -20.43 -5.59 24.25
N THR H 182 -20.64 -6.73 23.58
CA THR H 182 -21.95 -7.31 23.39
C THR H 182 -22.22 -8.37 24.44
N THR H 183 -23.45 -8.34 24.98
CA THR H 183 -23.97 -9.38 25.84
C THR H 183 -25.16 -10.00 25.12
N ILE H 184 -25.29 -11.32 25.22
CA ILE H 184 -26.42 -12.02 24.67
C ILE H 184 -26.99 -12.92 25.75
N ILE H 185 -28.28 -12.76 26.05
CA ILE H 185 -28.94 -13.61 27.02
C ILE H 185 -29.89 -14.52 26.26
N GLU H 186 -29.67 -15.84 26.38
CA GLU H 186 -30.48 -16.83 25.69
C GLU H 186 -31.40 -17.48 26.70
N ASN H 187 -32.66 -17.67 26.29
CA ASN H 187 -33.75 -18.16 27.14
C ASN H 187 -34.04 -17.12 28.22
N VAL H 188 -34.06 -15.84 27.82
CA VAL H 188 -34.49 -14.73 28.70
C VAL H 188 -35.95 -14.86 29.07
N ALA H 189 -36.31 -14.22 30.18
CA ALA H 189 -37.69 -13.91 30.50
C ALA H 189 -38.29 -12.98 29.45
N ARG H 190 -39.55 -13.26 29.08
CA ARG H 190 -40.24 -12.61 27.99
C ARG H 190 -41.41 -11.78 28.53
N GLU H 191 -41.56 -11.72 29.87
CA GLU H 191 -42.68 -11.06 30.52
C GLU H 191 -42.76 -9.58 30.13
N PRO H 192 -43.98 -8.97 30.09
CA PRO H 192 -44.14 -7.54 29.74
C PRO H 192 -43.37 -6.53 30.61
N GLU H 193 -43.05 -6.94 31.84
CA GLU H 193 -42.28 -6.15 32.78
C GLU H 193 -40.83 -5.98 32.30
N ILE H 194 -40.30 -7.02 31.65
CA ILE H 194 -38.98 -7.01 31.05
C ILE H 194 -38.97 -5.97 29.92
N VAL H 195 -40.07 -5.92 29.15
CA VAL H 195 -40.18 -4.98 28.04
C VAL H 195 -40.18 -3.56 28.58
N ASP H 196 -40.90 -3.31 29.69
CA ASP H 196 -41.01 -1.96 30.22
C ASP H 196 -39.65 -1.53 30.77
N LEU H 197 -38.96 -2.44 31.45
CA LEU H 197 -37.60 -2.18 31.93
C LEU H 197 -36.67 -1.85 30.76
N ALA H 198 -36.73 -2.64 29.68
CA ALA H 198 -35.90 -2.40 28.51
C ALA H 198 -36.21 -1.02 27.92
N ASN H 199 -37.49 -0.65 27.93
CA ASN H 199 -37.94 0.58 27.30
C ASN H 199 -37.35 1.78 28.05
N ILE H 200 -37.27 1.72 29.38
CA ILE H 200 -36.71 2.84 30.13
C ILE H 200 -35.19 2.87 29.98
N LEU H 201 -34.53 1.72 30.08
CA LEU H 201 -33.09 1.65 29.88
C LEU H 201 -32.69 2.27 28.53
N ASN H 202 -33.46 1.98 27.48
CA ASN H 202 -33.18 2.52 26.16
C ASN H 202 -33.28 4.04 26.14
N LYS H 203 -34.30 4.59 26.82
CA LYS H 203 -34.47 6.03 26.92
C LYS H 203 -33.31 6.66 27.69
N MET H 204 -32.76 5.92 28.65
CA MET H 204 -31.67 6.38 29.49
C MET H 204 -30.34 6.38 28.74
N GLY H 205 -30.32 5.83 27.51
CA GLY H 205 -29.14 5.85 26.66
C GLY H 205 -28.56 4.46 26.39
N ALA H 206 -29.21 3.40 26.92
CA ALA H 206 -28.73 2.04 26.76
C ALA H 206 -29.11 1.50 25.39
N GLN H 207 -28.58 0.30 25.05
CA GLN H 207 -28.89 -0.35 23.79
C GLN H 207 -29.31 -1.80 24.03
N VAL H 208 -30.61 -2.00 24.27
CA VAL H 208 -31.18 -3.31 24.56
C VAL H 208 -32.12 -3.69 23.41
N TYR H 209 -31.80 -4.82 22.75
CA TYR H 209 -32.56 -5.31 21.61
C TYR H 209 -33.23 -6.64 21.99
N GLY H 210 -34.43 -6.88 21.46
CA GLY H 210 -35.07 -8.18 21.52
C GLY H 210 -35.81 -8.44 22.82
N ALA H 211 -36.12 -7.39 23.61
CA ALA H 211 -36.90 -7.57 24.82
C ALA H 211 -38.29 -8.08 24.44
N GLY H 212 -38.74 -9.14 25.13
CA GLY H 212 -40.00 -9.80 24.84
C GLY H 212 -39.85 -10.99 23.88
N THR H 213 -38.67 -11.15 23.27
CA THR H 213 -38.35 -12.28 22.42
C THR H 213 -37.46 -13.26 23.20
N GLU H 214 -37.08 -14.36 22.53
CA GLU H 214 -36.36 -15.49 23.11
C GLU H 214 -34.91 -15.11 23.44
N THR H 215 -34.37 -14.16 22.67
CA THR H 215 -32.98 -13.74 22.76
C THR H 215 -32.91 -12.23 22.93
N MET H 216 -32.11 -11.81 23.91
CA MET H 216 -31.90 -10.40 24.18
C MET H 216 -30.44 -10.08 23.89
N ARG H 217 -30.20 -8.94 23.20
CA ARG H 217 -28.87 -8.50 22.84
C ARG H 217 -28.63 -7.10 23.41
N ILE H 218 -27.51 -6.95 24.13
CA ILE H 218 -27.21 -5.69 24.78
C ILE H 218 -25.83 -5.22 24.35
N GLU H 219 -25.78 -3.97 23.87
CA GLU H 219 -24.52 -3.30 23.54
C GLU H 219 -24.20 -2.31 24.66
N GLY H 220 -23.03 -2.50 25.29
CA GLY H 220 -22.65 -1.69 26.43
C GLY H 220 -22.42 -0.24 26.04
N VAL H 221 -22.66 0.68 27.00
CA VAL H 221 -22.45 2.10 26.82
C VAL H 221 -21.72 2.64 28.04
N ASP H 222 -21.13 3.84 27.89
CA ASP H 222 -20.31 4.46 28.92
C ASP H 222 -21.20 5.17 29.95
N HIS H 223 -22.24 5.87 29.47
CA HIS H 223 -23.01 6.77 30.31
C HIS H 223 -24.50 6.59 30.05
N LEU H 224 -25.27 6.64 31.16
CA LEU H 224 -26.72 6.65 31.14
C LEU H 224 -27.22 7.90 31.86
N HIS H 225 -28.30 8.50 31.36
CA HIS H 225 -28.88 9.71 31.91
C HIS H 225 -30.29 9.43 32.44
N ALA H 226 -30.83 10.35 33.24
CA ALA H 226 -32.15 10.22 33.85
C ALA H 226 -33.24 10.65 32.86
N VAL H 227 -34.44 10.07 33.01
CA VAL H 227 -35.56 10.28 32.12
C VAL H 227 -36.87 10.33 32.92
N ASN H 228 -37.96 10.74 32.25
CA ASN H 228 -39.31 10.55 32.75
C ASN H 228 -39.88 9.25 32.16
N HIS H 229 -40.56 8.45 32.98
CA HIS H 229 -41.18 7.22 32.52
C HIS H 229 -42.47 6.96 33.30
N SER H 230 -43.51 6.54 32.57
CA SER H 230 -44.77 6.09 33.13
CA SER H 230 -44.77 6.09 33.13
C SER H 230 -44.78 4.56 33.20
N ILE H 231 -44.96 4.01 34.40
CA ILE H 231 -44.98 2.56 34.59
C ILE H 231 -46.18 1.97 33.83
N VAL H 232 -45.96 0.84 33.18
CA VAL H 232 -47.02 0.11 32.49
C VAL H 232 -48.10 -0.31 33.49
N GLN H 233 -49.36 -0.39 33.03
CA GLN H 233 -50.46 -0.89 33.83
C GLN H 233 -50.15 -2.27 34.39
N ASP H 234 -50.63 -2.56 35.61
CA ASP H 234 -50.48 -3.85 36.27
C ASP H 234 -51.45 -4.88 35.67
N ARG H 235 -50.91 -5.86 34.94
CA ARG H 235 -51.72 -6.85 34.23
C ARG H 235 -52.35 -7.83 35.21
N ILE H 236 -51.73 -8.00 36.39
CA ILE H 236 -52.22 -8.91 37.41
C ILE H 236 -53.37 -8.27 38.20
N GLU H 237 -53.28 -6.97 38.54
CA GLU H 237 -54.40 -6.29 39.15
C GLU H 237 -55.56 -6.31 38.16
N ALA H 238 -55.29 -5.95 36.90
CA ALA H 238 -56.29 -6.01 35.84
C ALA H 238 -56.96 -7.39 35.81
N GLY H 239 -56.14 -8.44 35.76
CA GLY H 239 -56.62 -9.80 35.63
C GLY H 239 -57.48 -10.22 36.81
N THR H 240 -57.11 -9.75 38.00
CA THR H 240 -57.86 -10.02 39.22
C THR H 240 -59.30 -9.52 39.08
N PHE H 241 -59.47 -8.33 38.49
CA PHE H 241 -60.80 -7.75 38.31
C PHE H 241 -61.56 -8.46 37.19
N MET H 242 -60.84 -8.96 36.18
CA MET H 242 -61.43 -9.74 35.11
C MET H 242 -62.09 -11.00 35.69
N VAL H 243 -61.38 -11.68 36.60
CA VAL H 243 -61.89 -12.87 37.26
C VAL H 243 -63.12 -12.52 38.11
N ALA H 244 -63.06 -11.39 38.83
CA ALA H 244 -64.15 -10.98 39.70
C ALA H 244 -65.44 -10.77 38.91
N ALA H 245 -65.31 -10.08 37.76
CA ALA H 245 -66.42 -9.87 36.85
C ALA H 245 -66.95 -11.20 36.31
N ALA H 246 -66.03 -12.11 35.95
CA ALA H 246 -66.42 -13.36 35.30
C ALA H 246 -67.15 -14.28 36.27
N MET H 247 -66.90 -14.16 37.58
CA MET H 247 -67.47 -15.09 38.53
C MET H 247 -68.73 -14.53 39.20
N THR H 248 -69.11 -13.28 38.92
CA THR H 248 -70.25 -12.67 39.62
C THR H 248 -71.36 -12.28 38.64
N GLN H 249 -71.42 -12.93 37.45
CA GLN H 249 -72.29 -12.50 36.36
C GLN H 249 -72.14 -10.99 36.12
N GLY H 250 -70.90 -10.50 36.14
CA GLY H 250 -70.65 -9.08 36.14
C GLY H 250 -70.63 -8.50 34.73
N ASN H 251 -70.50 -7.17 34.67
CA ASN H 251 -70.25 -6.43 33.45
C ASN H 251 -69.33 -5.27 33.83
N VAL H 252 -68.02 -5.48 33.65
CA VAL H 252 -67.00 -4.61 34.18
C VAL H 252 -66.05 -4.22 33.06
N LEU H 253 -65.80 -2.92 32.92
CA LEU H 253 -64.78 -2.40 32.02
C LEU H 253 -63.50 -2.17 32.82
N ILE H 254 -62.41 -2.84 32.42
CA ILE H 254 -61.11 -2.58 33.01
C ILE H 254 -60.45 -1.50 32.16
N ALA H 255 -60.37 -0.29 32.72
CA ALA H 255 -59.98 0.91 31.99
C ALA H 255 -58.56 0.76 31.47
N ASP H 256 -58.40 0.98 30.15
CA ASP H 256 -57.13 1.01 29.45
C ASP H 256 -56.33 -0.29 29.58
N ALA H 257 -57.05 -1.40 29.73
CA ALA H 257 -56.41 -2.71 29.87
C ALA H 257 -55.75 -3.11 28.56
N ILE H 258 -54.54 -3.67 28.68
CA ILE H 258 -53.74 -4.15 27.55
C ILE H 258 -53.98 -5.65 27.42
N SER H 259 -54.76 -6.02 26.41
CA SER H 259 -55.26 -7.39 26.29
C SER H 259 -54.13 -8.35 25.93
N GLU H 260 -53.10 -7.84 25.21
CA GLU H 260 -51.95 -8.66 24.81
C GLU H 260 -51.14 -9.07 26.04
N HIS H 261 -51.35 -8.41 27.18
CA HIS H 261 -50.71 -8.80 28.44
C HIS H 261 -51.54 -9.81 29.23
N ASN H 262 -52.75 -10.19 28.76
CA ASN H 262 -53.53 -11.23 29.39
C ASN H 262 -54.15 -12.17 28.32
N ARG H 263 -53.37 -12.63 27.32
CA ARG H 263 -53.92 -13.50 26.31
C ARG H 263 -54.38 -14.82 26.95
N PRO H 264 -53.54 -15.49 27.79
CA PRO H 264 -53.95 -16.72 28.46
C PRO H 264 -55.21 -16.61 29.31
N LEU H 265 -55.25 -15.63 30.23
CA LEU H 265 -56.38 -15.46 31.13
C LEU H 265 -57.67 -15.16 30.36
N ILE H 266 -57.59 -14.26 29.37
CA ILE H 266 -58.76 -13.93 28.56
C ILE H 266 -59.30 -15.18 27.87
N SER H 267 -58.41 -15.97 27.26
CA SER H 267 -58.80 -17.19 26.55
C SER H 267 -59.46 -18.17 27.51
N LYS H 268 -58.88 -18.34 28.70
CA LYS H 268 -59.40 -19.31 29.66
C LYS H 268 -60.76 -18.86 30.22
N LEU H 269 -60.92 -17.56 30.49
CA LEU H 269 -62.19 -17.07 31.00
C LEU H 269 -63.28 -17.22 29.95
N ILE H 270 -62.96 -17.01 28.67
CA ILE H 270 -63.88 -17.27 27.57
C ILE H 270 -64.24 -18.76 27.51
N GLU H 271 -63.29 -19.66 27.76
CA GLU H 271 -63.60 -21.09 27.83
C GLU H 271 -64.57 -21.39 28.97
N MET H 272 -64.58 -20.57 30.02
CA MET H 272 -65.45 -20.76 31.18
C MET H 272 -66.81 -20.11 30.96
N GLY H 273 -66.97 -19.37 29.85
CA GLY H 273 -68.25 -18.87 29.44
C GLY H 273 -68.33 -17.34 29.39
N ALA H 274 -67.25 -16.65 29.80
CA ALA H 274 -67.24 -15.20 29.82
C ALA H 274 -67.21 -14.67 28.38
N GLU H 275 -67.77 -13.47 28.21
CA GLU H 275 -67.68 -12.71 26.98
C GLU H 275 -66.75 -11.53 27.27
N ILE H 276 -65.68 -11.40 26.48
CA ILE H 276 -64.64 -10.41 26.75
C ILE H 276 -64.34 -9.64 25.47
N ILE H 277 -64.43 -8.30 25.54
CA ILE H 277 -64.55 -7.42 24.38
C ILE H 277 -63.50 -6.32 24.53
N GLU H 278 -62.69 -6.11 23.48
CA GLU H 278 -61.79 -4.96 23.44
C GLU H 278 -62.60 -3.74 22.97
N GLU H 279 -62.57 -2.66 23.77
CA GLU H 279 -63.26 -1.42 23.47
C GLU H 279 -62.25 -0.28 23.42
N GLU H 280 -62.64 0.90 22.91
CA GLU H 280 -61.76 2.06 22.95
C GLU H 280 -61.23 2.30 24.37
N GLY H 281 -62.10 2.14 25.39
CA GLY H 281 -61.81 2.51 26.75
C GLY H 281 -61.17 1.41 27.60
N GLY H 282 -61.09 0.18 27.08
CA GLY H 282 -60.42 -0.91 27.77
C GLY H 282 -61.02 -2.27 27.41
N VAL H 283 -60.93 -3.23 28.34
CA VAL H 283 -61.42 -4.58 28.13
C VAL H 283 -62.65 -4.81 29.01
N ARG H 284 -63.77 -5.16 28.39
CA ARG H 284 -65.01 -5.43 29.10
C ARG H 284 -65.15 -6.93 29.32
N VAL H 285 -65.48 -7.33 30.56
CA VAL H 285 -65.72 -8.72 30.91
C VAL H 285 -67.17 -8.87 31.35
N ILE H 286 -67.90 -9.79 30.69
CA ILE H 286 -69.27 -10.10 31.05
C ILE H 286 -69.31 -11.55 31.51
N GLY H 287 -69.65 -11.76 32.79
CA GLY H 287 -69.67 -13.08 33.40
C GLY H 287 -70.90 -13.88 32.97
N PRO H 288 -70.77 -15.19 32.71
CA PRO H 288 -71.89 -16.01 32.26
C PRO H 288 -72.82 -16.42 33.39
N LYS H 289 -74.03 -16.86 33.05
CA LYS H 289 -74.95 -17.38 34.04
C LYS H 289 -74.44 -18.73 34.54
N HIS H 290 -73.88 -19.54 33.64
CA HIS H 290 -73.30 -20.84 33.99
C HIS H 290 -71.80 -20.82 33.75
N ILE H 291 -71.04 -20.83 34.85
CA ILE H 291 -69.58 -20.88 34.80
C ILE H 291 -69.17 -22.32 34.52
N LEU H 292 -68.41 -22.52 33.43
CA LEU H 292 -68.00 -23.84 32.97
C LEU H 292 -66.60 -24.16 33.46
N PRO H 293 -66.31 -25.43 33.85
CA PRO H 293 -64.96 -25.80 34.28
C PRO H 293 -63.94 -25.70 33.16
N THR H 294 -62.67 -25.51 33.54
CA THR H 294 -61.54 -25.51 32.62
C THR H 294 -60.29 -25.91 33.40
N ASP H 295 -59.29 -26.46 32.72
CA ASP H 295 -58.00 -26.78 33.34
C ASP H 295 -57.00 -25.69 33.01
N VAL H 296 -56.05 -25.48 33.92
CA VAL H 296 -55.12 -24.38 33.84
C VAL H 296 -53.73 -24.92 34.14
N LYS H 297 -52.74 -24.51 33.34
CA LYS H 297 -51.35 -24.85 33.60
C LYS H 297 -50.51 -23.57 33.58
N THR H 298 -49.83 -23.27 34.68
CA THR H 298 -48.95 -22.12 34.74
C THR H 298 -47.61 -22.45 34.08
N MET H 299 -47.03 -21.43 33.44
CA MET H 299 -45.76 -21.52 32.74
C MET H 299 -45.17 -20.13 32.66
N PRO H 300 -43.85 -20.01 32.38
CA PRO H 300 -43.29 -18.74 31.97
C PRO H 300 -44.08 -18.12 30.82
N HIS H 301 -44.14 -16.80 30.79
CA HIS H 301 -44.71 -16.09 29.65
C HIS H 301 -44.08 -16.64 28.38
N PRO H 302 -44.84 -16.92 27.28
CA PRO H 302 -46.26 -16.55 27.12
C PRO H 302 -47.37 -17.51 27.56
N GLY H 303 -47.04 -18.48 28.41
CA GLY H 303 -48.06 -19.33 29.02
C GLY H 303 -48.82 -18.62 30.16
N PHE H 304 -49.67 -19.38 30.85
CA PHE H 304 -50.59 -18.82 31.82
C PHE H 304 -49.78 -18.36 33.03
N PRO H 305 -49.91 -17.07 33.46
CA PRO H 305 -49.09 -16.52 34.54
C PRO H 305 -49.40 -17.10 35.91
N THR H 306 -48.35 -17.52 36.63
CA THR H 306 -48.50 -18.03 37.98
C THR H 306 -49.13 -16.96 38.88
N ASP H 307 -48.86 -15.67 38.63
CA ASP H 307 -49.40 -14.61 39.45
C ASP H 307 -50.92 -14.47 39.32
N MET H 308 -51.55 -15.14 38.35
CA MET H 308 -53.02 -15.19 38.20
C MET H 308 -53.60 -16.50 38.73
N GLN H 309 -52.77 -17.48 39.09
CA GLN H 309 -53.22 -18.81 39.47
C GLN H 309 -54.18 -18.78 40.66
N ALA H 310 -53.81 -18.15 41.79
CA ALA H 310 -54.66 -18.19 42.98
C ALA H 310 -56.04 -17.62 42.68
N GLN H 311 -56.07 -16.44 42.04
CA GLN H 311 -57.32 -15.79 41.66
C GLN H 311 -58.15 -16.73 40.77
N MET H 312 -57.48 -17.43 39.84
CA MET H 312 -58.16 -18.30 38.90
C MET H 312 -58.77 -19.52 39.61
N THR H 313 -58.14 -20.02 40.68
CA THR H 313 -58.69 -21.16 41.41
C THR H 313 -60.03 -20.79 42.05
N ALA H 314 -60.20 -19.50 42.40
CA ALA H 314 -61.42 -19.02 43.00
C ALA H 314 -62.60 -19.21 42.05
N ILE H 315 -62.43 -18.87 40.75
CA ILE H 315 -63.49 -19.04 39.78
C ILE H 315 -63.64 -20.51 39.42
N GLN H 316 -62.53 -21.28 39.38
CA GLN H 316 -62.60 -22.71 39.11
C GLN H 316 -63.41 -23.43 40.19
N LEU H 317 -63.34 -22.95 41.43
CA LEU H 317 -64.01 -23.58 42.55
C LEU H 317 -65.51 -23.30 42.59
N VAL H 318 -66.04 -22.42 41.73
CA VAL H 318 -67.48 -22.21 41.63
C VAL H 318 -68.01 -22.62 40.26
N ALA H 319 -67.13 -23.16 39.41
CA ALA H 319 -67.54 -23.65 38.10
C ALA H 319 -68.35 -24.94 38.25
N GLU H 320 -69.20 -25.23 37.25
CA GLU H 320 -70.16 -26.32 37.32
C GLU H 320 -69.53 -27.62 36.82
N GLY H 321 -68.63 -28.18 37.65
CA GLY H 321 -67.90 -29.41 37.34
C GLY H 321 -66.53 -29.43 37.99
N THR H 322 -65.68 -30.36 37.52
CA THR H 322 -64.35 -30.57 38.06
C THR H 322 -63.32 -29.85 37.19
N SER H 323 -62.41 -29.10 37.82
CA SER H 323 -61.34 -28.37 37.14
C SER H 323 -60.00 -28.79 37.75
N VAL H 324 -58.94 -28.72 36.95
CA VAL H 324 -57.60 -29.08 37.41
C VAL H 324 -56.67 -27.89 37.19
N VAL H 325 -55.78 -27.64 38.15
CA VAL H 325 -54.75 -26.62 37.98
C VAL H 325 -53.42 -27.28 38.25
N THR H 326 -52.43 -26.90 37.44
CA THR H 326 -51.08 -27.42 37.54
C THR H 326 -50.14 -26.25 37.64
N GLU H 327 -49.38 -26.19 38.74
CA GLU H 327 -48.47 -25.08 39.00
C GLU H 327 -47.04 -25.55 38.73
N THR H 328 -46.44 -25.08 37.63
CA THR H 328 -45.10 -25.53 37.22
C THR H 328 -44.03 -24.47 37.52
N VAL H 329 -44.40 -23.32 38.09
CA VAL H 329 -43.43 -22.26 38.30
C VAL H 329 -43.03 -22.16 39.78
N PHE H 330 -43.95 -22.46 40.70
CA PHE H 330 -43.68 -22.40 42.13
C PHE H 330 -44.04 -23.73 42.77
N GLU H 331 -43.32 -24.05 43.84
CA GLU H 331 -43.40 -25.37 44.46
C GLU H 331 -44.61 -25.45 45.40
N ASN H 332 -44.89 -24.35 46.12
CA ASN H 332 -45.84 -24.39 47.20
C ASN H 332 -46.79 -23.18 47.16
N ARG H 333 -47.54 -23.06 46.07
CA ARG H 333 -48.43 -21.93 45.86
C ARG H 333 -49.88 -22.40 45.79
N PHE H 334 -50.25 -23.36 46.67
CA PHE H 334 -51.62 -23.83 46.80
C PHE H 334 -52.14 -23.67 48.24
N GLN H 335 -51.46 -22.86 49.06
CA GLN H 335 -51.83 -22.77 50.48
C GLN H 335 -53.19 -22.10 50.65
N HIS H 336 -53.56 -21.22 49.72
CA HIS H 336 -54.89 -20.63 49.71
C HIS H 336 -55.98 -21.70 49.60
N LEU H 337 -55.74 -22.75 48.82
CA LEU H 337 -56.72 -23.82 48.68
C LEU H 337 -56.85 -24.60 49.99
N GLU H 338 -55.75 -24.73 50.75
CA GLU H 338 -55.82 -25.35 52.07
C GLU H 338 -56.75 -24.54 52.97
N GLU H 339 -56.68 -23.20 52.91
CA GLU H 339 -57.52 -22.34 53.73
C GLU H 339 -58.97 -22.41 53.28
N MET H 340 -59.20 -22.47 51.97
CA MET H 340 -60.55 -22.41 51.40
C MET H 340 -61.34 -23.66 51.73
N ARG H 341 -60.71 -24.67 52.34
CA ARG H 341 -61.44 -25.79 52.90
C ARG H 341 -62.35 -25.31 54.03
N ARG H 342 -61.93 -24.25 54.73
CA ARG H 342 -62.75 -23.60 55.75
C ARG H 342 -64.03 -23.02 55.15
N MET H 343 -63.96 -22.65 53.86
CA MET H 343 -65.09 -22.13 53.12
C MET H 343 -65.82 -23.25 52.35
N ASN H 344 -65.58 -24.51 52.73
CA ASN H 344 -66.25 -25.69 52.16
C ASN H 344 -65.79 -25.98 50.73
N ALA H 345 -64.61 -25.51 50.33
CA ALA H 345 -64.05 -25.87 49.04
C ALA H 345 -63.67 -27.35 49.03
N HIS H 346 -64.18 -28.08 48.01
CA HIS H 346 -63.79 -29.46 47.77
C HIS H 346 -62.62 -29.52 46.80
N VAL H 347 -61.42 -29.80 47.30
CA VAL H 347 -60.21 -29.77 46.52
C VAL H 347 -59.26 -30.85 47.02
N LYS H 348 -58.61 -31.57 46.09
CA LYS H 348 -57.57 -32.54 46.42
C LYS H 348 -56.26 -32.04 45.83
N ILE H 349 -55.20 -32.07 46.65
CA ILE H 349 -53.89 -31.57 46.25
C ILE H 349 -52.90 -32.73 46.29
N ASP H 350 -52.05 -32.85 45.26
CA ASP H 350 -50.96 -33.81 45.26
C ASP H 350 -49.82 -33.22 44.42
N GLY H 351 -48.71 -32.93 45.08
CA GLY H 351 -47.59 -32.27 44.44
C GLY H 351 -48.03 -30.92 43.91
N ASN H 352 -47.88 -30.74 42.59
CA ASN H 352 -48.14 -29.44 41.99
C ASN H 352 -49.42 -29.49 41.14
N VAL H 353 -50.32 -30.41 41.48
CA VAL H 353 -51.65 -30.53 40.87
C VAL H 353 -52.73 -30.34 41.94
N ALA H 354 -53.82 -29.67 41.58
CA ALA H 354 -54.96 -29.52 42.47
C ALA H 354 -56.23 -29.76 41.67
N ILE H 355 -57.17 -30.48 42.30
CA ILE H 355 -58.36 -30.99 41.64
C ILE H 355 -59.57 -30.42 42.37
N MET H 356 -60.34 -29.57 41.69
CA MET H 356 -61.37 -28.77 42.34
C MET H 356 -62.74 -29.20 41.84
N ASP H 357 -63.62 -29.53 42.78
CA ASP H 357 -65.00 -29.90 42.48
C ASP H 357 -65.90 -28.72 42.87
N GLY H 358 -66.43 -28.02 41.88
CA GLY H 358 -67.18 -26.79 42.09
C GLY H 358 -68.68 -26.99 42.22
N ASN H 359 -69.15 -28.24 42.32
CA ASN H 359 -70.57 -28.52 42.52
C ASN H 359 -70.87 -28.57 44.01
N HIS H 360 -70.42 -27.52 44.72
CA HIS H 360 -70.66 -27.35 46.15
C HIS H 360 -70.72 -25.85 46.41
N GLU H 361 -71.61 -25.39 47.29
CA GLU H 361 -71.67 -23.98 47.64
C GLU H 361 -70.51 -23.65 48.58
N LEU H 362 -69.82 -22.54 48.28
CA LEU H 362 -68.86 -21.96 49.20
C LEU H 362 -69.60 -21.33 50.38
N GLN H 363 -68.92 -21.33 51.52
CA GLN H 363 -69.48 -20.85 52.77
C GLN H 363 -68.55 -19.81 53.37
N GLY H 364 -69.09 -18.69 53.83
CA GLY H 364 -68.31 -17.70 54.56
C GLY H 364 -67.66 -18.29 55.81
N ALA H 365 -66.42 -17.85 56.06
CA ALA H 365 -65.68 -18.22 57.26
C ALA H 365 -64.55 -17.21 57.47
N GLU H 366 -63.98 -17.18 58.69
CA GLU H 366 -62.74 -16.46 58.95
C GLU H 366 -61.60 -17.21 58.26
N VAL H 367 -60.81 -16.51 57.44
CA VAL H 367 -59.71 -17.11 56.69
C VAL H 367 -58.50 -16.17 56.70
N TYR H 368 -57.30 -16.75 56.85
CA TYR H 368 -56.04 -16.02 56.91
C TYR H 368 -55.28 -16.18 55.59
N ALA H 369 -54.93 -15.05 54.97
CA ALA H 369 -54.06 -15.06 53.80
C ALA H 369 -52.64 -15.49 54.20
N THR H 370 -51.94 -16.10 53.23
CA THR H 370 -50.60 -16.65 53.39
C THR H 370 -49.59 -15.91 52.51
N ASP H 371 -50.10 -15.17 51.51
CA ASP H 371 -49.26 -14.45 50.57
C ASP H 371 -50.15 -13.49 49.79
N LEU H 372 -49.51 -12.61 49.01
CA LEU H 372 -50.19 -11.55 48.28
C LEU H 372 -51.42 -12.04 47.51
N ARG H 373 -51.24 -13.01 46.59
CA ARG H 373 -52.32 -13.36 45.67
C ARG H 373 -53.34 -14.26 46.34
N ALA H 374 -52.92 -15.01 47.36
CA ALA H 374 -53.86 -15.77 48.17
C ALA H 374 -54.88 -14.82 48.82
N ALA H 375 -54.42 -13.65 49.28
CA ALA H 375 -55.31 -12.68 49.92
C ALA H 375 -56.41 -12.25 48.93
N ALA H 376 -56.02 -11.93 47.70
CA ALA H 376 -56.97 -11.53 46.67
C ALA H 376 -57.93 -12.67 46.36
N ALA H 377 -57.41 -13.91 46.30
CA ALA H 377 -58.21 -15.07 45.94
C ALA H 377 -59.31 -15.32 46.97
N LEU H 378 -58.98 -15.15 48.26
CA LEU H 378 -59.93 -15.34 49.35
C LEU H 378 -61.06 -14.30 49.31
N VAL H 379 -60.73 -13.06 48.93
CA VAL H 379 -61.72 -12.00 48.78
C VAL H 379 -62.66 -12.35 47.63
N LEU H 380 -62.09 -12.76 46.47
CA LEU H 380 -62.88 -13.17 45.32
C LEU H 380 -63.80 -14.34 45.68
N ALA H 381 -63.31 -15.31 46.44
CA ALA H 381 -64.13 -16.45 46.85
C ALA H 381 -65.30 -15.95 47.69
N GLY H 382 -65.03 -14.93 48.53
CA GLY H 382 -66.05 -14.30 49.35
C GLY H 382 -67.21 -13.74 48.53
N LEU H 383 -66.92 -13.25 47.32
CA LEU H 383 -67.92 -12.67 46.42
C LEU H 383 -68.99 -13.69 46.02
N LYS H 384 -68.64 -14.99 46.11
CA LYS H 384 -69.53 -16.06 45.69
C LYS H 384 -69.91 -16.96 46.86
N ALA H 385 -69.34 -16.74 48.04
CA ALA H 385 -69.66 -17.57 49.18
C ALA H 385 -70.99 -17.11 49.76
N ASN H 386 -71.66 -18.05 50.43
CA ASN H 386 -72.89 -17.75 51.11
C ASN H 386 -72.53 -17.46 52.57
N GLY H 387 -73.02 -16.34 53.11
CA GLY H 387 -72.73 -15.94 54.48
C GLY H 387 -71.71 -14.81 54.49
N ILE H 388 -70.89 -14.76 55.54
CA ILE H 388 -69.93 -13.67 55.72
C ILE H 388 -68.52 -14.27 55.71
N THR H 389 -67.67 -13.76 54.82
CA THR H 389 -66.26 -14.12 54.77
C THR H 389 -65.45 -12.99 55.40
N ARG H 390 -64.47 -13.33 56.25
CA ARG H 390 -63.59 -12.34 56.87
C ARG H 390 -62.14 -12.69 56.55
N VAL H 391 -61.47 -11.87 55.73
CA VAL H 391 -60.13 -12.15 55.26
C VAL H 391 -59.12 -11.37 56.10
N ARG H 392 -58.13 -12.09 56.67
CA ARG H 392 -57.12 -11.49 57.53
C ARG H 392 -55.72 -11.69 56.93
N ASN H 393 -54.71 -11.10 57.60
CA ASN H 393 -53.35 -10.92 57.09
C ASN H 393 -53.37 -10.04 55.84
N LEU H 394 -53.96 -8.84 55.94
CA LEU H 394 -54.03 -7.88 54.85
C LEU H 394 -52.69 -7.20 54.61
N ASN H 395 -51.70 -7.43 55.49
CA ASN H 395 -50.34 -7.02 55.21
C ASN H 395 -49.91 -7.61 53.85
N TYR H 396 -50.34 -8.86 53.52
CA TYR H 396 -49.98 -9.48 52.25
C TYR H 396 -50.67 -8.78 51.09
N LEU H 397 -51.96 -8.44 51.25
CA LEU H 397 -52.72 -7.78 50.19
C LEU H 397 -52.08 -6.45 49.82
N ASP H 398 -51.63 -5.68 50.83
CA ASP H 398 -51.15 -4.32 50.62
C ASP H 398 -49.80 -4.30 49.87
N ARG H 399 -49.14 -5.46 49.77
CA ARG H 399 -47.89 -5.55 49.04
C ARG H 399 -48.12 -5.38 47.54
N GLY H 400 -49.32 -5.71 47.06
CA GLY H 400 -49.59 -5.73 45.64
C GLY H 400 -50.90 -5.10 45.19
N TYR H 401 -51.83 -4.75 46.10
CA TYR H 401 -53.09 -4.15 45.68
C TYR H 401 -53.32 -2.87 46.49
N TYR H 402 -53.66 -1.78 45.78
CA TYR H 402 -53.97 -0.51 46.40
C TYR H 402 -55.48 -0.31 46.34
N ASN H 403 -56.11 -0.13 47.53
CA ASN H 403 -57.51 0.20 47.64
C ASN H 403 -58.39 -0.88 47.02
N PHE H 404 -58.07 -2.15 47.31
CA PHE H 404 -58.77 -3.26 46.69
C PHE H 404 -60.26 -3.20 47.03
N HIS H 405 -60.55 -3.00 48.33
CA HIS H 405 -61.92 -2.99 48.84
C HIS H 405 -62.72 -1.84 48.24
N ILE H 406 -62.09 -0.67 48.04
CA ILE H 406 -62.80 0.49 47.53
C ILE H 406 -63.18 0.29 46.07
N LYS H 407 -62.24 -0.25 45.27
CA LYS H 407 -62.51 -0.52 43.86
C LYS H 407 -63.63 -1.55 43.71
N LEU H 408 -63.67 -2.54 44.61
CA LEU H 408 -64.73 -3.53 44.61
C LEU H 408 -66.07 -2.91 45.03
N GLN H 409 -66.07 -2.04 46.06
CA GLN H 409 -67.28 -1.34 46.48
C GLN H 409 -67.85 -0.54 45.31
N GLN H 410 -66.98 0.16 44.58
CA GLN H 410 -67.42 0.99 43.48
C GLN H 410 -68.02 0.17 42.35
N LEU H 411 -67.79 -1.15 42.33
CA LEU H 411 -68.38 -2.03 41.32
C LEU H 411 -69.65 -2.71 41.84
N GLY H 412 -70.09 -2.37 43.06
CA GLY H 412 -71.33 -2.90 43.60
C GLY H 412 -71.13 -4.06 44.57
N ALA H 413 -69.87 -4.38 44.91
CA ALA H 413 -69.57 -5.48 45.80
C ALA H 413 -69.76 -5.06 47.25
N ASP H 414 -70.17 -6.04 48.07
CA ASP H 414 -70.39 -5.81 49.50
C ASP H 414 -69.12 -6.21 50.24
N VAL H 415 -68.17 -5.25 50.28
CA VAL H 415 -66.84 -5.45 50.81
C VAL H 415 -66.48 -4.25 51.70
N GLU H 416 -66.08 -4.51 52.95
CA GLU H 416 -65.67 -3.46 53.88
C GLU H 416 -64.29 -3.83 54.42
N ARG H 417 -63.48 -2.83 54.78
CA ARG H 417 -62.23 -3.06 55.48
C ARG H 417 -62.28 -2.32 56.82
N VAL H 418 -62.10 -3.05 57.93
CA VAL H 418 -62.45 -2.58 59.26
C VAL H 418 -61.42 -3.07 60.26
N ASP H 419 -61.38 -2.44 61.45
CA ASP H 419 -60.52 -2.88 62.53
C ASP H 419 -61.15 -4.07 63.26
N MET H 420 -60.31 -4.87 63.91
CA MET H 420 -60.72 -5.89 64.86
C MET H 420 -60.40 -5.38 66.27
N MET I 1 21.05 -5.87 -27.91
CA MET I 1 19.64 -6.09 -28.26
C MET I 1 19.18 -5.27 -29.47
N GLU I 2 20.07 -4.82 -30.39
CA GLU I 2 19.66 -4.35 -31.71
C GLU I 2 20.08 -5.31 -32.84
N GLU I 3 19.33 -5.27 -33.95
CA GLU I 3 19.66 -6.01 -35.15
C GLU I 3 19.42 -5.17 -36.39
N ILE I 4 20.16 -5.47 -37.47
CA ILE I 4 19.87 -4.94 -38.80
C ILE I 4 19.12 -6.01 -39.59
N ILE I 5 17.97 -5.64 -40.16
CA ILE I 5 17.15 -6.51 -40.97
C ILE I 5 17.32 -6.06 -42.41
N VAL I 6 17.61 -7.03 -43.30
CA VAL I 6 17.92 -6.78 -44.69
C VAL I 6 17.02 -7.67 -45.54
N ARG I 7 16.39 -7.09 -46.57
CA ARG I 7 15.78 -7.85 -47.65
C ARG I 7 16.60 -7.58 -48.90
N GLY I 8 16.87 -8.64 -49.68
CA GLY I 8 17.67 -8.54 -50.87
C GLY I 8 16.82 -8.31 -52.10
N GLY I 9 17.47 -8.11 -53.26
CA GLY I 9 16.77 -7.97 -54.52
C GLY I 9 16.63 -6.51 -55.01
N ASN I 10 17.26 -5.55 -54.31
CA ASN I 10 17.22 -4.16 -54.73
C ASN I 10 18.59 -3.71 -55.23
N GLN I 11 18.56 -2.89 -56.28
CA GLN I 11 19.74 -2.24 -56.82
C GLN I 11 20.01 -0.95 -56.05
N LEU I 12 21.29 -0.71 -55.75
CA LEU I 12 21.70 0.49 -55.06
C LEU I 12 21.95 1.59 -56.09
N ASN I 13 21.39 2.77 -55.86
CA ASN I 13 21.49 3.93 -56.73
C ASN I 13 21.60 5.19 -55.88
N GLY I 14 22.51 6.11 -56.24
CA GLY I 14 22.59 7.38 -55.55
C GLY I 14 24.01 7.74 -55.16
N THR I 15 24.11 8.71 -54.26
CA THR I 15 25.36 9.22 -53.72
C THR I 15 25.49 8.81 -52.26
N VAL I 16 26.71 8.51 -51.81
CA VAL I 16 26.99 8.22 -50.41
C VAL I 16 28.14 9.10 -49.95
N ARG I 17 27.99 9.73 -48.78
CA ARG I 17 29.05 10.48 -48.12
C ARG I 17 29.78 9.54 -47.16
N ILE I 18 31.10 9.73 -47.02
CA ILE I 18 31.95 8.84 -46.26
C ILE I 18 32.59 9.61 -45.11
N GLU I 19 32.64 9.01 -43.92
CA GLU I 19 33.26 9.62 -42.76
C GLU I 19 34.78 9.63 -42.90
N GLY I 20 35.42 10.45 -42.05
CA GLY I 20 36.86 10.42 -41.84
C GLY I 20 37.31 9.06 -41.30
N ALA I 21 38.59 8.73 -41.57
CA ALA I 21 39.12 7.39 -41.41
C ALA I 21 39.32 7.06 -39.94
N LYS I 22 38.71 5.96 -39.49
CA LYS I 22 38.97 5.39 -38.18
C LYS I 22 40.47 5.15 -37.98
N ASN I 23 41.14 4.57 -38.99
CA ASN I 23 42.50 4.11 -38.81
C ASN I 23 43.50 5.26 -38.89
N ALA I 24 43.06 6.46 -39.29
CA ALA I 24 43.88 7.66 -39.22
C ALA I 24 43.60 8.44 -37.94
N VAL I 25 42.33 8.47 -37.50
CA VAL I 25 41.96 9.37 -36.43
C VAL I 25 42.56 8.91 -35.10
N LEU I 26 42.65 7.59 -34.89
CA LEU I 26 43.15 7.07 -33.63
C LEU I 26 44.61 7.45 -33.39
N PRO I 27 45.56 7.19 -34.31
CA PRO I 27 46.93 7.67 -34.14
C PRO I 27 47.10 9.19 -34.14
N ILE I 28 46.26 9.90 -34.88
CA ILE I 28 46.34 11.36 -34.91
C ILE I 28 45.88 11.97 -33.58
N LEU I 29 44.92 11.32 -32.90
CA LEU I 29 44.54 11.72 -31.55
C LEU I 29 45.72 11.55 -30.60
N ALA I 30 46.43 10.43 -30.72
CA ALA I 30 47.66 10.18 -29.95
C ALA I 30 48.72 11.24 -30.28
N ALA I 31 48.81 11.65 -31.56
CA ALA I 31 49.79 12.63 -32.00
C ALA I 31 49.56 13.97 -31.31
N SER I 32 48.32 14.24 -30.91
CA SER I 32 47.95 15.52 -30.31
C SER I 32 48.58 15.69 -28.92
N LEU I 33 49.06 14.60 -28.31
CA LEU I 33 49.79 14.63 -27.06
C LEU I 33 51.15 15.31 -27.23
N LEU I 34 51.65 15.42 -28.46
CA LEU I 34 52.96 15.99 -28.71
C LEU I 34 52.94 17.50 -28.59
N ALA I 35 51.76 18.12 -28.70
CA ALA I 35 51.63 19.57 -28.65
C ALA I 35 51.62 20.06 -27.20
N GLU I 36 52.74 20.65 -26.77
CA GLU I 36 52.94 21.09 -25.38
C GLU I 36 52.17 22.39 -25.13
N GLU I 37 51.92 23.14 -26.21
CA GLU I 37 51.24 24.43 -26.15
C GLU I 37 50.25 24.53 -27.32
N GLY I 38 49.08 25.12 -27.05
CA GLY I 38 48.04 25.32 -28.04
C GLY I 38 46.90 24.31 -27.89
N ILE I 39 45.84 24.56 -28.67
CA ILE I 39 44.69 23.66 -28.77
C ILE I 39 44.69 23.01 -30.16
N THR I 40 44.74 21.67 -30.18
CA THR I 40 44.59 20.89 -31.41
C THR I 40 43.11 20.78 -31.76
N THR I 41 42.75 21.06 -33.03
CA THR I 41 41.38 20.91 -33.49
C THR I 41 41.36 19.94 -34.67
N LEU I 42 40.71 18.79 -34.48
CA LEU I 42 40.54 17.79 -35.52
C LEU I 42 39.13 17.88 -36.09
N ASP I 43 39.04 17.95 -37.43
CA ASP I 43 37.78 17.98 -38.15
C ASP I 43 37.60 16.65 -38.88
N ASN I 44 36.35 16.35 -39.26
CA ASN I 44 35.98 15.14 -39.98
C ASN I 44 36.26 13.92 -39.10
N VAL I 45 36.03 14.07 -37.79
CA VAL I 45 36.16 12.96 -36.86
C VAL I 45 34.88 12.13 -36.91
N PRO I 46 34.95 10.81 -37.21
CA PRO I 46 33.75 9.98 -37.27
C PRO I 46 33.24 9.64 -35.88
N ILE I 47 31.91 9.49 -35.77
CA ILE I 47 31.27 9.08 -34.54
C ILE I 47 31.28 7.54 -34.47
N LEU I 48 32.37 6.98 -33.90
CA LEU I 48 32.54 5.55 -33.75
C LEU I 48 32.95 5.27 -32.30
N SER I 49 32.70 4.04 -31.82
CA SER I 49 33.00 3.73 -30.44
C SER I 49 34.51 3.76 -30.17
N ASP I 50 35.33 3.42 -31.15
CA ASP I 50 36.78 3.46 -30.97
C ASP I 50 37.28 4.89 -30.71
N VAL I 51 36.62 5.89 -31.30
CA VAL I 51 36.96 7.30 -31.03
C VAL I 51 36.61 7.67 -29.59
N PHE I 52 35.49 7.18 -29.08
CA PHE I 52 35.10 7.44 -27.70
C PHE I 52 36.12 6.80 -26.74
N THR I 53 36.55 5.57 -27.05
CA THR I 53 37.52 4.86 -26.23
C THR I 53 38.87 5.59 -26.23
N MET I 54 39.32 6.01 -27.43
CA MET I 54 40.59 6.68 -27.55
C MET I 54 40.55 8.01 -26.78
N ASN I 55 39.41 8.72 -26.85
CA ASN I 55 39.24 9.97 -26.13
C ASN I 55 39.37 9.74 -24.61
N GLN I 56 38.86 8.60 -24.10
CA GLN I 56 38.98 8.28 -22.69
C GLN I 56 40.46 8.01 -22.35
N VAL I 57 41.15 7.24 -23.20
CA VAL I 57 42.54 6.87 -22.99
C VAL I 57 43.36 8.13 -22.76
N ILE I 58 43.10 9.14 -23.61
CA ILE I 58 43.88 10.37 -23.65
C ILE I 58 43.55 11.27 -22.44
N ARG I 59 42.27 11.30 -22.02
CA ARG I 59 41.89 12.05 -20.84
C ARG I 59 42.64 11.53 -19.61
N HIS I 60 42.74 10.20 -19.48
CA HIS I 60 43.38 9.56 -18.35
C HIS I 60 44.87 9.90 -18.29
N LEU I 61 45.41 10.54 -19.35
CA LEU I 61 46.79 11.02 -19.34
C LEU I 61 46.86 12.51 -18.98
N ASN I 62 45.76 13.04 -18.42
CA ASN I 62 45.69 14.41 -17.90
C ASN I 62 45.60 15.41 -19.06
N VAL I 63 44.60 15.20 -19.91
CA VAL I 63 44.40 15.97 -21.14
C VAL I 63 42.91 16.25 -21.27
N ASP I 64 42.55 17.45 -21.74
CA ASP I 64 41.16 17.80 -22.01
C ASP I 64 40.81 17.47 -23.47
N VAL I 65 39.77 16.66 -23.64
CA VAL I 65 39.28 16.29 -24.95
C VAL I 65 37.79 16.56 -25.01
N ASP I 66 37.37 17.44 -25.92
CA ASP I 66 35.97 17.70 -26.19
C ASP I 66 35.60 17.22 -27.57
N PHE I 67 34.57 16.36 -27.65
CA PHE I 67 34.07 15.86 -28.91
C PHE I 67 32.69 16.47 -29.19
N ASP I 68 32.64 17.46 -30.09
CA ASP I 68 31.40 17.97 -30.64
C ASP I 68 30.93 17.06 -31.78
N GLU I 69 30.02 16.12 -31.49
CA GLU I 69 29.59 15.11 -32.46
C GLU I 69 28.84 15.74 -33.64
N GLN I 70 28.14 16.84 -33.38
CA GLN I 70 27.30 17.50 -34.37
C GLN I 70 28.20 18.13 -35.44
N LYS I 71 29.36 18.67 -35.03
CA LYS I 71 30.33 19.29 -35.92
C LYS I 71 31.40 18.28 -36.37
N ASN I 72 31.36 17.04 -35.87
CA ASN I 72 32.38 16.04 -36.16
C ASN I 72 33.76 16.58 -35.84
N GLN I 73 33.93 17.11 -34.62
CA GLN I 73 35.12 17.89 -34.29
C GLN I 73 35.57 17.61 -32.86
N VAL I 74 36.90 17.45 -32.69
CA VAL I 74 37.51 17.17 -31.40
C VAL I 74 38.57 18.24 -31.12
N THR I 75 38.48 18.90 -29.95
CA THR I 75 39.54 19.81 -29.52
C THR I 75 40.33 19.11 -28.42
N ILE I 76 41.67 19.26 -28.45
CA ILE I 76 42.53 18.64 -27.46
C ILE I 76 43.44 19.73 -26.87
N ASP I 77 43.55 19.72 -25.54
CA ASP I 77 44.48 20.57 -24.81
C ASP I 77 45.40 19.67 -23.99
N ALA I 78 46.65 19.51 -24.45
CA ALA I 78 47.59 18.64 -23.78
C ALA I 78 48.75 19.46 -23.21
N SER I 79 48.45 20.62 -22.63
CA SER I 79 49.47 21.57 -22.22
C SER I 79 49.90 21.34 -20.77
N ARG I 80 49.12 20.56 -20.01
CA ARG I 80 49.52 20.18 -18.66
C ARG I 80 50.53 19.02 -18.73
N GLN I 81 51.24 18.80 -17.62
CA GLN I 81 52.08 17.64 -17.40
C GLN I 81 51.24 16.37 -17.57
N LEU I 82 51.70 15.47 -18.46
CA LEU I 82 50.98 14.25 -18.77
C LEU I 82 51.27 13.20 -17.69
N GLU I 83 50.22 12.43 -17.32
CA GLU I 83 50.39 11.12 -16.70
C GLU I 83 50.79 10.14 -17.78
N ILE I 84 51.31 8.96 -17.39
CA ILE I 84 52.05 8.11 -18.33
C ILE I 84 51.44 6.71 -18.44
N GLU I 85 50.24 6.51 -17.89
CA GLU I 85 49.69 5.16 -17.75
C GLU I 85 48.46 4.97 -18.64
N ALA I 86 48.46 3.86 -19.41
CA ALA I 86 47.30 3.42 -20.17
C ALA I 86 46.92 1.99 -19.75
N PRO I 87 45.89 1.81 -18.88
CA PRO I 87 45.63 0.51 -18.23
C PRO I 87 44.95 -0.54 -19.13
N TYR I 88 44.90 -1.79 -18.66
CA TYR I 88 44.30 -2.87 -19.44
C TYR I 88 42.80 -2.63 -19.62
N GLU I 89 42.17 -1.85 -18.72
CA GLU I 89 40.78 -1.50 -18.85
C GLU I 89 40.50 -0.98 -20.26
N TYR I 90 41.42 -0.18 -20.83
CA TYR I 90 41.23 0.43 -22.14
C TYR I 90 41.88 -0.40 -23.25
N VAL I 91 43.10 -0.92 -23.00
CA VAL I 91 43.83 -1.67 -24.02
C VAL I 91 43.11 -2.97 -24.34
N SER I 92 42.40 -3.58 -23.37
CA SER I 92 41.66 -4.82 -23.61
C SER I 92 40.48 -4.60 -24.55
N GLN I 93 39.93 -3.37 -24.56
CA GLN I 93 38.81 -3.02 -25.42
C GLN I 93 39.31 -2.71 -26.84
N MET I 94 40.53 -2.17 -26.95
CA MET I 94 41.01 -1.62 -28.20
C MET I 94 42.53 -1.47 -28.15
N ARG I 95 43.27 -2.34 -28.87
CA ARG I 95 44.72 -2.38 -28.72
C ARG I 95 45.40 -1.22 -29.44
N ALA I 96 44.67 -0.52 -30.31
CA ALA I 96 45.17 0.71 -30.93
C ALA I 96 45.58 1.77 -29.90
N SER I 97 45.07 1.65 -28.66
CA SER I 97 45.37 2.64 -27.65
C SER I 97 46.85 2.62 -27.24
N ILE I 98 47.64 1.63 -27.69
CA ILE I 98 49.05 1.58 -27.32
C ILE I 98 49.88 2.60 -28.11
N VAL I 99 49.33 3.18 -29.19
CA VAL I 99 50.09 4.16 -29.95
C VAL I 99 50.26 5.46 -29.16
N VAL I 100 49.82 5.53 -27.91
CA VAL I 100 50.14 6.65 -27.04
C VAL I 100 51.54 6.49 -26.45
N MET I 101 52.12 5.30 -26.58
CA MET I 101 53.41 4.99 -25.99
C MET I 101 54.50 5.88 -26.61
N GLY I 102 54.45 6.04 -27.93
CA GLY I 102 55.41 6.84 -28.67
C GLY I 102 55.42 8.31 -28.25
N PRO I 103 54.28 9.04 -28.32
CA PRO I 103 54.20 10.41 -27.84
C PRO I 103 54.61 10.60 -26.37
N LEU I 104 54.25 9.64 -25.51
CA LEU I 104 54.62 9.68 -24.11
C LEU I 104 56.14 9.61 -23.95
N LEU I 105 56.81 8.78 -24.75
CA LEU I 105 58.27 8.73 -24.73
C LEU I 105 58.88 10.05 -25.20
N ALA I 106 58.32 10.63 -26.26
CA ALA I 106 58.81 11.90 -26.78
C ALA I 106 58.62 13.06 -25.79
N ARG I 107 57.47 13.13 -25.09
CA ARG I 107 57.17 14.23 -24.19
C ARG I 107 57.85 14.02 -22.84
N ASN I 108 57.67 12.84 -22.26
CA ASN I 108 58.01 12.55 -20.87
C ASN I 108 59.27 11.69 -20.74
N GLY I 109 59.64 10.93 -21.78
CA GLY I 109 60.70 9.94 -21.69
C GLY I 109 60.29 8.74 -20.83
N HIS I 110 58.96 8.54 -20.68
CA HIS I 110 58.43 7.52 -19.81
C HIS I 110 57.02 7.16 -20.30
N ALA I 111 56.74 5.85 -20.38
CA ALA I 111 55.41 5.36 -20.73
C ALA I 111 55.18 4.01 -20.05
N LYS I 112 53.95 3.78 -19.58
CA LYS I 112 53.59 2.56 -18.90
C LYS I 112 52.25 2.11 -19.47
N VAL I 113 52.29 1.16 -20.42
CA VAL I 113 51.14 0.80 -21.23
C VAL I 113 50.89 -0.70 -21.12
N ALA I 114 49.61 -1.08 -20.93
CA ALA I 114 49.24 -2.48 -20.80
C ALA I 114 49.60 -3.23 -22.08
N MET I 115 50.15 -4.43 -21.87
CA MET I 115 50.44 -5.37 -22.94
C MET I 115 49.11 -5.81 -23.56
N PRO I 116 48.91 -5.69 -24.89
CA PRO I 116 47.72 -6.24 -25.52
C PRO I 116 47.64 -7.76 -25.37
N GLY I 117 46.41 -8.27 -25.23
CA GLY I 117 46.18 -9.70 -25.17
C GLY I 117 45.74 -10.25 -26.51
N GLY I 118 44.91 -11.31 -26.51
CA GLY I 118 44.35 -11.90 -27.71
C GLY I 118 43.43 -10.96 -28.46
N ALA I 120 40.40 -11.60 -31.64
CA ALA I 120 39.58 -12.59 -32.35
C ALA I 120 40.23 -13.02 -33.67
N ILE I 121 40.69 -12.03 -34.47
CA ILE I 121 41.09 -12.23 -35.86
C ILE I 121 42.56 -12.65 -35.97
N GLY I 122 43.28 -12.69 -34.84
CA GLY I 122 44.59 -13.31 -34.75
C GLY I 122 45.72 -12.34 -35.09
N LYS I 123 45.99 -11.40 -34.19
CA LYS I 123 46.94 -10.31 -34.39
C LYS I 123 48.37 -10.73 -34.04
N ARG I 124 49.33 -9.86 -34.34
CA ARG I 124 50.73 -10.03 -33.98
C ARG I 124 50.96 -9.54 -32.55
N PRO I 125 52.13 -9.86 -31.96
CA PRO I 125 52.57 -9.20 -30.71
C PRO I 125 53.11 -7.82 -31.01
N ILE I 126 53.58 -7.10 -30.00
CA ILE I 126 54.00 -5.72 -30.18
C ILE I 126 55.53 -5.64 -30.26
N ASP I 127 56.17 -6.77 -30.61
CA ASP I 127 57.64 -6.88 -30.60
C ASP I 127 58.30 -5.76 -31.41
N LEU I 128 57.72 -5.40 -32.55
CA LEU I 128 58.33 -4.42 -33.45
C LEU I 128 58.26 -3.00 -32.90
N HIS I 129 57.21 -2.69 -32.10
CA HIS I 129 57.14 -1.42 -31.39
C HIS I 129 58.33 -1.29 -30.46
N LEU I 130 58.57 -2.35 -29.68
CA LEU I 130 59.61 -2.36 -28.66
C LEU I 130 61.00 -2.34 -29.30
N LYS I 131 61.17 -3.05 -30.41
CA LYS I 131 62.41 -3.04 -31.17
C LYS I 131 62.75 -1.61 -31.59
N GLY I 132 61.74 -0.90 -32.09
CA GLY I 132 61.89 0.49 -32.49
C GLY I 132 62.31 1.38 -31.31
N PHE I 133 61.63 1.22 -30.17
CA PHE I 133 61.89 2.08 -29.03
C PHE I 133 63.27 1.78 -28.45
N GLN I 134 63.68 0.51 -28.39
CA GLN I 134 65.01 0.13 -27.93
C GLN I 134 66.06 0.75 -28.84
N ALA I 135 65.81 0.75 -30.15
CA ALA I 135 66.74 1.32 -31.12
C ALA I 135 66.96 2.81 -30.87
N LEU I 136 65.96 3.50 -30.30
CA LEU I 136 66.04 4.94 -30.03
C LEU I 136 66.60 5.24 -28.64
N GLY I 137 66.91 4.20 -27.86
CA GLY I 137 67.59 4.36 -26.58
C GLY I 137 66.69 4.10 -25.37
N ALA I 138 65.56 3.44 -25.57
CA ALA I 138 64.62 3.14 -24.50
C ALA I 138 64.95 1.81 -23.82
N LYS I 139 64.85 1.79 -22.49
CA LYS I 139 64.91 0.58 -21.69
C LYS I 139 63.48 0.08 -21.52
N ILE I 140 63.27 -1.24 -21.61
CA ILE I 140 61.94 -1.83 -21.60
C ILE I 140 61.84 -2.85 -20.48
N ILE I 141 60.91 -2.64 -19.54
CA ILE I 141 60.62 -3.58 -18.47
C ILE I 141 59.18 -4.07 -18.66
N GLN I 142 58.90 -5.31 -18.23
CA GLN I 142 57.55 -5.82 -18.07
C GLN I 142 57.30 -6.16 -16.60
N LYS I 143 56.16 -5.75 -16.04
CA LYS I 143 55.73 -6.12 -14.69
C LYS I 143 54.20 -5.94 -14.65
N ASN I 144 53.47 -6.88 -14.03
CA ASN I 144 52.03 -6.80 -13.83
C ASN I 144 51.29 -6.50 -15.14
N GLY I 145 51.72 -7.10 -16.25
CA GLY I 145 51.02 -6.94 -17.51
C GLY I 145 51.20 -5.57 -18.18
N TYR I 146 52.19 -4.80 -17.73
CA TYR I 146 52.50 -3.49 -18.29
C TYR I 146 53.85 -3.55 -18.98
N ILE I 147 53.97 -2.83 -20.08
CA ILE I 147 55.27 -2.53 -20.67
C ILE I 147 55.66 -1.13 -20.22
N GLU I 148 56.80 -1.05 -19.52
CA GLU I 148 57.32 0.21 -19.07
C GLU I 148 58.55 0.55 -19.92
N ALA I 149 58.47 1.67 -20.64
CA ALA I 149 59.58 2.17 -21.45
C ALA I 149 60.11 3.46 -20.81
N ILE I 150 61.42 3.51 -20.57
CA ILE I 150 62.10 4.67 -20.01
C ILE I 150 63.20 5.10 -20.99
N ALA I 151 63.27 6.39 -21.32
CA ALA I 151 64.33 6.93 -22.15
C ALA I 151 64.67 8.35 -21.71
N ASP I 152 65.84 8.52 -21.05
CA ASP I 152 66.31 9.83 -20.65
C ASP I 152 66.52 10.70 -21.88
N GLU I 153 67.24 10.14 -22.88
CA GLU I 153 67.45 10.80 -24.16
C GLU I 153 67.13 9.85 -25.32
N LEU I 154 66.15 10.22 -26.12
CA LEU I 154 65.86 9.55 -27.37
C LEU I 154 66.92 9.96 -28.40
N ILE I 155 67.55 8.96 -29.05
CA ILE I 155 68.56 9.25 -30.06
C ILE I 155 68.22 8.50 -31.34
N GLY I 156 68.16 9.25 -32.44
CA GLY I 156 67.89 8.70 -33.76
C GLY I 156 68.86 7.60 -34.16
N ASN I 157 68.33 6.66 -34.95
CA ASN I 157 69.03 5.44 -35.32
C ASN I 157 68.37 4.86 -36.57
N THR I 158 69.03 3.88 -37.22
CA THR I 158 68.44 3.13 -38.30
C THR I 158 67.70 1.92 -37.73
N ILE I 159 66.45 1.74 -38.18
CA ILE I 159 65.56 0.69 -37.69
C ILE I 159 64.97 -0.03 -38.89
N TYR I 160 65.19 -1.34 -38.97
CA TYR I 160 64.58 -2.17 -40.01
C TYR I 160 63.40 -2.92 -39.38
N LEU I 161 62.22 -2.78 -39.98
CA LEU I 161 61.04 -3.53 -39.58
C LEU I 161 60.95 -4.85 -40.37
N ASP I 162 60.91 -5.96 -39.64
CA ASP I 162 60.84 -7.29 -40.21
C ASP I 162 59.56 -7.44 -41.01
N PHE I 163 58.49 -6.81 -40.54
CA PHE I 163 57.22 -6.71 -41.25
C PHE I 163 56.84 -5.23 -41.26
N PRO I 164 56.19 -4.71 -42.34
CA PRO I 164 55.79 -3.31 -42.41
C PRO I 164 54.54 -3.01 -41.58
N SER I 165 54.70 -3.17 -40.26
CA SER I 165 53.64 -2.99 -39.27
C SER I 165 53.18 -1.53 -39.21
N VAL I 166 51.89 -1.32 -39.46
CA VAL I 166 51.23 -0.02 -39.38
C VAL I 166 51.38 0.57 -37.97
N GLY I 167 51.06 -0.25 -36.96
CA GLY I 167 51.07 0.19 -35.59
C GLY I 167 52.47 0.54 -35.10
N ALA I 168 53.44 -0.34 -35.37
CA ALA I 168 54.81 -0.10 -34.99
C ALA I 168 55.33 1.15 -35.69
N THR I 169 55.00 1.31 -36.97
CA THR I 169 55.41 2.47 -37.74
C THR I 169 54.91 3.75 -37.07
N GLN I 170 53.62 3.77 -36.70
CA GLN I 170 53.00 4.94 -36.08
C GLN I 170 53.64 5.26 -34.74
N ASN I 171 53.81 4.23 -33.90
CA ASN I 171 54.35 4.39 -32.57
C ASN I 171 55.77 4.95 -32.64
N ILE I 172 56.58 4.41 -33.54
CA ILE I 172 57.98 4.78 -33.68
C ILE I 172 58.11 6.17 -34.28
N MET I 173 57.30 6.49 -35.30
CA MET I 173 57.34 7.83 -35.91
C MET I 173 57.17 8.88 -34.83
N MET I 174 56.22 8.64 -33.91
CA MET I 174 55.78 9.65 -32.96
C MET I 174 56.81 9.82 -31.85
N ALA I 175 57.60 8.78 -31.54
CA ALA I 175 58.73 8.93 -30.63
C ALA I 175 59.87 9.66 -31.33
N ALA I 176 60.13 9.30 -32.59
CA ALA I 176 61.31 9.73 -33.31
C ALA I 176 61.28 11.20 -33.70
N VAL I 177 60.08 11.81 -33.80
CA VAL I 177 59.99 13.20 -34.24
C VAL I 177 60.66 14.13 -33.24
N LYS I 178 60.89 13.66 -31.99
CA LYS I 178 61.55 14.46 -30.96
C LYS I 178 62.85 13.81 -30.46
N ALA I 179 63.36 12.78 -31.14
CA ALA I 179 64.67 12.21 -30.85
C ALA I 179 65.76 13.12 -31.40
N LYS I 180 66.97 13.06 -30.81
CA LYS I 180 68.09 13.84 -31.31
C LYS I 180 68.63 13.21 -32.59
N GLY I 181 68.71 14.00 -33.67
CA GLY I 181 69.35 13.58 -34.91
C GLY I 181 68.39 12.88 -35.85
N THR I 182 68.96 12.06 -36.73
CA THR I 182 68.22 11.41 -37.80
C THR I 182 67.77 10.01 -37.39
N THR I 183 66.51 9.69 -37.73
CA THR I 183 65.97 8.35 -37.62
C THR I 183 65.63 7.89 -39.03
N ILE I 184 65.91 6.62 -39.34
CA ILE I 184 65.55 6.04 -40.61
C ILE I 184 64.81 4.74 -40.35
N ILE I 185 63.59 4.62 -40.84
CA ILE I 185 62.83 3.38 -40.71
C ILE I 185 62.77 2.70 -42.07
N GLU I 186 63.32 1.47 -42.14
CA GLU I 186 63.32 0.71 -43.38
C GLU I 186 62.26 -0.37 -43.30
N ASN I 187 61.55 -0.55 -44.41
CA ASN I 187 60.42 -1.47 -44.55
C ASN I 187 59.27 -0.96 -43.67
N VAL I 188 59.05 0.37 -43.69
CA VAL I 188 57.92 1.02 -43.04
C VAL I 188 56.60 0.59 -43.69
N ALA I 189 55.53 0.73 -42.91
CA ALA I 189 54.17 0.74 -43.44
C ALA I 189 53.99 1.92 -44.39
N ARG I 190 53.29 1.67 -45.50
CA ARG I 190 53.14 2.57 -46.62
C ARG I 190 51.67 2.99 -46.75
N GLU I 191 50.81 2.51 -45.83
CA GLU I 191 49.37 2.76 -45.88
C GLU I 191 49.05 4.27 -45.88
N PRO I 192 47.93 4.70 -46.51
CA PRO I 192 47.54 6.11 -46.55
C PRO I 192 47.34 6.82 -45.21
N GLU I 193 47.07 6.03 -44.16
CA GLU I 193 46.91 6.51 -42.80
C GLU I 193 48.23 7.01 -42.23
N ILE I 194 49.32 6.35 -42.63
CA ILE I 194 50.68 6.75 -42.29
C ILE I 194 50.96 8.13 -42.90
N VAL I 195 50.51 8.33 -44.14
CA VAL I 195 50.72 9.59 -44.83
C VAL I 195 49.96 10.70 -44.10
N ASP I 196 48.73 10.43 -43.65
CA ASP I 196 47.92 11.47 -43.01
C ASP I 196 48.55 11.83 -41.65
N LEU I 197 49.02 10.80 -40.92
CA LEU I 197 49.74 11.04 -39.68
C LEU I 197 50.99 11.88 -39.91
N ALA I 198 51.78 11.57 -40.94
CA ALA I 198 52.97 12.33 -41.26
C ALA I 198 52.60 13.76 -41.59
N ASN I 199 51.47 13.95 -42.29
CA ASN I 199 51.06 15.27 -42.77
C ASN I 199 50.77 16.16 -41.57
N ILE I 200 50.12 15.63 -40.53
CA ILE I 200 49.80 16.46 -39.38
C ILE I 200 51.06 16.73 -38.54
N LEU I 201 51.89 15.70 -38.32
CA LEU I 201 53.15 15.88 -37.59
C LEU I 201 53.97 17.00 -38.24
N ASN I 202 54.03 17.03 -39.57
CA ASN I 202 54.80 18.05 -40.28
C ASN I 202 54.24 19.44 -40.02
N LYS I 203 52.91 19.57 -40.01
CA LYS I 203 52.26 20.84 -39.73
C LYS I 203 52.55 21.29 -38.30
N MET I 204 52.70 20.32 -37.40
CA MET I 204 52.97 20.57 -35.99
C MET I 204 54.42 20.98 -35.75
N GLY I 205 55.26 20.94 -36.79
CA GLY I 205 56.63 21.42 -36.70
C GLY I 205 57.67 20.30 -36.87
N ALA I 206 57.22 19.06 -37.11
CA ALA I 206 58.11 17.92 -37.25
C ALA I 206 58.73 17.89 -38.65
N GLN I 207 59.70 16.96 -38.85
CA GLN I 207 60.32 16.79 -40.15
C GLN I 207 60.32 15.31 -40.53
N VAL I 208 59.23 14.85 -41.18
CA VAL I 208 59.06 13.47 -41.57
C VAL I 208 59.01 13.39 -43.09
N TYR I 209 59.98 12.67 -43.68
CA TYR I 209 60.13 12.58 -45.13
C TYR I 209 59.89 11.13 -45.56
N GLY I 210 59.33 10.94 -46.75
CA GLY I 210 59.21 9.64 -47.36
C GLY I 210 58.02 8.81 -46.88
N ALA I 211 57.03 9.45 -46.26
CA ALA I 211 55.79 8.78 -45.88
C ALA I 211 55.10 8.29 -47.14
N GLY I 212 54.69 7.01 -47.14
CA GLY I 212 54.08 6.38 -48.29
C GLY I 212 55.09 5.59 -49.14
N THR I 213 56.40 5.82 -48.91
CA THR I 213 57.46 5.12 -49.60
C THR I 213 58.07 4.04 -48.70
N GLU I 214 59.09 3.34 -49.24
CA GLU I 214 59.67 2.15 -48.60
C GLU I 214 60.52 2.56 -47.39
N THR I 215 61.08 3.78 -47.45
CA THR I 215 61.97 4.30 -46.44
C THR I 215 61.46 5.65 -45.92
N MET I 216 61.42 5.79 -44.60
CA MET I 216 60.99 7.01 -43.95
C MET I 216 62.19 7.61 -43.21
N ARG I 217 62.38 8.93 -43.33
CA ARG I 217 63.48 9.65 -42.69
C ARG I 217 62.92 10.77 -41.81
N ILE I 218 63.35 10.80 -40.55
CA ILE I 218 62.82 11.73 -39.58
C ILE I 218 63.98 12.50 -38.97
N GLU I 219 63.88 13.84 -39.00
CA GLU I 219 64.82 14.73 -38.34
C GLU I 219 64.17 15.27 -37.08
N GLY I 220 64.79 14.98 -35.93
CA GLY I 220 64.23 15.35 -34.64
C GLY I 220 64.16 16.85 -34.45
N VAL I 221 63.17 17.30 -33.67
CA VAL I 221 62.98 18.72 -33.36
C VAL I 221 62.74 18.84 -31.86
N ASP I 222 62.92 20.06 -31.34
CA ASP I 222 62.79 20.33 -29.92
C ASP I 222 61.33 20.53 -29.53
N HIS I 223 60.55 21.24 -30.36
CA HIS I 223 59.21 21.66 -29.98
C HIS I 223 58.22 21.41 -31.12
N LEU I 224 57.02 20.95 -30.74
CA LEU I 224 55.88 20.79 -31.64
C LEU I 224 54.70 21.61 -31.11
N HIS I 225 53.93 22.20 -32.03
CA HIS I 225 52.78 23.04 -31.68
C HIS I 225 51.50 22.41 -32.21
N ALA I 226 50.35 22.88 -31.72
CA ALA I 226 49.04 22.39 -32.09
C ALA I 226 48.59 23.03 -33.41
N VAL I 227 47.76 22.29 -34.17
CA VAL I 227 47.29 22.69 -35.48
C VAL I 227 45.83 22.27 -35.66
N ASN I 228 45.20 22.78 -36.74
CA ASN I 228 43.94 22.27 -37.23
C ASN I 228 44.22 21.24 -38.33
N HIS I 229 43.49 20.13 -38.31
CA HIS I 229 43.66 19.08 -39.30
C HIS I 229 42.32 18.40 -39.56
N SER I 230 42.02 18.17 -40.86
CA SER I 230 40.87 17.41 -41.30
CA SER I 230 40.88 17.41 -41.31
C SER I 230 41.30 15.98 -41.61
N ILE I 231 40.69 15.00 -40.94
CA ILE I 231 41.04 13.60 -41.13
C ILE I 231 40.71 13.20 -42.56
N VAL I 232 41.61 12.41 -43.18
CA VAL I 232 41.40 11.89 -44.52
C VAL I 232 40.15 10.99 -44.53
N GLN I 233 39.46 10.94 -45.68
CA GLN I 233 38.32 10.06 -45.86
C GLN I 233 38.69 8.61 -45.55
N ASP I 234 37.73 7.85 -45.00
CA ASP I 234 37.89 6.43 -44.70
C ASP I 234 37.80 5.59 -45.99
N ARG I 235 38.94 5.01 -46.42
CA ARG I 235 39.03 4.29 -47.67
C ARG I 235 38.31 2.95 -47.57
N ILE I 236 38.19 2.42 -46.34
CA ILE I 236 37.54 1.15 -46.10
C ILE I 236 36.01 1.31 -46.08
N GLU I 237 35.48 2.39 -45.46
CA GLU I 237 34.06 2.66 -45.56
C GLU I 237 33.72 2.87 -47.04
N ALA I 238 34.51 3.70 -47.73
CA ALA I 238 34.34 3.94 -49.16
C ALA I 238 34.29 2.62 -49.91
N GLY I 239 35.28 1.75 -49.67
CA GLY I 239 35.42 0.49 -50.39
C GLY I 239 34.24 -0.44 -50.13
N THR I 240 33.71 -0.41 -48.90
CA THR I 240 32.54 -1.20 -48.54
C THR I 240 31.36 -0.84 -49.43
N PHE I 241 31.19 0.45 -49.72
CA PHE I 241 30.07 0.90 -50.56
C PHE I 241 30.33 0.58 -52.03
N MET I 242 31.61 0.58 -52.44
CA MET I 242 32.00 0.18 -53.79
C MET I 242 31.58 -1.27 -54.05
N VAL I 243 31.84 -2.15 -53.07
CA VAL I 243 31.46 -3.56 -53.16
C VAL I 243 29.94 -3.69 -53.22
N ALA I 244 29.22 -2.90 -52.40
CA ALA I 244 27.76 -2.99 -52.34
C ALA I 244 27.14 -2.65 -53.69
N ALA I 245 27.66 -1.57 -54.32
CA ALA I 245 27.23 -1.17 -55.64
C ALA I 245 27.56 -2.26 -56.67
N ALA I 246 28.76 -2.86 -56.56
CA ALA I 246 29.21 -3.82 -57.57
C ALA I 246 28.40 -5.11 -57.52
N MET I 247 27.83 -5.45 -56.36
CA MET I 247 27.16 -6.74 -56.21
C MET I 247 25.64 -6.61 -56.39
N THR I 248 25.10 -5.39 -56.55
CA THR I 248 23.66 -5.22 -56.61
C THR I 248 23.22 -4.62 -57.95
N GLN I 249 24.03 -4.78 -59.02
CA GLN I 249 23.83 -4.07 -60.27
C GLN I 249 23.59 -2.57 -60.02
N GLY I 250 24.39 -2.00 -59.12
CA GLY I 250 24.14 -0.66 -58.64
C GLY I 250 24.75 0.39 -59.56
N ASN I 251 24.47 1.65 -59.23
CA ASN I 251 25.09 2.82 -59.82
C ASN I 251 25.23 3.84 -58.69
N VAL I 252 26.40 3.86 -58.05
CA VAL I 252 26.61 4.60 -56.82
C VAL I 252 27.83 5.49 -56.97
N LEU I 253 27.67 6.77 -56.63
CA LEU I 253 28.78 7.70 -56.54
C LEU I 253 29.23 7.77 -55.08
N ILE I 254 30.49 7.43 -54.83
CA ILE I 254 31.09 7.60 -53.52
C ILE I 254 31.72 8.98 -53.49
N ALA I 255 31.08 9.89 -52.76
CA ALA I 255 31.42 11.31 -52.79
C ALA I 255 32.85 11.53 -52.31
N ASP I 256 33.63 12.23 -53.15
CA ASP I 256 34.99 12.69 -52.85
C ASP I 256 35.93 11.52 -52.56
N ALA I 257 35.66 10.35 -53.15
CA ALA I 257 36.48 9.16 -52.93
C ALA I 257 37.83 9.34 -53.59
N ILE I 258 38.89 8.90 -52.88
CA ILE I 258 40.26 8.97 -53.35
C ILE I 258 40.62 7.61 -53.94
N SER I 259 40.69 7.54 -55.26
CA SER I 259 40.82 6.27 -55.97
C SER I 259 42.20 5.66 -55.74
N GLU I 260 43.22 6.52 -55.53
CA GLU I 260 44.59 6.06 -55.30
C GLU I 260 44.68 5.32 -53.96
N HIS I 261 43.67 5.48 -53.10
CA HIS I 261 43.61 4.73 -51.84
C HIS I 261 42.88 3.39 -51.98
N ASN I 262 42.33 3.07 -53.16
CA ASN I 262 41.71 1.78 -53.40
C ASN I 262 42.10 1.24 -54.79
N ARG I 263 43.39 1.28 -55.16
CA ARG I 263 43.80 0.76 -56.47
C ARG I 263 43.52 -0.73 -56.55
N PRO I 264 43.91 -1.56 -55.55
CA PRO I 264 43.62 -3.00 -55.58
C PRO I 264 42.13 -3.36 -55.70
N LEU I 265 41.29 -2.79 -54.84
CA LEU I 265 39.86 -3.08 -54.83
C LEU I 265 39.21 -2.68 -56.15
N ILE I 266 39.53 -1.47 -56.65
CA ILE I 266 38.97 -1.00 -57.92
C ILE I 266 39.35 -1.96 -59.04
N SER I 267 40.62 -2.37 -59.11
CA SER I 267 41.11 -3.26 -60.15
C SER I 267 40.38 -4.60 -60.08
N LYS I 268 40.20 -5.13 -58.86
CA LYS I 268 39.58 -6.43 -58.68
C LYS I 268 38.08 -6.39 -59.01
N LEU I 269 37.40 -5.29 -58.65
CA LEU I 269 35.98 -5.16 -58.94
C LEU I 269 35.77 -5.05 -60.45
N ILE I 270 36.68 -4.34 -61.15
CA ILE I 270 36.66 -4.29 -62.61
C ILE I 270 36.89 -5.69 -63.20
N GLU I 271 37.76 -6.51 -62.62
CA GLU I 271 37.94 -7.88 -63.07
C GLU I 271 36.64 -8.69 -62.90
N MET I 272 35.79 -8.31 -61.94
CA MET I 272 34.54 -9.02 -61.67
C MET I 272 33.40 -8.47 -62.53
N GLY I 273 33.67 -7.40 -63.29
CA GLY I 273 32.75 -6.93 -64.31
C GLY I 273 32.24 -5.51 -64.06
N ALA I 274 32.63 -4.90 -62.93
CA ALA I 274 32.19 -3.56 -62.60
C ALA I 274 32.83 -2.55 -63.54
N GLU I 275 32.12 -1.44 -63.77
CA GLU I 275 32.64 -0.27 -64.45
C GLU I 275 32.83 0.81 -63.38
N ILE I 276 34.06 1.35 -63.27
CA ILE I 276 34.38 2.30 -62.21
C ILE I 276 35.05 3.54 -62.82
N ILE I 277 34.50 4.73 -62.51
CA ILE I 277 34.81 5.96 -63.21
C ILE I 277 35.19 7.03 -62.18
N GLU I 278 36.32 7.70 -62.38
CA GLU I 278 36.67 8.87 -61.58
C GLU I 278 35.94 10.08 -62.16
N GLU I 279 35.18 10.79 -61.32
CA GLU I 279 34.43 11.97 -61.71
C GLU I 279 34.85 13.15 -60.85
N GLU I 280 34.42 14.38 -61.20
CA GLU I 280 34.71 15.55 -60.37
C GLU I 280 34.25 15.29 -58.93
N GLY I 281 33.08 14.64 -58.76
CA GLY I 281 32.43 14.53 -57.47
C GLY I 281 32.80 13.27 -56.69
N GLY I 282 33.55 12.34 -57.30
CA GLY I 282 34.02 11.15 -56.61
C GLY I 282 34.18 9.96 -57.56
N VAL I 283 34.04 8.74 -57.03
CA VAL I 283 34.21 7.53 -57.81
C VAL I 283 32.85 6.85 -57.97
N ARG I 284 32.45 6.62 -59.23
CA ARG I 284 31.19 5.97 -59.53
C ARG I 284 31.45 4.50 -59.81
N VAL I 285 30.64 3.63 -59.19
CA VAL I 285 30.71 2.19 -59.38
C VAL I 285 29.41 1.71 -60.01
N ILE I 286 29.50 1.03 -61.15
CA ILE I 286 28.34 0.45 -61.82
C ILE I 286 28.51 -1.06 -61.84
N GLY I 287 27.61 -1.76 -61.13
CA GLY I 287 27.68 -3.20 -60.98
C GLY I 287 27.20 -3.92 -62.24
N PRO I 288 27.87 -5.04 -62.64
CA PRO I 288 27.51 -5.76 -63.86
C PRO I 288 26.29 -6.65 -63.68
N LYS I 289 25.68 -7.04 -64.81
CA LYS I 289 24.58 -7.98 -64.79
C LYS I 289 25.10 -9.36 -64.39
N HIS I 290 26.31 -9.72 -64.88
CA HIS I 290 26.95 -10.98 -64.55
C HIS I 290 28.24 -10.71 -63.77
N ILE I 291 28.21 -11.06 -62.48
CA ILE I 291 29.37 -10.93 -61.61
C ILE I 291 30.30 -12.11 -61.87
N LEU I 292 31.55 -11.80 -62.24
CA LEU I 292 32.53 -12.81 -62.61
C LEU I 292 33.43 -13.13 -61.42
N PRO I 293 33.82 -14.41 -61.23
CA PRO I 293 34.73 -14.77 -60.15
C PRO I 293 36.11 -14.16 -60.32
N THR I 294 36.82 -13.99 -59.20
CA THR I 294 38.20 -13.52 -59.17
C THR I 294 38.84 -14.05 -57.89
N ASP I 295 40.16 -14.21 -57.90
CA ASP I 295 40.90 -14.60 -56.71
C ASP I 295 41.53 -13.35 -56.08
N VAL I 296 41.69 -13.39 -54.76
CA VAL I 296 42.11 -12.24 -53.99
C VAL I 296 43.18 -12.70 -53.02
N LYS I 297 44.26 -11.91 -52.91
CA LYS I 297 45.31 -12.18 -51.93
C LYS I 297 45.59 -10.89 -51.16
N THR I 298 45.42 -10.96 -49.83
CA THR I 298 45.69 -9.80 -48.98
C THR I 298 47.18 -9.69 -48.71
N MET I 299 47.65 -8.45 -48.58
CA MET I 299 49.04 -8.14 -48.33
C MET I 299 49.10 -6.74 -47.73
N PRO I 300 50.23 -6.36 -47.09
CA PRO I 300 50.51 -4.97 -46.80
C PRO I 300 50.33 -4.09 -48.04
N HIS I 301 49.88 -2.85 -47.81
CA HIS I 301 49.85 -1.86 -48.86
C HIS I 301 51.22 -1.84 -49.57
N PRO I 302 51.31 -1.80 -50.92
CA PRO I 302 50.17 -1.56 -51.82
C PRO I 302 49.40 -2.76 -52.41
N GLY I 303 49.49 -3.93 -51.76
CA GLY I 303 48.65 -5.06 -52.08
C GLY I 303 47.21 -4.90 -51.57
N PHE I 304 46.40 -5.94 -51.76
CA PHE I 304 44.98 -5.87 -51.46
C PHE I 304 44.79 -5.79 -49.94
N PRO I 305 44.07 -4.76 -49.41
CA PRO I 305 43.96 -4.56 -47.97
C PRO I 305 43.12 -5.62 -47.27
N THR I 306 43.64 -6.17 -46.19
CA THR I 306 42.91 -7.14 -45.38
C THR I 306 41.61 -6.53 -44.84
N ASP I 307 41.57 -5.22 -44.59
CA ASP I 307 40.35 -4.58 -44.07
C ASP I 307 39.22 -4.56 -45.11
N MET I 308 39.50 -4.91 -46.38
CA MET I 308 38.46 -5.05 -47.41
C MET I 308 38.11 -6.52 -47.66
N GLN I 309 38.85 -7.47 -47.07
CA GLN I 309 38.72 -8.89 -47.36
C GLN I 309 37.30 -9.41 -47.09
N ALA I 310 36.76 -9.18 -45.87
CA ALA I 310 35.45 -9.75 -45.51
C ALA I 310 34.38 -9.27 -46.48
N GLN I 311 34.36 -7.95 -46.73
CA GLN I 311 33.40 -7.34 -47.65
C GLN I 311 33.54 -7.99 -49.04
N MET I 312 34.78 -8.22 -49.47
CA MET I 312 35.05 -8.75 -50.79
C MET I 312 34.57 -10.21 -50.91
N THR I 313 34.62 -11.00 -49.82
CA THR I 313 34.13 -12.38 -49.87
C THR I 313 32.63 -12.41 -50.15
N ALA I 314 31.91 -11.36 -49.71
CA ALA I 314 30.48 -11.26 -49.94
C ALA I 314 30.17 -11.21 -51.43
N ILE I 315 30.92 -10.41 -52.20
CA ILE I 315 30.69 -10.33 -53.64
C ILE I 315 31.25 -11.58 -54.33
N GLN I 316 32.35 -12.17 -53.82
CA GLN I 316 32.90 -13.39 -54.39
C GLN I 316 31.90 -14.54 -54.25
N LEU I 317 31.10 -14.53 -53.16
CA LEU I 317 30.15 -15.60 -52.89
C LEU I 317 28.90 -15.53 -53.76
N VAL I 318 28.70 -14.46 -54.53
CA VAL I 318 27.57 -14.37 -55.45
C VAL I 318 28.06 -14.30 -56.90
N ALA I 319 29.38 -14.41 -57.11
CA ALA I 319 29.94 -14.44 -58.46
C ALA I 319 29.61 -15.78 -59.12
N GLU I 320 29.61 -15.77 -60.46
CA GLU I 320 29.16 -16.92 -61.25
C GLU I 320 30.34 -17.86 -61.51
N GLY I 321 30.74 -18.59 -60.45
CA GLY I 321 31.85 -19.53 -60.50
C GLY I 321 32.57 -19.65 -59.16
N THR I 322 33.77 -20.25 -59.19
CA THR I 322 34.55 -20.50 -57.99
C THR I 322 35.62 -19.42 -57.83
N SER I 323 35.73 -18.86 -56.61
CA SER I 323 36.70 -17.82 -56.30
C SER I 323 37.51 -18.26 -55.10
N VAL I 324 38.76 -17.81 -55.02
CA VAL I 324 39.64 -18.15 -53.91
C VAL I 324 40.12 -16.87 -53.24
N VAL I 325 40.17 -16.88 -51.90
CA VAL I 325 40.76 -15.77 -51.18
C VAL I 325 41.86 -16.34 -50.28
N THR I 326 42.96 -15.59 -50.20
CA THR I 326 44.10 -15.96 -49.38
C THR I 326 44.42 -14.80 -48.47
N GLU I 327 44.37 -15.06 -47.16
CA GLU I 327 44.60 -14.03 -46.16
C GLU I 327 46.00 -14.22 -45.58
N THR I 328 46.93 -13.31 -45.92
CA THR I 328 48.31 -13.42 -45.48
C THR I 328 48.66 -12.44 -44.37
N VAL I 329 47.68 -11.62 -43.91
CA VAL I 329 47.99 -10.61 -42.92
C VAL I 329 47.46 -11.04 -41.54
N PHE I 330 46.33 -11.74 -41.51
CA PHE I 330 45.72 -12.18 -40.26
C PHE I 330 45.51 -13.69 -40.29
N GLU I 331 45.62 -14.29 -39.12
CA GLU I 331 45.62 -15.75 -38.98
C GLU I 331 44.19 -16.31 -39.03
N ASN I 332 43.24 -15.59 -38.43
CA ASN I 332 41.90 -16.12 -38.24
C ASN I 332 40.84 -15.08 -38.59
N ARG I 333 40.82 -14.67 -39.88
CA ARG I 333 39.89 -13.64 -40.31
C ARG I 333 38.91 -14.18 -41.35
N PHE I 334 38.42 -15.41 -41.13
CA PHE I 334 37.41 -16.03 -42.00
C PHE I 334 36.17 -16.45 -41.21
N GLN I 335 35.98 -15.91 -40.00
CA GLN I 335 34.90 -16.37 -39.13
C GLN I 335 33.53 -15.99 -39.71
N HIS I 336 33.49 -14.87 -40.45
CA HIS I 336 32.28 -14.47 -41.15
C HIS I 336 31.82 -15.53 -42.15
N LEU I 337 32.77 -16.21 -42.82
CA LEU I 337 32.41 -17.25 -43.77
C LEU I 337 31.83 -18.45 -43.04
N GLU I 338 32.30 -18.73 -41.82
CA GLU I 338 31.71 -19.80 -41.01
C GLU I 338 30.24 -19.46 -40.74
N GLU I 339 29.92 -18.19 -40.43
CA GLU I 339 28.55 -17.77 -40.16
C GLU I 339 27.68 -17.85 -41.41
N MET I 340 28.24 -17.43 -42.55
CA MET I 340 27.50 -17.32 -43.79
C MET I 340 27.10 -18.70 -44.32
N ARG I 341 27.56 -19.79 -43.69
CA ARG I 341 27.03 -21.11 -43.97
C ARG I 341 25.56 -21.17 -43.57
N ARG I 342 25.16 -20.39 -42.56
CA ARG I 342 23.76 -20.26 -42.17
C ARG I 342 22.92 -19.65 -43.29
N MET I 343 23.57 -18.84 -44.14
CA MET I 343 22.95 -18.23 -45.30
C MET I 343 23.16 -19.07 -46.57
N ASN I 344 23.54 -20.35 -46.41
CA ASN I 344 23.73 -21.29 -47.51
C ASN I 344 24.96 -20.98 -48.37
N ALA I 345 25.95 -20.26 -47.82
CA ALA I 345 27.21 -20.07 -48.52
C ALA I 345 27.97 -21.40 -48.61
N HIS I 346 28.36 -21.76 -49.84
CA HIS I 346 29.23 -22.92 -50.08
C HIS I 346 30.69 -22.47 -50.12
N VAL I 347 31.41 -22.81 -49.05
CA VAL I 347 32.79 -22.34 -48.88
C VAL I 347 33.56 -23.44 -48.15
N LYS I 348 34.80 -23.71 -48.59
CA LYS I 348 35.72 -24.61 -47.91
C LYS I 348 36.91 -23.80 -47.41
N ILE I 349 37.28 -24.01 -46.15
CA ILE I 349 38.35 -23.26 -45.51
C ILE I 349 39.45 -24.23 -45.11
N ASP I 350 40.71 -23.88 -45.37
CA ASP I 350 41.85 -24.64 -44.86
C ASP I 350 43.00 -23.66 -44.64
N GLY I 351 43.38 -23.48 -43.39
CA GLY I 351 44.41 -22.54 -43.04
C GLY I 351 43.97 -21.13 -43.43
N ASN I 352 44.77 -20.49 -44.28
CA ASN I 352 44.52 -19.10 -44.63
C ASN I 352 44.01 -18.98 -46.08
N VAL I 353 43.39 -20.07 -46.57
CA VAL I 353 42.75 -20.10 -47.88
C VAL I 353 41.27 -20.42 -47.70
N ALA I 354 40.42 -19.77 -48.51
CA ALA I 354 39.00 -20.09 -48.54
C ALA I 354 38.55 -20.16 -49.99
N ILE I 355 37.69 -21.16 -50.27
CA ILE I 355 37.30 -21.52 -51.62
C ILE I 355 35.78 -21.38 -51.71
N MET I 356 35.30 -20.42 -52.51
CA MET I 356 33.90 -20.06 -52.50
C MET I 356 33.26 -20.45 -53.84
N ASP I 357 32.16 -21.20 -53.77
CA ASP I 357 31.38 -21.58 -54.94
C ASP I 357 30.11 -20.73 -54.95
N GLY I 358 30.05 -19.77 -55.89
CA GLY I 358 28.98 -18.78 -55.91
C GLY I 358 27.80 -19.18 -56.80
N ASN I 359 27.78 -20.42 -57.30
CA ASN I 359 26.65 -20.92 -58.10
C ASN I 359 25.62 -21.53 -57.16
N HIS I 360 25.25 -20.78 -56.11
CA HIS I 360 24.22 -21.16 -55.15
C HIS I 360 23.58 -19.87 -54.65
N GLU I 361 22.25 -19.87 -54.45
CA GLU I 361 21.58 -18.70 -53.93
C GLU I 361 21.83 -18.60 -52.43
N LEU I 362 22.20 -17.40 -51.97
CA LEU I 362 22.22 -17.08 -50.56
C LEU I 362 20.79 -17.01 -50.02
N GLN I 363 20.67 -17.33 -48.74
CA GLN I 363 19.38 -17.38 -48.06
C GLN I 363 19.44 -16.54 -46.80
N GLY I 364 18.40 -15.72 -46.57
CA GLY I 364 18.29 -14.98 -45.31
C GLY I 364 18.28 -15.90 -44.09
N ALA I 365 18.97 -15.45 -43.03
CA ALA I 365 18.97 -16.13 -41.74
C ALA I 365 19.41 -15.16 -40.65
N GLU I 366 19.16 -15.52 -39.37
CA GLU I 366 19.77 -14.82 -38.25
C GLU I 366 21.26 -15.15 -38.20
N VAL I 367 22.11 -14.11 -38.16
CA VAL I 367 23.55 -14.28 -38.16
C VAL I 367 24.17 -13.29 -37.15
N TYR I 368 25.20 -13.75 -36.42
CA TYR I 368 25.93 -12.94 -35.45
C TYR I 368 27.29 -12.53 -36.02
N ALA I 369 27.56 -11.21 -36.02
CA ALA I 369 28.87 -10.70 -36.38
C ALA I 369 29.89 -11.07 -35.31
N THR I 370 31.16 -11.21 -35.74
CA THR I 370 32.26 -11.66 -34.90
C THR I 370 33.32 -10.57 -34.74
N ASP I 371 33.28 -9.57 -35.63
CA ASP I 371 34.24 -8.48 -35.66
C ASP I 371 33.69 -7.39 -36.57
N LEU I 372 34.35 -6.24 -36.57
CA LEU I 372 33.91 -5.06 -37.30
C LEU I 372 33.54 -5.36 -38.75
N ARG I 373 34.49 -5.91 -39.55
CA ARG I 373 34.27 -6.02 -40.99
C ARG I 373 33.38 -7.20 -41.32
N ALA I 374 33.37 -8.22 -40.47
CA ALA I 374 32.43 -9.33 -40.61
C ALA I 374 30.99 -8.78 -40.55
N ALA I 375 30.73 -7.82 -39.66
CA ALA I 375 29.39 -7.24 -39.55
C ALA I 375 28.96 -6.60 -40.88
N ALA I 376 29.85 -5.83 -41.48
CA ALA I 376 29.56 -5.19 -42.76
C ALA I 376 29.36 -6.25 -43.85
N ALA I 377 30.17 -7.33 -43.84
CA ALA I 377 30.10 -8.35 -44.87
C ALA I 377 28.76 -9.08 -44.82
N LEU I 378 28.25 -9.36 -43.62
CA LEU I 378 26.97 -10.03 -43.45
C LEU I 378 25.80 -9.18 -43.95
N VAL I 379 25.88 -7.85 -43.76
CA VAL I 379 24.87 -6.94 -44.26
C VAL I 379 24.90 -6.95 -45.79
N LEU I 380 26.10 -6.83 -46.37
CA LEU I 380 26.27 -6.88 -47.82
C LEU I 380 25.73 -8.19 -48.39
N ALA I 381 25.99 -9.32 -47.72
CA ALA I 381 25.47 -10.60 -48.19
C ALA I 381 23.95 -10.58 -48.18
N GLY I 382 23.38 -9.92 -47.16
CA GLY I 382 21.93 -9.73 -47.05
C GLY I 382 21.32 -9.05 -48.26
N LEU I 383 22.08 -8.12 -48.87
CA LEU I 383 21.62 -7.37 -50.05
C LEU I 383 21.34 -8.28 -51.23
N LYS I 384 21.97 -9.47 -51.23
CA LYS I 384 21.84 -10.40 -52.34
C LYS I 384 21.18 -11.71 -51.91
N ALA I 385 20.90 -11.89 -50.62
CA ALA I 385 20.26 -13.11 -50.16
C ALA I 385 18.78 -13.03 -50.47
N ASN I 386 18.18 -14.21 -50.60
CA ASN I 386 16.74 -14.32 -50.81
C ASN I 386 16.13 -14.54 -49.43
N GLY I 387 15.11 -13.75 -49.08
CA GLY I 387 14.47 -13.81 -47.77
C GLY I 387 14.94 -12.65 -46.90
N ILE I 388 14.89 -12.85 -45.58
CA ILE I 388 15.22 -11.82 -44.61
C ILE I 388 16.46 -12.24 -43.82
N THR I 389 17.48 -11.37 -43.84
CA THR I 389 18.69 -11.52 -43.07
C THR I 389 18.61 -10.61 -41.84
N ARG I 390 18.99 -11.12 -40.67
CA ARG I 390 19.02 -10.33 -39.44
C ARG I 390 20.43 -10.40 -38.84
N VAL I 391 21.16 -9.27 -38.87
CA VAL I 391 22.55 -9.24 -38.43
C VAL I 391 22.61 -8.70 -37.00
N ARG I 392 23.27 -9.44 -36.10
CA ARG I 392 23.39 -9.09 -34.70
C ARG I 392 24.85 -8.90 -34.30
N ASN I 393 25.08 -8.49 -33.04
CA ASN I 393 26.36 -8.00 -32.53
C ASN I 393 26.77 -6.73 -33.28
N LEU I 394 25.88 -5.72 -33.29
CA LEU I 394 26.14 -4.44 -33.95
C LEU I 394 27.12 -3.59 -33.14
N ASN I 395 27.46 -4.02 -31.92
CA ASN I 395 28.57 -3.41 -31.21
C ASN I 395 29.83 -3.41 -32.10
N TYR I 396 30.06 -4.49 -32.88
CA TYR I 396 31.23 -4.59 -33.75
C TYR I 396 31.13 -3.59 -34.90
N LEU I 397 29.93 -3.47 -35.50
CA LEU I 397 29.73 -2.57 -36.62
C LEU I 397 30.04 -1.12 -36.21
N ASP I 398 29.59 -0.73 -35.01
CA ASP I 398 29.65 0.66 -34.55
C ASP I 398 31.10 1.09 -34.25
N ARG I 399 32.03 0.12 -34.19
CA ARG I 399 33.42 0.44 -33.97
C ARG I 399 34.02 1.13 -35.20
N GLY I 400 33.44 0.89 -36.38
CA GLY I 400 34.04 1.34 -37.62
C GLY I 400 33.07 1.94 -38.64
N TYR I 401 31.75 1.81 -38.47
CA TYR I 401 30.80 2.39 -39.42
C TYR I 401 29.78 3.25 -38.67
N TYR I 402 29.56 4.48 -39.16
CA TYR I 402 28.57 5.38 -38.58
C TYR I 402 27.35 5.43 -39.51
N ASN I 403 26.17 5.08 -38.97
CA ASN I 403 24.92 5.20 -39.69
C ASN I 403 24.92 4.35 -40.97
N PHE I 404 25.39 3.10 -40.85
CA PHE I 404 25.56 2.26 -42.01
C PHE I 404 24.20 2.02 -42.66
N HIS I 405 23.20 1.71 -41.84
CA HIS I 405 21.85 1.38 -42.32
C HIS I 405 21.21 2.57 -43.04
N ILE I 406 21.45 3.78 -42.55
CA ILE I 406 20.82 4.97 -43.14
C ILE I 406 21.45 5.26 -44.51
N LYS I 407 22.77 5.15 -44.63
CA LYS I 407 23.45 5.34 -45.90
C LYS I 407 22.99 4.30 -46.94
N LEU I 408 22.73 3.08 -46.49
CA LEU I 408 22.23 2.03 -47.37
C LEU I 408 20.78 2.33 -47.77
N GLN I 409 19.93 2.78 -46.82
CA GLN I 409 18.56 3.17 -47.13
C GLN I 409 18.55 4.26 -48.20
N GLN I 410 19.43 5.25 -48.05
CA GLN I 410 19.53 6.36 -48.99
C GLN I 410 19.91 5.91 -50.38
N LEU I 411 20.45 4.70 -50.53
CA LEU I 411 20.82 4.18 -51.84
C LEU I 411 19.74 3.24 -52.38
N GLY I 412 18.62 3.11 -51.67
CA GLY I 412 17.49 2.30 -52.15
C GLY I 412 17.46 0.90 -51.55
N ALA I 413 18.32 0.63 -50.57
CA ALA I 413 18.42 -0.71 -49.98
C ALA I 413 17.33 -0.86 -48.92
N ASP I 414 16.85 -2.10 -48.78
CA ASP I 414 15.83 -2.44 -47.81
C ASP I 414 16.52 -2.92 -46.53
N VAL I 415 16.92 -1.95 -45.69
CA VAL I 415 17.73 -2.17 -44.51
C VAL I 415 17.16 -1.34 -43.37
N GLU I 416 16.84 -1.98 -42.24
CA GLU I 416 16.35 -1.28 -41.05
C GLU I 416 17.23 -1.69 -39.88
N ARG I 417 17.37 -0.83 -38.88
CA ARG I 417 17.97 -1.14 -37.60
C ARG I 417 16.93 -0.96 -36.49
N VAL I 418 16.69 -2.01 -35.71
CA VAL I 418 15.54 -2.10 -34.84
C VAL I 418 15.94 -2.79 -33.54
N ASP I 419 15.12 -2.63 -32.50
CA ASP I 419 15.30 -3.31 -31.22
C ASP I 419 14.74 -4.72 -31.32
N MET I 420 15.27 -5.62 -30.47
CA MET I 420 14.76 -6.98 -30.33
C MET I 420 14.06 -7.07 -28.96
N MET J 1 -15.76 50.06 7.43
CA MET J 1 -16.45 50.78 6.34
C MET J 1 -17.49 49.83 5.71
N GLU J 2 -18.45 49.38 6.52
CA GLU J 2 -19.71 48.77 6.05
C GLU J 2 -20.92 49.68 6.29
N GLU J 3 -21.97 49.50 5.49
CA GLU J 3 -23.25 50.18 5.68
C GLU J 3 -24.41 49.22 5.44
N ILE J 4 -25.54 49.49 6.09
CA ILE J 4 -26.80 48.83 5.80
C ILE J 4 -27.64 49.77 4.94
N ILE J 5 -28.12 49.28 3.78
CA ILE J 5 -28.96 50.03 2.88
C ILE J 5 -30.37 49.47 3.04
N VAL J 6 -31.35 50.36 3.22
CA VAL J 6 -32.74 50.00 3.50
C VAL J 6 -33.62 50.76 2.52
N ARG J 7 -34.56 50.06 1.89
CA ARG J 7 -35.69 50.70 1.21
C ARG J 7 -36.95 50.40 2.02
N GLY J 8 -37.78 51.42 2.22
CA GLY J 8 -38.98 51.29 3.02
C GLY J 8 -40.16 50.96 2.16
N GLY J 9 -41.33 50.72 2.80
CA GLY J 9 -42.56 50.42 2.11
C GLY J 9 -42.92 48.95 2.08
N ASN J 10 -42.15 48.10 2.77
CA ASN J 10 -42.46 46.67 2.83
C ASN J 10 -42.94 46.27 4.20
N GLN J 11 -43.95 45.40 4.19
CA GLN J 11 -44.51 44.80 5.39
C GLN J 11 -43.69 43.59 5.78
N LEU J 12 -43.44 43.45 7.08
CA LEU J 12 -42.69 42.32 7.60
C LEU J 12 -43.67 41.20 7.89
N ASN J 13 -43.34 40.00 7.41
CA ASN J 13 -44.15 38.80 7.58
C ASN J 13 -43.21 37.61 7.81
N GLY J 14 -43.55 36.76 8.79
CA GLY J 14 -42.82 35.52 8.96
C GLY J 14 -42.47 35.27 10.43
N THR J 15 -41.52 34.35 10.64
CA THR J 15 -41.03 33.98 11.95
C THR J 15 -39.59 34.47 12.08
N VAL J 16 -39.21 34.94 13.29
CA VAL J 16 -37.83 35.34 13.56
C VAL J 16 -37.36 34.63 14.82
N ARG J 17 -36.16 34.04 14.76
CA ARG J 17 -35.48 33.45 15.90
C ARG J 17 -34.60 34.52 16.56
N ILE J 18 -34.48 34.43 17.89
CA ILE J 18 -33.80 35.43 18.69
C ILE J 18 -32.62 34.79 19.39
N GLU J 19 -31.48 35.49 19.45
CA GLU J 19 -30.30 35.01 20.16
C GLU J 19 -30.49 35.11 21.67
N GLY J 20 -29.62 34.42 22.40
CA GLY J 20 -29.46 34.58 23.84
C GLY J 20 -29.03 36.00 24.19
N ALA J 21 -29.35 36.41 25.43
CA ALA J 21 -29.30 37.79 25.86
C ALA J 21 -27.87 38.25 26.07
N LYS J 22 -27.49 39.33 25.39
CA LYS J 22 -26.23 40.01 25.62
C LYS J 22 -26.08 40.38 27.10
N ASN J 23 -27.14 40.92 27.70
CA ASN J 23 -27.02 41.51 29.03
C ASN J 23 -27.02 40.43 30.12
N ALA J 24 -27.34 39.17 29.76
CA ALA J 24 -27.18 38.04 30.67
C ALA J 24 -25.84 37.35 30.46
N VAL J 25 -25.37 37.27 29.21
CA VAL J 25 -24.22 36.42 28.93
C VAL J 25 -22.95 37.03 29.50
N LEU J 26 -22.84 38.37 29.49
CA LEU J 26 -21.62 39.02 29.97
C LEU J 26 -21.39 38.76 31.46
N PRO J 27 -22.35 39.02 32.38
CA PRO J 27 -22.16 38.67 33.79
C PRO J 27 -22.06 37.17 34.05
N ILE J 28 -22.73 36.33 33.26
CA ILE J 28 -22.67 34.90 33.46
C ILE J 28 -21.29 34.36 33.07
N LEU J 29 -20.64 34.97 32.07
CA LEU J 29 -19.26 34.63 31.74
C LEU J 29 -18.35 34.95 32.92
N ALA J 30 -18.56 36.12 33.53
CA ALA J 30 -17.82 36.51 34.73
C ALA J 30 -18.09 35.53 35.88
N ALA J 31 -19.34 35.03 35.97
CA ALA J 31 -19.73 34.10 37.03
C ALA J 31 -18.94 32.79 36.93
N SER J 32 -18.51 32.46 35.71
CA SER J 32 -17.82 31.20 35.45
C SER J 32 -16.43 31.18 36.11
N LEU J 33 -15.91 32.35 36.51
CA LEU J 33 -14.66 32.46 37.25
C LEU J 33 -14.79 31.87 38.66
N LEU J 34 -16.03 31.72 39.16
CA LEU J 34 -16.27 31.24 40.51
C LEU J 34 -16.01 29.74 40.61
N ALA J 35 -16.07 29.02 39.48
CA ALA J 35 -15.93 27.57 39.48
C ALA J 35 -14.45 27.16 39.52
N GLU J 36 -14.01 26.69 40.70
CA GLU J 36 -12.62 26.36 40.96
C GLU J 36 -12.28 25.01 40.34
N GLU J 37 -13.30 24.16 40.12
CA GLU J 37 -13.11 22.84 39.50
C GLU J 37 -14.23 22.60 38.49
N GLY J 38 -13.87 21.99 37.36
CA GLY J 38 -14.85 21.63 36.33
C GLY J 38 -14.78 22.56 35.13
N ILE J 39 -15.54 22.18 34.08
CA ILE J 39 -15.69 22.97 32.86
C ILE J 39 -17.11 23.51 32.81
N THR J 40 -17.22 24.84 32.74
CA THR J 40 -18.49 25.52 32.51
C THR J 40 -18.82 25.47 31.01
N THR J 41 -20.05 25.08 30.66
CA THR J 41 -20.49 25.09 29.27
C THR J 41 -21.74 25.96 29.15
N LEU J 42 -21.63 27.06 28.41
CA LEU J 42 -22.73 27.97 28.16
C LEU J 42 -23.27 27.73 26.75
N ASP J 43 -24.61 27.56 26.65
CA ASP J 43 -25.31 27.41 25.39
C ASP J 43 -26.12 28.66 25.10
N ASN J 44 -26.48 28.85 23.83
CA ASN J 44 -27.29 29.97 23.35
C ASN J 44 -26.50 31.27 23.55
N VAL J 45 -25.17 31.20 23.36
CA VAL J 45 -24.33 32.38 23.44
C VAL J 45 -24.40 33.10 22.09
N PRO J 46 -24.80 34.39 22.05
CA PRO J 46 -24.87 35.14 20.79
C PRO J 46 -23.48 35.54 20.30
N ILE J 47 -23.35 35.62 18.97
CA ILE J 47 -22.11 36.06 18.34
C ILE J 47 -22.11 37.58 18.26
N LEU J 48 -21.61 38.24 19.32
CA LEU J 48 -21.56 39.69 19.38
C LEU J 48 -20.14 40.11 19.76
N SER J 49 -19.75 41.34 19.43
CA SER J 49 -18.38 41.78 19.72
C SER J 49 -18.13 41.90 21.23
N ASP J 50 -19.17 42.23 22.01
CA ASP J 50 -19.03 42.31 23.46
C ASP J 50 -18.68 40.95 24.05
N VAL J 51 -19.20 39.86 23.48
CA VAL J 51 -18.85 38.50 23.89
C VAL J 51 -17.38 38.21 23.62
N PHE J 52 -16.88 38.65 22.46
CA PHE J 52 -15.47 38.45 22.14
C PHE J 52 -14.58 39.21 23.11
N THR J 53 -14.98 40.45 23.43
CA THR J 53 -14.21 41.29 24.36
C THR J 53 -14.20 40.67 25.75
N MET J 54 -15.37 40.21 26.21
CA MET J 54 -15.46 39.62 27.54
C MET J 54 -14.62 38.34 27.60
N ASN J 55 -14.63 37.54 26.53
CA ASN J 55 -13.83 36.34 26.46
C ASN J 55 -12.34 36.67 26.57
N GLN J 56 -11.90 37.80 25.98
CA GLN J 56 -10.50 38.22 26.08
C GLN J 56 -10.18 38.61 27.51
N VAL J 57 -11.08 39.38 28.14
CA VAL J 57 -10.89 39.87 29.51
C VAL J 57 -10.59 38.68 30.41
N ILE J 58 -11.40 37.62 30.24
CA ILE J 58 -11.37 36.44 31.10
C ILE J 58 -10.13 35.59 30.84
N ARG J 59 -9.69 35.48 29.57
CA ARG J 59 -8.46 34.77 29.26
C ARG J 59 -7.27 35.41 29.96
N HIS J 60 -7.21 36.75 29.96
CA HIS J 60 -6.11 37.50 30.56
C HIS J 60 -6.07 37.28 32.08
N LEU J 61 -7.10 36.63 32.65
CA LEU J 61 -7.10 36.26 34.06
C LEU J 61 -6.65 34.81 34.24
N ASN J 62 -6.04 34.22 33.21
CA ASN J 62 -5.46 32.89 33.26
C ASN J 62 -6.56 31.81 33.24
N VAL J 63 -7.40 31.89 32.21
CA VAL J 63 -8.58 31.04 32.07
C VAL J 63 -8.67 30.64 30.60
N ASP J 64 -9.06 29.39 30.33
CA ASP J 64 -9.28 28.92 28.97
C ASP J 64 -10.73 29.13 28.56
N VAL J 65 -10.93 29.86 27.47
CA VAL J 65 -12.25 30.13 26.95
C VAL J 65 -12.27 29.75 25.47
N ASP J 66 -13.11 28.78 25.11
CA ASP J 66 -13.34 28.41 23.74
C ASP J 66 -14.76 28.77 23.32
N PHE J 67 -14.87 29.53 22.23
CA PHE J 67 -16.15 29.91 21.68
C PHE J 67 -16.36 29.19 20.35
N ASP J 68 -17.20 28.15 20.35
CA ASP J 68 -17.68 27.52 19.14
C ASP J 68 -18.88 28.31 18.60
N GLU J 69 -18.63 29.20 17.62
CA GLU J 69 -19.64 30.11 17.09
C GLU J 69 -20.76 29.34 16.38
N GLN J 70 -20.41 28.20 15.75
CA GLN J 70 -21.35 27.43 14.96
C GLN J 70 -22.39 26.80 15.88
N LYS J 71 -21.96 26.38 17.08
CA LYS J 71 -22.83 25.76 18.06
C LYS J 71 -23.36 26.79 19.06
N ASN J 72 -22.95 28.06 18.94
CA ASN J 72 -23.34 29.11 19.88
C ASN J 72 -23.00 28.69 21.32
N GLN J 73 -21.76 28.24 21.54
CA GLN J 73 -21.40 27.56 22.78
C GLN J 73 -20.01 27.98 23.24
N VAL J 74 -19.86 28.24 24.55
CA VAL J 74 -18.62 28.65 25.15
C VAL J 74 -18.28 27.69 26.29
N THR J 75 -17.07 27.11 26.29
CA THR J 75 -16.59 26.33 27.41
C THR J 75 -15.55 27.17 28.17
N ILE J 76 -15.61 27.12 29.51
CA ILE J 76 -14.68 27.87 30.34
C ILE J 76 -14.04 26.92 31.34
N ASP J 77 -12.71 27.02 31.47
CA ASP J 77 -11.95 26.28 32.47
C ASP J 77 -11.20 27.29 33.33
N ALA J 78 -11.69 27.52 34.55
CA ALA J 78 -11.08 28.50 35.44
C ALA J 78 -10.47 27.83 36.67
N SER J 79 -9.86 26.66 36.47
CA SER J 79 -9.42 25.82 37.57
C SER J 79 -7.99 26.13 37.99
N ARG J 80 -7.25 26.90 37.17
CA ARG J 80 -5.94 27.38 37.55
C ARG J 80 -6.07 28.61 38.46
N GLN J 81 -4.96 28.95 39.14
CA GLN J 81 -4.80 30.21 39.87
C GLN J 81 -5.07 31.38 38.92
N LEU J 82 -6.02 32.25 39.30
CA LEU J 82 -6.40 33.41 38.49
C LEU J 82 -5.40 34.54 38.70
N GLU J 83 -5.06 35.25 37.62
CA GLU J 83 -4.52 36.60 37.68
C GLU J 83 -5.69 37.54 37.97
N ILE J 84 -5.41 38.79 38.39
CA ILE J 84 -6.41 39.64 39.01
C ILE J 84 -6.58 40.96 38.27
N GLU J 85 -6.01 41.11 37.07
CA GLU J 85 -5.90 42.39 36.41
C GLU J 85 -6.75 42.44 35.14
N ALA J 86 -7.56 43.52 35.02
CA ALA J 86 -8.33 43.83 33.83
C ALA J 86 -7.97 45.24 33.34
N PRO J 87 -7.08 45.40 32.33
CA PRO J 87 -6.54 46.72 31.97
C PRO J 87 -7.49 47.63 31.18
N TYR J 88 -7.09 48.91 31.02
CA TYR J 88 -7.93 49.87 30.32
C TYR J 88 -8.09 49.50 28.85
N GLU J 89 -7.15 48.72 28.31
CA GLU J 89 -7.25 48.25 26.93
C GLU J 89 -8.64 47.62 26.69
N TYR J 90 -9.16 46.87 27.69
CA TYR J 90 -10.42 46.17 27.54
C TYR J 90 -11.58 46.97 28.14
N VAL J 91 -11.37 47.61 29.30
CA VAL J 91 -12.43 48.35 29.97
C VAL J 91 -12.84 49.56 29.14
N SER J 92 -11.90 50.16 28.38
CA SER J 92 -12.21 51.32 27.54
C SER J 92 -13.12 50.93 26.37
N GLN J 93 -13.04 49.66 25.93
CA GLN J 93 -13.88 49.15 24.85
C GLN J 93 -15.29 48.81 25.37
N MET J 94 -15.38 48.38 26.63
CA MET J 94 -16.60 47.82 27.16
C MET J 94 -16.55 47.81 28.70
N ARG J 95 -17.33 48.69 29.35
CA ARG J 95 -17.22 48.88 30.78
C ARG J 95 -17.89 47.73 31.55
N ALA J 96 -18.70 46.91 30.87
CA ALA J 96 -19.25 45.70 31.46
C ALA J 96 -18.16 44.75 31.96
N SER J 97 -16.92 44.91 31.49
CA SER J 97 -15.85 44.01 31.87
C SER J 97 -15.49 44.15 33.35
N ILE J 98 -16.02 45.17 34.04
CA ILE J 98 -15.71 45.34 35.46
C ILE J 98 -16.47 44.34 36.33
N VAL J 99 -17.49 43.65 35.81
CA VAL J 99 -18.22 42.68 36.62
C VAL J 99 -17.37 41.45 36.93
N VAL J 100 -16.10 41.43 36.50
CA VAL J 100 -15.17 40.39 36.93
C VAL J 100 -14.63 40.71 38.33
N MET J 101 -14.85 41.94 38.80
CA MET J 101 -14.30 42.40 40.07
C MET J 101 -14.88 41.57 41.22
N GLY J 102 -16.20 41.32 41.16
CA GLY J 102 -16.89 40.55 42.19
C GLY J 102 -16.37 39.13 42.32
N PRO J 103 -16.38 38.30 41.26
CA PRO J 103 -15.80 36.96 41.31
C PRO J 103 -14.33 36.90 41.72
N LEU J 104 -13.53 37.88 41.29
CA LEU J 104 -12.12 37.96 41.66
C LEU J 104 -11.98 38.19 43.17
N LEU J 105 -12.84 39.02 43.76
CA LEU J 105 -12.83 39.20 45.21
C LEU J 105 -13.23 37.91 45.93
N ALA J 106 -14.23 37.21 45.41
CA ALA J 106 -14.69 35.95 46.00
C ALA J 106 -13.62 34.85 45.93
N ARG J 107 -12.91 34.73 44.79
CA ARG J 107 -11.94 33.66 44.58
C ARG J 107 -10.60 33.99 45.24
N ASN J 108 -10.10 35.21 44.97
CA ASN J 108 -8.73 35.61 45.29
C ASN J 108 -8.68 36.57 46.47
N GLY J 109 -9.77 37.29 46.76
CA GLY J 109 -9.74 38.38 47.73
C GLY J 109 -8.95 39.59 47.22
N HIS J 110 -8.80 39.69 45.89
CA HIS J 110 -8.00 40.73 45.27
C HIS J 110 -8.50 40.94 43.83
N ALA J 111 -8.64 42.20 43.42
CA ALA J 111 -9.00 42.55 42.06
C ALA J 111 -8.39 43.90 41.72
N LYS J 112 -7.90 44.05 40.48
CA LYS J 112 -7.27 45.27 40.02
C LYS J 112 -7.84 45.58 38.65
N VAL J 113 -8.84 46.49 38.59
CA VAL J 113 -9.65 46.68 37.41
C VAL J 113 -9.62 48.16 37.04
N ALA J 114 -9.44 48.44 35.74
CA ALA J 114 -9.38 49.82 35.26
C ALA J 114 -10.72 50.51 35.52
N MET J 115 -10.61 51.76 35.98
CA MET J 115 -11.77 52.61 36.22
C MET J 115 -12.39 52.92 34.85
N PRO J 116 -13.70 52.69 34.62
CA PRO J 116 -14.33 53.11 33.38
C PRO J 116 -14.28 54.62 33.20
N GLY J 117 -14.16 55.07 31.95
CA GLY J 117 -14.21 56.48 31.61
C GLY J 117 -15.62 56.86 31.13
N GLY J 118 -15.68 57.89 30.27
CA GLY J 118 -16.94 58.35 29.69
C GLY J 118 -17.63 57.31 28.81
N ALA J 120 -20.87 57.45 25.80
CA ALA J 120 -21.65 58.31 24.92
C ALA J 120 -23.00 58.66 25.56
N ILE J 121 -23.73 57.65 26.07
CA ILE J 121 -25.14 57.76 26.44
C ILE J 121 -25.31 58.28 27.87
N GLY J 122 -24.18 58.50 28.58
CA GLY J 122 -24.19 59.26 29.83
C GLY J 122 -24.48 58.35 31.02
N LYS J 123 -23.47 57.52 31.37
CA LYS J 123 -23.61 56.46 32.37
C LYS J 123 -23.36 57.02 33.77
N ARG J 124 -23.62 56.18 34.78
CA ARG J 124 -23.30 56.50 36.17
C ARG J 124 -21.83 56.14 36.42
N PRO J 125 -21.24 56.63 37.54
CA PRO J 125 -19.96 56.11 38.02
C PRO J 125 -20.16 54.75 38.67
N ILE J 126 -19.07 54.15 39.15
CA ILE J 126 -19.17 52.80 39.69
C ILE J 126 -19.26 52.83 41.23
N ASP J 127 -19.68 53.98 41.77
CA ASP J 127 -19.78 54.23 43.20
C ASP J 127 -20.56 53.14 43.91
N LEU J 128 -21.67 52.64 43.35
CA LEU J 128 -22.51 51.67 44.04
C LEU J 128 -21.85 50.29 44.09
N HIS J 129 -21.02 49.94 43.09
CA HIS J 129 -20.23 48.73 43.14
C HIS J 129 -19.30 48.77 44.35
N LEU J 130 -18.60 49.90 44.51
CA LEU J 130 -17.59 50.06 45.55
C LEU J 130 -18.26 50.12 46.92
N LYS J 131 -19.42 50.77 47.02
CA LYS J 131 -20.19 50.81 48.25
C LYS J 131 -20.50 49.39 48.71
N GLY J 132 -20.94 48.55 47.75
CA GLY J 132 -21.24 47.16 48.04
C GLY J 132 -20.02 46.40 48.54
N PHE J 133 -18.88 46.58 47.86
CA PHE J 133 -17.68 45.83 48.19
C PHE J 133 -17.14 46.28 49.54
N GLN J 134 -17.16 47.59 49.83
CA GLN J 134 -16.75 48.11 51.14
C GLN J 134 -17.63 47.53 52.22
N ALA J 135 -18.93 47.41 51.97
CA ALA J 135 -19.87 46.86 52.95
C ALA J 135 -19.53 45.42 53.30
N LEU J 136 -18.89 44.68 52.36
CA LEU J 136 -18.54 43.28 52.55
C LEU J 136 -17.14 43.12 53.16
N GLY J 137 -16.42 44.22 53.38
CA GLY J 137 -15.15 44.20 54.06
C GLY J 137 -13.95 44.45 53.15
N ALA J 138 -14.18 45.00 51.95
CA ALA J 138 -13.12 45.28 50.99
C ALA J 138 -12.53 46.67 51.20
N LYS J 139 -11.22 46.78 51.11
CA LYS J 139 -10.49 48.04 51.09
C LYS J 139 -10.31 48.43 49.62
N ILE J 140 -10.49 49.72 49.30
CA ILE J 140 -10.46 50.19 47.92
C ILE J 140 -9.40 51.27 47.75
N ILE J 141 -8.42 51.04 46.87
CA ILE J 141 -7.41 52.03 46.51
C ILE J 141 -7.60 52.39 45.03
N GLN J 142 -7.27 53.65 44.68
CA GLN J 142 -7.12 54.05 43.28
C GLN J 142 -5.67 54.49 43.04
N LYS J 143 -5.04 53.96 41.97
CA LYS J 143 -3.73 54.42 41.52
C LYS J 143 -3.65 54.17 40.01
N ASN J 144 -3.10 55.10 39.24
CA ASN J 144 -2.85 54.95 37.81
C ASN J 144 -4.10 54.47 37.05
N GLY J 145 -5.28 55.00 37.42
CA GLY J 145 -6.49 54.69 36.68
C GLY J 145 -7.06 53.29 36.97
N TYR J 146 -6.58 52.63 38.03
CA TYR J 146 -7.05 51.31 38.42
C TYR J 146 -7.79 51.44 39.75
N ILE J 147 -8.84 50.63 39.92
CA ILE J 147 -9.41 50.39 41.24
C ILE J 147 -8.85 49.07 41.75
N GLU J 148 -8.17 49.13 42.90
CA GLU J 148 -7.67 47.94 43.54
C GLU J 148 -8.52 47.65 44.77
N ALA J 149 -9.19 46.49 44.78
CA ALA J 149 -9.97 46.03 45.92
C ALA J 149 -9.28 44.85 46.56
N ILE J 150 -9.07 44.92 47.88
CA ILE J 150 -8.47 43.85 48.68
C ILE J 150 -9.46 43.46 49.77
N ALA J 151 -9.70 42.15 49.93
CA ALA J 151 -10.54 41.66 51.01
C ALA J 151 -10.00 40.31 51.53
N ASP J 152 -9.45 40.35 52.75
CA ASP J 152 -8.90 39.15 53.38
C ASP J 152 -10.04 38.16 53.61
N GLU J 153 -11.13 38.65 54.20
CA GLU J 153 -12.34 37.88 54.44
C GLU J 153 -13.55 38.74 54.08
N LEU J 154 -14.35 38.26 53.11
CA LEU J 154 -15.63 38.86 52.79
C LEU J 154 -16.63 38.47 53.87
N ILE J 155 -17.35 39.46 54.41
CA ILE J 155 -18.35 39.22 55.45
C ILE J 155 -19.68 39.85 55.02
N GLY J 156 -20.73 39.03 55.03
CA GLY J 156 -22.07 39.46 54.68
C GLY J 156 -22.57 40.61 55.55
N ASN J 157 -23.42 41.45 54.94
CA ASN J 157 -23.87 42.70 55.51
C ASN J 157 -25.18 43.13 54.82
N THR J 158 -25.88 44.10 55.41
CA THR J 158 -27.01 44.72 54.74
C THR J 158 -26.53 45.91 53.90
N ILE J 159 -26.95 45.94 52.63
CA ILE J 159 -26.52 46.92 51.66
C ILE J 159 -27.75 47.50 50.98
N TYR J 160 -27.92 48.83 51.08
CA TYR J 160 -28.99 49.52 50.40
C TYR J 160 -28.41 50.19 49.17
N LEU J 161 -29.00 49.91 48.00
CA LEU J 161 -28.64 50.59 46.77
C LEU J 161 -29.52 51.81 46.55
N ASP J 162 -28.87 52.98 46.41
CA ASP J 162 -29.56 54.25 46.23
C ASP J 162 -30.37 54.23 44.93
N PHE J 163 -29.82 53.53 43.93
CA PHE J 163 -30.50 53.27 42.68
C PHE J 163 -30.41 51.76 42.43
N PRO J 164 -31.45 51.11 41.84
CA PRO J 164 -31.39 49.67 41.55
C PRO J 164 -30.52 49.35 40.33
N SER J 165 -29.23 49.61 40.47
CA SER J 165 -28.21 49.42 39.44
C SER J 165 -28.02 47.94 39.13
N VAL J 166 -28.25 47.59 37.84
CA VAL J 166 -28.04 46.24 37.32
C VAL J 166 -26.59 45.79 37.53
N GLY J 167 -25.65 46.64 37.15
CA GLY J 167 -24.24 46.31 37.20
C GLY J 167 -23.73 46.13 38.63
N ALA J 168 -24.09 47.07 39.51
CA ALA J 168 -23.70 46.98 40.90
C ALA J 168 -24.32 45.74 41.54
N THR J 169 -25.59 45.47 41.21
CA THR J 169 -26.27 44.29 41.72
C THR J 169 -25.51 43.03 41.34
N GLN J 170 -25.12 42.90 40.07
CA GLN J 170 -24.40 41.74 39.54
C GLN J 170 -23.05 41.58 40.23
N ASN J 171 -22.29 42.66 40.30
CA ASN J 171 -20.94 42.64 40.85
C ASN J 171 -21.01 42.21 42.32
N ILE J 172 -21.96 42.76 43.08
CA ILE J 172 -22.07 42.50 44.50
C ILE J 172 -22.57 41.07 44.75
N MET J 173 -23.57 40.61 43.96
CA MET J 173 -24.07 39.27 44.17
C MET J 173 -22.94 38.27 44.05
N MET J 174 -22.04 38.48 43.08
CA MET J 174 -21.01 37.51 42.75
C MET J 174 -19.88 37.49 43.80
N ALA J 175 -19.66 38.63 44.48
CA ALA J 175 -18.77 38.63 45.65
C ALA J 175 -19.45 37.95 46.83
N ALA J 176 -20.73 38.24 47.04
CA ALA J 176 -21.44 37.87 48.25
C ALA J 176 -21.73 36.37 48.34
N VAL J 177 -21.76 35.66 47.20
CA VAL J 177 -22.10 34.24 47.23
C VAL J 177 -21.05 33.44 47.99
N LYS J 178 -19.84 34.01 48.19
CA LYS J 178 -18.78 33.36 48.94
C LYS J 178 -18.36 34.15 50.19
N ALA J 179 -19.12 35.16 50.58
CA ALA J 179 -18.91 35.87 51.84
C ALA J 179 -19.39 35.02 53.02
N LYS J 180 -18.84 35.24 54.21
CA LYS J 180 -19.28 34.53 55.40
C LYS J 180 -20.62 35.13 55.87
N GLY J 181 -21.63 34.27 56.02
CA GLY J 181 -22.91 34.66 56.60
C GLY J 181 -23.87 35.21 55.55
N THR J 182 -24.82 36.02 56.02
CA THR J 182 -25.91 36.50 55.21
C THR J 182 -25.60 37.88 54.65
N THR J 183 -25.93 38.07 53.37
CA THR J 183 -25.92 39.37 52.73
C THR J 183 -27.36 39.69 52.33
N ILE J 184 -27.76 40.94 52.50
CA ILE J 184 -29.08 41.39 52.10
C ILE J 184 -28.89 42.65 51.26
N ILE J 185 -29.39 42.63 50.02
CA ILE J 185 -29.31 43.80 49.16
C ILE J 185 -30.70 44.37 49.02
N GLU J 186 -30.87 45.63 49.46
CA GLU J 186 -32.16 46.29 49.41
C GLU J 186 -32.14 47.29 48.25
N ASN J 187 -33.26 47.33 47.52
CA ASN J 187 -33.45 48.12 46.31
C ASN J 187 -32.52 47.57 45.22
N VAL J 188 -32.43 46.23 45.12
CA VAL J 188 -31.72 45.53 44.04
C VAL J 188 -32.38 45.79 42.70
N ALA J 189 -31.57 45.61 41.64
CA ALA J 189 -32.08 45.45 40.29
C ALA J 189 -32.95 44.18 40.20
N ARG J 190 -34.05 44.30 39.47
CA ARG J 190 -35.12 43.31 39.39
C ARG J 190 -35.18 42.75 37.96
N GLU J 191 -34.27 43.19 37.08
CA GLU J 191 -34.30 42.84 35.65
C GLU J 191 -34.20 41.32 35.46
N PRO J 192 -34.78 40.75 34.37
CA PRO J 192 -34.71 39.30 34.11
C PRO J 192 -33.31 38.70 33.97
N GLU J 193 -32.33 39.53 33.62
CA GLU J 193 -30.93 39.16 33.52
C GLU J 193 -30.34 38.82 34.90
N ILE J 194 -30.81 39.53 35.93
CA ILE J 194 -30.46 39.27 37.32
C ILE J 194 -30.96 37.87 37.70
N VAL J 195 -32.18 37.53 37.24
CA VAL J 195 -32.78 36.25 37.56
C VAL J 195 -31.96 35.14 36.90
N ASP J 196 -31.51 35.35 35.65
CA ASP J 196 -30.79 34.29 34.94
C ASP J 196 -29.43 34.09 35.61
N LEU J 197 -28.78 35.20 36.01
CA LEU J 197 -27.53 35.13 36.76
C LEU J 197 -27.73 34.37 38.07
N ALA J 198 -28.78 34.68 38.81
CA ALA J 198 -29.06 33.99 40.07
C ALA J 198 -29.28 32.50 39.81
N ASN J 199 -29.95 32.16 38.69
CA ASN J 199 -30.31 30.79 38.40
C ASN J 199 -29.04 29.97 38.17
N ILE J 200 -28.03 30.53 37.50
CA ILE J 200 -26.81 29.77 37.27
C ILE J 200 -25.99 29.67 38.56
N LEU J 201 -25.86 30.77 39.31
CA LEU J 201 -25.15 30.75 40.58
C LEU J 201 -25.71 29.66 41.49
N ASN J 202 -27.06 29.54 41.54
CA ASN J 202 -27.70 28.54 42.39
C ASN J 202 -27.33 27.13 41.95
N LYS J 203 -27.27 26.89 40.63
CA LYS J 203 -26.89 25.59 40.09
C LYS J 203 -25.43 25.28 40.44
N MET J 204 -24.61 26.33 40.52
CA MET J 204 -23.19 26.20 40.82
C MET J 204 -22.95 25.91 42.31
N GLY J 205 -24.01 25.95 43.13
CA GLY J 205 -23.91 25.60 44.53
C GLY J 205 -24.17 26.78 45.47
N ALA J 206 -24.49 27.97 44.91
CA ALA J 206 -24.72 29.17 45.71
C ALA J 206 -26.13 29.16 46.30
N GLN J 207 -26.39 30.15 47.18
CA GLN J 207 -27.71 30.30 47.78
C GLN J 207 -28.20 31.73 47.64
N VAL J 208 -28.88 32.02 46.52
CA VAL J 208 -29.38 33.35 46.23
C VAL J 208 -30.90 33.31 46.18
N TYR J 209 -31.56 34.08 47.07
CA TYR J 209 -33.00 34.09 47.22
C TYR J 209 -33.55 35.47 46.85
N GLY J 210 -34.75 35.52 46.28
CA GLY J 210 -35.45 36.76 46.02
C GLY J 210 -35.00 37.50 44.75
N ALA J 211 -34.31 36.81 43.84
CA ALA J 211 -33.93 37.42 42.57
C ALA J 211 -35.20 37.75 41.80
N GLY J 212 -35.28 38.99 41.29
CA GLY J 212 -36.47 39.49 40.61
C GLY J 212 -37.37 40.30 41.53
N THR J 213 -37.16 40.21 42.85
CA THR J 213 -37.94 40.94 43.84
C THR J 213 -37.13 42.12 44.37
N GLU J 214 -37.73 42.88 45.31
CA GLU J 214 -37.20 44.16 45.79
C GLU J 214 -35.99 43.92 46.71
N THR J 215 -35.96 42.75 47.35
CA THR J 215 -34.94 42.37 48.32
C THR J 215 -34.33 41.03 47.92
N MET J 216 -32.99 40.98 47.90
CA MET J 216 -32.25 39.79 47.60
C MET J 216 -31.48 39.35 48.85
N ARG J 217 -31.52 38.04 49.14
CA ARG J 217 -30.84 37.46 50.29
C ARG J 217 -29.86 36.39 49.83
N ILE J 218 -28.61 36.50 50.28
CA ILE J 218 -27.58 35.59 49.84
C ILE J 218 -26.92 34.97 51.06
N GLU J 219 -26.87 33.62 51.09
CA GLU J 219 -26.17 32.87 52.12
C GLU J 219 -24.85 32.36 51.54
N GLY J 220 -23.74 32.77 52.15
CA GLY J 220 -22.41 32.45 51.64
C GLY J 220 -22.14 30.95 51.70
N VAL J 221 -21.30 30.48 50.75
CA VAL J 221 -20.90 29.09 50.70
C VAL J 221 -19.38 29.03 50.50
N ASP J 222 -18.80 27.85 50.76
CA ASP J 222 -17.37 27.66 50.70
C ASP J 222 -16.92 27.40 49.26
N HIS J 223 -17.66 26.58 48.51
CA HIS J 223 -17.20 26.10 47.21
C HIS J 223 -18.34 26.16 46.18
N LEU J 224 -17.98 26.53 44.94
CA LEU J 224 -18.88 26.52 43.80
C LEU J 224 -18.29 25.64 42.70
N HIS J 225 -19.14 24.92 41.97
CA HIS J 225 -18.72 24.02 40.90
C HIS J 225 -19.27 24.51 39.55
N ALA J 226 -18.73 23.96 38.46
CA ALA J 226 -19.12 24.34 37.10
C ALA J 226 -20.38 23.59 36.68
N VAL J 227 -21.16 24.21 35.78
CA VAL J 227 -22.44 23.67 35.33
C VAL J 227 -22.63 23.94 33.84
N ASN J 228 -23.65 23.31 33.24
CA ASN J 228 -24.16 23.68 31.93
C ASN J 228 -25.33 24.64 32.09
N HIS J 229 -25.36 25.70 31.27
CA HIS J 229 -26.44 26.67 31.35
C HIS J 229 -26.73 27.22 29.95
N SER J 230 -28.03 27.32 29.63
CA SER J 230 -28.51 27.96 28.41
CA SER J 230 -28.52 27.97 28.42
C SER J 230 -28.92 29.40 28.73
N ILE J 231 -28.30 30.38 28.05
CA ILE J 231 -28.60 31.78 28.28
C ILE J 231 -30.05 32.04 27.89
N VAL J 232 -30.75 32.85 28.71
CA VAL J 232 -32.13 33.24 28.41
C VAL J 232 -32.17 34.03 27.09
N GLN J 233 -33.30 33.94 26.37
CA GLN J 233 -33.50 34.71 25.15
C GLN J 233 -33.32 36.20 25.42
N ASP J 234 -32.82 36.94 24.42
CA ASP J 234 -32.63 38.38 24.48
C ASP J 234 -33.96 39.11 24.32
N ARG J 235 -34.46 39.73 25.39
CA ARG J 235 -35.77 40.38 25.40
C ARG J 235 -35.73 41.66 24.57
N ILE J 236 -34.54 42.26 24.44
CA ILE J 236 -34.36 43.50 23.70
C ILE J 236 -34.28 43.23 22.20
N GLU J 237 -33.58 42.18 21.77
CA GLU J 237 -33.60 41.78 20.36
C GLU J 237 -35.05 41.43 20.00
N ALA J 238 -35.71 40.62 20.84
CA ALA J 238 -37.11 40.27 20.63
C ALA J 238 -37.95 41.53 20.47
N GLY J 239 -37.80 42.48 21.40
CA GLY J 239 -38.60 43.68 21.41
C GLY J 239 -38.37 44.55 20.17
N THR J 240 -37.13 44.58 19.70
CA THR J 240 -36.77 45.30 18.48
C THR J 240 -37.59 44.79 17.30
N PHE J 241 -37.78 43.45 17.21
CA PHE J 241 -38.54 42.87 16.12
C PHE J 241 -40.04 43.09 16.31
N MET J 242 -40.49 43.17 17.56
CA MET J 242 -41.88 43.50 17.87
C MET J 242 -42.22 44.89 17.33
N VAL J 243 -41.32 45.85 17.55
CA VAL J 243 -41.48 47.21 17.06
C VAL J 243 -41.49 47.22 15.53
N ALA J 244 -40.60 46.44 14.91
CA ALA J 244 -40.47 46.40 13.45
C ALA J 244 -41.77 45.93 12.82
N ALA J 245 -42.35 44.86 13.39
CA ALA J 245 -43.63 44.33 12.95
C ALA J 245 -44.73 45.37 13.15
N ALA J 246 -44.72 46.07 14.30
CA ALA J 246 -45.80 46.97 14.65
C ALA J 246 -45.80 48.21 13.75
N MET J 247 -44.63 48.59 13.20
CA MET J 247 -44.55 49.83 12.44
C MET J 247 -44.65 49.59 10.94
N THR J 248 -44.70 48.34 10.48
CA THR J 248 -44.70 48.06 9.04
C THR J 248 -45.97 47.35 8.61
N GLN J 249 -47.09 47.50 9.36
CA GLN J 249 -48.29 46.71 9.16
C GLN J 249 -47.94 45.22 9.04
N GLY J 250 -47.04 44.75 9.92
CA GLY J 250 -46.47 43.43 9.78
C GLY J 250 -47.34 42.37 10.44
N ASN J 251 -46.91 41.12 10.28
CA ASN J 251 -47.46 39.97 10.96
C ASN J 251 -46.30 39.02 11.21
N VAL J 252 -45.71 39.12 12.40
CA VAL J 252 -44.43 38.48 12.71
C VAL J 252 -44.59 37.68 13.98
N LEU J 253 -44.14 36.42 13.95
CA LEU J 253 -44.04 35.60 15.13
C LEU J 253 -42.60 35.67 15.64
N ILE J 254 -42.42 36.14 16.88
CA ILE J 254 -41.11 36.12 17.52
C ILE J 254 -41.02 34.80 18.28
N ALA J 255 -40.21 33.88 17.73
CA ALA J 255 -40.16 32.50 18.17
C ALA J 255 -39.70 32.43 19.63
N ASP J 256 -40.50 31.72 20.45
CA ASP J 256 -40.22 31.41 21.84
C ASP J 256 -40.06 32.66 22.70
N ALA J 257 -40.71 33.76 22.32
CA ALA J 257 -40.59 35.02 23.05
C ALA J 257 -41.29 34.89 24.42
N ILE J 258 -40.63 35.44 25.44
CA ILE J 258 -41.11 35.42 26.82
C ILE J 258 -41.80 36.76 27.09
N SER J 259 -43.13 36.73 27.13
CA SER J 259 -43.93 37.93 27.12
C SER J 259 -43.81 38.67 28.47
N GLU J 260 -43.56 37.92 29.55
CA GLU J 260 -43.41 38.49 30.89
C GLU J 260 -42.13 39.33 30.95
N HIS J 261 -41.22 39.17 29.99
CA HIS J 261 -40.01 39.99 29.89
C HIS J 261 -40.23 41.25 29.04
N ASN J 262 -41.41 41.43 28.44
CA ASN J 262 -41.73 42.67 27.72
C ASN J 262 -43.17 43.11 28.04
N ARG J 263 -43.58 43.14 29.32
CA ARG J 263 -44.93 43.58 29.66
C ARG J 263 -45.12 45.04 29.25
N PRO J 264 -44.18 45.97 29.60
CA PRO J 264 -44.28 47.36 29.19
C PRO J 264 -44.39 47.61 27.68
N LEU J 265 -43.46 47.03 26.91
CA LEU J 265 -43.43 47.21 25.45
C LEU J 265 -44.71 46.68 24.80
N ILE J 266 -45.15 45.48 25.21
CA ILE J 266 -46.34 44.89 24.66
C ILE J 266 -47.54 45.80 24.92
N SER J 267 -47.68 46.29 26.15
CA SER J 267 -48.78 47.17 26.53
C SER J 267 -48.76 48.44 25.69
N LYS J 268 -47.57 49.02 25.51
CA LYS J 268 -47.44 50.28 24.78
C LYS J 268 -47.74 50.10 23.29
N LEU J 269 -47.28 48.99 22.70
CA LEU J 269 -47.53 48.74 21.29
C LEU J 269 -49.01 48.51 21.06
N ILE J 270 -49.70 47.81 21.98
CA ILE J 270 -51.15 47.67 21.91
C ILE J 270 -51.84 49.03 22.02
N GLU J 271 -51.34 49.96 22.86
CA GLU J 271 -51.89 51.30 22.91
C GLU J 271 -51.72 52.04 21.58
N MET J 272 -50.71 51.66 20.78
CA MET J 272 -50.44 52.29 19.50
C MET J 272 -51.24 51.62 18.38
N GLY J 273 -51.94 50.52 18.70
CA GLY J 273 -52.87 49.92 17.75
C GLY J 273 -52.49 48.49 17.36
N ALA J 274 -51.34 47.99 17.83
CA ALA J 274 -50.89 46.66 17.48
C ALA J 274 -51.77 45.64 18.18
N GLU J 275 -51.90 44.47 17.55
CA GLU J 275 -52.52 43.29 18.13
C GLU J 275 -51.39 42.31 18.43
N ILE J 276 -51.30 41.86 19.69
CA ILE J 276 -50.20 41.03 20.13
C ILE J 276 -50.75 39.82 20.88
N ILE J 277 -50.36 38.61 20.44
CA ILE J 277 -51.00 37.36 20.83
C ILE J 277 -49.91 36.40 21.31
N GLU J 278 -50.11 35.80 22.49
CA GLU J 278 -49.26 34.69 22.92
C GLU J 278 -49.74 33.41 22.26
N GLU J 279 -48.84 32.72 21.57
CA GLU J 279 -49.12 31.48 20.86
C GLU J 279 -48.21 30.37 21.38
N GLU J 280 -48.48 29.12 21.01
CA GLU J 280 -47.62 28.00 21.36
C GLU J 280 -46.16 28.30 20.97
N GLY J 281 -45.96 28.91 19.79
CA GLY J 281 -44.63 29.07 19.20
C GLY J 281 -43.93 30.37 19.57
N GLY J 282 -44.64 31.30 20.23
CA GLY J 282 -44.04 32.57 20.63
C GLY J 282 -45.08 33.70 20.67
N VAL J 283 -44.63 34.94 20.45
CA VAL J 283 -45.50 36.10 20.49
C VAL J 283 -45.67 36.65 19.08
N ARG J 284 -46.93 36.75 18.61
CA ARG J 284 -47.23 37.29 17.30
C ARG J 284 -47.60 38.77 17.44
N VAL J 285 -47.00 39.61 16.58
CA VAL J 285 -47.27 41.03 16.53
C VAL J 285 -47.87 41.37 15.17
N ILE J 286 -49.06 41.99 15.18
CA ILE J 286 -49.73 42.43 13.97
C ILE J 286 -49.83 43.95 14.02
N GLY J 287 -49.15 44.63 13.08
CA GLY J 287 -49.10 46.08 13.03
C GLY J 287 -50.38 46.67 12.47
N PRO J 288 -50.89 47.79 13.05
CA PRO J 288 -52.14 48.39 12.58
C PRO J 288 -51.95 49.21 11.31
N LYS J 289 -53.07 49.50 10.63
CA LYS J 289 -53.04 50.36 9.46
C LYS J 289 -52.78 51.80 9.94
N HIS J 290 -53.35 52.18 11.10
CA HIS J 290 -53.14 53.50 11.68
C HIS J 290 -52.41 53.38 13.01
N ILE J 291 -51.13 53.82 13.00
CA ILE J 291 -50.31 53.82 14.20
C ILE J 291 -50.69 55.04 15.04
N LEU J 292 -51.10 54.80 16.29
CA LEU J 292 -51.58 55.83 17.19
C LEU J 292 -50.45 56.29 18.11
N PRO J 293 -50.37 57.61 18.42
CA PRO J 293 -49.34 58.11 19.32
C PRO J 293 -49.51 57.59 20.74
N THR J 294 -48.39 57.53 21.48
CA THR J 294 -48.39 57.17 22.90
C THR J 294 -47.17 57.84 23.54
N ASP J 295 -47.24 58.08 24.86
CA ASP J 295 -46.10 58.61 25.59
C ASP J 295 -45.42 57.45 26.33
N VAL J 296 -44.10 57.57 26.49
CA VAL J 296 -43.29 56.51 27.02
C VAL J 296 -42.37 57.09 28.08
N LYS J 297 -42.26 56.39 29.22
CA LYS J 297 -41.36 56.81 30.28
C LYS J 297 -40.50 55.61 30.69
N THR J 298 -39.18 55.76 30.55
CA THR J 298 -38.26 54.71 30.94
C THR J 298 -38.05 54.75 32.45
N MET J 299 -37.85 53.55 33.02
CA MET J 299 -37.65 53.38 34.44
C MET J 299 -36.92 52.06 34.63
N PRO J 300 -36.29 51.84 35.81
CA PRO J 300 -35.87 50.51 36.21
C PRO J 300 -37.02 49.51 36.07
N HIS J 301 -36.67 48.27 35.76
CA HIS J 301 -37.65 47.20 35.78
C HIS J 301 -38.40 47.24 37.12
N PRO J 302 -39.75 47.10 37.18
CA PRO J 302 -40.61 46.68 36.06
C PRO J 302 -41.23 47.73 35.13
N GLY J 303 -40.68 48.95 35.13
CA GLY J 303 -41.10 49.97 34.17
C GLY J 303 -40.53 49.74 32.77
N PHE J 304 -40.76 50.72 31.88
CA PHE J 304 -40.42 50.57 30.48
C PHE J 304 -38.89 50.59 30.33
N PRO J 305 -38.28 49.56 29.69
CA PRO J 305 -36.81 49.46 29.63
C PRO J 305 -36.18 50.52 28.74
N THR J 306 -35.14 51.18 29.28
CA THR J 306 -34.38 52.15 28.51
C THR J 306 -33.76 51.50 27.26
N ASP J 307 -33.41 50.21 27.32
CA ASP J 307 -32.82 49.52 26.18
C ASP J 307 -33.79 49.35 25.00
N MET J 308 -35.10 49.62 25.20
CA MET J 308 -36.10 49.61 24.13
C MET J 308 -36.44 51.03 23.67
N GLN J 309 -35.94 52.07 24.35
CA GLN J 309 -36.33 53.45 24.10
C GLN J 309 -36.03 53.87 22.66
N ALA J 310 -34.78 53.70 22.19
CA ALA J 310 -34.43 54.19 20.85
C ALA J 310 -35.31 53.57 19.78
N GLN J 311 -35.47 52.24 19.84
CA GLN J 311 -36.31 51.50 18.91
C GLN J 311 -37.74 52.05 18.96
N MET J 312 -38.23 52.34 20.17
CA MET J 312 -39.60 52.80 20.35
C MET J 312 -39.80 54.20 19.76
N THR J 313 -38.78 55.06 19.78
CA THR J 313 -38.90 56.39 19.19
C THR J 313 -39.12 56.30 17.68
N ALA J 314 -38.59 55.23 17.07
CA ALA J 314 -38.76 55.02 15.64
C ALA J 314 -40.23 54.85 15.27
N ILE J 315 -40.97 54.04 16.06
CA ILE J 315 -42.39 53.85 15.80
C ILE J 315 -43.18 55.09 16.24
N GLN J 316 -42.76 55.78 17.31
CA GLN J 316 -43.43 57.00 17.75
C GLN J 316 -43.32 58.08 16.67
N LEU J 317 -42.22 58.08 15.90
CA LEU J 317 -42.00 59.09 14.88
C LEU J 317 -42.81 58.87 13.61
N VAL J 318 -43.50 57.73 13.48
CA VAL J 318 -44.40 57.52 12.35
C VAL J 318 -45.85 57.39 12.81
N ALA J 319 -46.10 57.57 14.10
CA ALA J 319 -47.46 57.58 14.65
C ALA J 319 -48.21 58.83 14.20
N GLU J 320 -49.54 58.74 14.16
CA GLU J 320 -50.40 59.79 13.62
C GLU J 320 -50.76 60.81 14.70
N GLY J 321 -49.75 61.63 15.07
CA GLY J 321 -49.90 62.64 16.09
C GLY J 321 -48.60 62.90 16.86
N THR J 322 -48.70 63.55 18.01
CA THR J 322 -47.55 63.94 18.81
C THR J 322 -47.35 62.93 19.94
N SER J 323 -46.12 62.46 20.13
CA SER J 323 -45.77 61.51 21.19
C SER J 323 -44.61 62.11 21.99
N VAL J 324 -44.55 61.75 23.27
CA VAL J 324 -43.50 62.24 24.16
C VAL J 324 -42.77 61.04 24.75
N VAL J 325 -41.44 61.15 24.85
CA VAL J 325 -40.66 60.14 25.54
C VAL J 325 -39.85 60.84 26.62
N THR J 326 -39.75 60.16 27.77
CA THR J 326 -39.03 60.68 28.91
C THR J 326 -38.05 59.62 29.34
N GLU J 327 -36.75 59.97 29.32
CA GLU J 327 -35.69 59.04 29.65
C GLU J 327 -35.18 59.37 31.04
N THR J 328 -35.48 58.52 32.04
CA THR J 328 -35.11 58.78 33.42
C THR J 328 -33.93 57.91 33.86
N VAL J 329 -33.40 57.04 32.98
CA VAL J 329 -32.32 56.14 33.39
C VAL J 329 -30.97 56.62 32.84
N PHE J 330 -30.95 57.23 31.65
CA PHE J 330 -29.71 57.70 31.05
C PHE J 330 -29.82 59.17 30.68
N GLU J 331 -28.70 59.88 30.76
CA GLU J 331 -28.68 61.33 30.66
C GLU J 331 -28.72 61.78 29.19
N ASN J 332 -28.04 61.04 28.31
CA ASN J 332 -27.83 61.49 26.95
C ASN J 332 -28.06 60.36 25.95
N ARG J 333 -29.29 59.85 25.91
CA ARG J 333 -29.63 58.71 25.06
C ARG J 333 -30.69 59.12 24.03
N PHE J 334 -30.56 60.33 23.46
CA PHE J 334 -31.43 60.82 22.40
C PHE J 334 -30.64 61.22 21.15
N GLN J 335 -29.39 60.79 21.03
CA GLN J 335 -28.54 61.25 19.94
C GLN J 335 -29.04 60.68 18.60
N HIS J 336 -29.69 59.52 18.62
CA HIS J 336 -30.33 58.98 17.43
C HIS J 336 -31.39 59.92 16.87
N LEU J 337 -32.13 60.62 17.74
CA LEU J 337 -33.13 61.56 17.28
C LEU J 337 -32.47 62.75 16.61
N GLU J 338 -31.27 63.16 17.09
CA GLU J 338 -30.53 64.22 16.44
C GLU J 338 -30.20 63.82 15.00
N GLU J 339 -29.80 62.55 14.80
CA GLU J 339 -29.45 62.06 13.46
C GLU J 339 -30.69 61.98 12.56
N MET J 340 -31.80 61.52 13.14
CA MET J 340 -33.00 61.26 12.36
C MET J 340 -33.63 62.56 11.84
N ARG J 341 -33.09 63.73 12.23
CA ARG J 341 -33.46 64.97 11.60
C ARG J 341 -33.05 64.95 10.12
N ARG J 342 -31.96 64.24 9.82
CA ARG J 342 -31.53 64.04 8.44
C ARG J 342 -32.56 63.26 7.62
N MET J 343 -33.37 62.44 8.33
CA MET J 343 -34.45 61.69 7.72
C MET J 343 -35.79 62.42 7.85
N ASN J 344 -35.75 63.74 8.10
CA ASN J 344 -36.92 64.62 8.18
C ASN J 344 -37.78 64.36 9.41
N ALA J 345 -37.21 63.77 10.47
CA ALA J 345 -37.92 63.64 11.73
C ALA J 345 -38.13 65.00 12.38
N HIS J 346 -39.37 65.31 12.73
CA HIS J 346 -39.72 66.52 13.49
C HIS J 346 -39.75 66.19 14.99
N VAL J 347 -38.72 66.64 15.72
CA VAL J 347 -38.55 66.28 17.12
C VAL J 347 -37.91 67.46 17.86
N LYS J 348 -38.40 67.76 19.07
CA LYS J 348 -37.83 68.78 19.94
C LYS J 348 -37.32 68.10 21.20
N ILE J 349 -36.08 68.42 21.60
CA ILE J 349 -35.44 67.79 22.74
C ILE J 349 -35.16 68.87 23.78
N ASP J 350 -35.46 68.59 25.05
CA ASP J 350 -35.03 69.45 26.15
C ASP J 350 -34.78 68.57 27.36
N GLY J 351 -33.52 68.49 27.77
CA GLY J 351 -33.13 67.65 28.89
C GLY J 351 -33.42 66.21 28.57
N ASN J 352 -34.27 65.57 29.39
CA ASN J 352 -34.52 64.15 29.24
C ASN J 352 -35.94 63.91 28.70
N VAL J 353 -36.49 64.90 27.98
CA VAL J 353 -37.76 64.79 27.29
C VAL J 353 -37.56 65.02 25.80
N ALA J 354 -38.29 64.27 24.97
CA ALA J 354 -38.29 64.48 23.53
C ALA J 354 -39.72 64.42 23.02
N ILE J 355 -40.03 65.33 22.09
CA ILE J 355 -41.38 65.57 21.63
C ILE J 355 -41.41 65.33 20.13
N MET J 356 -42.13 64.30 19.70
CA MET J 356 -42.05 63.84 18.32
C MET J 356 -43.38 64.08 17.62
N ASP J 357 -43.33 64.74 16.47
CA ASP J 357 -44.49 64.97 15.62
C ASP J 357 -44.41 64.02 14.42
N GLY J 358 -45.25 63.00 14.40
CA GLY J 358 -45.21 61.95 13.41
C GLY J 358 -46.09 62.21 12.18
N ASN J 359 -46.68 63.40 12.05
CA ASN J 359 -47.47 63.73 10.87
C ASN J 359 -46.55 64.32 9.79
N HIS J 360 -45.46 63.62 9.50
CA HIS J 360 -44.50 63.98 8.47
C HIS J 360 -43.93 62.68 7.92
N GLU J 361 -43.70 62.61 6.60
CA GLU J 361 -43.07 61.41 6.02
C GLU J 361 -41.58 61.44 6.31
N LEU J 362 -41.05 60.31 6.79
CA LEU J 362 -39.61 60.12 6.91
C LEU J 362 -39.01 59.97 5.52
N GLN J 363 -37.76 60.39 5.40
CA GLN J 363 -37.03 60.38 4.15
C GLN J 363 -35.71 59.65 4.30
N GLY J 364 -35.37 58.78 3.35
CA GLY J 364 -34.07 58.13 3.31
C GLY J 364 -32.93 59.15 3.28
N ALA J 365 -31.85 58.85 4.03
CA ALA J 365 -30.62 59.63 4.01
C ALA J 365 -29.48 58.80 4.59
N GLU J 366 -28.23 59.22 4.33
CA GLU J 366 -27.06 58.66 5.00
C GLU J 366 -27.08 59.11 6.47
N VAL J 367 -26.99 58.15 7.41
CA VAL J 367 -27.02 58.43 8.83
C VAL J 367 -25.98 57.57 9.55
N TYR J 368 -25.32 58.15 10.57
CA TYR J 368 -24.32 57.48 11.39
C TYR J 368 -24.89 57.13 12.75
N ALA J 369 -24.80 55.85 13.14
CA ALA J 369 -25.16 55.40 14.48
C ALA J 369 -24.14 55.94 15.48
N THR J 370 -24.60 56.14 16.72
CA THR J 370 -23.83 56.70 17.83
C THR J 370 -23.65 55.68 18.95
N ASP J 371 -24.48 54.63 18.96
CA ASP J 371 -24.47 53.62 19.99
C ASP J 371 -25.29 52.42 19.52
N LEU J 372 -25.21 51.33 20.26
CA LEU J 372 -25.84 50.06 19.88
C LEU J 372 -27.31 50.24 19.46
N ARG J 373 -28.17 50.78 20.33
CA ARG J 373 -29.60 50.77 20.09
C ARG J 373 -29.99 51.87 19.09
N ALA J 374 -29.22 52.94 19.03
CA ALA J 374 -29.40 53.96 18.00
C ALA J 374 -29.27 53.33 16.62
N ALA J 375 -28.30 52.41 16.45
CA ALA J 375 -28.10 51.77 15.16
C ALA J 375 -29.36 51.00 14.75
N ALA J 376 -29.94 50.24 15.68
CA ALA J 376 -31.16 49.49 15.41
C ALA J 376 -32.30 50.44 15.08
N ALA J 377 -32.40 51.57 15.81
CA ALA J 377 -33.50 52.51 15.62
C ALA J 377 -33.46 53.14 14.24
N LEU J 378 -32.26 53.45 13.75
CA LEU J 378 -32.08 54.04 12.41
C LEU J 378 -32.48 53.06 11.30
N VAL J 379 -32.18 51.77 11.51
CA VAL J 379 -32.58 50.74 10.55
C VAL J 379 -34.09 50.62 10.52
N LEU J 380 -34.72 50.56 11.72
CA LEU J 380 -36.17 50.52 11.83
C LEU J 380 -36.82 51.72 11.16
N ALA J 381 -36.26 52.91 11.35
CA ALA J 381 -36.80 54.11 10.72
C ALA J 381 -36.72 53.96 9.20
N GLY J 382 -35.64 53.35 8.72
CA GLY J 382 -35.45 53.06 7.31
C GLY J 382 -36.58 52.24 6.70
N LEU J 383 -37.14 51.32 7.50
CA LEU J 383 -38.22 50.44 7.06
C LEU J 383 -39.47 51.24 6.69
N LYS J 384 -39.59 52.46 7.22
CA LYS J 384 -40.76 53.29 7.00
C LYS J 384 -40.43 54.57 6.25
N ALA J 385 -39.14 54.83 6.00
CA ALA J 385 -38.77 56.04 5.29
C ALA J 385 -39.01 55.84 3.80
N ASN J 386 -39.22 56.95 3.11
CA ASN J 386 -39.41 56.93 1.68
C ASN J 386 -38.04 57.23 1.06
N GLY J 387 -37.60 56.38 0.12
CA GLY J 387 -36.28 56.47 -0.48
C GLY J 387 -35.34 55.43 0.12
N ILE J 388 -34.04 55.72 0.08
CA ILE J 388 -33.00 54.83 0.52
C ILE J 388 -32.29 55.41 1.75
N THR J 389 -32.25 54.61 2.82
CA THR J 389 -31.55 54.91 4.03
C THR J 389 -30.24 54.12 4.05
N ARG J 390 -29.13 54.76 4.42
CA ARG J 390 -27.85 54.08 4.57
C ARG J 390 -27.34 54.28 5.99
N VAL J 391 -27.29 53.21 6.79
CA VAL J 391 -26.90 53.30 8.19
C VAL J 391 -25.44 52.89 8.34
N ARG J 392 -24.63 53.75 8.97
CA ARG J 392 -23.20 53.52 9.16
C ARG J 392 -22.86 53.48 10.65
N ASN J 393 -21.59 53.18 10.95
CA ASN J 393 -21.08 52.81 12.27
C ASN J 393 -21.76 51.53 12.75
N LEU J 394 -21.68 50.46 11.93
CA LEU J 394 -22.24 49.16 12.26
C LEU J 394 -21.42 48.43 13.32
N ASN J 395 -20.24 48.96 13.66
CA ASN J 395 -19.51 48.47 14.81
C ASN J 395 -20.43 48.51 16.04
N TYR J 396 -21.28 49.54 16.18
CA TYR J 396 -22.20 49.65 17.32
C TYR J 396 -23.28 48.57 17.26
N LEU J 397 -23.83 48.33 16.07
CA LEU J 397 -24.88 47.33 15.90
C LEU J 397 -24.38 45.95 16.31
N ASP J 398 -23.14 45.61 15.91
CA ASP J 398 -22.59 44.27 16.09
C ASP J 398 -22.31 43.97 17.56
N ARG J 399 -22.34 45.01 18.42
CA ARG J 399 -22.13 44.80 19.85
C ARG J 399 -23.33 44.08 20.46
N GLY J 400 -24.51 44.19 19.84
CA GLY J 400 -25.73 43.68 20.45
C GLY J 400 -26.67 42.94 19.50
N TYR J 401 -26.46 42.98 18.18
CA TYR J 401 -27.34 42.27 17.26
C TYR J 401 -26.51 41.39 16.32
N TYR J 402 -26.92 40.13 16.18
CA TYR J 402 -26.26 39.20 15.27
C TYR J 402 -27.14 39.01 14.04
N ASN J 403 -26.59 39.33 12.85
CA ASN J 403 -27.25 39.10 11.59
C ASN J 403 -28.58 39.84 11.51
N PHE J 404 -28.57 41.12 11.91
CA PHE J 404 -29.80 41.91 11.97
C PHE J 404 -30.40 42.02 10.56
N HIS J 405 -29.56 42.32 9.57
CA HIS J 405 -30.01 42.53 8.20
C HIS J 405 -30.60 41.25 7.61
N ILE J 406 -30.02 40.09 7.95
CA ILE J 406 -30.48 38.82 7.40
C ILE J 406 -31.85 38.46 7.99
N LYS J 407 -32.03 38.64 9.29
CA LYS J 407 -33.31 38.38 9.94
C LYS J 407 -34.41 39.30 9.38
N LEU J 408 -34.05 40.54 9.05
CA LEU J 408 -34.98 41.46 8.42
C LEU J 408 -35.30 41.03 6.99
N GLN J 409 -34.29 40.60 6.23
CA GLN J 409 -34.51 40.07 4.88
C GLN J 409 -35.49 38.90 4.91
N GLN J 410 -35.30 38.01 5.88
CA GLN J 410 -36.13 36.81 6.04
C GLN J 410 -37.58 37.18 6.33
N LEU J 411 -37.84 38.40 6.80
CA LEU J 411 -39.20 38.84 7.08
C LEU J 411 -39.77 39.66 5.92
N GLY J 412 -39.04 39.77 4.81
CA GLY J 412 -39.55 40.45 3.63
C GLY J 412 -39.05 41.87 3.46
N ALA J 413 -38.11 42.30 4.32
CA ALA J 413 -37.60 43.66 4.28
C ALA J 413 -36.51 43.78 3.21
N ASP J 414 -36.43 44.96 2.62
CA ASP J 414 -35.47 45.28 1.58
C ASP J 414 -34.23 45.92 2.23
N VAL J 415 -33.34 45.05 2.72
CA VAL J 415 -32.19 45.44 3.53
C VAL J 415 -30.94 44.68 3.05
N GLU J 416 -29.85 45.40 2.77
CA GLU J 416 -28.59 44.79 2.38
C GLU J 416 -27.49 45.33 3.32
N ARG J 417 -26.43 44.55 3.55
CA ARG J 417 -25.23 45.02 4.21
C ARG J 417 -24.05 44.87 3.25
N VAL J 418 -23.34 45.96 2.99
CA VAL J 418 -22.37 46.02 1.90
C VAL J 418 -21.16 46.85 2.35
N ASP J 419 -20.04 46.71 1.63
CA ASP J 419 -18.84 47.50 1.90
C ASP J 419 -18.99 48.86 1.23
N MET J 420 -18.25 49.86 1.75
CA MET J 420 -18.09 51.17 1.13
C MET J 420 -16.66 51.24 0.55
N MET K 1 30.92 -10.49 -14.12
CA MET K 1 31.07 -9.94 -12.76
C MET K 1 32.20 -10.58 -11.96
N GLU K 2 32.67 -11.81 -12.23
CA GLU K 2 33.54 -12.56 -11.35
C GLU K 2 34.96 -12.73 -11.91
N GLU K 3 35.94 -12.90 -11.01
CA GLU K 3 37.32 -13.23 -11.41
C GLU K 3 37.91 -14.27 -10.46
N ILE K 4 38.87 -15.04 -10.97
CA ILE K 4 39.70 -15.92 -10.14
C ILE K 4 41.04 -15.22 -9.89
N ILE K 5 41.43 -15.11 -8.62
CA ILE K 5 42.68 -14.49 -8.22
C ILE K 5 43.60 -15.62 -7.78
N VAL K 6 44.83 -15.62 -8.29
CA VAL K 6 45.80 -16.68 -8.08
C VAL K 6 47.10 -16.04 -7.61
N ARG K 7 47.68 -16.58 -6.53
CA ARG K 7 49.07 -16.31 -6.18
C ARG K 7 49.86 -17.60 -6.41
N GLY K 8 51.05 -17.46 -7.02
CA GLY K 8 51.87 -18.60 -7.34
C GLY K 8 52.88 -18.85 -6.25
N GLY K 9 53.67 -19.93 -6.41
CA GLY K 9 54.69 -20.30 -5.44
C GLY K 9 54.28 -21.45 -4.52
N ASN K 10 53.09 -22.03 -4.70
CA ASN K 10 52.64 -23.13 -3.84
C ASN K 10 52.61 -24.45 -4.59
N GLN K 11 53.02 -25.50 -3.88
CA GLN K 11 52.97 -26.87 -4.37
C GLN K 11 51.60 -27.45 -4.09
N LEU K 12 51.06 -28.18 -5.07
CA LEU K 12 49.78 -28.83 -4.93
C LEU K 12 49.99 -30.21 -4.32
N ASN K 13 49.21 -30.52 -3.29
CA ASN K 13 49.27 -31.78 -2.55
C ASN K 13 47.84 -32.20 -2.18
N GLY K 14 47.52 -33.47 -2.37
CA GLY K 14 46.23 -33.99 -1.93
C GLY K 14 45.54 -34.82 -3.01
N THR K 15 44.25 -34.98 -2.81
CA THR K 15 43.38 -35.77 -3.68
C THR K 15 42.43 -34.82 -4.39
N VAL K 16 42.14 -35.12 -5.66
CA VAL K 16 41.11 -34.39 -6.41
C VAL K 16 40.12 -35.41 -6.98
N ARG K 17 38.83 -35.12 -6.80
CA ARG K 17 37.73 -35.85 -7.40
C ARG K 17 37.42 -35.21 -8.75
N ILE K 18 37.06 -36.05 -9.74
CA ILE K 18 36.83 -35.58 -11.10
C ILE K 18 35.38 -35.86 -11.46
N GLU K 19 34.72 -34.89 -12.10
CA GLU K 19 33.35 -35.06 -12.55
C GLU K 19 33.30 -35.98 -13.77
N GLY K 20 32.09 -36.46 -14.07
CA GLY K 20 31.77 -37.13 -15.32
C GLY K 20 32.02 -36.23 -16.52
N ALA K 21 32.27 -36.86 -17.68
CA ALA K 21 32.81 -36.20 -18.85
C ALA K 21 31.74 -35.33 -19.53
N LYS K 22 32.05 -34.04 -19.70
CA LYS K 22 31.27 -33.14 -20.52
C LYS K 22 31.05 -33.72 -21.92
N ASN K 23 32.11 -34.26 -22.54
CA ASN K 23 32.04 -34.61 -23.94
C ASN K 23 31.35 -35.97 -24.13
N ALA K 24 31.09 -36.70 -23.05
CA ALA K 24 30.26 -37.90 -23.10
C ALA K 24 28.81 -37.58 -22.75
N VAL K 25 28.59 -36.66 -21.79
CA VAL K 25 27.25 -36.48 -21.25
C VAL K 25 26.34 -35.82 -22.28
N LEU K 26 26.88 -34.91 -23.10
CA LEU K 26 26.06 -34.19 -24.07
C LEU K 26 25.46 -35.14 -25.11
N PRO K 27 26.26 -35.98 -25.83
CA PRO K 27 25.68 -36.97 -26.74
C PRO K 27 24.81 -38.03 -26.06
N ILE K 28 25.14 -38.41 -24.83
CA ILE K 28 24.36 -39.43 -24.13
C ILE K 28 22.99 -38.88 -23.73
N LEU K 29 22.90 -37.57 -23.43
CA LEU K 29 21.61 -36.92 -23.20
C LEU K 29 20.76 -36.98 -24.47
N ALA K 30 21.40 -36.70 -25.62
CA ALA K 30 20.74 -36.82 -26.91
C ALA K 30 20.28 -38.26 -27.16
N ALA K 31 21.10 -39.24 -26.74
CA ALA K 31 20.81 -40.65 -26.94
C ALA K 31 19.54 -41.05 -26.21
N SER K 32 19.21 -40.33 -25.13
CA SER K 32 18.06 -40.65 -24.30
C SER K 32 16.74 -40.39 -25.04
N LEU K 33 16.78 -39.62 -26.14
CA LEU K 33 15.64 -39.39 -27.00
C LEU K 33 15.22 -40.68 -27.72
N LEU K 34 16.13 -41.66 -27.80
CA LEU K 34 15.86 -42.89 -28.54
C LEU K 34 14.90 -43.79 -27.76
N ALA K 35 14.80 -43.61 -26.44
CA ALA K 35 13.97 -44.46 -25.59
C ALA K 35 12.50 -44.03 -25.65
N GLU K 36 11.70 -44.82 -26.38
CA GLU K 36 10.29 -44.51 -26.63
C GLU K 36 9.45 -44.80 -25.40
N GLU K 37 9.94 -45.70 -24.53
CA GLU K 37 9.28 -46.08 -23.30
C GLU K 37 10.32 -46.18 -22.17
N GLY K 38 9.92 -45.74 -20.97
CA GLY K 38 10.75 -45.83 -19.78
C GLY K 38 11.37 -44.49 -19.39
N ILE K 39 12.02 -44.48 -18.22
CA ILE K 39 12.74 -43.33 -17.69
C ILE K 39 14.23 -43.63 -17.73
N THR K 40 14.99 -42.80 -18.46
CA THR K 40 16.44 -42.84 -18.46
C THR K 40 16.98 -42.14 -17.22
N THR K 41 17.91 -42.77 -16.51
CA THR K 41 18.55 -42.15 -15.36
C THR K 41 20.07 -42.12 -15.59
N LEU K 42 20.63 -40.91 -15.69
CA LEU K 42 22.06 -40.73 -15.86
C LEU K 42 22.68 -40.29 -14.52
N ASP K 43 23.76 -40.98 -14.12
CA ASP K 43 24.50 -40.66 -12.92
C ASP K 43 25.85 -40.08 -13.31
N ASN K 44 26.49 -39.38 -12.36
CA ASN K 44 27.80 -38.76 -12.54
C ASN K 44 27.70 -37.68 -13.62
N VAL K 45 26.56 -36.96 -13.65
CA VAL K 45 26.39 -35.84 -14.55
C VAL K 45 27.05 -34.62 -13.91
N PRO K 46 28.01 -33.95 -14.60
CA PRO K 46 28.66 -32.76 -14.06
C PRO K 46 27.75 -31.54 -14.10
N ILE K 47 27.91 -30.64 -13.12
CA ILE K 47 27.19 -29.39 -13.08
C ILE K 47 27.93 -28.36 -13.92
N LEU K 48 27.63 -28.30 -15.23
CA LEU K 48 28.26 -27.37 -16.16
C LEU K 48 27.17 -26.64 -16.95
N SER K 49 27.49 -25.47 -17.50
CA SER K 49 26.47 -24.73 -18.22
C SER K 49 26.06 -25.43 -19.51
N ASP K 50 26.97 -26.19 -20.14
CA ASP K 50 26.64 -26.93 -21.36
C ASP K 50 25.57 -27.99 -21.06
N VAL K 51 25.59 -28.58 -19.87
CA VAL K 51 24.57 -29.54 -19.45
C VAL K 51 23.21 -28.85 -19.30
N PHE K 52 23.19 -27.63 -18.76
CA PHE K 52 21.95 -26.89 -18.62
C PHE K 52 21.39 -26.55 -20.01
N THR K 53 22.26 -26.15 -20.94
CA THR K 53 21.85 -25.81 -22.29
C THR K 53 21.28 -27.03 -23.00
N MET K 54 21.99 -28.18 -22.89
CA MET K 54 21.55 -29.39 -23.55
C MET K 54 20.20 -29.83 -22.97
N ASN K 55 20.02 -29.69 -21.65
CA ASN K 55 18.76 -30.04 -21.01
C ASN K 55 17.62 -29.18 -21.56
N GLN K 56 17.88 -27.90 -21.86
CA GLN K 56 16.86 -27.03 -22.44
C GLN K 56 16.53 -27.49 -23.86
N VAL K 57 17.58 -27.80 -24.65
CA VAL K 57 17.42 -28.23 -26.04
C VAL K 57 16.42 -29.39 -26.09
N ILE K 58 16.62 -30.34 -25.17
CA ILE K 58 15.88 -31.59 -25.15
C ILE K 58 14.45 -31.37 -24.64
N ARG K 59 14.25 -30.48 -23.67
CA ARG K 59 12.91 -30.13 -23.22
C ARG K 59 12.08 -29.57 -24.37
N HIS K 60 12.67 -28.69 -25.17
CA HIS K 60 11.98 -28.06 -26.28
C HIS K 60 11.57 -29.08 -27.35
N LEU K 61 12.02 -30.34 -27.23
CA LEU K 61 11.58 -31.42 -28.10
C LEU K 61 10.46 -32.23 -27.45
N ASN K 62 9.85 -31.67 -26.39
CA ASN K 62 8.69 -32.27 -25.72
C ASN K 62 9.12 -33.47 -24.87
N VAL K 63 10.08 -33.20 -23.96
CA VAL K 63 10.70 -34.23 -23.13
C VAL K 63 10.84 -33.66 -21.73
N ASP K 64 10.63 -34.48 -20.69
CA ASP K 64 10.84 -34.08 -19.31
C ASP K 64 12.26 -34.42 -18.87
N VAL K 65 12.97 -33.39 -18.42
CA VAL K 65 14.34 -33.54 -17.96
C VAL K 65 14.46 -32.91 -16.58
N ASP K 66 14.80 -33.74 -15.58
CA ASP K 66 14.98 -33.25 -14.22
C ASP K 66 16.44 -33.47 -13.82
N PHE K 67 17.11 -32.39 -13.40
CA PHE K 67 18.49 -32.43 -12.99
C PHE K 67 18.59 -32.22 -11.48
N ASP K 68 18.80 -33.30 -10.73
CA ASP K 68 19.15 -33.25 -9.32
C ASP K 68 20.65 -32.99 -9.16
N GLU K 69 21.05 -31.74 -8.97
CA GLU K 69 22.45 -31.32 -8.94
C GLU K 69 23.18 -31.93 -7.74
N GLN K 70 22.44 -32.13 -6.63
CA GLN K 70 23.01 -32.62 -5.38
C GLN K 70 23.45 -34.08 -5.56
N LYS K 71 22.66 -34.86 -6.33
CA LYS K 71 22.96 -36.25 -6.60
C LYS K 71 23.73 -36.42 -7.92
N ASN K 72 23.99 -35.32 -8.64
CA ASN K 72 24.65 -35.38 -9.95
C ASN K 72 23.89 -36.33 -10.88
N GLN K 73 22.58 -36.15 -10.99
CA GLN K 73 21.72 -37.14 -11.62
C GLN K 73 20.63 -36.45 -12.46
N VAL K 74 20.39 -37.01 -13.66
CA VAL K 74 19.39 -36.49 -14.59
C VAL K 74 18.44 -37.63 -14.96
N THR K 75 17.13 -37.40 -14.81
CA THR K 75 16.14 -38.36 -15.31
C THR K 75 15.52 -37.77 -16.57
N ILE K 76 15.30 -38.62 -17.59
CA ILE K 76 14.71 -38.19 -18.85
C ILE K 76 13.52 -39.09 -19.16
N ASP K 77 12.41 -38.46 -19.55
CA ASP K 77 11.21 -39.17 -20.01
C ASP K 77 10.89 -38.67 -21.42
N ALA K 78 11.19 -39.49 -22.43
CA ALA K 78 10.99 -39.09 -23.82
C ALA K 78 9.92 -39.97 -24.48
N SER K 79 8.86 -40.28 -23.72
CA SER K 79 7.88 -41.28 -24.15
C SER K 79 6.73 -40.62 -24.91
N ARG K 80 6.61 -39.29 -24.85
CA ARG K 80 5.64 -38.57 -25.66
C ARG K 80 6.19 -38.38 -27.08
N GLN K 81 5.29 -38.03 -28.01
CA GLN K 81 5.63 -37.61 -29.37
C GLN K 81 6.60 -36.43 -29.29
N LEU K 82 7.75 -36.56 -29.96
CA LEU K 82 8.78 -35.53 -29.96
C LEU K 82 8.43 -34.46 -30.99
N GLU K 83 8.70 -33.19 -30.62
CA GLU K 83 8.89 -32.12 -31.58
C GLU K 83 10.28 -32.28 -32.18
N ILE K 84 10.55 -31.61 -33.31
CA ILE K 84 11.71 -31.94 -34.14
C ILE K 84 12.63 -30.73 -34.34
N GLU K 85 12.41 -29.64 -33.61
CA GLU K 85 13.06 -28.38 -33.92
C GLU K 85 14.04 -27.97 -32.80
N ALA K 86 15.26 -27.63 -33.21
CA ALA K 86 16.29 -27.08 -32.33
C ALA K 86 16.76 -25.72 -32.88
N PRO K 87 16.28 -24.58 -32.34
CA PRO K 87 16.52 -23.26 -32.95
C PRO K 87 17.92 -22.68 -32.72
N TYR K 88 18.24 -21.58 -33.43
CA TYR K 88 19.55 -20.96 -33.31
C TYR K 88 19.76 -20.39 -31.91
N GLU K 89 18.66 -20.09 -31.19
CA GLU K 89 18.76 -19.61 -29.82
C GLU K 89 19.68 -20.54 -29.01
N TYR K 90 19.60 -21.86 -29.24
CA TYR K 90 20.37 -22.84 -28.48
C TYR K 90 21.66 -23.22 -29.22
N VAL K 91 21.58 -23.42 -30.53
CA VAL K 91 22.74 -23.86 -31.31
C VAL K 91 23.81 -22.78 -31.32
N SER K 92 23.43 -21.50 -31.26
CA SER K 92 24.39 -20.40 -31.25
C SER K 92 25.20 -20.37 -29.94
N GLN K 93 24.61 -20.88 -28.85
CA GLN K 93 25.27 -20.96 -27.55
C GLN K 93 26.22 -22.15 -27.50
N MET K 94 25.87 -23.23 -28.22
CA MET K 94 26.56 -24.50 -28.07
C MET K 94 26.24 -25.41 -29.26
N ARG K 95 27.22 -25.61 -30.16
CA ARG K 95 26.95 -26.31 -31.41
C ARG K 95 26.84 -27.82 -31.20
N ALA K 96 27.26 -28.32 -30.03
CA ALA K 96 27.04 -29.72 -29.67
C ALA K 96 25.56 -30.11 -29.68
N SER K 97 24.66 -29.12 -29.61
CA SER K 97 23.24 -29.42 -29.54
C SER K 97 22.72 -30.03 -30.85
N ILE K 98 23.55 -30.05 -31.92
CA ILE K 98 23.11 -30.64 -33.18
C ILE K 98 23.10 -32.17 -33.13
N VAL K 99 23.73 -32.79 -32.13
CA VAL K 99 23.74 -34.25 -32.06
C VAL K 99 22.35 -34.79 -31.70
N VAL K 100 21.33 -33.94 -31.58
CA VAL K 100 19.96 -34.40 -31.45
C VAL K 100 19.39 -34.78 -32.82
N MET K 101 20.09 -34.39 -33.89
CA MET K 101 19.60 -34.60 -35.24
C MET K 101 19.50 -36.10 -35.54
N GLY K 102 20.51 -36.86 -35.11
CA GLY K 102 20.57 -38.29 -35.34
C GLY K 102 19.41 -39.04 -34.67
N PRO K 103 19.21 -38.92 -33.33
CA PRO K 103 18.06 -39.54 -32.66
C PRO K 103 16.70 -39.12 -33.22
N LEU K 104 16.56 -37.84 -33.62
CA LEU K 104 15.32 -37.34 -34.20
C LEU K 104 15.03 -38.05 -35.52
N LEU K 105 16.07 -38.29 -36.34
CA LEU K 105 15.89 -39.05 -37.57
C LEU K 105 15.47 -40.49 -37.28
N ALA K 106 16.09 -41.11 -36.27
CA ALA K 106 15.77 -42.49 -35.90
C ALA K 106 14.34 -42.62 -35.35
N ARG K 107 13.88 -41.67 -34.51
CA ARG K 107 12.56 -41.74 -33.89
C ARG K 107 11.47 -41.29 -34.85
N ASN K 108 11.66 -40.12 -35.45
CA ASN K 108 10.62 -39.39 -36.19
C ASN K 108 10.83 -39.48 -37.70
N GLY K 109 12.06 -39.72 -38.16
CA GLY K 109 12.38 -39.60 -39.59
C GLY K 109 12.39 -38.16 -40.06
N HIS K 110 12.56 -37.23 -39.11
CA HIS K 110 12.48 -35.80 -39.40
C HIS K 110 13.26 -35.06 -38.31
N ALA K 111 14.08 -34.08 -38.75
CA ALA K 111 14.79 -33.20 -37.83
C ALA K 111 14.98 -31.85 -38.50
N LYS K 112 14.85 -30.78 -37.69
CA LYS K 112 15.01 -29.42 -38.19
C LYS K 112 15.90 -28.68 -37.20
N VAL K 113 17.19 -28.56 -37.53
CA VAL K 113 18.19 -28.10 -36.58
C VAL K 113 18.96 -26.92 -37.20
N ALA K 114 19.16 -25.87 -36.40
CA ALA K 114 19.87 -24.68 -36.86
C ALA K 114 21.30 -25.04 -37.26
N MET K 115 21.73 -24.48 -38.38
CA MET K 115 23.09 -24.62 -38.87
C MET K 115 24.00 -23.88 -37.89
N PRO K 116 25.06 -24.51 -37.34
CA PRO K 116 26.02 -23.80 -36.50
C PRO K 116 26.73 -22.69 -37.26
N GLY K 117 27.03 -21.59 -36.55
CA GLY K 117 27.82 -20.51 -37.12
C GLY K 117 29.29 -20.62 -36.71
N GLY K 118 29.98 -19.48 -36.63
CA GLY K 118 31.38 -19.43 -36.27
C GLY K 118 31.65 -19.87 -34.84
N ALA K 120 35.05 -19.53 -32.02
CA ALA K 120 36.28 -18.81 -31.71
C ALA K 120 37.51 -19.60 -32.17
N ILE K 121 37.56 -20.91 -31.84
CA ILE K 121 38.76 -21.72 -31.94
C ILE K 121 38.90 -22.35 -33.35
N GLY K 122 37.92 -22.11 -34.22
CA GLY K 122 38.04 -22.39 -35.65
C GLY K 122 37.61 -23.82 -35.96
N LYS K 123 36.30 -24.08 -35.87
CA LYS K 123 35.74 -25.42 -36.01
C LYS K 123 35.52 -25.77 -37.48
N ARG K 124 35.20 -27.05 -37.72
CA ARG K 124 34.85 -27.56 -39.03
C ARG K 124 33.37 -27.27 -39.30
N PRO K 125 32.94 -27.40 -40.58
CA PRO K 125 31.51 -27.38 -40.89
C PRO K 125 30.89 -28.73 -40.54
N ILE K 126 29.59 -28.88 -40.79
CA ILE K 126 28.91 -30.09 -40.38
C ILE K 126 28.74 -31.02 -41.58
N ASP K 127 29.57 -30.83 -42.62
CA ASP K 127 29.48 -31.57 -43.88
C ASP K 127 29.46 -33.08 -43.66
N LEU K 128 30.28 -33.59 -42.73
CA LEU K 128 30.37 -35.04 -42.54
C LEU K 128 29.13 -35.61 -41.86
N HIS K 129 28.45 -34.82 -41.02
CA HIS K 129 27.17 -35.23 -40.46
C HIS K 129 26.17 -35.49 -41.58
N LEU K 130 26.10 -34.54 -42.52
CA LEU K 130 25.14 -34.56 -43.60
C LEU K 130 25.48 -35.69 -44.58
N LYS K 131 26.77 -35.89 -44.85
CA LYS K 131 27.22 -36.99 -45.69
C LYS K 131 26.72 -38.32 -45.12
N GLY K 132 26.88 -38.48 -43.80
CA GLY K 132 26.42 -39.68 -43.13
C GLY K 132 24.91 -39.87 -43.27
N PHE K 133 24.14 -38.81 -43.05
CA PHE K 133 22.69 -38.92 -43.06
C PHE K 133 22.19 -39.18 -44.48
N GLN K 134 22.80 -38.54 -45.49
CA GLN K 134 22.46 -38.79 -46.89
C GLN K 134 22.74 -40.26 -47.23
N ALA K 135 23.86 -40.80 -46.73
CA ALA K 135 24.23 -42.18 -47.00
C ALA K 135 23.19 -43.15 -46.46
N LEU K 136 22.45 -42.75 -45.39
CA LEU K 136 21.45 -43.60 -44.77
C LEU K 136 20.05 -43.39 -45.37
N GLY K 137 19.94 -42.48 -46.35
CA GLY K 137 18.70 -42.31 -47.09
C GLY K 137 17.94 -41.03 -46.75
N ALA K 138 18.62 -40.06 -46.12
CA ALA K 138 18.00 -38.80 -45.72
C ALA K 138 18.14 -37.78 -46.85
N LYS K 139 17.05 -37.01 -47.07
CA LYS K 139 17.05 -35.84 -47.93
C LYS K 139 17.37 -34.64 -47.05
N ILE K 140 18.21 -33.71 -47.55
CA ILE K 140 18.68 -32.59 -46.75
C ILE K 140 18.33 -31.28 -47.46
N ILE K 141 17.54 -30.42 -46.80
CA ILE K 141 17.22 -29.10 -47.30
C ILE K 141 17.81 -28.07 -46.33
N GLN K 142 18.22 -26.91 -46.87
CA GLN K 142 18.52 -25.73 -46.06
C GLN K 142 17.54 -24.61 -46.41
N LYS K 143 16.96 -23.96 -45.37
CA LYS K 143 16.15 -22.76 -45.53
C LYS K 143 16.20 -22.01 -44.21
N ASN K 144 16.31 -20.66 -44.24
CA ASN K 144 16.26 -19.81 -43.06
C ASN K 144 17.23 -20.27 -41.98
N GLY K 145 18.44 -20.71 -42.38
CA GLY K 145 19.47 -21.09 -41.42
C GLY K 145 19.21 -22.42 -40.70
N TYR K 146 18.28 -23.23 -41.20
CA TYR K 146 17.98 -24.54 -40.65
C TYR K 146 18.41 -25.61 -41.63
N ILE K 147 18.92 -26.72 -41.08
CA ILE K 147 19.07 -27.94 -41.85
C ILE K 147 17.86 -28.82 -41.56
N GLU K 148 17.11 -29.15 -42.61
CA GLU K 148 16.00 -30.05 -42.47
C GLU K 148 16.39 -31.38 -43.11
N ALA K 149 16.38 -32.45 -42.29
CA ALA K 149 16.63 -33.80 -42.76
C ALA K 149 15.35 -34.61 -42.67
N ILE K 150 14.96 -35.24 -43.78
CA ILE K 150 13.76 -36.08 -43.86
C ILE K 150 14.18 -37.48 -44.32
N ALA K 151 13.74 -38.52 -43.62
CA ALA K 151 14.02 -39.89 -44.02
C ALA K 151 12.83 -40.79 -43.67
N ASP K 152 12.09 -41.23 -44.71
CA ASP K 152 10.97 -42.12 -44.51
C ASP K 152 11.47 -43.45 -43.92
N GLU K 153 12.52 -43.99 -44.55
CA GLU K 153 13.18 -45.20 -44.07
C GLU K 153 14.70 -45.01 -44.09
N LEU K 154 15.32 -45.09 -42.91
CA LEU K 154 16.76 -45.14 -42.78
C LEU K 154 17.23 -46.53 -43.21
N ILE K 155 18.23 -46.57 -44.11
CA ILE K 155 18.77 -47.84 -44.59
C ILE K 155 20.30 -47.82 -44.41
N GLY K 156 20.80 -48.86 -43.74
CA GLY K 156 22.22 -49.01 -43.50
C GLY K 156 23.04 -49.03 -44.79
N ASN K 157 24.28 -48.55 -44.68
CA ASN K 157 25.17 -48.32 -45.80
C ASN K 157 26.61 -48.23 -45.28
N THR K 158 27.58 -48.28 -46.20
CA THR K 158 28.97 -48.02 -45.86
C THR K 158 29.25 -46.52 -45.99
N ILE K 159 29.87 -45.96 -44.95
CA ILE K 159 30.16 -44.54 -44.86
C ILE K 159 31.63 -44.40 -44.48
N TYR K 160 32.40 -43.72 -45.33
CA TYR K 160 33.79 -43.40 -45.04
C TYR K 160 33.85 -41.94 -44.60
N LEU K 161 34.42 -41.70 -43.41
CA LEU K 161 34.65 -40.35 -42.94
C LEU K 161 36.05 -39.87 -43.37
N ASP K 162 36.08 -38.74 -44.09
CA ASP K 162 37.32 -38.16 -44.59
C ASP K 162 38.22 -37.77 -43.41
N PHE K 163 37.60 -37.35 -42.31
CA PHE K 163 38.27 -37.08 -41.06
C PHE K 163 37.50 -37.82 -39.97
N PRO K 164 38.18 -38.37 -38.92
CA PRO K 164 37.48 -39.09 -37.84
C PRO K 164 36.78 -38.14 -36.85
N SER K 165 35.77 -37.42 -37.36
CA SER K 165 35.00 -36.44 -36.63
C SER K 165 34.18 -37.10 -35.51
N VAL K 166 34.43 -36.66 -34.28
CA VAL K 166 33.71 -37.12 -33.10
C VAL K 166 32.22 -36.83 -33.22
N GLY K 167 31.88 -35.58 -33.60
CA GLY K 167 30.50 -35.16 -33.68
C GLY K 167 29.72 -35.89 -34.77
N ALA K 168 30.32 -36.00 -35.97
CA ALA K 168 29.69 -36.71 -37.07
C ALA K 168 29.52 -38.18 -36.70
N THR K 169 30.53 -38.76 -36.06
CA THR K 169 30.47 -40.16 -35.63
C THR K 169 29.27 -40.37 -34.71
N GLN K 170 29.11 -39.49 -33.70
CA GLN K 170 28.04 -39.58 -32.72
C GLN K 170 26.68 -39.44 -33.39
N ASN K 171 26.54 -38.42 -34.24
CA ASN K 171 25.27 -38.13 -34.90
C ASN K 171 24.84 -39.32 -35.76
N ILE K 172 25.79 -39.88 -36.51
CA ILE K 172 25.52 -40.98 -37.43
C ILE K 172 25.22 -42.26 -36.68
N MET K 173 26.00 -42.56 -35.61
CA MET K 173 25.75 -43.76 -34.83
C MET K 173 24.31 -43.79 -34.37
N MET K 174 23.82 -42.64 -33.90
CA MET K 174 22.53 -42.56 -33.23
C MET K 174 21.37 -42.65 -34.23
N ALA K 175 21.59 -42.24 -35.49
CA ALA K 175 20.62 -42.50 -36.55
C ALA K 175 20.65 -43.98 -36.94
N ALA K 176 21.86 -44.54 -37.06
CA ALA K 176 22.08 -45.85 -37.65
C ALA K 176 21.58 -46.99 -36.75
N VAL K 177 21.47 -46.78 -35.44
CA VAL K 177 21.10 -47.85 -34.54
C VAL K 177 19.67 -48.32 -34.83
N LYS K 178 18.86 -47.50 -35.53
CA LYS K 178 17.50 -47.85 -35.90
C LYS K 178 17.29 -47.89 -37.41
N ALA K 179 18.36 -47.85 -38.21
CA ALA K 179 18.30 -48.04 -39.66
C ALA K 179 18.11 -49.54 -39.97
N LYS K 180 17.52 -49.85 -41.13
CA LYS K 180 17.34 -51.23 -41.53
C LYS K 180 18.67 -51.78 -42.03
N GLY K 181 19.13 -52.91 -41.46
CA GLY K 181 20.29 -53.62 -41.95
C GLY K 181 21.58 -53.12 -41.31
N THR K 182 22.69 -53.35 -42.01
CA THR K 182 24.02 -53.08 -41.48
C THR K 182 24.51 -51.71 -41.94
N THR K 183 25.12 -50.99 -41.00
CA THR K 183 25.85 -49.76 -41.27
C THR K 183 27.31 -50.02 -40.92
N ILE K 184 28.22 -49.48 -41.72
CA ILE K 184 29.64 -49.59 -41.45
C ILE K 184 30.24 -48.19 -41.60
N ILE K 185 30.88 -47.71 -40.53
CA ILE K 185 31.52 -46.41 -40.57
C ILE K 185 33.03 -46.64 -40.56
N GLU K 186 33.70 -46.18 -41.63
CA GLU K 186 35.14 -46.35 -41.74
C GLU K 186 35.81 -45.01 -41.45
N ASN K 187 36.91 -45.09 -40.72
CA ASN K 187 37.67 -43.95 -40.22
C ASN K 187 36.80 -43.18 -39.20
N VAL K 188 36.11 -43.93 -38.33
CA VAL K 188 35.34 -43.38 -37.21
C VAL K 188 36.26 -42.71 -36.21
N ALA K 189 35.67 -41.81 -35.42
CA ALA K 189 36.28 -41.34 -34.19
C ALA K 189 36.43 -42.50 -33.20
N ARG K 190 37.59 -42.50 -32.52
CA ARG K 190 38.02 -43.59 -31.66
C ARG K 190 38.07 -43.12 -30.20
N GLU K 191 37.66 -41.86 -29.95
CA GLU K 191 37.74 -41.25 -28.63
C GLU K 191 36.96 -42.05 -27.57
N PRO K 192 37.39 -42.04 -26.28
CA PRO K 192 36.69 -42.76 -25.21
C PRO K 192 35.21 -42.41 -24.99
N GLU K 193 34.82 -41.19 -25.40
CA GLU K 193 33.46 -40.70 -25.34
C GLU K 193 32.55 -41.48 -26.30
N ILE K 194 33.11 -41.87 -27.46
CA ILE K 194 32.44 -42.70 -28.44
C ILE K 194 32.14 -44.06 -27.81
N VAL K 195 33.11 -44.59 -27.05
CA VAL K 195 32.96 -45.89 -26.42
C VAL K 195 31.84 -45.80 -25.38
N ASP K 196 31.78 -44.72 -24.61
CA ASP K 196 30.77 -44.61 -23.55
C ASP K 196 29.38 -44.48 -24.19
N LEU K 197 29.28 -43.70 -25.28
CA LEU K 197 28.04 -43.60 -26.01
C LEU K 197 27.60 -44.97 -26.54
N ALA K 198 28.54 -45.73 -27.14
CA ALA K 198 28.22 -47.06 -27.64
C ALA K 198 27.75 -47.95 -26.50
N ASN K 199 28.37 -47.82 -25.33
CA ASN K 199 28.10 -48.69 -24.19
C ASN K 199 26.65 -48.48 -23.74
N ILE K 200 26.16 -47.23 -23.72
CA ILE K 200 24.78 -47.00 -23.29
C ILE K 200 23.80 -47.44 -24.37
N LEU K 201 24.08 -47.11 -25.65
CA LEU K 201 23.23 -47.56 -26.74
C LEU K 201 23.04 -49.07 -26.72
N ASN K 202 24.12 -49.82 -26.44
CA ASN K 202 24.05 -51.27 -26.39
C ASN K 202 23.12 -51.74 -25.26
N LYS K 203 23.20 -51.09 -24.10
CA LYS K 203 22.35 -51.40 -22.96
C LYS K 203 20.88 -51.10 -23.29
N MET K 204 20.66 -50.07 -24.13
CA MET K 204 19.34 -49.66 -24.52
C MET K 204 18.72 -50.61 -25.57
N GLY K 205 19.50 -51.58 -26.05
CA GLY K 205 19.00 -52.60 -26.95
C GLY K 205 19.62 -52.55 -28.35
N ALA K 206 20.56 -51.60 -28.57
CA ALA K 206 21.19 -51.44 -29.87
C ALA K 206 22.29 -52.47 -30.10
N GLN K 207 22.83 -52.51 -31.32
CA GLN K 207 23.93 -53.43 -31.64
C GLN K 207 25.07 -52.66 -32.32
N VAL K 208 25.98 -52.11 -31.51
CA VAL K 208 27.10 -51.32 -32.01
C VAL K 208 28.40 -52.04 -31.66
N TYR K 209 29.16 -52.42 -32.71
CA TYR K 209 30.38 -53.21 -32.57
C TYR K 209 31.58 -52.38 -33.03
N GLY K 210 32.73 -52.59 -32.41
CA GLY K 210 33.98 -51.97 -32.82
C GLY K 210 34.18 -50.54 -32.37
N ALA K 211 33.41 -50.08 -31.36
CA ALA K 211 33.61 -48.75 -30.81
C ALA K 211 35.00 -48.67 -30.18
N GLY K 212 35.76 -47.62 -30.53
CA GLY K 212 37.13 -47.46 -30.07
C GLY K 212 38.14 -47.93 -31.11
N THR K 213 37.68 -48.68 -32.12
CA THR K 213 38.53 -49.20 -33.19
C THR K 213 38.31 -48.38 -34.47
N GLU K 214 39.02 -48.77 -35.55
CA GLU K 214 39.08 -48.00 -36.79
C GLU K 214 37.75 -48.09 -37.56
N THR K 215 37.05 -49.22 -37.36
CA THR K 215 35.81 -49.54 -38.06
C THR K 215 34.72 -49.85 -37.05
N MET K 216 33.56 -49.23 -37.26
CA MET K 216 32.40 -49.45 -36.42
C MET K 216 31.31 -50.10 -37.28
N ARG K 217 30.66 -51.14 -36.72
CA ARG K 217 29.60 -51.87 -37.39
C ARG K 217 28.33 -51.81 -36.55
N ILE K 218 27.22 -51.40 -37.18
CA ILE K 218 25.98 -51.23 -36.47
C ILE K 218 24.90 -52.06 -37.17
N GLU K 219 24.21 -52.90 -36.38
CA GLU K 219 23.06 -53.66 -36.83
C GLU K 219 21.79 -52.99 -36.29
N GLY K 220 20.92 -52.57 -37.21
CA GLY K 220 19.73 -51.82 -36.85
C GLY K 220 18.76 -52.67 -36.03
N VAL K 221 17.98 -52.02 -35.16
CA VAL K 221 16.98 -52.67 -34.34
C VAL K 221 15.69 -51.86 -34.41
N ASP K 222 14.58 -52.49 -34.00
CA ASP K 222 13.26 -51.89 -34.09
C ASP K 222 13.00 -50.97 -32.90
N HIS K 223 13.39 -51.37 -31.69
CA HIS K 223 13.03 -50.64 -30.47
C HIS K 223 14.24 -50.51 -29.55
N LEU K 224 14.36 -49.36 -28.89
CA LEU K 224 15.31 -49.12 -27.81
C LEU K 224 14.55 -48.73 -26.54
N HIS K 225 15.06 -49.18 -25.37
CA HIS K 225 14.43 -48.92 -24.08
C HIS K 225 15.38 -48.08 -23.21
N ALA K 226 14.84 -47.52 -22.12
CA ALA K 226 15.60 -46.65 -21.21
C ALA K 226 16.39 -47.50 -20.22
N VAL K 227 17.51 -46.95 -19.72
CA VAL K 227 18.43 -47.64 -18.83
C VAL K 227 18.99 -46.65 -17.80
N ASN K 228 19.70 -47.17 -16.79
CA ASN K 228 20.56 -46.39 -15.92
C ASN K 228 21.99 -46.44 -16.47
N HIS K 229 22.69 -45.29 -16.47
CA HIS K 229 24.07 -45.24 -16.90
C HIS K 229 24.84 -44.19 -16.10
N SER K 230 26.06 -44.56 -15.69
CA SER K 230 27.00 -43.65 -15.05
CA SER K 230 27.02 -43.66 -15.05
C SER K 230 27.99 -43.12 -16.09
N ILE K 231 28.04 -41.80 -16.27
CA ILE K 231 28.92 -41.18 -17.25
C ILE K 231 30.37 -41.47 -16.85
N VAL K 232 31.20 -41.75 -17.85
CA VAL K 232 32.62 -41.98 -17.66
C VAL K 232 33.27 -40.71 -17.10
N GLN K 233 34.33 -40.87 -16.28
CA GLN K 233 35.10 -39.76 -15.76
C GLN K 233 35.60 -38.87 -16.89
N ASP K 234 35.68 -37.55 -16.63
CA ASP K 234 36.20 -36.56 -17.57
C ASP K 234 37.73 -36.64 -17.64
N ARG K 235 38.26 -37.12 -18.77
CA ARG K 235 39.69 -37.34 -18.94
C ARG K 235 40.42 -36.01 -19.07
N ILE K 236 39.71 -34.99 -19.54
CA ILE K 236 40.27 -33.65 -19.74
C ILE K 236 40.35 -32.88 -18.41
N GLU K 237 39.31 -32.98 -17.55
CA GLU K 237 39.41 -32.41 -16.22
C GLU K 237 40.55 -33.11 -15.48
N ALA K 238 40.57 -34.44 -15.53
CA ALA K 238 41.65 -35.24 -14.94
C ALA K 238 43.01 -34.74 -15.41
N GLY K 239 43.15 -34.61 -16.73
CA GLY K 239 44.43 -34.24 -17.31
C GLY K 239 44.88 -32.84 -16.90
N THR K 240 43.91 -31.94 -16.76
CA THR K 240 44.17 -30.57 -16.30
C THR K 240 44.86 -30.59 -14.94
N PHE K 241 44.38 -31.46 -14.04
CA PHE K 241 44.94 -31.55 -12.69
C PHE K 241 46.30 -32.25 -12.71
N MET K 242 46.49 -33.18 -13.65
CA MET K 242 47.79 -33.83 -13.84
C MET K 242 48.86 -32.80 -14.20
N VAL K 243 48.52 -31.89 -15.11
CA VAL K 243 49.42 -30.80 -15.51
C VAL K 243 49.70 -29.88 -14.32
N ALA K 244 48.67 -29.57 -13.52
CA ALA K 244 48.82 -28.66 -12.40
C ALA K 244 49.81 -29.23 -11.39
N ALA K 245 49.67 -30.53 -11.09
CA ALA K 245 50.58 -31.24 -10.20
C ALA K 245 52.00 -31.25 -10.78
N ALA K 246 52.12 -31.48 -12.10
CA ALA K 246 53.43 -31.64 -12.71
C ALA K 246 54.20 -30.32 -12.73
N MET K 247 53.49 -29.18 -12.74
CA MET K 247 54.16 -27.90 -12.90
C MET K 247 54.40 -27.21 -11.56
N THR K 248 53.91 -27.76 -10.44
CA THR K 248 54.03 -27.09 -9.15
C THR K 248 54.84 -27.92 -8.16
N GLN K 249 55.72 -28.81 -8.64
CA GLN K 249 56.39 -29.79 -7.79
C GLN K 249 55.38 -30.48 -6.87
N GLY K 250 54.23 -30.86 -7.44
CA GLY K 250 53.11 -31.33 -6.64
C GLY K 250 53.23 -32.83 -6.34
N ASN K 251 52.27 -33.30 -5.55
CA ASN K 251 52.03 -34.71 -5.30
C ASN K 251 50.52 -34.86 -5.14
N VAL K 252 49.86 -35.23 -6.23
CA VAL K 252 48.41 -35.17 -6.33
C VAL K 252 47.90 -36.52 -6.83
N LEU K 253 46.91 -37.07 -6.12
CA LEU K 253 46.21 -38.25 -6.57
C LEU K 253 44.92 -37.80 -7.27
N ILE K 254 44.80 -38.18 -8.56
CA ILE K 254 43.56 -37.97 -9.28
C ILE K 254 42.70 -39.20 -9.09
N ALA K 255 41.65 -39.05 -8.27
CA ALA K 255 40.86 -40.17 -7.78
C ALA K 255 40.17 -40.88 -8.95
N ASP K 256 40.39 -42.21 -9.01
CA ASP K 256 39.74 -43.11 -9.96
C ASP K 256 40.05 -42.76 -11.40
N ALA K 257 41.21 -42.16 -11.65
CA ALA K 257 41.61 -41.76 -12.99
C ALA K 257 41.87 -42.99 -13.86
N ILE K 258 41.40 -42.93 -15.11
CA ILE K 258 41.56 -43.98 -16.09
C ILE K 258 42.76 -43.60 -16.97
N SER K 259 43.88 -44.28 -16.75
CA SER K 259 45.15 -43.90 -17.34
C SER K 259 45.15 -44.17 -18.85
N GLU K 260 44.37 -45.19 -19.29
CA GLU K 260 44.29 -45.55 -20.71
C GLU K 260 43.60 -44.43 -21.49
N HIS K 261 42.91 -43.52 -20.79
CA HIS K 261 42.30 -42.35 -21.43
C HIS K 261 43.25 -41.15 -21.50
N ASN K 262 44.46 -41.24 -20.93
CA ASN K 262 45.46 -40.20 -21.07
C ASN K 262 46.85 -40.80 -21.31
N ARG K 263 46.99 -41.75 -22.26
CA ARG K 263 48.29 -42.32 -22.54
C ARG K 263 49.23 -41.23 -23.07
N PRO K 264 48.83 -40.42 -24.07
CA PRO K 264 49.67 -39.33 -24.58
C PRO K 264 50.14 -38.32 -23.51
N LEU K 265 49.20 -37.77 -22.75
CA LEU K 265 49.52 -36.77 -21.74
C LEU K 265 50.46 -37.33 -20.66
N ILE K 266 50.17 -38.54 -20.18
CA ILE K 266 51.01 -39.16 -19.16
C ILE K 266 52.44 -39.34 -19.70
N SER K 267 52.57 -39.83 -20.93
CA SER K 267 53.88 -40.05 -21.54
C SER K 267 54.63 -38.73 -21.66
N LYS K 268 53.94 -37.67 -22.09
CA LYS K 268 54.58 -36.38 -22.31
C LYS K 268 55.01 -35.74 -20.98
N LEU K 269 54.17 -35.87 -19.94
CA LEU K 269 54.51 -35.29 -18.64
C LEU K 269 55.71 -36.02 -18.04
N ILE K 270 55.79 -37.35 -18.23
CA ILE K 270 56.96 -38.11 -17.83
C ILE K 270 58.20 -37.65 -18.61
N GLU K 271 58.08 -37.34 -19.89
CA GLU K 271 59.21 -36.78 -20.64
C GLU K 271 59.66 -35.44 -20.07
N MET K 272 58.75 -34.70 -19.41
CA MET K 272 59.07 -33.40 -18.83
C MET K 272 59.63 -33.56 -17.41
N GLY K 273 59.61 -34.78 -16.88
CA GLY K 273 60.29 -35.07 -15.62
C GLY K 273 59.35 -35.56 -14.52
N ALA K 274 58.03 -35.59 -14.80
CA ALA K 274 57.08 -36.04 -13.80
C ALA K 274 57.23 -37.53 -13.56
N GLU K 275 56.90 -37.97 -12.34
CA GLU K 275 56.72 -39.36 -11.98
C GLU K 275 55.23 -39.60 -11.83
N ILE K 276 54.68 -40.58 -12.55
CA ILE K 276 53.25 -40.83 -12.59
C ILE K 276 52.99 -42.32 -12.36
N ILE K 277 52.15 -42.64 -11.37
CA ILE K 277 52.01 -43.96 -10.81
C ILE K 277 50.53 -44.34 -10.81
N GLU K 278 50.19 -45.51 -11.36
CA GLU K 278 48.86 -46.05 -11.21
C GLU K 278 48.76 -46.75 -9.86
N GLU K 279 47.76 -46.35 -9.05
CA GLU K 279 47.52 -46.89 -7.73
C GLU K 279 46.11 -47.44 -7.66
N GLU K 280 45.78 -48.19 -6.59
CA GLU K 280 44.42 -48.70 -6.37
C GLU K 280 43.41 -47.54 -6.49
N GLY K 281 43.75 -46.35 -5.94
CA GLY K 281 42.78 -45.27 -5.80
C GLY K 281 42.78 -44.29 -6.96
N GLY K 282 43.74 -44.40 -7.89
CA GLY K 282 43.79 -43.53 -9.05
C GLY K 282 45.22 -43.34 -9.55
N VAL K 283 45.47 -42.18 -10.20
CA VAL K 283 46.77 -41.89 -10.78
C VAL K 283 47.44 -40.76 -9.98
N ARG K 284 48.63 -41.03 -9.45
CA ARG K 284 49.38 -40.05 -8.69
C ARG K 284 50.40 -39.38 -9.61
N VAL K 285 50.45 -38.03 -9.56
CA VAL K 285 51.42 -37.25 -10.32
C VAL K 285 52.33 -36.52 -9.35
N ILE K 286 53.65 -36.74 -9.50
CA ILE K 286 54.65 -36.06 -8.70
C ILE K 286 55.48 -35.17 -9.64
N GLY K 287 55.40 -33.85 -9.44
CA GLY K 287 56.07 -32.89 -10.29
C GLY K 287 57.56 -32.79 -10.00
N PRO K 288 58.43 -32.67 -11.02
CA PRO K 288 59.87 -32.61 -10.81
C PRO K 288 60.34 -31.24 -10.34
N LYS K 289 61.56 -31.20 -9.79
CA LYS K 289 62.17 -29.95 -9.40
C LYS K 289 62.53 -29.16 -10.66
N HIS K 290 63.02 -29.87 -11.70
CA HIS K 290 63.39 -29.28 -12.97
C HIS K 290 62.47 -29.81 -14.07
N ILE K 291 61.59 -28.91 -14.55
CA ILE K 291 60.68 -29.23 -15.63
C ILE K 291 61.44 -29.13 -16.96
N LEU K 292 61.45 -30.22 -17.72
CA LEU K 292 62.21 -30.33 -18.96
C LEU K 292 61.30 -30.02 -20.16
N PRO K 293 61.82 -29.34 -21.19
CA PRO K 293 61.03 -29.06 -22.39
C PRO K 293 60.70 -30.33 -23.18
N THR K 294 59.60 -30.26 -23.94
CA THR K 294 59.14 -31.32 -24.82
C THR K 294 58.28 -30.69 -25.90
N ASP K 295 58.19 -31.33 -27.06
CA ASP K 295 57.34 -30.90 -28.17
C ASP K 295 56.06 -31.72 -28.15
N VAL K 296 54.97 -31.11 -28.62
CA VAL K 296 53.64 -31.71 -28.56
C VAL K 296 52.98 -31.53 -29.92
N LYS K 297 52.33 -32.58 -30.42
CA LYS K 297 51.57 -32.51 -31.64
C LYS K 297 50.17 -33.10 -31.40
N THR K 298 49.14 -32.28 -31.61
CA THR K 298 47.77 -32.75 -31.43
C THR K 298 47.33 -33.53 -32.67
N MET K 299 46.48 -34.53 -32.43
CA MET K 299 45.92 -35.39 -33.46
C MET K 299 44.64 -36.01 -32.92
N PRO K 300 43.78 -36.55 -33.80
CA PRO K 300 42.68 -37.41 -33.37
C PRO K 300 43.21 -38.53 -32.47
N HIS K 301 42.38 -38.95 -31.52
CA HIS K 301 42.69 -40.12 -30.72
C HIS K 301 43.10 -41.27 -31.65
N PRO K 302 44.18 -42.05 -31.36
CA PRO K 302 44.91 -42.04 -30.10
C PRO K 302 46.13 -41.13 -29.93
N GLY K 303 46.26 -40.10 -30.77
CA GLY K 303 47.29 -39.08 -30.59
C GLY K 303 46.97 -38.09 -29.46
N PHE K 304 47.81 -37.06 -29.33
CA PHE K 304 47.70 -36.14 -28.20
C PHE K 304 46.42 -35.31 -28.36
N PRO K 305 45.51 -35.29 -27.35
CA PRO K 305 44.21 -34.61 -27.48
C PRO K 305 44.33 -33.09 -27.54
N THR K 306 43.68 -32.48 -28.53
CA THR K 306 43.65 -31.03 -28.64
C THR K 306 43.02 -30.40 -27.39
N ASP K 307 42.09 -31.09 -26.71
CA ASP K 307 41.45 -30.56 -25.53
C ASP K 307 42.41 -30.44 -24.34
N MET K 308 43.63 -31.04 -24.43
CA MET K 308 44.66 -30.88 -23.42
C MET K 308 45.74 -29.86 -23.84
N GLN K 309 45.69 -29.37 -25.08
CA GLN K 309 46.74 -28.53 -25.64
C GLN K 309 46.95 -27.24 -24.82
N ALA K 310 45.88 -26.46 -24.57
CA ALA K 310 46.07 -25.18 -23.87
C ALA K 310 46.72 -25.38 -22.50
N GLN K 311 46.20 -26.34 -21.73
CA GLN K 311 46.74 -26.68 -20.41
C GLN K 311 48.21 -27.06 -20.53
N MET K 312 48.55 -27.82 -21.59
CA MET K 312 49.90 -28.31 -21.76
C MET K 312 50.87 -27.15 -22.09
N THR K 313 50.41 -26.12 -22.81
CA THR K 313 51.28 -24.99 -23.12
C THR K 313 51.69 -24.26 -21.83
N ALA K 314 50.83 -24.31 -20.80
CA ALA K 314 51.12 -23.68 -19.52
C ALA K 314 52.37 -24.30 -18.90
N ILE K 315 52.47 -25.65 -18.90
CA ILE K 315 53.65 -26.30 -18.33
C ILE K 315 54.84 -26.15 -19.28
N GLN K 316 54.61 -26.14 -20.60
CA GLN K 316 55.70 -25.95 -21.55
C GLN K 316 56.34 -24.56 -21.37
N LEU K 317 55.53 -23.58 -20.98
CA LEU K 317 56.01 -22.20 -20.83
C LEU K 317 56.82 -21.99 -19.55
N VAL K 318 56.88 -22.97 -18.64
CA VAL K 318 57.74 -22.86 -17.46
C VAL K 318 58.84 -23.92 -17.48
N ALA K 319 58.91 -24.70 -18.58
CA ALA K 319 59.97 -25.69 -18.74
C ALA K 319 61.31 -25.00 -19.01
N GLU K 320 62.41 -25.68 -18.69
CA GLU K 320 63.75 -25.11 -18.73
C GLU K 320 64.36 -25.28 -20.11
N GLY K 321 63.85 -24.52 -21.08
CA GLY K 321 64.29 -24.56 -22.47
C GLY K 321 63.17 -24.19 -23.44
N THR K 322 63.37 -24.48 -24.73
CA THR K 322 62.42 -24.16 -25.78
C THR K 322 61.57 -25.39 -26.11
N SER K 323 60.24 -25.19 -26.19
CA SER K 323 59.29 -26.25 -26.52
C SER K 323 58.44 -25.80 -27.70
N VAL K 324 57.97 -26.76 -28.50
CA VAL K 324 57.15 -26.46 -29.66
C VAL K 324 55.83 -27.21 -29.54
N VAL K 325 54.73 -26.56 -29.92
CA VAL K 325 53.45 -27.23 -30.00
C VAL K 325 52.90 -27.02 -31.40
N THR K 326 52.27 -28.08 -31.93
CA THR K 326 51.68 -28.07 -33.25
C THR K 326 50.25 -28.52 -33.12
N GLU K 327 49.32 -27.66 -33.53
CA GLU K 327 47.89 -27.94 -33.42
C GLU K 327 47.36 -28.31 -34.79
N THR K 328 47.03 -29.60 -35.01
CA THR K 328 46.57 -30.07 -36.31
C THR K 328 45.06 -30.33 -36.32
N VAL K 329 44.34 -30.09 -35.22
CA VAL K 329 42.92 -30.40 -35.18
C VAL K 329 42.07 -29.13 -35.26
N PHE K 330 42.56 -28.01 -34.71
CA PHE K 330 41.83 -26.76 -34.75
C PHE K 330 42.70 -25.65 -35.34
N GLU K 331 42.04 -24.68 -35.99
CA GLU K 331 42.73 -23.69 -36.78
C GLU K 331 43.28 -22.56 -35.88
N ASN K 332 42.49 -22.18 -34.85
CA ASN K 332 42.77 -20.96 -34.11
C ASN K 332 42.61 -21.19 -32.61
N ARG K 333 43.43 -22.10 -32.06
CA ARG K 333 43.36 -22.48 -30.67
C ARG K 333 44.67 -22.13 -29.97
N PHE K 334 45.24 -20.94 -30.29
CA PHE K 334 46.42 -20.42 -29.58
C PHE K 334 46.16 -19.04 -28.97
N GLN K 335 44.89 -18.65 -28.82
CA GLN K 335 44.58 -17.31 -28.37
C GLN K 335 45.00 -17.10 -26.92
N HIS K 336 44.99 -18.17 -26.12
CA HIS K 336 45.49 -18.12 -24.75
C HIS K 336 46.96 -17.69 -24.70
N LEU K 337 47.76 -18.13 -25.68
CA LEU K 337 49.17 -17.75 -25.71
C LEU K 337 49.30 -16.25 -26.02
N GLU K 338 48.39 -15.70 -26.83
CA GLU K 338 48.38 -14.27 -27.07
C GLU K 338 48.16 -13.52 -25.75
N GLU K 339 47.24 -14.01 -24.90
CA GLU K 339 46.95 -13.38 -23.61
C GLU K 339 48.14 -13.51 -22.66
N MET K 340 48.78 -14.68 -22.65
CA MET K 340 49.82 -14.97 -21.68
C MET K 340 51.07 -14.13 -21.93
N ARG K 341 51.11 -13.37 -23.04
CA ARG K 341 52.14 -12.37 -23.23
C ARG K 341 52.03 -11.30 -22.14
N ARG K 342 50.82 -11.04 -21.66
CA ARG K 342 50.59 -10.13 -20.55
C ARG K 342 51.28 -10.63 -19.27
N MET K 343 51.43 -11.95 -19.17
CA MET K 343 52.11 -12.59 -18.06
C MET K 343 53.58 -12.85 -18.37
N ASN K 344 54.14 -12.15 -19.38
CA ASN K 344 55.55 -12.21 -19.74
C ASN K 344 55.93 -13.55 -20.40
N ALA K 345 54.97 -14.28 -20.96
CA ALA K 345 55.28 -15.46 -21.74
C ALA K 345 55.99 -15.08 -23.03
N HIS K 346 57.16 -15.70 -23.27
CA HIS K 346 57.89 -15.56 -24.52
C HIS K 346 57.49 -16.66 -25.50
N VAL K 347 56.69 -16.31 -26.51
CA VAL K 347 56.13 -17.28 -27.42
C VAL K 347 56.03 -16.65 -28.82
N LYS K 348 56.41 -17.41 -29.86
CA LYS K 348 56.25 -17.01 -31.26
C LYS K 348 55.25 -17.95 -31.91
N ILE K 349 54.30 -17.40 -32.65
CA ILE K 349 53.24 -18.16 -33.29
C ILE K 349 53.35 -17.95 -34.80
N ASP K 350 53.22 -19.02 -35.59
CA ASP K 350 53.06 -18.91 -37.03
C ASP K 350 52.21 -20.08 -37.51
N GLY K 351 51.02 -19.75 -38.03
CA GLY K 351 50.11 -20.78 -38.49
C GLY K 351 49.69 -21.62 -37.28
N ASN K 352 49.94 -22.92 -37.38
CA ASN K 352 49.47 -23.86 -36.36
C ASN K 352 50.66 -24.38 -35.55
N VAL K 353 51.76 -23.61 -35.49
CA VAL K 353 52.92 -23.89 -34.66
C VAL K 353 53.14 -22.74 -33.67
N ALA K 354 53.54 -23.09 -32.44
CA ALA K 354 53.89 -22.11 -31.43
C ALA K 354 55.18 -22.53 -30.73
N ILE K 355 56.07 -21.56 -30.49
CA ILE K 355 57.43 -21.80 -30.05
C ILE K 355 57.61 -21.06 -28.72
N MET K 356 57.79 -21.82 -27.64
CA MET K 356 57.74 -21.27 -26.30
C MET K 356 59.12 -21.35 -25.65
N ASP K 357 59.60 -20.20 -25.15
CA ASP K 357 60.86 -20.12 -24.43
C ASP K 357 60.55 -19.97 -22.94
N GLY K 358 60.79 -21.03 -22.18
CA GLY K 358 60.41 -21.08 -20.77
C GLY K 358 61.50 -20.61 -19.81
N ASN K 359 62.61 -20.05 -20.33
CA ASN K 359 63.67 -19.52 -19.47
C ASN K 359 63.38 -18.06 -19.14
N HIS K 360 62.14 -17.80 -18.67
CA HIS K 360 61.68 -16.49 -18.26
C HIS K 360 60.67 -16.71 -17.13
N GLU K 361 60.69 -15.87 -16.10
CA GLU K 361 59.68 -15.95 -15.04
C GLU K 361 58.36 -15.38 -15.56
N LEU K 362 57.27 -16.12 -15.33
CA LEU K 362 55.93 -15.62 -15.58
C LEU K 362 55.60 -14.58 -14.51
N GLN K 363 54.75 -13.63 -14.89
CA GLN K 363 54.37 -12.52 -14.03
C GLN K 363 52.85 -12.42 -13.95
N GLY K 364 52.32 -12.23 -12.75
CA GLY K 364 50.89 -12.02 -12.56
C GLY K 364 50.40 -10.79 -13.33
N ALA K 365 49.20 -10.92 -13.93
CA ALA K 365 48.52 -9.83 -14.60
C ALA K 365 47.04 -10.13 -14.73
N GLU K 366 46.22 -9.12 -15.01
CA GLU K 366 44.82 -9.29 -15.39
C GLU K 366 44.78 -9.89 -16.79
N VAL K 367 44.06 -11.02 -16.95
CA VAL K 367 43.96 -11.72 -18.23
C VAL K 367 42.52 -12.20 -18.44
N TYR K 368 42.05 -12.12 -19.69
CA TYR K 368 40.72 -12.53 -20.11
C TYR K 368 40.78 -13.86 -20.86
N ALA K 369 40.03 -14.86 -20.40
CA ALA K 369 39.87 -16.10 -21.12
C ALA K 369 39.07 -15.88 -22.40
N THR K 370 39.34 -16.73 -23.41
CA THR K 370 38.76 -16.64 -24.75
C THR K 370 37.89 -17.86 -25.06
N ASP K 371 38.08 -18.93 -24.29
CA ASP K 371 37.38 -20.19 -24.49
C ASP K 371 37.59 -21.06 -23.26
N LEU K 372 36.86 -22.17 -23.19
CA LEU K 372 36.88 -23.05 -22.03
C LEU K 372 38.29 -23.41 -21.56
N ARG K 373 39.13 -24.00 -22.44
CA ARG K 373 40.39 -24.56 -21.99
C ARG K 373 41.45 -23.48 -21.79
N ALA K 374 41.31 -22.36 -22.52
CA ALA K 374 42.15 -21.20 -22.29
C ALA K 374 41.98 -20.71 -20.85
N ALA K 375 40.74 -20.72 -20.34
CA ALA K 375 40.49 -20.26 -18.98
C ALA K 375 41.27 -21.11 -17.98
N ALA K 376 41.22 -22.44 -18.15
CA ALA K 376 41.95 -23.33 -17.27
C ALA K 376 43.46 -23.09 -17.38
N ALA K 377 43.96 -22.88 -18.61
CA ALA K 377 45.39 -22.71 -18.84
C ALA K 377 45.91 -21.46 -18.15
N LEU K 378 45.13 -20.38 -18.17
CA LEU K 378 45.52 -19.11 -17.51
C LEU K 378 45.60 -19.26 -16.00
N VAL K 379 44.68 -20.06 -15.41
CA VAL K 379 44.70 -20.32 -13.99
C VAL K 379 45.95 -21.12 -13.64
N LEU K 380 46.24 -22.18 -14.43
CA LEU K 380 47.43 -23.00 -14.25
C LEU K 380 48.69 -22.13 -14.33
N ALA K 381 48.74 -21.22 -15.30
CA ALA K 381 49.90 -20.34 -15.45
C ALA K 381 50.06 -19.49 -14.18
N GLY K 382 48.92 -19.07 -13.61
CA GLY K 382 48.89 -18.30 -12.37
C GLY K 382 49.58 -19.02 -11.21
N LEU K 383 49.48 -20.35 -11.19
CA LEU K 383 50.06 -21.19 -10.13
C LEU K 383 51.59 -21.06 -10.11
N LYS K 384 52.18 -20.65 -11.25
CA LYS K 384 53.63 -20.56 -11.39
C LYS K 384 54.09 -19.13 -11.66
N ALA K 385 53.15 -18.19 -11.80
CA ALA K 385 53.53 -16.81 -12.02
C ALA K 385 53.93 -16.19 -10.69
N ASN K 386 54.78 -15.17 -10.78
CA ASN K 386 55.18 -14.41 -9.61
C ASN K 386 54.25 -13.20 -9.56
N GLY K 387 53.65 -12.95 -8.39
CA GLY K 387 52.68 -11.87 -8.22
C GLY K 387 51.26 -12.40 -8.19
N ILE K 388 50.30 -11.57 -8.61
CA ILE K 388 48.88 -11.89 -8.57
C ILE K 388 48.33 -11.94 -9.98
N THR K 389 47.73 -13.07 -10.34
CA THR K 389 47.04 -13.26 -11.61
C THR K 389 45.54 -13.16 -11.37
N ARG K 390 44.82 -12.43 -12.23
CA ARG K 390 43.37 -12.33 -12.14
C ARG K 390 42.76 -12.79 -13.47
N VAL K 391 42.05 -13.93 -13.46
CA VAL K 391 41.50 -14.52 -14.66
C VAL K 391 40.01 -14.16 -14.78
N ARG K 392 39.62 -13.59 -15.92
CA ARG K 392 38.24 -13.16 -16.18
C ARG K 392 37.66 -13.92 -17.38
N ASN K 393 36.37 -13.67 -17.65
CA ASN K 393 35.52 -14.44 -18.56
C ASN K 393 35.39 -15.88 -18.05
N LEU K 394 34.93 -16.03 -16.79
CA LEU K 394 34.73 -17.33 -16.16
C LEU K 394 33.48 -18.01 -16.70
N ASN K 395 32.66 -17.31 -17.49
CA ASN K 395 31.59 -17.95 -18.22
C ASN K 395 32.17 -19.13 -19.05
N TYR K 396 33.39 -18.96 -19.62
CA TYR K 396 34.01 -20.02 -20.42
C TYR K 396 34.40 -21.20 -19.55
N LEU K 397 34.99 -20.92 -18.37
CA LEU K 397 35.43 -21.97 -17.47
C LEU K 397 34.26 -22.85 -17.04
N ASP K 398 33.10 -22.23 -16.75
CA ASP K 398 31.95 -22.92 -16.19
C ASP K 398 31.30 -23.88 -17.21
N ARG K 399 31.67 -23.74 -18.49
CA ARG K 399 31.14 -24.62 -19.52
C ARG K 399 31.70 -26.04 -19.35
N GLY K 400 32.89 -26.16 -18.75
CA GLY K 400 33.59 -27.43 -18.72
C GLY K 400 34.22 -27.81 -17.38
N TYR K 401 34.30 -26.89 -16.40
CA TYR K 401 34.87 -27.21 -15.10
C TYR K 401 33.89 -26.82 -14.01
N TYR K 402 33.64 -27.73 -13.07
CA TYR K 402 32.80 -27.47 -11.91
C TYR K 402 33.68 -27.27 -10.68
N ASN K 403 33.58 -26.11 -10.04
CA ASN K 403 34.28 -25.83 -8.80
C ASN K 403 35.79 -25.93 -8.99
N PHE K 404 36.31 -25.34 -10.07
CA PHE K 404 37.74 -25.45 -10.37
C PHE K 404 38.57 -24.85 -9.23
N HIS K 405 38.15 -23.65 -8.78
CA HIS K 405 38.88 -22.92 -7.75
C HIS K 405 38.87 -23.67 -6.42
N ILE K 406 37.75 -24.34 -6.09
CA ILE K 406 37.63 -25.04 -4.82
C ILE K 406 38.54 -26.28 -4.82
N LYS K 407 38.56 -27.03 -5.93
CA LYS K 407 39.42 -28.21 -6.05
C LYS K 407 40.89 -27.80 -5.94
N LEU K 408 41.24 -26.64 -6.48
CA LEU K 408 42.60 -26.13 -6.39
C LEU K 408 42.92 -25.69 -4.96
N GLN K 409 41.97 -25.02 -4.28
CA GLN K 409 42.16 -24.64 -2.88
C GLN K 409 42.43 -25.88 -2.03
N GLN K 410 41.64 -26.94 -2.27
CA GLN K 410 41.75 -28.16 -1.51
C GLN K 410 43.11 -28.84 -1.72
N LEU K 411 43.86 -28.46 -2.77
CA LEU K 411 45.17 -29.00 -3.03
C LEU K 411 46.29 -28.09 -2.50
N GLY K 412 45.91 -27.01 -1.81
CA GLY K 412 46.89 -26.12 -1.20
C GLY K 412 47.20 -24.88 -2.03
N ALA K 413 46.45 -24.68 -3.13
CA ALA K 413 46.69 -23.55 -4.02
C ALA K 413 46.04 -22.30 -3.45
N ASP K 414 46.67 -21.17 -3.75
CA ASP K 414 46.18 -19.87 -3.32
C ASP K 414 45.31 -19.29 -4.44
N VAL K 415 44.05 -19.70 -4.46
CA VAL K 415 43.10 -19.40 -5.52
C VAL K 415 41.76 -19.00 -4.88
N GLU K 416 41.23 -17.84 -5.26
CA GLU K 416 39.92 -17.39 -4.82
C GLU K 416 39.06 -17.08 -6.04
N ARG K 417 37.73 -17.20 -5.91
CA ARG K 417 36.80 -16.68 -6.88
C ARG K 417 35.92 -15.64 -6.19
N VAL K 418 35.88 -14.41 -6.73
CA VAL K 418 35.31 -13.26 -6.05
C VAL K 418 34.59 -12.38 -7.07
N ASP K 419 33.72 -11.49 -6.58
CA ASP K 419 33.06 -10.51 -7.42
C ASP K 419 33.99 -9.33 -7.69
N MET K 420 33.73 -8.61 -8.79
CA MET K 420 34.32 -7.32 -9.08
C MET K 420 33.23 -6.26 -8.87
N MET L 1 8.76 -45.97 31.45
CA MET L 1 8.14 -47.22 31.98
C MET L 1 7.19 -47.79 30.91
N GLU L 2 7.79 -48.17 29.76
CA GLU L 2 7.06 -48.66 28.60
C GLU L 2 7.28 -50.15 28.34
N GLU L 3 6.32 -50.80 27.67
CA GLU L 3 6.45 -52.19 27.23
C GLU L 3 5.89 -52.36 25.82
N ILE L 4 6.41 -53.35 25.11
CA ILE L 4 5.82 -53.81 23.85
C ILE L 4 5.02 -55.07 24.14
N ILE L 5 3.74 -55.09 23.73
CA ILE L 5 2.87 -56.24 23.89
C ILE L 5 2.71 -56.87 22.52
N VAL L 6 2.91 -58.20 22.44
CA VAL L 6 2.90 -58.94 21.20
C VAL L 6 1.94 -60.11 21.35
N ARG L 7 1.06 -60.29 20.36
CA ARG L 7 0.32 -61.55 20.21
C ARG L 7 0.85 -62.23 18.95
N GLY L 8 1.04 -63.56 19.03
CA GLY L 8 1.60 -64.32 17.93
C GLY L 8 0.50 -64.88 17.05
N GLY L 9 0.90 -65.52 15.94
CA GLY L 9 -0.04 -66.19 15.05
C GLY L 9 -0.35 -65.40 13.78
N ASN L 10 0.31 -64.26 13.54
CA ASN L 10 0.07 -63.47 12.35
C ASN L 10 1.25 -63.52 11.39
N GLN L 11 0.93 -63.61 10.10
CA GLN L 11 1.90 -63.57 9.03
C GLN L 11 2.22 -62.14 8.67
N LEU L 12 3.51 -61.85 8.44
CA LEU L 12 3.94 -60.52 8.07
C LEU L 12 3.89 -60.41 6.56
N ASN L 13 3.26 -59.33 6.06
CA ASN L 13 3.10 -59.06 4.64
C ASN L 13 3.28 -57.56 4.41
N GLY L 14 4.02 -57.20 3.36
CA GLY L 14 4.12 -55.82 2.96
C GLY L 14 5.55 -55.38 2.69
N THR L 15 5.74 -54.07 2.64
CA THR L 15 7.03 -53.43 2.43
C THR L 15 7.48 -52.76 3.72
N VAL L 16 8.79 -52.81 4.01
CA VAL L 16 9.36 -52.10 5.16
C VAL L 16 10.53 -51.25 4.69
N ARG L 17 10.55 -49.98 5.10
CA ARG L 17 11.67 -49.07 4.89
C ARG L 17 12.63 -49.19 6.07
N ILE L 18 13.93 -49.04 5.78
CA ILE L 18 15.00 -49.26 6.73
C ILE L 18 15.77 -47.95 6.91
N GLU L 19 16.11 -47.63 8.16
CA GLU L 19 16.90 -46.43 8.45
C GLU L 19 18.36 -46.62 8.04
N GLY L 20 19.08 -45.50 7.96
CA GLY L 20 20.53 -45.49 7.87
C GLY L 20 21.19 -46.17 9.06
N ALA L 21 22.41 -46.68 8.84
CA ALA L 21 23.07 -47.60 9.75
C ALA L 21 23.57 -46.87 10.99
N LYS L 22 23.14 -47.35 12.16
CA LYS L 22 23.69 -46.92 13.44
C LYS L 22 25.22 -47.06 13.45
N ASN L 23 25.73 -48.20 12.98
CA ASN L 23 27.14 -48.52 13.16
C ASN L 23 28.01 -47.78 12.14
N ALA L 24 27.40 -47.12 11.14
CA ALA L 24 28.12 -46.24 10.23
C ALA L 24 28.01 -44.79 10.70
N VAL L 25 26.86 -44.39 11.23
CA VAL L 25 26.61 -42.98 11.48
C VAL L 25 27.48 -42.48 12.64
N LEU L 26 27.73 -43.33 13.65
CA LEU L 26 28.49 -42.91 14.82
C LEU L 26 29.93 -42.55 14.46
N PRO L 27 30.71 -43.43 13.78
CA PRO L 27 32.05 -43.04 13.32
C PRO L 27 32.09 -41.92 12.29
N ILE L 28 31.06 -41.83 11.43
CA ILE L 28 31.02 -40.78 10.42
C ILE L 28 30.77 -39.41 11.06
N LEU L 29 30.00 -39.37 12.16
CA LEU L 29 29.84 -38.15 12.94
C LEU L 29 31.19 -37.70 13.50
N ALA L 30 31.95 -38.68 14.04
CA ALA L 30 33.30 -38.41 14.52
C ALA L 30 34.21 -37.92 13.39
N ALA L 31 34.02 -38.47 12.18
CA ALA L 31 34.83 -38.10 11.02
C ALA L 31 34.64 -36.64 10.67
N SER L 32 33.47 -36.08 11.01
CA SER L 32 33.12 -34.72 10.65
C SER L 32 33.99 -33.71 11.41
N LEU L 33 34.65 -34.14 12.49
CA LEU L 33 35.59 -33.32 13.24
C LEU L 33 36.84 -33.01 12.42
N LEU L 34 37.10 -33.79 11.36
CA LEU L 34 38.30 -33.61 10.56
C LEU L 34 38.19 -32.37 9.66
N ALA L 35 36.96 -31.91 9.39
CA ALA L 35 36.74 -30.80 8.48
C ALA L 35 36.96 -29.46 9.19
N GLU L 36 38.10 -28.81 8.88
CA GLU L 36 38.51 -27.59 9.56
C GLU L 36 37.72 -26.39 9.03
N GLU L 37 37.19 -26.51 7.81
CA GLU L 37 36.39 -25.49 7.16
C GLU L 37 35.19 -26.14 6.48
N GLY L 38 34.03 -25.45 6.54
CA GLY L 38 32.83 -25.90 5.86
C GLY L 38 31.82 -26.52 6.82
N ILE L 39 30.63 -26.79 6.27
CA ILE L 39 29.54 -27.45 7.00
C ILE L 39 29.35 -28.85 6.42
N THR L 40 29.49 -29.87 7.28
CA THR L 40 29.19 -31.24 6.94
C THR L 40 27.67 -31.47 7.03
N THR L 41 27.07 -32.09 6.00
CA THR L 41 25.66 -32.42 6.03
C THR L 41 25.50 -33.93 5.82
N LEU L 42 24.98 -34.62 6.84
CA LEU L 42 24.71 -36.05 6.77
C LEU L 42 23.22 -36.27 6.57
N ASP L 43 22.88 -37.11 5.58
CA ASP L 43 21.52 -37.51 5.29
C ASP L 43 21.31 -38.96 5.68
N ASN L 44 20.04 -39.37 5.85
CA ASN L 44 19.64 -40.72 6.20
C ASN L 44 20.17 -41.05 7.60
N VAL L 45 20.18 -40.05 8.49
CA VAL L 45 20.58 -40.25 9.87
C VAL L 45 19.38 -40.82 10.64
N PRO L 46 19.50 -42.00 11.29
CA PRO L 46 18.40 -42.58 12.05
C PRO L 46 18.19 -41.87 13.38
N ILE L 47 16.93 -41.82 13.81
CA ILE L 47 16.57 -41.26 15.11
C ILE L 47 16.74 -42.35 16.17
N LEU L 48 17.94 -42.46 16.74
CA LEU L 48 18.25 -43.42 17.80
C LEU L 48 18.91 -42.69 18.95
N SER L 49 18.87 -43.27 20.16
CA SER L 49 19.43 -42.57 21.31
C SER L 49 20.96 -42.46 21.20
N ASP L 50 21.62 -43.45 20.55
CA ASP L 50 23.06 -43.40 20.37
C ASP L 50 23.47 -42.19 19.52
N VAL L 51 22.63 -41.80 18.54
CA VAL L 51 22.88 -40.61 17.74
C VAL L 51 22.79 -39.34 18.59
N PHE L 52 21.83 -39.29 19.51
CA PHE L 52 21.70 -38.14 20.40
C PHE L 52 22.93 -38.05 21.30
N THR L 53 23.39 -39.20 21.83
CA THR L 53 24.55 -39.23 22.70
C THR L 53 25.81 -38.78 21.94
N MET L 54 25.99 -39.29 20.73
CA MET L 54 27.16 -38.95 19.95
C MET L 54 27.15 -37.47 19.60
N ASN L 55 25.97 -36.92 19.30
CA ASN L 55 25.84 -35.49 19.02
C ASN L 55 26.26 -34.66 20.22
N GLN L 56 25.95 -35.13 21.45
CA GLN L 56 26.36 -34.42 22.66
C GLN L 56 27.88 -34.48 22.81
N VAL L 57 28.45 -35.66 22.59
CA VAL L 57 29.89 -35.88 22.72
C VAL L 57 30.62 -34.83 21.88
N ILE L 58 30.15 -34.66 20.65
CA ILE L 58 30.79 -33.82 19.66
C ILE L 58 30.60 -32.33 19.98
N ARG L 59 29.43 -31.95 20.49
CA ARG L 59 29.20 -30.57 20.93
C ARG L 59 30.20 -30.18 22.01
N HIS L 60 30.43 -31.08 22.97
CA HIS L 60 31.33 -30.82 24.09
C HIS L 60 32.78 -30.63 23.62
N LEU L 61 33.06 -30.90 22.34
CA LEU L 61 34.36 -30.63 21.73
C LEU L 61 34.37 -29.29 21.01
N ASN L 62 33.36 -28.46 21.27
CA ASN L 62 33.26 -27.10 20.73
C ASN L 62 32.88 -27.13 19.26
N VAL L 63 31.75 -27.80 18.98
CA VAL L 63 31.27 -28.03 17.63
C VAL L 63 29.75 -27.81 17.63
N ASP L 64 29.20 -27.21 16.56
CA ASP L 64 27.78 -27.05 16.41
C ASP L 64 27.18 -28.24 15.66
N VAL L 65 26.20 -28.89 16.28
CA VAL L 65 25.53 -30.02 15.67
C VAL L 65 24.03 -29.78 15.72
N ASP L 66 23.39 -29.70 14.56
CA ASP L 66 21.94 -29.58 14.46
C ASP L 66 21.35 -30.83 13.84
N PHE L 67 20.39 -31.44 14.55
CA PHE L 67 19.72 -32.65 14.09
C PHE L 67 18.28 -32.32 13.71
N ASP L 68 18.00 -32.18 12.41
CA ASP L 68 16.64 -32.10 11.89
C ASP L 68 16.05 -33.50 11.77
N GLU L 69 15.27 -33.95 12.77
CA GLU L 69 14.75 -35.31 12.84
C GLU L 69 13.75 -35.58 11.73
N GLN L 70 13.03 -34.55 11.31
CA GLN L 70 11.97 -34.66 10.30
C GLN L 70 12.60 -34.98 8.95
N LYS L 71 13.77 -34.38 8.67
CA LYS L 71 14.50 -34.60 7.42
C LYS L 71 15.55 -35.71 7.57
N ASN L 72 15.70 -36.30 8.78
CA ASN L 72 16.73 -37.29 9.05
C ASN L 72 18.11 -36.75 8.65
N GLN L 73 18.45 -35.56 9.13
CA GLN L 73 19.61 -34.83 8.64
C GLN L 73 20.34 -34.12 9.77
N VAL L 74 21.68 -34.19 9.75
CA VAL L 74 22.53 -33.57 10.75
C VAL L 74 23.54 -32.66 10.04
N THR L 75 23.62 -31.39 10.46
CA THR L 75 24.66 -30.49 9.97
C THR L 75 25.70 -30.33 11.08
N ILE L 76 26.98 -30.33 10.71
CA ILE L 76 28.07 -30.18 11.68
C ILE L 76 28.98 -29.05 11.22
N ASP L 77 29.33 -28.16 12.15
CA ASP L 77 30.29 -27.08 11.93
C ASP L 77 31.42 -27.25 12.94
N ALA L 78 32.57 -27.74 12.48
CA ALA L 78 33.70 -28.01 13.36
C ALA L 78 34.87 -27.09 13.02
N SER L 79 34.57 -25.83 12.69
CA SER L 79 35.58 -24.92 12.15
C SER L 79 36.27 -24.12 13.25
N ARG L 80 35.72 -24.14 14.47
CA ARG L 80 36.38 -23.53 15.62
C ARG L 80 37.46 -24.49 16.15
N GLN L 81 38.35 -23.94 16.98
CA GLN L 81 39.32 -24.70 17.76
C GLN L 81 38.58 -25.72 18.62
N LEU L 82 38.94 -27.01 18.49
CA LEU L 82 38.30 -28.08 19.22
C LEU L 82 38.85 -28.16 20.64
N GLU L 83 37.98 -28.42 21.62
CA GLU L 83 38.37 -29.01 22.89
C GLU L 83 38.63 -30.49 22.66
N ILE L 84 39.30 -31.14 23.62
CA ILE L 84 39.90 -32.45 23.38
C ILE L 84 39.37 -33.50 24.36
N GLU L 85 38.33 -33.18 25.15
CA GLU L 85 37.94 -34.01 26.27
C GLU L 85 36.57 -34.65 26.04
N ALA L 86 36.51 -35.98 26.24
CA ALA L 86 35.28 -36.76 26.20
C ALA L 86 35.11 -37.52 27.52
N PRO L 87 34.29 -37.01 28.48
CA PRO L 87 34.26 -37.56 29.85
C PRO L 87 33.50 -38.86 30.02
N TYR L 88 33.63 -39.48 31.20
CA TYR L 88 32.99 -40.78 31.46
C TYR L 88 31.47 -40.62 31.45
N GLU L 89 30.96 -39.40 31.70
CA GLU L 89 29.52 -39.15 31.64
C GLU L 89 28.96 -39.67 30.32
N TYR L 90 29.70 -39.51 29.21
CA TYR L 90 29.24 -39.94 27.89
C TYR L 90 29.74 -41.34 27.52
N VAL L 91 31.00 -41.63 27.82
CA VAL L 91 31.60 -42.90 27.46
C VAL L 91 30.93 -44.04 28.23
N SER L 92 30.45 -43.78 29.46
CA SER L 92 29.77 -44.81 30.26
C SER L 92 28.43 -45.19 29.66
N GLN L 93 27.79 -44.25 28.93
CA GLN L 93 26.52 -44.49 28.26
C GLN L 93 26.74 -45.27 26.96
N MET L 94 27.89 -45.05 26.31
CA MET L 94 28.10 -45.52 24.96
C MET L 94 29.59 -45.47 24.61
N ARG L 95 30.24 -46.64 24.54
CA ARG L 95 31.69 -46.69 24.40
C ARG L 95 32.13 -46.35 22.97
N ALA L 96 31.19 -46.35 22.01
CA ALA L 96 31.48 -45.88 20.66
C ALA L 96 31.99 -44.45 20.61
N SER L 97 31.74 -43.67 21.67
CA SER L 97 32.14 -42.28 21.70
C SER L 97 33.66 -42.10 21.70
N ILE L 98 34.43 -43.19 21.88
CA ILE L 98 35.88 -43.09 21.89
C ILE L 98 36.45 -42.90 20.48
N VAL L 99 35.66 -43.16 19.42
CA VAL L 99 36.18 -43.00 18.06
C VAL L 99 36.39 -41.53 17.72
N VAL L 100 36.18 -40.61 18.67
CA VAL L 100 36.57 -39.21 18.47
C VAL L 100 38.07 -39.05 18.72
N MET L 101 38.70 -40.06 19.32
CA MET L 101 40.10 -39.96 19.71
C MET L 101 40.99 -39.81 18.47
N GLY L 102 40.68 -40.58 17.41
CA GLY L 102 41.42 -40.54 16.16
C GLY L 102 41.40 -39.18 15.49
N PRO L 103 40.22 -38.62 15.16
CA PRO L 103 40.12 -37.27 14.60
C PRO L 103 40.76 -36.17 15.46
N LEU L 104 40.65 -36.29 16.79
CA LEU L 104 41.26 -35.33 17.71
C LEU L 104 42.78 -35.37 17.59
N LEU L 105 43.36 -36.57 17.44
CA LEU L 105 44.80 -36.68 17.23
C LEU L 105 45.20 -36.05 15.90
N ALA L 106 44.41 -36.28 14.84
CA ALA L 106 44.69 -35.74 13.52
C ALA L 106 44.60 -34.20 13.50
N ARG L 107 43.59 -33.63 14.16
CA ARG L 107 43.36 -32.17 14.13
C ARG L 107 44.28 -31.46 15.11
N ASN L 108 44.31 -31.94 16.36
CA ASN L 108 44.90 -31.24 17.49
C ASN L 108 46.23 -31.85 17.92
N GLY L 109 46.46 -33.14 17.61
CA GLY L 109 47.60 -33.87 18.17
C GLY L 109 47.46 -34.14 19.67
N HIS L 110 46.20 -34.12 20.14
CA HIS L 110 45.91 -34.26 21.56
C HIS L 110 44.47 -34.77 21.71
N ALA L 111 44.28 -35.76 22.60
CA ALA L 111 42.96 -36.28 22.92
C ALA L 111 42.96 -36.79 24.36
N LYS L 112 41.85 -36.58 25.05
CA LYS L 112 41.71 -36.98 26.44
C LYS L 112 40.34 -37.63 26.58
N VAL L 113 40.30 -38.96 26.56
CA VAL L 113 39.06 -39.70 26.42
C VAL L 113 38.96 -40.72 27.56
N ALA L 114 37.78 -40.80 28.18
CA ALA L 114 37.54 -41.72 29.27
C ALA L 114 37.69 -43.16 28.78
N MET L 115 38.37 -43.95 29.60
CA MET L 115 38.55 -45.37 29.37
C MET L 115 37.18 -46.03 29.50
N PRO L 116 36.69 -46.81 28.51
CA PRO L 116 35.44 -47.56 28.67
C PRO L 116 35.56 -48.58 29.80
N GLY L 117 34.45 -48.81 30.49
CA GLY L 117 34.34 -49.85 31.50
C GLY L 117 33.68 -51.08 30.93
N GLY L 118 33.03 -51.87 31.79
CA GLY L 118 32.39 -53.12 31.38
C GLY L 118 31.19 -52.90 30.46
N ALA L 120 27.75 -55.32 29.12
CA ALA L 120 26.92 -56.48 29.38
C ALA L 120 27.37 -57.70 28.56
N ILE L 121 27.58 -57.52 27.24
CA ILE L 121 27.73 -58.62 26.29
C ILE L 121 29.19 -59.08 26.18
N GLY L 122 30.09 -58.41 26.91
CA GLY L 122 31.44 -58.93 27.13
C GLY L 122 32.39 -58.49 26.03
N LYS L 123 32.72 -57.18 26.03
CA LYS L 123 33.49 -56.54 24.96
C LYS L 123 34.99 -56.72 25.21
N ARG L 124 35.78 -56.32 24.21
CA ARG L 124 37.23 -56.29 24.30
C ARG L 124 37.67 -54.99 25.00
N PRO L 125 38.93 -54.92 25.45
CA PRO L 125 39.51 -53.65 25.88
C PRO L 125 39.88 -52.81 24.65
N ILE L 126 40.46 -51.62 24.87
CA ILE L 126 40.75 -50.74 23.75
C ILE L 126 42.22 -50.84 23.36
N ASP L 127 42.87 -51.96 23.73
CA ASP L 127 44.28 -52.19 23.49
C ASP L 127 44.68 -51.95 22.05
N LEU L 128 43.86 -52.40 21.08
CA LEU L 128 44.24 -52.28 19.68
C LEU L 128 44.17 -50.85 19.16
N HIS L 129 43.27 -50.03 19.73
CA HIS L 129 43.23 -48.60 19.43
C HIS L 129 44.57 -47.97 19.80
N LEU L 130 45.02 -48.26 21.02
CA LEU L 130 46.23 -47.66 21.57
C LEU L 130 47.46 -48.17 20.83
N LYS L 131 47.48 -49.45 20.47
CA LYS L 131 48.55 -50.04 19.67
C LYS L 131 48.70 -49.24 18.37
N GLY L 132 47.56 -48.99 17.71
CA GLY L 132 47.54 -48.23 16.49
C GLY L 132 48.10 -46.83 16.67
N PHE L 133 47.67 -46.13 17.72
CA PHE L 133 48.07 -44.75 17.92
C PHE L 133 49.54 -44.67 18.28
N GLN L 134 50.05 -45.61 19.11
CA GLN L 134 51.46 -45.67 19.44
C GLN L 134 52.29 -45.91 18.18
N ALA L 135 51.79 -46.77 17.27
CA ALA L 135 52.49 -47.06 16.03
C ALA L 135 52.63 -45.82 15.17
N LEU L 136 51.71 -44.85 15.31
CA LEU L 136 51.72 -43.62 14.52
C LEU L 136 52.50 -42.50 15.20
N GLY L 137 53.04 -42.77 16.40
CA GLY L 137 53.94 -41.83 17.08
C GLY L 137 53.30 -41.14 18.28
N ALA L 138 52.18 -41.68 18.79
CA ALA L 138 51.47 -41.08 19.91
C ALA L 138 52.00 -41.64 21.23
N LYS L 139 52.14 -40.73 22.22
CA LYS L 139 52.45 -41.10 23.60
C LYS L 139 51.12 -41.27 24.32
N ILE L 140 51.01 -42.29 25.18
CA ILE L 140 49.76 -42.62 25.83
C ILE L 140 49.95 -42.63 27.36
N ILE L 141 49.22 -41.76 28.07
CA ILE L 141 49.21 -41.74 29.53
C ILE L 141 47.80 -42.14 29.99
N GLN L 142 47.72 -42.78 31.17
CA GLN L 142 46.46 -42.96 31.88
C GLN L 142 46.52 -42.23 33.22
N LYS L 143 45.47 -41.47 33.57
CA LYS L 143 45.30 -40.87 34.89
C LYS L 143 43.80 -40.65 35.10
N ASN L 144 43.28 -40.90 36.30
CA ASN L 144 41.90 -40.63 36.69
C ASN L 144 40.89 -41.20 35.68
N GLY L 145 41.16 -42.41 35.17
CA GLY L 145 40.22 -43.07 34.26
C GLY L 145 40.17 -42.48 32.84
N TYR L 146 41.16 -41.65 32.48
CA TYR L 146 41.26 -41.05 31.16
C TYR L 146 42.48 -41.64 30.45
N ILE L 147 42.33 -41.83 29.13
CA ILE L 147 43.47 -42.05 28.26
C ILE L 147 43.84 -40.72 27.62
N GLU L 148 45.07 -40.27 27.86
CA GLU L 148 45.57 -39.06 27.22
C GLU L 148 46.57 -39.48 26.14
N ALA L 149 46.26 -39.14 24.87
CA ALA L 149 47.15 -39.37 23.76
C ALA L 149 47.69 -38.04 23.25
N ILE L 150 49.02 -37.94 23.13
CA ILE L 150 49.70 -36.76 22.60
C ILE L 150 50.54 -37.18 21.40
N ALA L 151 50.44 -36.43 20.29
CA ALA L 151 51.30 -36.66 19.14
C ALA L 151 51.61 -35.33 18.45
N ASP L 152 52.87 -34.89 18.53
CA ASP L 152 53.32 -33.68 17.85
C ASP L 152 53.17 -33.88 16.34
N GLU L 153 53.68 -35.01 15.84
CA GLU L 153 53.60 -35.39 14.45
C GLU L 153 53.20 -36.87 14.35
N LEU L 154 52.06 -37.11 13.70
CA LEU L 154 51.64 -38.46 13.33
C LEU L 154 52.48 -38.91 12.14
N ILE L 155 53.05 -40.11 12.23
CA ILE L 155 53.87 -40.67 11.15
C ILE L 155 53.34 -42.06 10.78
N GLY L 156 53.04 -42.23 9.49
CA GLY L 156 52.56 -43.49 8.96
C GLY L 156 53.50 -44.66 9.23
N ASN L 157 52.90 -45.84 9.41
CA ASN L 157 53.59 -47.04 9.84
C ASN L 157 52.77 -48.26 9.42
N THR L 158 53.39 -49.44 9.48
CA THR L 158 52.65 -50.69 9.29
C THR L 158 52.13 -51.17 10.65
N ILE L 159 50.83 -51.49 10.69
CA ILE L 159 50.13 -51.86 11.90
C ILE L 159 49.36 -53.14 11.63
N TYR L 160 49.66 -54.20 12.40
CA TYR L 160 48.94 -55.46 12.31
C TYR L 160 47.96 -55.52 13.47
N LEU L 161 46.68 -55.74 13.16
CA LEU L 161 45.66 -55.96 14.17
C LEU L 161 45.53 -57.45 14.46
N ASP L 162 45.70 -57.81 15.74
CA ASP L 162 45.63 -59.19 16.20
C ASP L 162 44.23 -59.75 15.94
N PHE L 163 43.23 -58.90 16.07
CA PHE L 163 41.85 -59.21 15.73
C PHE L 163 41.36 -58.07 14.83
N PRO L 164 40.50 -58.36 13.81
CA PRO L 164 39.98 -57.32 12.92
C PRO L 164 38.88 -56.47 13.58
N SER L 165 39.28 -55.74 14.63
CA SER L 165 38.43 -54.87 15.42
C SER L 165 37.89 -53.70 14.59
N VAL L 166 36.56 -53.62 14.50
CA VAL L 166 35.86 -52.54 13.81
C VAL L 166 36.22 -51.18 14.42
N GLY L 167 36.16 -51.10 15.75
CA GLY L 167 36.38 -49.84 16.46
C GLY L 167 37.82 -49.36 16.32
N ALA L 168 38.78 -50.27 16.53
CA ALA L 168 40.19 -49.92 16.38
C ALA L 168 40.48 -49.50 14.95
N THR L 169 39.90 -50.22 13.99
CA THR L 169 40.07 -49.90 12.58
C THR L 169 39.61 -48.46 12.30
N GLN L 170 38.41 -48.10 12.79
CA GLN L 170 37.82 -46.78 12.59
C GLN L 170 38.69 -45.69 13.22
N ASN L 171 39.09 -45.91 14.47
CA ASN L 171 39.85 -44.92 15.22
C ASN L 171 41.18 -44.66 14.53
N ILE L 172 41.86 -45.73 14.09
CA ILE L 172 43.17 -45.62 13.46
C ILE L 172 43.08 -45.00 12.08
N MET L 173 42.07 -45.40 11.28
CA MET L 173 41.88 -44.82 9.95
C MET L 173 41.85 -43.30 10.05
N MET L 174 41.10 -42.81 11.05
CA MET L 174 40.77 -41.39 11.14
C MET L 174 41.97 -40.58 11.63
N ALA L 175 42.88 -41.20 12.41
CA ALA L 175 44.15 -40.56 12.74
C ALA L 175 45.07 -40.56 11.53
N ALA L 176 45.12 -41.70 10.82
CA ALA L 176 46.12 -41.96 9.80
C ALA L 176 45.91 -41.11 8.54
N VAL L 177 44.67 -40.65 8.28
CA VAL L 177 44.40 -39.92 7.05
C VAL L 177 45.18 -38.61 7.03
N LYS L 178 45.66 -38.13 8.18
CA LYS L 178 46.46 -36.91 8.27
C LYS L 178 47.87 -37.15 8.82
N ALA L 179 48.31 -38.40 8.93
CA ALA L 179 49.70 -38.73 9.26
C ALA L 179 50.61 -38.48 8.06
N LYS L 180 51.90 -38.22 8.31
CA LYS L 180 52.85 -38.07 7.23
C LYS L 180 53.20 -39.44 6.64
N GLY L 181 53.03 -39.59 5.33
CA GLY L 181 53.46 -40.78 4.62
C GLY L 181 52.38 -41.86 4.61
N THR L 182 52.85 -43.10 4.41
CA THR L 182 51.97 -44.23 4.19
C THR L 182 51.70 -44.97 5.49
N THR L 183 50.42 -45.33 5.68
CA THR L 183 50.00 -46.21 6.75
C THR L 183 49.44 -47.47 6.10
N ILE L 184 49.74 -48.63 6.70
CA ILE L 184 49.18 -49.88 6.22
C ILE L 184 48.60 -50.60 7.42
N ILE L 185 47.31 -50.92 7.38
CA ILE L 185 46.67 -51.68 8.45
C ILE L 185 46.39 -53.08 7.93
N GLU L 186 47.00 -54.07 8.60
CA GLU L 186 46.88 -55.46 8.17
C GLU L 186 45.93 -56.16 9.15
N ASN L 187 45.04 -56.98 8.59
CA ASN L 187 43.97 -57.67 9.31
C ASN L 187 42.98 -56.62 9.82
N VAL L 188 42.66 -55.64 8.96
CA VAL L 188 41.62 -54.65 9.21
C VAL L 188 40.26 -55.30 9.28
N ALA L 189 39.32 -54.62 9.95
CA ALA L 189 37.90 -54.88 9.81
C ALA L 189 37.45 -54.64 8.37
N ARG L 190 36.59 -55.54 7.89
CA ARG L 190 36.16 -55.59 6.50
C ARG L 190 34.67 -55.24 6.39
N GLU L 191 34.03 -54.91 7.54
CA GLU L 191 32.59 -54.67 7.62
C GLU L 191 32.16 -53.56 6.67
N PRO L 192 30.91 -53.58 6.14
CA PRO L 192 30.42 -52.51 5.24
C PRO L 192 30.41 -51.09 5.80
N GLU L 193 30.40 -50.97 7.13
CA GLU L 193 30.46 -49.70 7.83
C GLU L 193 31.84 -49.05 7.67
N ILE L 194 32.88 -49.87 7.60
CA ILE L 194 34.25 -49.44 7.32
C ILE L 194 34.30 -48.85 5.92
N VAL L 195 33.60 -49.49 4.97
CA VAL L 195 33.59 -49.02 3.60
C VAL L 195 32.91 -47.67 3.54
N ASP L 196 31.80 -47.47 4.28
CA ASP L 196 31.06 -46.22 4.22
C ASP L 196 31.90 -45.10 4.84
N LEU L 197 32.58 -45.40 5.95
CA LEU L 197 33.50 -44.46 6.56
C LEU L 197 34.62 -44.08 5.59
N ALA L 198 35.21 -45.06 4.90
CA ALA L 198 36.27 -44.79 3.94
C ALA L 198 35.74 -43.92 2.81
N ASN L 199 34.48 -44.16 2.40
CA ASN L 199 33.90 -43.47 1.26
C ASN L 199 33.76 -41.98 1.60
N ILE L 200 33.37 -41.64 2.84
CA ILE L 200 33.22 -40.23 3.18
C ILE L 200 34.59 -39.58 3.37
N LEU L 201 35.52 -40.25 4.05
CA LEU L 201 36.87 -39.73 4.20
C LEU L 201 37.47 -39.37 2.85
N ASN L 202 37.28 -40.24 1.84
CA ASN L 202 37.82 -40.01 0.51
C ASN L 202 37.20 -38.75 -0.11
N LYS L 203 35.89 -38.55 0.07
CA LYS L 203 35.19 -37.38 -0.43
C LYS L 203 35.72 -36.12 0.25
N MET L 204 36.12 -36.25 1.53
CA MET L 204 36.62 -35.14 2.32
C MET L 204 38.05 -34.77 1.93
N GLY L 205 38.68 -35.56 1.05
CA GLY L 205 40.00 -35.24 0.52
C GLY L 205 41.07 -36.25 0.93
N ALA L 206 40.70 -37.30 1.67
CA ALA L 206 41.65 -38.29 2.15
C ALA L 206 41.97 -39.31 1.06
N GLN L 207 42.96 -40.18 1.34
CA GLN L 207 43.37 -41.21 0.38
C GLN L 207 43.42 -42.57 1.07
N VAL L 208 42.27 -43.26 1.07
CA VAL L 208 42.14 -44.56 1.72
C VAL L 208 41.85 -45.60 0.64
N TYR L 209 42.74 -46.60 0.54
CA TYR L 209 42.61 -47.69 -0.42
C TYR L 209 42.36 -49.01 0.29
N GLY L 210 41.55 -49.86 -0.34
CA GLY L 210 41.42 -51.24 0.10
C GLY L 210 40.40 -51.44 1.21
N ALA L 211 39.51 -50.45 1.44
CA ALA L 211 38.45 -50.62 2.41
C ALA L 211 37.54 -51.77 1.97
N GLY L 212 37.25 -52.69 2.89
CA GLY L 212 36.47 -53.88 2.59
C GLY L 212 37.36 -55.10 2.30
N THR L 213 38.65 -54.88 2.05
CA THR L 213 39.62 -55.95 1.81
C THR L 213 40.46 -56.18 3.06
N GLU L 214 41.41 -57.14 2.97
CA GLU L 214 42.18 -57.63 4.11
C GLU L 214 43.21 -56.58 4.57
N THR L 215 43.65 -55.74 3.62
CA THR L 215 44.69 -54.75 3.82
C THR L 215 44.19 -53.38 3.39
N MET L 216 44.40 -52.40 4.27
CA MET L 216 44.02 -51.03 4.01
C MET L 216 45.30 -50.20 3.92
N ARG L 217 45.36 -49.32 2.91
CA ARG L 217 46.51 -48.45 2.68
C ARG L 217 46.06 -47.00 2.67
N ILE L 218 46.72 -46.17 3.49
CA ILE L 218 46.30 -44.79 3.68
C ILE L 218 47.50 -43.90 3.40
N GLU L 219 47.30 -42.92 2.49
CA GLU L 219 48.28 -41.89 2.20
C GLU L 219 47.83 -40.59 2.89
N GLY L 220 48.69 -40.07 3.77
CA GLY L 220 48.35 -38.90 4.56
C GLY L 220 48.19 -37.66 3.68
N VAL L 221 47.32 -36.72 4.14
CA VAL L 221 47.09 -35.47 3.45
C VAL L 221 47.14 -34.34 4.49
N ASP L 222 47.29 -33.10 4.01
CA ASP L 222 47.43 -31.93 4.87
C ASP L 222 46.06 -31.44 5.32
N HIS L 223 45.07 -31.40 4.42
CA HIS L 223 43.80 -30.75 4.69
C HIS L 223 42.62 -31.60 4.23
N LEU L 224 41.55 -31.60 5.02
CA LEU L 224 40.28 -32.24 4.71
C LEU L 224 39.15 -31.20 4.78
N HIS L 225 38.16 -31.34 3.89
CA HIS L 225 37.05 -30.40 3.79
C HIS L 225 35.73 -31.13 4.08
N ALA L 226 34.66 -30.34 4.31
CA ALA L 226 33.34 -30.87 4.63
C ALA L 226 32.61 -31.28 3.34
N VAL L 227 31.69 -32.24 3.45
CA VAL L 227 30.97 -32.81 2.32
C VAL L 227 29.52 -33.12 2.72
N ASN L 228 28.69 -33.45 1.72
CA ASN L 228 27.40 -34.11 1.93
C ASN L 228 27.58 -35.62 1.80
N HIS L 229 26.95 -36.37 2.70
CA HIS L 229 27.00 -37.83 2.63
C HIS L 229 25.68 -38.42 3.14
N SER L 230 25.17 -39.42 2.42
CA SER L 230 24.02 -40.21 2.82
CA SER L 230 24.02 -40.21 2.84
C SER L 230 24.51 -41.51 3.48
N ILE L 231 24.10 -41.75 4.72
CA ILE L 231 24.52 -42.93 5.46
C ILE L 231 23.96 -44.16 4.75
N VAL L 232 24.76 -45.22 4.66
CA VAL L 232 24.34 -46.48 4.08
C VAL L 232 23.18 -47.06 4.91
N GLN L 233 22.28 -47.81 4.25
CA GLN L 233 21.20 -48.50 4.92
C GLN L 233 21.74 -49.42 6.03
N ASP L 234 20.98 -49.55 7.13
CA ASP L 234 21.31 -50.42 8.25
C ASP L 234 21.04 -51.89 7.88
N ARG L 235 22.11 -52.67 7.72
CA ARG L 235 22.02 -54.06 7.29
C ARG L 235 21.45 -54.95 8.39
N ILE L 236 21.63 -54.51 9.65
CA ILE L 236 21.15 -55.24 10.82
C ILE L 236 19.64 -55.01 11.03
N GLU L 237 19.16 -53.76 10.87
CA GLU L 237 17.72 -53.52 10.91
C GLU L 237 17.06 -54.32 9.77
N ALA L 238 17.64 -54.22 8.56
CA ALA L 238 17.17 -54.99 7.41
C ALA L 238 17.09 -56.46 7.76
N GLY L 239 18.17 -57.01 8.30
CA GLY L 239 18.26 -58.43 8.58
C GLY L 239 17.25 -58.88 9.63
N THR L 240 16.98 -58.00 10.61
CA THR L 240 15.98 -58.26 11.64
C THR L 240 14.61 -58.50 11.00
N PHE L 241 14.26 -57.71 9.97
CA PHE L 241 12.98 -57.85 9.32
C PHE L 241 12.97 -59.08 8.41
N MET L 242 14.12 -59.45 7.85
CA MET L 242 14.25 -60.66 7.06
C MET L 242 13.92 -61.89 7.91
N VAL L 243 14.45 -61.93 9.15
CA VAL L 243 14.19 -63.00 10.08
C VAL L 243 12.70 -63.03 10.46
N ALA L 244 12.10 -61.85 10.67
CA ALA L 244 10.71 -61.76 11.08
C ALA L 244 9.80 -62.35 10.00
N ALA L 245 10.08 -62.02 8.73
CA ALA L 245 9.37 -62.56 7.59
C ALA L 245 9.57 -64.08 7.52
N ALA L 246 10.80 -64.55 7.74
CA ALA L 246 11.13 -65.95 7.55
C ALA L 246 10.46 -66.82 8.62
N MET L 247 10.16 -66.25 9.80
CA MET L 247 9.65 -67.07 10.89
C MET L 247 8.13 -66.98 10.99
N THR L 248 7.46 -66.14 10.18
CA THR L 248 6.02 -65.95 10.33
C THR L 248 5.27 -66.37 9.06
N GLN L 249 5.87 -67.26 8.24
CA GLN L 249 5.36 -67.55 6.90
C GLN L 249 5.04 -66.27 6.14
N GLY L 250 5.95 -65.30 6.23
CA GLY L 250 5.68 -63.95 5.74
C GLY L 250 6.00 -63.82 4.25
N ASN L 251 5.69 -62.64 3.74
CA ASN L 251 6.08 -62.21 2.39
C ASN L 251 6.35 -60.71 2.50
N VAL L 252 7.62 -60.35 2.70
CA VAL L 252 8.02 -59.00 3.06
C VAL L 252 9.10 -58.54 2.10
N LEU L 253 8.91 -57.35 1.54
CA LEU L 253 9.93 -56.68 0.74
C LEU L 253 10.66 -55.69 1.65
N ILE L 254 11.98 -55.89 1.80
CA ILE L 254 12.81 -54.93 2.52
C ILE L 254 13.32 -53.93 1.48
N ALA L 255 12.76 -52.72 1.54
CA ALA L 255 12.96 -51.71 0.51
C ALA L 255 14.44 -51.33 0.42
N ASP L 256 14.98 -51.41 -0.81
CA ASP L 256 16.33 -50.97 -1.17
C ASP L 256 17.40 -51.70 -0.38
N ALA L 257 17.12 -52.96 0.03
CA ALA L 257 18.07 -53.74 0.80
C ALA L 257 19.25 -54.14 -0.09
N ILE L 258 20.45 -54.06 0.49
CA ILE L 258 21.71 -54.40 -0.17
C ILE L 258 22.06 -55.83 0.24
N SER L 259 21.88 -56.77 -0.70
CA SER L 259 21.98 -58.18 -0.40
C SER L 259 23.43 -58.59 -0.11
N GLU L 260 24.39 -57.87 -0.73
CA GLU L 260 25.81 -58.16 -0.54
C GLU L 260 26.23 -57.84 0.91
N HIS L 261 25.40 -57.07 1.65
CA HIS L 261 25.64 -56.80 3.05
C HIS L 261 25.02 -57.84 3.97
N ASN L 262 24.27 -58.82 3.43
CA ASN L 262 23.74 -59.90 4.25
C ASN L 262 23.88 -61.25 3.50
N ARG L 263 25.07 -61.55 2.93
CA ARG L 263 25.23 -62.83 2.24
C ARG L 263 25.06 -63.98 3.23
N PRO L 264 25.73 -63.96 4.41
CA PRO L 264 25.56 -65.02 5.41
C PRO L 264 24.12 -65.26 5.88
N LEU L 265 23.43 -64.20 6.31
CA LEU L 265 22.07 -64.31 6.80
C LEU L 265 21.12 -64.84 5.73
N ILE L 266 21.23 -64.30 4.51
CA ILE L 266 20.38 -64.75 3.40
C ILE L 266 20.60 -66.24 3.16
N SER L 267 21.86 -66.68 3.10
CA SER L 267 22.19 -68.07 2.85
C SER L 267 21.62 -68.96 3.94
N LYS L 268 21.74 -68.53 5.21
CA LYS L 268 21.28 -69.33 6.33
C LYS L 268 19.76 -69.42 6.37
N LEU L 269 19.07 -68.31 6.06
CA LEU L 269 17.61 -68.33 6.06
C LEU L 269 17.09 -69.23 4.94
N ILE L 270 17.77 -69.22 3.77
CA ILE L 270 17.45 -70.15 2.70
C ILE L 270 17.67 -71.60 3.15
N GLU L 271 18.73 -71.88 3.93
CA GLU L 271 18.93 -73.23 4.48
C GLU L 271 17.77 -73.62 5.40
N MET L 272 17.11 -72.65 6.03
CA MET L 272 16.01 -72.91 6.94
C MET L 272 14.68 -73.00 6.20
N GLY L 273 14.69 -72.74 4.89
CA GLY L 273 13.53 -72.99 4.04
C GLY L 273 12.96 -71.73 3.39
N ALA L 274 13.50 -70.55 3.73
CA ALA L 274 13.01 -69.31 3.18
C ALA L 274 13.37 -69.23 1.70
N GLU L 275 12.54 -68.50 0.94
CA GLU L 275 12.80 -68.13 -0.44
C GLU L 275 13.10 -66.63 -0.44
N ILE L 276 14.26 -66.23 -0.97
CA ILE L 276 14.72 -64.86 -0.89
C ILE L 276 15.16 -64.41 -2.29
N ILE L 277 14.60 -63.28 -2.74
CA ILE L 277 14.66 -62.84 -4.14
C ILE L 277 15.14 -61.39 -4.17
N GLU L 278 16.16 -61.10 -4.99
CA GLU L 278 16.56 -59.73 -5.27
C GLU L 278 15.63 -59.17 -6.35
N GLU L 279 14.98 -58.03 -6.06
CA GLU L 279 14.05 -57.38 -6.97
C GLU L 279 14.51 -55.95 -7.22
N GLU L 280 13.91 -55.27 -8.21
CA GLU L 280 14.16 -53.86 -8.45
C GLU L 280 14.03 -53.05 -7.16
N GLY L 281 13.01 -53.35 -6.34
CA GLY L 281 12.67 -52.54 -5.19
C GLY L 281 13.38 -52.93 -3.88
N GLY L 282 14.07 -54.07 -3.87
CA GLY L 282 14.78 -54.54 -2.68
C GLY L 282 14.83 -56.05 -2.61
N VAL L 283 14.90 -56.61 -1.39
CA VAL L 283 15.00 -58.05 -1.17
C VAL L 283 13.70 -58.56 -0.57
N ARG L 284 13.08 -59.53 -1.24
CA ARG L 284 11.84 -60.13 -0.76
C ARG L 284 12.16 -61.42 -0.03
N VAL L 285 11.56 -61.59 1.17
CA VAL L 285 11.71 -62.80 1.96
C VAL L 285 10.35 -63.46 2.10
N ILE L 286 10.27 -64.75 1.71
CA ILE L 286 9.07 -65.54 1.85
C ILE L 286 9.36 -66.69 2.82
N GLY L 287 8.68 -66.68 3.97
CA GLY L 287 8.88 -67.66 5.02
C GLY L 287 8.24 -69.01 4.69
N PRO L 288 8.91 -70.14 4.99
CA PRO L 288 8.37 -71.46 4.66
C PRO L 288 7.30 -71.92 5.64
N LYS L 289 6.53 -72.93 5.23
CA LYS L 289 5.55 -73.53 6.12
C LYS L 289 6.28 -74.36 7.19
N HIS L 290 7.39 -75.02 6.79
CA HIS L 290 8.21 -75.78 7.72
C HIS L 290 9.60 -75.15 7.85
N ILE L 291 9.86 -74.55 9.02
CA ILE L 291 11.14 -73.94 9.32
C ILE L 291 12.11 -75.06 9.73
N LEU L 292 13.23 -75.16 8.99
CA LEU L 292 14.20 -76.23 9.18
C LEU L 292 15.34 -75.73 10.06
N PRO L 293 15.88 -76.59 10.95
CA PRO L 293 17.02 -76.22 11.78
C PRO L 293 18.29 -75.97 10.95
N THR L 294 19.18 -75.13 11.51
CA THR L 294 20.49 -74.85 10.92
C THR L 294 21.42 -74.43 12.06
N ASP L 295 22.73 -74.64 11.87
CA ASP L 295 23.72 -74.18 12.82
C ASP L 295 24.34 -72.89 12.32
N VAL L 296 24.75 -72.05 13.27
CA VAL L 296 25.22 -70.70 12.98
C VAL L 296 26.52 -70.48 13.76
N LYS L 297 27.52 -69.90 13.09
CA LYS L 297 28.75 -69.53 13.74
C LYS L 297 29.06 -68.07 13.40
N THR L 298 29.16 -67.22 14.42
CA THR L 298 29.49 -65.82 14.22
C THR L 298 31.00 -65.67 14.05
N MET L 299 31.37 -64.70 13.21
CA MET L 299 32.75 -64.39 12.91
C MET L 299 32.81 -62.96 12.43
N PRO L 300 34.00 -62.33 12.43
CA PRO L 300 34.20 -61.09 11.70
C PRO L 300 33.72 -61.24 10.26
N HIS L 301 33.23 -60.14 9.70
CA HIS L 301 32.90 -60.10 8.30
C HIS L 301 34.09 -60.62 7.48
N PRO L 302 33.92 -61.48 6.44
CA PRO L 302 32.61 -61.83 5.85
C PRO L 302 31.84 -63.04 6.36
N GLY L 303 32.17 -63.51 7.57
CA GLY L 303 31.36 -64.53 8.23
C GLY L 303 30.04 -63.97 8.80
N PHE L 304 29.31 -64.81 9.52
CA PHE L 304 27.97 -64.47 9.98
C PHE L 304 28.08 -63.40 11.06
N PRO L 305 27.38 -62.25 10.91
CA PRO L 305 27.52 -61.12 11.84
C PRO L 305 26.95 -61.40 13.23
N THR L 306 27.74 -61.12 14.27
CA THR L 306 27.29 -61.27 15.64
C THR L 306 26.05 -60.40 15.90
N ASP L 307 25.95 -59.24 15.24
CA ASP L 307 24.80 -58.35 15.46
C ASP L 307 23.48 -58.95 14.95
N MET L 308 23.52 -60.07 14.18
CA MET L 308 22.32 -60.78 13.76
C MET L 308 22.06 -62.03 14.62
N GLN L 309 23.00 -62.40 15.51
CA GLN L 309 22.92 -63.63 16.27
C GLN L 309 21.65 -63.73 17.12
N ALA L 310 21.35 -62.73 17.95
CA ALA L 310 20.19 -62.82 18.85
C ALA L 310 18.90 -63.03 18.06
N GLN L 311 18.70 -62.21 17.02
CA GLN L 311 17.53 -62.31 16.17
C GLN L 311 17.46 -63.72 15.55
N MET L 312 18.60 -64.26 15.14
CA MET L 312 18.65 -65.55 14.50
C MET L 312 18.29 -66.69 15.46
N THR L 313 18.62 -66.55 16.76
CA THR L 313 18.27 -67.59 17.72
C THR L 313 16.75 -67.69 17.87
N ALA L 314 16.04 -66.57 17.63
CA ALA L 314 14.59 -66.55 17.73
C ALA L 314 13.97 -67.49 16.68
N ILE L 315 14.48 -67.45 15.44
CA ILE L 315 13.96 -68.33 14.40
C ILE L 315 14.48 -69.75 14.61
N GLN L 316 15.71 -69.92 15.12
CA GLN L 316 16.25 -71.24 15.41
C GLN L 316 15.41 -71.95 16.48
N LEU L 317 14.84 -71.18 17.41
CA LEU L 317 14.07 -71.73 18.52
C LEU L 317 12.68 -72.17 18.12
N VAL L 318 12.23 -71.87 16.89
CA VAL L 318 10.93 -72.36 16.42
C VAL L 318 11.12 -73.31 15.23
N ALA L 319 12.37 -73.60 14.86
CA ALA L 319 12.66 -74.54 13.79
C ALA L 319 12.35 -75.96 14.25
N GLU L 320 12.07 -76.85 13.28
CA GLU L 320 11.59 -78.19 13.55
C GLU L 320 12.78 -79.15 13.73
N GLY L 321 13.47 -79.01 14.89
CA GLY L 321 14.62 -79.82 15.23
C GLY L 321 15.58 -79.06 16.15
N THR L 322 16.81 -79.61 16.27
CA THR L 322 17.83 -79.03 17.13
C THR L 322 18.80 -78.18 16.31
N SER L 323 19.09 -76.96 16.78
CA SER L 323 20.02 -76.05 16.12
C SER L 323 21.10 -75.65 17.12
N VAL L 324 22.29 -75.33 16.62
CA VAL L 324 23.41 -74.91 17.45
C VAL L 324 23.88 -73.53 16.99
N VAL L 325 24.20 -72.67 17.95
CA VAL L 325 24.83 -71.40 17.63
C VAL L 325 26.13 -71.31 18.41
N THR L 326 27.14 -70.76 17.75
CA THR L 326 28.46 -70.57 18.33
C THR L 326 28.84 -69.11 18.16
N GLU L 327 29.09 -68.45 19.28
CA GLU L 327 29.40 -67.02 19.29
C GLU L 327 30.90 -66.86 19.54
N THR L 328 31.65 -66.48 18.50
CA THR L 328 33.10 -66.38 18.60
C THR L 328 33.57 -64.93 18.69
N VAL L 329 32.65 -63.96 18.67
CA VAL L 329 33.05 -62.55 18.66
C VAL L 329 32.82 -61.91 20.03
N PHE L 330 31.79 -62.33 20.76
CA PHE L 330 31.48 -61.78 22.06
C PHE L 330 31.38 -62.91 23.09
N GLU L 331 31.75 -62.59 24.32
CA GLU L 331 31.92 -63.59 25.36
C GLU L 331 30.57 -63.95 25.99
N ASN L 332 29.69 -62.94 26.16
CA ASN L 332 28.48 -63.13 26.95
C ASN L 332 27.26 -62.53 26.24
N ARG L 333 26.94 -63.05 25.06
CA ARG L 333 25.87 -62.52 24.24
C ARG L 333 24.77 -63.58 24.04
N PHE L 334 24.45 -64.34 25.11
CA PHE L 334 23.37 -65.30 25.11
C PHE L 334 22.36 -65.02 26.23
N GLN L 335 22.37 -63.82 26.79
CA GLN L 335 21.51 -63.53 27.95
C GLN L 335 20.03 -63.55 27.55
N HIS L 336 19.74 -63.19 26.30
CA HIS L 336 18.40 -63.28 25.78
C HIS L 336 17.85 -64.71 25.83
N LEU L 337 18.70 -65.71 25.61
CA LEU L 337 18.27 -67.10 25.67
C LEU L 337 17.94 -67.47 27.10
N GLU L 338 18.66 -66.91 28.08
CA GLU L 338 18.34 -67.14 29.48
C GLU L 338 16.93 -66.62 29.77
N GLU L 339 16.56 -65.45 29.22
CA GLU L 339 15.23 -64.87 29.43
C GLU L 339 14.15 -65.71 28.75
N MET L 340 14.46 -66.19 27.53
CA MET L 340 13.47 -66.88 26.71
C MET L 340 13.08 -68.22 27.33
N ARG L 341 13.77 -68.66 28.40
CA ARG L 341 13.32 -69.79 29.18
C ARG L 341 11.96 -69.50 29.81
N ARG L 342 11.70 -68.23 30.11
CA ARG L 342 10.41 -67.79 30.62
C ARG L 342 9.30 -68.03 29.58
N MET L 343 9.69 -68.01 28.30
CA MET L 343 8.78 -68.28 27.19
C MET L 343 8.83 -69.75 26.77
N ASN L 344 9.35 -70.63 27.64
CA ASN L 344 9.39 -72.07 27.44
C ASN L 344 10.39 -72.50 26.36
N ALA L 345 11.40 -71.64 26.07
CA ALA L 345 12.48 -72.05 25.18
C ALA L 345 13.33 -73.14 25.85
N HIS L 346 13.52 -74.26 25.13
CA HIS L 346 14.43 -75.32 25.56
C HIS L 346 15.81 -75.10 24.95
N VAL L 347 16.77 -74.67 25.80
CA VAL L 347 18.10 -74.30 25.33
C VAL L 347 19.12 -74.68 26.40
N LYS L 348 20.26 -75.24 25.98
CA LYS L 348 21.39 -75.52 26.86
C LYS L 348 22.56 -74.65 26.44
N ILE L 349 23.21 -73.99 27.41
CA ILE L 349 24.29 -73.07 27.15
C ILE L 349 25.54 -73.60 27.85
N ASP L 350 26.69 -73.58 27.16
CA ASP L 350 27.96 -73.87 27.79
C ASP L 350 29.04 -73.07 27.07
N GLY L 351 29.64 -72.12 27.77
CA GLY L 351 30.63 -71.25 27.18
C GLY L 351 29.98 -70.44 26.07
N ASN L 352 30.51 -70.57 24.85
CA ASN L 352 30.08 -69.77 23.74
C ASN L 352 29.30 -70.63 22.72
N VAL L 353 28.70 -71.72 23.20
CA VAL L 353 27.82 -72.58 22.42
C VAL L 353 26.44 -72.61 23.08
N ALA L 354 25.39 -72.61 22.24
CA ALA L 354 24.03 -72.77 22.73
C ALA L 354 23.29 -73.77 21.84
N ILE L 355 22.50 -74.64 22.47
CA ILE L 355 21.88 -75.77 21.82
C ILE L 355 20.38 -75.63 21.99
N MET L 356 19.66 -75.41 20.89
CA MET L 356 18.26 -75.03 20.95
C MET L 356 17.40 -76.14 20.36
N ASP L 357 16.41 -76.59 21.14
CA ASP L 357 15.46 -77.60 20.71
C ASP L 357 14.13 -76.92 20.41
N GLY L 358 13.79 -76.81 19.12
CA GLY L 358 12.63 -76.04 18.68
C GLY L 358 11.36 -76.88 18.54
N ASN L 359 11.37 -78.13 18.99
CA ASN L 359 10.18 -78.97 18.97
C ASN L 359 9.39 -78.76 20.26
N HIS L 360 9.13 -77.49 20.59
CA HIS L 360 8.37 -77.08 21.75
C HIS L 360 7.69 -75.76 21.37
N GLU L 361 6.44 -75.53 21.81
CA GLU L 361 5.76 -74.27 21.56
C GLU L 361 6.31 -73.21 22.51
N LEU L 362 6.65 -72.03 21.97
CA LEU L 362 6.93 -70.86 22.77
C LEU L 362 5.64 -70.35 23.40
N GLN L 363 5.78 -69.75 24.58
CA GLN L 363 4.68 -69.26 25.36
C GLN L 363 4.90 -67.80 25.73
N GLY L 364 3.86 -66.97 25.59
CA GLY L 364 3.95 -65.58 26.02
C GLY L 364 4.27 -65.47 27.51
N ALA L 365 5.12 -64.48 27.85
CA ALA L 365 5.46 -64.14 29.21
C ALA L 365 6.04 -62.73 29.27
N GLU L 366 6.06 -62.13 30.47
CA GLU L 366 6.80 -60.89 30.71
C GLU L 366 8.29 -61.20 30.64
N VAL L 367 9.03 -60.44 29.82
CA VAL L 367 10.47 -60.64 29.65
C VAL L 367 11.17 -59.28 29.58
N TYR L 368 12.36 -59.20 30.20
CA TYR L 368 13.18 -58.00 30.23
C TYR L 368 14.36 -58.13 29.26
N ALA L 369 14.50 -57.16 28.34
CA ALA L 369 15.66 -57.08 27.48
C ALA L 369 16.89 -56.70 28.30
N THR L 370 18.06 -57.17 27.81
CA THR L 370 19.35 -57.00 28.47
C THR L 370 20.28 -56.13 27.63
N ASP L 371 19.97 -55.98 26.34
CA ASP L 371 20.80 -55.25 25.40
C ASP L 371 20.01 -55.02 24.13
N LEU L 372 20.54 -54.18 23.24
CA LEU L 372 19.85 -53.76 22.03
C LEU L 372 19.24 -54.94 21.24
N ARG L 373 20.06 -55.92 20.83
CA ARG L 373 19.59 -56.94 19.91
C ARG L 373 18.74 -58.00 20.63
N ALA L 374 18.99 -58.20 21.93
CA ALA L 374 18.15 -59.06 22.74
C ALA L 374 16.71 -58.53 22.73
N ALA L 375 16.55 -57.19 22.80
CA ALA L 375 15.21 -56.61 22.80
C ALA L 375 14.46 -56.98 21.51
N ALA L 376 15.13 -56.84 20.36
CA ALA L 376 14.52 -57.19 19.09
C ALA L 376 14.21 -58.69 19.04
N ALA L 377 15.11 -59.53 19.57
CA ALA L 377 14.93 -60.98 19.52
C ALA L 377 13.70 -61.42 20.30
N LEU L 378 13.46 -60.79 21.47
CA LEU L 378 12.32 -61.09 22.31
C LEU L 378 10.99 -60.72 21.63
N VAL L 379 10.99 -59.61 20.88
CA VAL L 379 9.81 -59.18 20.13
C VAL L 379 9.53 -60.20 19.03
N LEU L 380 10.58 -60.58 18.27
CA LEU L 380 10.46 -61.58 17.23
C LEU L 380 9.93 -62.90 17.77
N ALA L 381 10.43 -63.33 18.95
CA ALA L 381 9.95 -64.56 19.56
C ALA L 381 8.46 -64.43 19.87
N GLY L 382 8.04 -63.24 20.29
CA GLY L 382 6.65 -62.95 20.57
C GLY L 382 5.74 -63.18 19.38
N LEU L 383 6.26 -62.95 18.16
CA LEU L 383 5.50 -63.13 16.92
C LEU L 383 5.09 -64.58 16.73
N LYS L 384 5.81 -65.51 17.37
CA LYS L 384 5.57 -66.94 17.21
C LYS L 384 5.13 -67.59 18.51
N ALA L 385 5.13 -66.84 19.62
CA ALA L 385 4.73 -67.43 20.89
C ALA L 385 3.20 -67.50 20.95
N ASN L 386 2.71 -68.44 21.74
CA ASN L 386 1.29 -68.58 21.94
C ASN L 386 0.96 -67.81 23.23
N GLY L 387 -0.05 -66.93 23.17
CA GLY L 387 -0.39 -66.07 24.28
C GLY L 387 0.14 -64.65 24.06
N ILE L 388 0.39 -63.93 25.15
CA ILE L 388 0.80 -62.55 25.12
C ILE L 388 2.22 -62.42 25.69
N THR L 389 3.11 -61.83 24.89
CA THR L 389 4.46 -61.52 25.31
C THR L 389 4.55 -60.02 25.61
N ARG L 390 5.20 -59.65 26.73
CA ARG L 390 5.40 -58.25 27.08
C ARG L 390 6.90 -58.00 27.26
N VAL L 391 7.48 -57.19 26.36
CA VAL L 391 8.92 -56.96 26.34
C VAL L 391 9.22 -55.62 27.02
N ARG L 392 10.11 -55.63 28.02
CA ARG L 392 10.46 -54.44 28.78
C ARG L 392 11.95 -54.12 28.63
N ASN L 393 12.38 -53.00 29.21
CA ASN L 393 13.68 -52.36 29.00
C ASN L 393 13.82 -51.94 27.53
N LEU L 394 12.85 -51.14 27.05
CA LEU L 394 12.85 -50.64 25.67
C LEU L 394 13.88 -49.53 25.48
N ASN L 395 14.50 -49.06 26.57
CA ASN L 395 15.65 -48.18 26.44
C ASN L 395 16.70 -48.84 25.54
N TYR L 396 16.87 -50.17 25.64
CA TYR L 396 17.87 -50.88 24.83
C TYR L 396 17.45 -50.89 23.35
N LEU L 397 16.16 -51.13 23.08
CA LEU L 397 15.66 -51.18 21.72
C LEU L 397 15.90 -49.85 21.01
N ASP L 398 15.65 -48.73 21.70
CA ASP L 398 15.68 -47.40 21.12
C ASP L 398 17.11 -46.97 20.73
N ARG L 399 18.11 -47.70 21.24
CA ARG L 399 19.50 -47.40 20.89
C ARG L 399 19.78 -47.75 19.43
N GLY L 400 19.02 -48.70 18.87
CA GLY L 400 19.33 -49.20 17.54
C GLY L 400 18.13 -49.38 16.60
N TYR L 401 16.89 -49.27 17.08
CA TYR L 401 15.73 -49.42 16.21
C TYR L 401 14.82 -48.21 16.38
N TYR L 402 14.40 -47.62 15.26
CA TYR L 402 13.47 -46.51 15.25
C TYR L 402 12.10 -47.01 14.81
N ASN L 403 11.09 -46.83 15.67
CA ASN L 403 9.70 -47.15 15.34
C ASN L 403 9.56 -48.63 15.02
N PHE L 404 10.16 -49.50 15.82
CA PHE L 404 10.16 -50.93 15.53
C PHE L 404 8.73 -51.44 15.52
N HIS L 405 7.95 -51.06 16.54
CA HIS L 405 6.58 -51.55 16.70
C HIS L 405 5.69 -51.07 15.55
N ILE L 406 5.91 -49.84 15.06
CA ILE L 406 5.07 -49.30 13.99
C ILE L 406 5.35 -50.03 12.69
N LYS L 407 6.62 -50.27 12.37
CA LYS L 407 7.01 -50.99 11.16
C LYS L 407 6.43 -52.41 11.18
N LEU L 408 6.40 -53.04 12.36
CA LEU L 408 5.82 -54.37 12.51
C LEU L 408 4.30 -54.31 12.36
N GLN L 409 3.63 -53.29 12.94
CA GLN L 409 2.19 -53.12 12.76
C GLN L 409 1.85 -53.00 11.28
N GLN L 410 2.63 -52.21 10.56
CA GLN L 410 2.40 -51.97 9.14
C GLN L 410 2.56 -53.25 8.32
N LEU L 411 3.20 -54.28 8.86
CA LEU L 411 3.35 -55.55 8.18
C LEU L 411 2.29 -56.57 8.62
N GLY L 412 1.34 -56.14 9.46
CA GLY L 412 0.23 -56.99 9.87
C GLY L 412 0.43 -57.65 11.23
N ALA L 413 1.50 -57.26 11.96
CA ALA L 413 1.79 -57.86 13.24
C ALA L 413 0.93 -57.22 14.34
N ASP L 414 0.62 -58.04 15.35
CA ASP L 414 -0.15 -57.60 16.49
C ASP L 414 0.81 -57.17 17.59
N VAL L 415 1.28 -55.92 17.49
CA VAL L 415 2.30 -55.35 18.35
C VAL L 415 1.85 -53.95 18.77
N GLU L 416 1.85 -53.66 20.08
CA GLU L 416 1.57 -52.33 20.60
C GLU L 416 2.72 -51.90 21.49
N ARG L 417 2.98 -50.58 21.58
CA ARG L 417 3.87 -50.02 22.59
C ARG L 417 3.07 -49.08 23.49
N VAL L 418 3.09 -49.34 24.81
CA VAL L 418 2.17 -48.72 25.75
C VAL L 418 2.91 -48.42 27.06
N ASP L 419 2.32 -47.56 27.90
CA ASP L 419 2.87 -47.27 29.22
C ASP L 419 2.45 -48.37 30.19
N MET L 420 3.22 -48.53 31.28
CA MET L 420 2.85 -49.28 32.46
C MET L 420 2.55 -48.26 33.57
#